data_8RPI
#
_entry.id   8RPI
#
_cell.length_a   174.149
_cell.length_b   118.539
_cell.length_c   202.047
_cell.angle_alpha   90.000
_cell.angle_beta   96.720
_cell.angle_gamma   90.000
#
_symmetry.space_group_name_H-M   'C 1 2 1'
#
loop_
_entity.id
_entity.type
_entity.pdbx_description
1 polymer 'Thiamine pyrophosphate-binding protein'
2 non-polymer 'FLAVIN-ADENINE DINUCLEOTIDE'
3 non-polymer 'MAGNESIUM ION'
4 non-polymer 3-[(4-AMINO-2-METHYLPYRIMIDIN-5-YL)METHYL]-2-(1-CARBOXY-1-HYDROXYETHYL)-5-(2-{[HYDROXY(PHOSPHONOOXY)PHOSPHORYL]OXY}ETHYL)-4-METHYL-1,3-THIAZOL-3-IUM
5 non-polymer 'NONAETHYLENE GLYCOL'
6 water water
#
_entity_poly.entity_id   1
_entity_poly.type   'polypeptide(L)'
_entity_poly.pdbx_seq_one_letter_code
;MMQDNKVKVAELVAEALENLGIQHAFGIIGAGNVHLFEAIARRGYTEIVCVHHEQAACMAVQTYYRTNGRIAAALLTTGA
GSTNGVTGVVSAWADSIPCIVIAGNENSKFTFPENPLRMWGVQGYDSCQMVERVSKYQMRVTKMERAVYELEKGVHLALE
GRPGPTWIEIPMDIQSGRIDPATLEHYVAPPAPDYLTPAVAAQVDSVLAALAKAERPVLWLGNGIRLAGGERLLKPLLEK
LGSPALVSWAGIDMLDSSHPLVFGRAGVYGQRAANFILQNSDYVLAIGTRLAIPQIGYDLNELARLARIDVVDIDGDEAI
KHAKRTQENIVCDARVFIEALLARLNAADAPAIASKADWVAKCRAYEEQFPWVGAEHADPEGFINSYRFMERLNGFFKDD
QVVVTDMGTALLSGHQVLRFKEGQRFMTSTGLGEMGYGLPAALGVSFANDRGEVMCLNCDGGMMMNLQELQTMVHHNLPI
KLFIFNNDGYLMIKHTQKSLFKSDYVGTDRKSGVSCPDFSRLAAAFDIPAYQIRGWDECDATLAKVQAHTGPVICEVFMH
PQQLFSPKLGVVSRADGTLVSPPLEDLSPLIPRDVLEQAMIGGMHEKSKTLLEHHHHHH
;
_entity_poly.pdbx_strand_id   A,B,C,D,E,F
#
# COMPACT_ATOMS: atom_id res chain seq x y z
N ASP A 4 -28.55 -38.13 16.17
CA ASP A 4 -27.74 -36.92 16.10
C ASP A 4 -26.53 -37.01 17.03
N ASN A 5 -25.34 -37.19 16.45
CA ASN A 5 -24.12 -37.39 17.22
C ASN A 5 -23.35 -36.09 17.47
N LYS A 6 -23.97 -34.94 17.22
CA LYS A 6 -23.27 -33.67 17.35
C LYS A 6 -23.26 -33.20 18.80
N VAL A 7 -22.23 -32.41 19.13
CA VAL A 7 -22.05 -31.88 20.47
C VAL A 7 -21.78 -30.38 20.37
N LYS A 8 -22.32 -29.63 21.31
CA LYS A 8 -22.14 -28.18 21.33
C LYS A 8 -20.66 -27.83 21.52
N VAL A 9 -20.18 -26.88 20.72
CA VAL A 9 -18.77 -26.51 20.75
C VAL A 9 -18.36 -26.06 22.15
N ALA A 10 -19.20 -25.25 22.80
CA ALA A 10 -18.89 -24.81 24.15
C ALA A 10 -18.63 -25.98 25.08
N GLU A 11 -19.33 -27.11 24.87
CA GLU A 11 -19.11 -28.28 25.72
C GLU A 11 -17.80 -28.99 25.36
N LEU A 12 -17.41 -28.98 24.09
CA LEU A 12 -16.11 -29.52 23.73
C LEU A 12 -14.99 -28.64 24.27
N VAL A 13 -15.22 -27.33 24.36
CA VAL A 13 -14.24 -26.44 24.96
C VAL A 13 -14.08 -26.77 26.45
N ALA A 14 -15.20 -26.95 27.15
CA ALA A 14 -15.12 -27.31 28.56
C ALA A 14 -14.41 -28.65 28.73
N GLU A 15 -14.66 -29.59 27.83
CA GLU A 15 -13.94 -30.87 27.87
C GLU A 15 -12.45 -30.66 27.65
N ALA A 16 -12.10 -29.81 26.68
CA ALA A 16 -10.69 -29.57 26.38
C ALA A 16 -9.98 -28.93 27.56
N LEU A 17 -10.67 -28.05 28.29
CA LEU A 17 -10.07 -27.45 29.47
C LEU A 17 -9.70 -28.51 30.50
N GLU A 18 -10.57 -29.50 30.72
CA GLU A 18 -10.24 -30.55 31.68
C GLU A 18 -9.04 -31.36 31.21
N ASN A 19 -9.00 -31.70 29.92
CA ASN A 19 -7.87 -32.45 29.40
C ASN A 19 -6.58 -31.65 29.46
N LEU A 20 -6.67 -30.32 29.45
CA LEU A 20 -5.49 -29.48 29.57
C LEU A 20 -5.09 -29.24 31.02
N GLY A 21 -5.89 -29.71 31.97
CA GLY A 21 -5.57 -29.52 33.38
C GLY A 21 -5.94 -28.17 33.93
N ILE A 22 -6.71 -27.38 33.20
CA ILE A 22 -7.11 -26.06 33.67
C ILE A 22 -8.29 -26.25 34.61
N GLN A 23 -8.05 -26.03 35.91
CA GLN A 23 -9.04 -26.28 36.94
C GLN A 23 -9.69 -25.02 37.45
N HIS A 24 -9.18 -23.84 37.08
CA HIS A 24 -9.76 -22.59 37.52
C HIS A 24 -9.83 -21.62 36.35
N ALA A 25 -10.87 -20.78 36.37
CA ALA A 25 -11.08 -19.75 35.37
C ALA A 25 -11.60 -18.52 36.08
N PHE A 26 -10.99 -17.38 35.82
CA PHE A 26 -11.39 -16.10 36.40
C PHE A 26 -12.01 -15.26 35.29
N GLY A 27 -13.05 -14.50 35.60
CA GLY A 27 -13.66 -13.66 34.59
C GLY A 27 -15.02 -13.15 35.00
N ILE A 28 -15.69 -12.56 34.02
CA ILE A 28 -17.03 -12.00 34.20
C ILE A 28 -17.90 -12.48 33.05
N ILE A 29 -19.17 -12.74 33.35
CA ILE A 29 -20.07 -13.29 32.36
C ILE A 29 -20.63 -12.16 31.49
N GLY A 30 -21.05 -12.54 30.29
CA GLY A 30 -21.72 -11.63 29.38
C GLY A 30 -22.26 -12.41 28.20
N ALA A 31 -23.07 -11.73 27.39
CA ALA A 31 -23.65 -12.39 26.22
C ALA A 31 -22.58 -13.02 25.34
N GLY A 32 -21.35 -12.50 25.37
CA GLY A 32 -20.29 -12.99 24.53
C GLY A 32 -19.65 -14.28 25.00
N ASN A 33 -19.86 -14.66 26.26
CA ASN A 33 -19.30 -15.90 26.77
C ASN A 33 -20.30 -16.67 27.62
N VAL A 34 -21.60 -16.38 27.49
CA VAL A 34 -22.60 -17.05 28.32
C VAL A 34 -22.66 -18.54 28.02
N HIS A 35 -22.37 -18.92 26.79
CA HIS A 35 -22.34 -20.31 26.43
C HIS A 35 -21.20 -21.04 27.06
N LEU A 36 -20.06 -20.39 27.19
CA LEU A 36 -18.90 -21.01 27.80
C LEU A 36 -19.06 -21.13 29.31
N PHE A 37 -19.64 -20.11 29.95
CA PHE A 37 -19.93 -20.21 31.37
C PHE A 37 -20.81 -21.41 31.66
N GLU A 38 -21.88 -21.58 30.86
CA GLU A 38 -22.82 -22.67 31.09
C GLU A 38 -22.14 -24.03 30.91
N ALA A 39 -21.43 -24.21 29.80
CA ALA A 39 -20.81 -25.51 29.53
C ALA A 39 -19.76 -25.85 30.58
N ILE A 40 -19.00 -24.85 31.03
CA ILE A 40 -17.96 -25.10 32.03
C ILE A 40 -18.59 -25.36 33.39
N ALA A 41 -19.63 -24.60 33.73
CA ALA A 41 -20.29 -24.80 35.02
C ALA A 41 -20.96 -26.16 35.09
N ARG A 42 -21.58 -26.59 33.98
CA ARG A 42 -22.29 -27.87 34.00
C ARG A 42 -21.33 -29.05 34.01
N ARG A 43 -20.12 -28.88 33.47
CA ARG A 43 -19.18 -30.00 33.46
C ARG A 43 -18.53 -30.19 34.83
N GLY A 44 -18.42 -29.12 35.62
CA GLY A 44 -18.02 -29.23 37.01
C GLY A 44 -16.56 -29.55 37.27
N TYR A 45 -15.68 -29.44 36.27
CA TYR A 45 -14.26 -29.65 36.49
C TYR A 45 -13.52 -28.34 36.77
N THR A 46 -13.70 -27.35 35.90
CA THR A 46 -13.09 -26.04 36.08
C THR A 46 -14.02 -25.19 36.96
N GLU A 47 -13.48 -24.69 38.07
CA GLU A 47 -14.22 -23.75 38.91
C GLU A 47 -14.08 -22.34 38.34
N ILE A 48 -15.21 -21.69 38.09
CA ILE A 48 -15.22 -20.32 37.59
C ILE A 48 -15.27 -19.37 38.78
N VAL A 49 -14.25 -18.53 38.90
CA VAL A 49 -14.17 -17.51 39.94
C VAL A 49 -14.64 -16.20 39.31
N CYS A 50 -15.77 -15.70 39.78
CA CYS A 50 -16.37 -14.48 39.26
C CYS A 50 -15.78 -13.28 39.98
N VAL A 51 -15.16 -12.38 39.21
CA VAL A 51 -14.56 -11.18 39.76
C VAL A 51 -15.44 -9.98 39.43
N HIS A 52 -15.05 -8.80 39.88
CA HIS A 52 -15.82 -7.59 39.65
C HIS A 52 -15.10 -6.59 38.75
N HIS A 53 -14.01 -7.00 38.11
CA HIS A 53 -13.38 -6.23 37.04
C HIS A 53 -12.44 -7.16 36.30
N GLU A 54 -12.62 -7.27 34.98
CA GLU A 54 -11.85 -8.24 34.20
C GLU A 54 -10.35 -8.08 34.41
N GLN A 55 -9.90 -6.87 34.75
CA GLN A 55 -8.49 -6.66 35.06
C GLN A 55 -8.01 -7.65 36.11
N ALA A 56 -8.79 -7.79 37.19
CA ALA A 56 -8.39 -8.70 38.27
C ALA A 56 -8.31 -10.14 37.79
N ALA A 57 -9.13 -10.51 36.81
CA ALA A 57 -9.09 -11.87 36.28
C ALA A 57 -7.77 -12.16 35.58
N CYS A 58 -7.28 -11.23 34.76
CA CYS A 58 -6.05 -11.46 34.02
C CYS A 58 -4.80 -11.26 34.87
N MET A 59 -4.94 -10.65 36.04
CA MET A 59 -3.84 -10.64 37.01
C MET A 59 -3.84 -11.91 37.86
N ALA A 60 -5.01 -12.37 38.30
CA ALA A 60 -5.07 -13.54 39.18
C ALA A 60 -4.44 -14.76 38.55
N VAL A 61 -4.64 -14.95 37.23
CA VAL A 61 -4.16 -16.15 36.56
C VAL A 61 -2.64 -16.22 36.57
N GLN A 62 -1.97 -15.09 36.81
CA GLN A 62 -0.51 -15.07 36.84
C GLN A 62 0.01 -15.73 38.12
N THR A 63 -0.35 -15.17 39.27
CA THR A 63 0.11 -15.73 40.54
C THR A 63 -0.49 -17.10 40.79
N TYR A 64 -1.63 -17.41 40.18
CA TYR A 64 -2.16 -18.77 40.23
C TYR A 64 -1.13 -19.76 39.69
N TYR A 65 -0.60 -19.50 38.50
CA TYR A 65 0.38 -20.41 37.92
C TYR A 65 1.66 -20.44 38.73
N ARG A 66 2.12 -19.27 39.18
CA ARG A 66 3.36 -19.21 39.93
C ARG A 66 3.30 -20.02 41.22
N THR A 67 2.10 -20.30 41.74
CA THR A 67 2.01 -20.96 43.03
C THR A 67 2.36 -22.44 42.92
N ASN A 68 1.63 -23.20 42.09
CA ASN A 68 1.88 -24.63 41.95
C ASN A 68 2.17 -25.06 40.51
N GLY A 69 2.33 -24.12 39.59
CA GLY A 69 2.70 -24.46 38.24
C GLY A 69 1.58 -24.93 37.34
N ARG A 70 0.34 -24.58 37.66
CA ARG A 70 -0.83 -24.97 36.89
C ARG A 70 -1.43 -23.75 36.22
N ILE A 71 -1.60 -23.81 34.90
CA ILE A 71 -2.10 -22.66 34.17
C ILE A 71 -3.58 -22.46 34.48
N ALA A 72 -3.99 -21.20 34.58
CA ALA A 72 -5.39 -20.83 34.72
C ALA A 72 -5.83 -20.08 33.47
N ALA A 73 -7.14 -19.89 33.36
CA ALA A 73 -7.74 -19.24 32.21
C ALA A 73 -8.52 -18.00 32.66
N ALA A 74 -8.46 -16.97 31.85
CA ALA A 74 -9.27 -15.78 32.05
C ALA A 74 -10.39 -15.79 31.02
N LEU A 75 -11.62 -15.63 31.48
CA LEU A 75 -12.81 -15.83 30.65
C LEU A 75 -13.52 -14.48 30.52
N LEU A 76 -13.27 -13.80 29.39
CA LEU A 76 -13.73 -12.44 29.15
C LEU A 76 -14.82 -12.43 28.09
N THR A 77 -15.71 -11.45 28.18
CA THR A 77 -16.81 -11.33 27.23
C THR A 77 -16.52 -10.25 26.19
N THR A 78 -17.51 -9.97 25.36
CA THR A 78 -17.36 -9.03 24.26
C THR A 78 -17.14 -7.61 24.77
N GLY A 79 -16.41 -6.83 23.98
CA GLY A 79 -16.33 -5.40 24.19
C GLY A 79 -15.53 -5.01 25.42
N ALA A 80 -16.17 -4.31 26.36
CA ALA A 80 -15.48 -3.88 27.56
C ALA A 80 -14.96 -5.06 28.37
N GLY A 81 -15.57 -6.23 28.22
CA GLY A 81 -15.06 -7.41 28.89
C GLY A 81 -13.65 -7.76 28.44
N SER A 82 -13.33 -7.52 27.18
CA SER A 82 -11.99 -7.79 26.68
C SER A 82 -11.04 -6.62 26.91
N THR A 83 -11.52 -5.38 26.75
CA THR A 83 -10.64 -4.24 26.98
C THR A 83 -10.22 -4.14 28.44
N ASN A 84 -11.12 -4.50 29.37
CA ASN A 84 -10.81 -4.38 30.79
C ASN A 84 -9.69 -5.32 31.22
N GLY A 85 -9.37 -6.34 30.43
CA GLY A 85 -8.34 -7.28 30.80
C GLY A 85 -6.95 -6.96 30.30
N VAL A 86 -6.78 -5.84 29.59
CA VAL A 86 -5.54 -5.63 28.84
C VAL A 86 -4.37 -5.37 29.78
N THR A 87 -4.60 -4.65 30.87
CA THR A 87 -3.50 -4.38 31.80
C THR A 87 -2.92 -5.69 32.33
N GLY A 88 -3.79 -6.60 32.79
CA GLY A 88 -3.31 -7.87 33.29
C GLY A 88 -2.52 -8.65 32.25
N VAL A 89 -2.95 -8.56 30.98
CA VAL A 89 -2.23 -9.26 29.92
C VAL A 89 -0.83 -8.73 29.78
N VAL A 90 -0.64 -7.42 29.94
CA VAL A 90 0.68 -6.82 29.75
C VAL A 90 1.60 -7.23 30.90
N SER A 91 1.08 -7.21 32.13
CA SER A 91 1.92 -7.57 33.28
C SER A 91 2.36 -9.03 33.21
N ALA A 92 1.53 -9.91 32.65
CA ALA A 92 1.97 -11.28 32.41
C ALA A 92 2.97 -11.35 31.26
N TRP A 93 2.77 -10.50 30.25
CA TRP A 93 3.72 -10.43 29.14
C TRP A 93 5.07 -9.93 29.62
N ALA A 94 5.07 -8.90 30.47
CA ALA A 94 6.33 -8.32 30.94
C ALA A 94 7.06 -9.23 31.90
N ASP A 95 6.33 -10.04 32.68
CA ASP A 95 6.94 -10.90 33.69
C ASP A 95 7.12 -12.34 33.22
N SER A 96 6.81 -12.64 31.97
CA SER A 96 7.05 -13.97 31.40
C SER A 96 6.24 -15.05 32.12
N ILE A 97 5.00 -14.74 32.43
CA ILE A 97 4.12 -15.62 33.21
C ILE A 97 3.10 -16.23 32.26
N PRO A 98 2.98 -17.56 32.19
CA PRO A 98 2.06 -18.17 31.22
C PRO A 98 0.61 -18.11 31.69
N CYS A 99 -0.28 -17.80 30.76
CA CYS A 99 -1.72 -17.85 31.00
C CYS A 99 -2.43 -17.77 29.66
N ILE A 100 -3.71 -18.12 29.64
CA ILE A 100 -4.51 -18.12 28.43
C ILE A 100 -5.79 -17.33 28.67
N VAL A 101 -6.07 -16.37 27.79
CA VAL A 101 -7.33 -15.64 27.80
C VAL A 101 -8.26 -16.26 26.78
N ILE A 102 -9.51 -16.47 27.17
CA ILE A 102 -10.57 -16.94 26.29
C ILE A 102 -11.60 -15.82 26.26
N ALA A 103 -11.68 -15.12 25.14
CA ALA A 103 -12.54 -13.95 24.99
C ALA A 103 -13.67 -14.26 24.01
N GLY A 104 -14.88 -13.89 24.38
CA GLY A 104 -15.99 -13.94 23.45
C GLY A 104 -16.08 -12.69 22.60
N ASN A 105 -16.95 -12.74 21.60
CA ASN A 105 -17.14 -11.61 20.70
C ASN A 105 -18.46 -11.78 19.96
N GLU A 106 -18.79 -10.79 19.14
CA GLU A 106 -19.99 -10.80 18.34
C GLU A 106 -20.00 -12.01 17.40
N ASN A 107 -21.12 -12.18 16.70
N ASN A 107 -21.12 -12.19 16.70
CA ASN A 107 -21.23 -13.22 15.69
CA ASN A 107 -21.23 -13.26 15.73
C ASN A 107 -20.08 -13.12 14.70
C ASN A 107 -20.12 -13.13 14.69
N SER A 108 -19.56 -14.27 14.27
CA SER A 108 -18.40 -14.28 13.41
C SER A 108 -18.63 -13.57 12.08
N LYS A 109 -19.88 -13.34 11.69
CA LYS A 109 -20.12 -12.61 10.44
C LYS A 109 -19.72 -11.15 10.55
N PHE A 110 -19.56 -10.61 11.76
CA PHE A 110 -19.08 -9.25 11.95
C PHE A 110 -17.59 -9.16 12.22
N THR A 111 -16.97 -10.25 12.69
CA THR A 111 -15.60 -10.21 13.22
C THR A 111 -14.60 -10.48 12.11
N PHE A 112 -14.18 -9.42 11.42
CA PHE A 112 -13.08 -9.51 10.46
C PHE A 112 -12.45 -8.14 10.33
N PRO A 113 -11.12 -8.04 10.31
CA PRO A 113 -10.49 -6.71 10.29
C PRO A 113 -10.98 -5.79 9.19
N GLU A 114 -11.37 -6.34 8.04
CA GLU A 114 -11.80 -5.52 6.91
C GLU A 114 -13.16 -4.86 7.13
N ASN A 115 -13.84 -5.15 8.23
CA ASN A 115 -15.10 -4.49 8.55
C ASN A 115 -14.91 -2.98 8.56
N PRO A 116 -15.61 -2.21 7.71
CA PRO A 116 -15.34 -0.77 7.63
C PRO A 116 -15.86 0.03 8.81
N LEU A 117 -16.76 -0.52 9.61
CA LEU A 117 -17.37 0.25 10.69
C LEU A 117 -16.42 0.37 11.89
N ARG A 118 -16.70 1.35 12.74
CA ARG A 118 -15.87 1.59 13.92
C ARG A 118 -15.91 0.40 14.87
N MET A 119 -17.06 -0.25 14.99
CA MET A 119 -17.24 -1.37 15.90
C MET A 119 -17.90 -2.54 15.17
N TRP A 120 -17.73 -3.74 15.73
CA TRP A 120 -18.23 -4.97 15.15
C TRP A 120 -19.57 -5.34 15.79
N GLY A 121 -20.55 -5.69 14.97
CA GLY A 121 -21.83 -6.10 15.50
C GLY A 121 -22.42 -5.04 16.41
N VAL A 122 -22.71 -5.43 17.65
CA VAL A 122 -23.34 -4.54 18.60
C VAL A 122 -22.30 -3.76 19.40
N GLN A 123 -21.29 -4.46 19.93
CA GLN A 123 -20.32 -3.80 20.81
C GLN A 123 -18.96 -4.48 20.77
N GLY A 124 -18.60 -5.09 19.64
CA GLY A 124 -17.37 -5.83 19.52
C GLY A 124 -16.29 -5.07 18.79
N TYR A 125 -15.07 -5.60 18.89
CA TYR A 125 -13.91 -5.01 18.24
C TYR A 125 -12.87 -6.11 18.07
N ASP A 126 -11.73 -5.76 17.50
CA ASP A 126 -10.67 -6.74 17.23
C ASP A 126 -9.79 -6.86 18.47
N SER A 127 -10.18 -7.77 19.36
CA SER A 127 -9.44 -7.96 20.59
C SER A 127 -8.06 -8.55 20.33
N CYS A 128 -7.90 -9.30 19.25
CA CYS A 128 -6.60 -9.88 18.94
C CYS A 128 -5.60 -8.81 18.53
N GLN A 129 -6.06 -7.79 17.82
CA GLN A 129 -5.16 -6.72 17.41
C GLN A 129 -4.70 -5.89 18.60
N MET A 130 -5.56 -5.75 19.61
CA MET A 130 -5.25 -4.85 20.73
C MET A 130 -4.15 -5.41 21.62
N VAL A 131 -3.98 -6.73 21.67
CA VAL A 131 -2.93 -7.36 22.46
C VAL A 131 -1.85 -7.95 21.57
N GLU A 132 -1.81 -7.52 20.30
CA GLU A 132 -0.92 -8.11 19.30
C GLU A 132 0.55 -7.90 19.63
N ARG A 133 0.89 -6.83 20.35
CA ARG A 133 2.27 -6.55 20.68
C ARG A 133 2.61 -6.85 22.14
N VAL A 134 1.67 -7.43 22.89
CA VAL A 134 1.87 -7.70 24.32
C VAL A 134 1.37 -9.10 24.67
N SER A 135 1.48 -10.03 23.72
CA SER A 135 1.13 -11.42 23.95
C SER A 135 1.94 -12.29 23.00
N LYS A 136 1.99 -13.58 23.31
CA LYS A 136 2.78 -14.50 22.49
C LYS A 136 2.01 -15.02 21.29
N TYR A 137 0.69 -15.03 21.33
CA TYR A 137 -0.08 -15.61 20.25
C TYR A 137 -1.52 -15.13 20.36
N GLN A 138 -2.10 -14.74 19.24
CA GLN A 138 -3.51 -14.34 19.18
C GLN A 138 -4.15 -15.04 17.99
N MET A 139 -5.35 -15.56 18.20
CA MET A 139 -6.09 -16.20 17.12
C MET A 139 -7.58 -16.05 17.38
N ARG A 140 -8.33 -15.84 16.31
CA ARG A 140 -9.79 -15.76 16.34
C ARG A 140 -10.32 -17.03 15.69
N VAL A 141 -10.94 -17.89 16.50
CA VAL A 141 -11.52 -19.12 15.97
C VAL A 141 -12.67 -18.74 15.03
N THR A 142 -12.56 -19.14 13.77
CA THR A 142 -13.57 -18.88 12.77
C THR A 142 -14.29 -20.14 12.31
N LYS A 143 -13.75 -21.32 12.58
CA LYS A 143 -14.36 -22.59 12.23
C LYS A 143 -14.55 -23.40 13.51
N MET A 144 -15.76 -23.94 13.68
CA MET A 144 -16.08 -24.69 14.89
C MET A 144 -15.07 -25.80 15.14
N GLU A 145 -14.62 -26.47 14.07
CA GLU A 145 -13.74 -27.62 14.20
C GLU A 145 -12.36 -27.27 14.73
N ARG A 146 -12.03 -25.98 14.81
CA ARG A 146 -10.71 -25.54 15.24
C ARG A 146 -10.70 -24.97 16.64
N ALA A 147 -11.85 -24.87 17.31
CA ALA A 147 -11.92 -24.24 18.62
C ALA A 147 -11.00 -24.95 19.62
N VAL A 148 -11.08 -26.28 19.68
CA VAL A 148 -10.21 -27.01 20.59
C VAL A 148 -8.76 -26.93 20.11
N TYR A 149 -8.55 -26.98 18.80
CA TYR A 149 -7.20 -26.87 18.25
C TYR A 149 -6.50 -25.63 18.78
N GLU A 150 -7.19 -24.49 18.80
CA GLU A 150 -6.56 -23.23 19.16
C GLU A 150 -6.36 -23.09 20.67
N LEU A 151 -7.26 -23.67 21.48
CA LEU A 151 -7.03 -23.66 22.93
C LEU A 151 -5.82 -24.49 23.30
N GLU A 152 -5.66 -25.66 22.67
CA GLU A 152 -4.48 -26.48 22.89
C GLU A 152 -3.22 -25.75 22.45
N LYS A 153 -3.25 -25.16 21.26
CA LYS A 153 -2.14 -24.34 20.78
C LYS A 153 -1.92 -23.14 21.67
N GLY A 154 -3.00 -22.47 22.08
CA GLY A 154 -2.85 -21.31 22.93
C GLY A 154 -2.13 -21.62 24.23
N VAL A 155 -2.45 -22.77 24.84
CA VAL A 155 -1.81 -23.14 26.09
C VAL A 155 -0.36 -23.51 25.86
N HIS A 156 -0.07 -24.27 24.80
CA HIS A 156 1.31 -24.68 24.55
C HIS A 156 2.22 -23.48 24.34
N LEU A 157 1.82 -22.56 23.46
CA LEU A 157 2.67 -21.39 23.19
C LEU A 157 2.83 -20.53 24.44
N ALA A 158 1.87 -20.59 25.36
CA ALA A 158 2.01 -19.84 26.60
C ALA A 158 3.12 -20.40 27.47
N LEU A 159 3.29 -21.72 27.48
CA LEU A 159 4.30 -22.36 28.31
C LEU A 159 5.63 -22.58 27.59
N GLU A 160 5.65 -22.50 26.26
CA GLU A 160 6.85 -22.73 25.50
C GLU A 160 7.86 -21.62 25.70
N GLY A 161 9.15 -21.97 25.59
CA GLY A 161 10.23 -21.01 25.60
C GLY A 161 10.11 -19.99 26.70
N ARG A 162 10.11 -18.71 26.32
CA ARG A 162 9.88 -17.65 27.29
C ARG A 162 8.37 -17.56 27.52
N PRO A 163 7.88 -17.95 28.71
CA PRO A 163 6.44 -18.03 28.90
C PRO A 163 5.78 -16.65 28.79
N GLY A 164 4.46 -16.67 28.65
CA GLY A 164 3.68 -15.46 28.50
C GLY A 164 2.24 -15.74 28.12
N PRO A 165 1.41 -14.71 28.11
CA PRO A 165 -0.01 -14.90 27.80
C PRO A 165 -0.28 -15.10 26.31
N THR A 166 -1.30 -15.90 26.03
CA THR A 166 -1.89 -16.03 24.70
C THR A 166 -3.36 -15.63 24.77
N TRP A 167 -3.91 -15.26 23.61
CA TRP A 167 -5.24 -14.69 23.52
C TRP A 167 -6.02 -15.42 22.44
N ILE A 168 -7.03 -16.19 22.86
CA ILE A 168 -7.88 -16.94 21.93
C ILE A 168 -9.28 -16.33 21.98
N GLU A 169 -9.76 -15.87 20.83
CA GLU A 169 -11.07 -15.27 20.71
C GLU A 169 -12.00 -16.26 20.01
N ILE A 170 -13.12 -16.59 20.65
CA ILE A 170 -14.11 -17.50 20.10
C ILE A 170 -15.42 -16.75 19.95
N PRO A 171 -15.78 -16.37 18.72
CA PRO A 171 -17.04 -15.62 18.52
C PRO A 171 -18.25 -16.38 19.07
N MET A 172 -19.31 -15.62 19.30
CA MET A 172 -20.51 -16.12 19.95
C MET A 172 -21.10 -17.33 19.22
N ASP A 173 -21.29 -17.20 17.90
CA ASP A 173 -21.92 -18.27 17.13
C ASP A 173 -21.02 -19.49 16.98
N ILE A 174 -19.71 -19.34 17.20
CA ILE A 174 -18.85 -20.52 17.24
C ILE A 174 -19.06 -21.28 18.53
N GLN A 175 -19.32 -20.57 19.63
CA GLN A 175 -19.53 -21.25 20.91
C GLN A 175 -20.79 -22.10 20.89
N SER A 176 -21.85 -21.60 20.25
CA SER A 176 -23.16 -22.24 20.31
C SER A 176 -23.38 -23.26 19.19
N GLY A 177 -22.51 -23.30 18.19
CA GLY A 177 -22.64 -24.27 17.12
C GLY A 177 -22.55 -25.70 17.61
N ARG A 178 -22.80 -26.62 16.68
CA ARG A 178 -22.82 -28.05 16.97
C ARG A 178 -22.07 -28.79 15.87
N ILE A 179 -21.17 -29.69 16.26
CA ILE A 179 -20.39 -30.49 15.32
C ILE A 179 -20.26 -31.91 15.85
N ASP A 180 -19.85 -32.80 14.96
CA ASP A 180 -19.55 -34.19 15.35
C ASP A 180 -18.17 -34.23 16.02
N PRO A 181 -18.07 -34.72 17.26
CA PRO A 181 -16.78 -34.63 17.96
C PRO A 181 -15.61 -35.27 17.22
N ALA A 182 -15.88 -36.17 16.26
CA ALA A 182 -14.80 -36.79 15.51
C ALA A 182 -14.18 -35.85 14.48
N THR A 183 -14.83 -34.72 14.18
CA THR A 183 -14.28 -33.74 13.26
C THR A 183 -13.41 -32.71 13.96
N LEU A 184 -13.31 -32.75 15.29
CA LEU A 184 -12.42 -31.84 15.99
C LEU A 184 -10.99 -32.04 15.52
N GLU A 185 -10.30 -30.94 15.22
CA GLU A 185 -8.87 -30.98 15.00
C GLU A 185 -8.16 -30.74 16.32
N HIS A 186 -6.99 -31.37 16.46
CA HIS A 186 -6.18 -31.26 17.67
C HIS A 186 -4.79 -30.80 17.30
N TYR A 187 -4.23 -29.94 18.15
CA TYR A 187 -2.90 -29.41 17.95
C TYR A 187 -1.89 -30.35 18.58
N VAL A 188 -0.83 -30.66 17.85
CA VAL A 188 0.26 -31.48 18.37
C VAL A 188 1.49 -30.58 18.49
N ALA A 189 2.05 -30.51 19.69
CA ALA A 189 3.22 -29.67 19.92
C ALA A 189 4.44 -30.30 19.27
N PRO A 190 5.30 -29.50 18.62
CA PRO A 190 6.54 -30.04 18.08
C PRO A 190 7.50 -30.43 19.21
N PRO A 191 8.52 -31.23 18.91
CA PRO A 191 9.46 -31.61 19.97
C PRO A 191 10.17 -30.41 20.56
N ALA A 192 10.38 -30.45 21.86
CA ALA A 192 11.09 -29.36 22.52
C ALA A 192 12.47 -29.20 21.88
N PRO A 193 12.97 -27.98 21.75
CA PRO A 193 14.32 -27.81 21.21
C PRO A 193 15.35 -28.36 22.16
N ASP A 194 16.45 -28.85 21.59
CA ASP A 194 17.59 -29.33 22.37
C ASP A 194 18.59 -28.19 22.44
N TYR A 195 18.55 -27.43 23.52
CA TYR A 195 19.42 -26.26 23.62
C TYR A 195 20.90 -26.66 23.70
N LEU A 196 21.20 -27.76 24.39
CA LEU A 196 22.59 -28.20 24.54
C LEU A 196 23.10 -28.71 23.20
N THR A 197 23.52 -27.77 22.37
CA THR A 197 24.23 -28.06 21.14
C THR A 197 25.72 -28.00 21.40
N PRO A 198 26.55 -28.41 20.42
CA PRO A 198 28.00 -28.22 20.58
C PRO A 198 28.37 -26.79 20.93
N ALA A 199 27.68 -25.81 20.33
CA ALA A 199 27.98 -24.42 20.62
C ALA A 199 27.67 -24.09 22.07
N VAL A 200 26.47 -24.43 22.54
CA VAL A 200 26.09 -24.11 23.92
C VAL A 200 26.99 -24.85 24.89
N ALA A 201 27.41 -26.07 24.54
CA ALA A 201 28.33 -26.83 25.40
C ALA A 201 29.64 -26.08 25.58
N ALA A 202 30.20 -25.53 24.49
CA ALA A 202 31.43 -24.77 24.59
C ALA A 202 31.25 -23.49 25.40
N GLN A 203 30.02 -22.96 25.46
CA GLN A 203 29.77 -21.82 26.34
C GLN A 203 29.73 -22.24 27.80
N VAL A 204 29.13 -23.39 28.09
CA VAL A 204 29.18 -23.91 29.46
C VAL A 204 30.62 -24.13 29.89
N ASP A 205 31.43 -24.71 29.00
CA ASP A 205 32.83 -24.94 29.32
C ASP A 205 33.56 -23.62 29.61
N SER A 206 33.23 -22.56 28.87
CA SER A 206 33.86 -21.27 29.13
C SER A 206 33.44 -20.70 30.49
N VAL A 207 32.17 -20.87 30.84
CA VAL A 207 31.68 -20.38 32.13
C VAL A 207 32.35 -21.14 33.27
N LEU A 208 32.43 -22.46 33.15
CA LEU A 208 33.07 -23.26 34.19
C LEU A 208 34.52 -22.84 34.38
N ALA A 209 35.26 -22.68 33.27
CA ALA A 209 36.63 -22.18 33.35
C ALA A 209 36.69 -20.89 34.14
N ALA A 210 35.85 -19.92 33.77
CA ALA A 210 35.85 -18.64 34.49
C ALA A 210 35.48 -18.83 35.95
N LEU A 211 34.49 -19.67 36.23
CA LEU A 211 34.08 -19.93 37.61
C LEU A 211 35.22 -20.52 38.41
N ALA A 212 35.88 -21.55 37.85
CA ALA A 212 36.99 -22.18 38.56
C ALA A 212 38.05 -21.14 38.92
N LYS A 213 38.43 -20.29 37.96
CA LYS A 213 39.52 -19.35 38.17
C LYS A 213 39.10 -18.10 38.93
N ALA A 214 37.82 -17.73 38.89
CA ALA A 214 37.39 -16.47 39.48
C ALA A 214 37.64 -16.46 40.98
N GLU A 215 38.19 -15.34 41.47
CA GLU A 215 38.48 -15.20 42.89
C GLU A 215 37.31 -14.58 43.65
N ARG A 216 36.50 -13.76 42.99
CA ARG A 216 35.37 -13.08 43.63
C ARG A 216 34.12 -13.20 42.77
N PRO A 217 33.69 -14.43 42.51
CA PRO A 217 32.50 -14.62 41.65
C PRO A 217 31.23 -14.22 42.36
N VAL A 218 30.22 -13.88 41.56
CA VAL A 218 28.88 -13.56 42.05
C VAL A 218 27.89 -14.10 41.03
N LEU A 219 27.01 -14.99 41.47
CA LEU A 219 25.94 -15.51 40.63
C LEU A 219 24.69 -14.68 40.84
N TRP A 220 24.08 -14.22 39.73
CA TRP A 220 22.84 -13.46 39.78
C TRP A 220 21.74 -14.39 39.26
N LEU A 221 20.82 -14.76 40.15
CA LEU A 221 19.81 -15.77 39.87
C LEU A 221 18.43 -15.11 39.81
N GLY A 222 17.64 -15.54 38.82
CA GLY A 222 16.38 -14.87 38.52
C GLY A 222 15.25 -15.86 38.34
N ASN A 223 14.04 -15.30 38.25
CA ASN A 223 12.82 -16.11 38.21
C ASN A 223 12.73 -16.99 36.99
N GLY A 224 13.52 -16.72 35.94
CA GLY A 224 13.58 -17.63 34.83
C GLY A 224 14.00 -19.03 35.21
N ILE A 225 14.73 -19.18 36.32
CA ILE A 225 15.11 -20.50 36.78
C ILE A 225 13.89 -21.26 37.28
N ARG A 226 13.01 -20.58 38.02
CA ARG A 226 11.79 -21.22 38.51
C ARG A 226 10.85 -21.53 37.36
N LEU A 227 10.68 -20.61 36.40
CA LEU A 227 9.85 -20.89 35.24
C LEU A 227 10.36 -22.09 34.46
N ALA A 228 11.66 -22.33 34.49
CA ALA A 228 12.25 -23.50 33.85
C ALA A 228 12.19 -24.74 34.72
N GLY A 229 11.79 -24.60 35.98
CA GLY A 229 11.71 -25.75 36.86
C GLY A 229 13.05 -26.28 37.29
N GLY A 230 13.99 -25.39 37.62
CA GLY A 230 15.31 -25.82 38.05
C GLY A 230 15.75 -25.21 39.37
N GLU A 231 14.83 -24.56 40.09
CA GLU A 231 15.20 -23.91 41.35
C GLU A 231 15.66 -24.92 42.40
N ARG A 232 15.41 -26.21 42.20
CA ARG A 232 15.87 -27.22 43.14
C ARG A 232 17.33 -27.62 42.92
N LEU A 233 17.93 -27.17 41.82
CA LEU A 233 19.34 -27.41 41.54
C LEU A 233 20.25 -26.33 42.08
N LEU A 234 19.69 -25.30 42.73
CA LEU A 234 20.49 -24.13 43.10
C LEU A 234 21.35 -24.40 44.34
N LYS A 235 20.82 -25.13 45.31
CA LYS A 235 21.61 -25.48 46.50
C LYS A 235 22.82 -26.34 46.15
N PRO A 236 22.67 -27.45 45.42
CA PRO A 236 23.87 -28.21 45.04
C PRO A 236 24.84 -27.38 44.20
N LEU A 237 24.33 -26.47 43.37
CA LEU A 237 25.21 -25.67 42.53
C LEU A 237 26.02 -24.67 43.35
N LEU A 238 25.35 -23.94 44.26
CA LEU A 238 26.06 -22.92 45.03
C LEU A 238 27.13 -23.55 45.91
N GLU A 239 26.81 -24.67 46.55
CA GLU A 239 27.78 -25.30 47.45
C GLU A 239 28.88 -26.04 46.67
N LYS A 240 28.57 -26.52 45.46
CA LYS A 240 29.59 -27.13 44.62
C LYS A 240 30.50 -26.10 43.97
N LEU A 241 30.12 -24.82 43.98
CA LEU A 241 30.99 -23.74 43.54
C LEU A 241 31.55 -22.92 44.68
N GLY A 242 30.85 -22.86 45.81
CA GLY A 242 31.32 -22.05 46.92
C GLY A 242 31.31 -20.57 46.65
N SER A 243 30.60 -20.12 45.61
CA SER A 243 30.55 -18.73 45.21
C SER A 243 29.33 -18.03 45.79
N PRO A 244 29.46 -16.76 46.17
CA PRO A 244 28.27 -16.01 46.60
C PRO A 244 27.24 -15.94 45.48
N ALA A 245 26.03 -15.54 45.87
CA ALA A 245 24.93 -15.46 44.94
C ALA A 245 24.00 -14.32 45.35
N LEU A 246 23.51 -13.59 44.36
CA LEU A 246 22.46 -12.61 44.53
C LEU A 246 21.21 -13.12 43.86
N VAL A 247 20.05 -12.67 44.33
CA VAL A 247 18.77 -13.03 43.75
C VAL A 247 18.05 -11.75 43.37
N SER A 248 17.40 -11.77 42.20
CA SER A 248 16.56 -10.67 41.78
C SER A 248 15.33 -10.59 42.66
N TRP A 249 14.62 -9.46 42.55
CA TRP A 249 13.39 -9.30 43.32
C TRP A 249 12.35 -10.35 42.99
N ALA A 250 12.33 -10.84 41.74
CA ALA A 250 11.36 -11.84 41.35
C ALA A 250 11.78 -13.24 41.79
N GLY A 251 13.08 -13.48 41.92
CA GLY A 251 13.57 -14.80 42.30
C GLY A 251 14.00 -14.90 43.75
N ILE A 252 13.51 -13.99 44.60
CA ILE A 252 13.91 -13.98 46.00
C ILE A 252 13.62 -15.32 46.66
N ASP A 253 12.46 -15.91 46.38
CA ASP A 253 12.00 -17.09 47.10
C ASP A 253 12.58 -18.39 46.57
N MET A 254 13.53 -18.35 45.64
CA MET A 254 14.11 -19.58 45.11
C MET A 254 15.14 -20.20 46.05
N LEU A 255 15.70 -19.41 46.96
CA LEU A 255 16.71 -19.86 47.90
C LEU A 255 16.46 -19.21 49.26
N ASP A 256 16.83 -19.91 50.32
CA ASP A 256 16.70 -19.38 51.67
C ASP A 256 17.51 -18.09 51.79
N SER A 257 16.84 -17.00 52.14
CA SER A 257 17.54 -15.73 52.31
C SER A 257 18.66 -15.83 53.34
N SER A 258 18.66 -16.84 54.20
CA SER A 258 19.68 -17.06 55.20
C SER A 258 20.64 -18.18 54.82
N HIS A 259 20.64 -18.61 53.57
CA HIS A 259 21.62 -19.58 53.12
C HIS A 259 23.01 -18.96 53.20
N PRO A 260 24.04 -19.73 53.56
CA PRO A 260 25.35 -19.12 53.81
C PRO A 260 25.94 -18.41 52.60
N LEU A 261 25.45 -18.68 51.39
CA LEU A 261 26.05 -18.12 50.17
C LEU A 261 25.11 -17.16 49.44
N VAL A 262 24.02 -16.74 50.05
CA VAL A 262 23.05 -15.84 49.44
C VAL A 262 23.15 -14.51 50.16
N PHE A 263 23.44 -13.43 49.42
CA PHE A 263 23.75 -12.14 50.03
C PHE A 263 22.83 -11.03 49.57
N GLY A 264 21.58 -11.36 49.23
CA GLY A 264 20.56 -10.33 49.03
C GLY A 264 20.25 -10.00 47.60
N ARG A 265 19.79 -8.77 47.38
CA ARG A 265 19.33 -8.30 46.08
C ARG A 265 19.94 -6.93 45.80
N ALA A 266 20.53 -6.77 44.62
CA ALA A 266 21.20 -5.55 44.22
C ALA A 266 20.41 -4.83 43.14
N GLY A 267 20.61 -3.52 43.05
CA GLY A 267 20.01 -2.73 42.00
C GLY A 267 19.79 -1.29 42.45
N VAL A 268 18.90 -0.61 41.72
CA VAL A 268 18.61 0.79 41.99
C VAL A 268 17.98 0.96 43.36
N TYR A 269 17.15 -0.01 43.77
CA TYR A 269 16.65 -0.13 45.13
C TYR A 269 17.27 -1.33 45.82
N GLY A 270 18.52 -1.64 45.49
CA GLY A 270 19.20 -2.77 46.07
C GLY A 270 19.58 -2.52 47.52
N GLN A 271 20.23 -3.52 48.11
CA GLN A 271 20.72 -3.45 49.47
C GLN A 271 22.20 -3.04 49.42
N ARG A 272 22.56 -2.07 50.27
CA ARG A 272 23.94 -1.58 50.29
C ARG A 272 24.94 -2.72 50.25
N ALA A 273 24.75 -3.73 51.10
CA ALA A 273 25.67 -4.85 51.13
C ALA A 273 25.69 -5.57 49.79
N ALA A 274 24.52 -5.69 49.14
CA ALA A 274 24.46 -6.42 47.88
C ALA A 274 25.07 -5.65 46.73
N ASN A 275 24.93 -4.31 46.73
CA ASN A 275 25.52 -3.51 45.67
C ASN A 275 27.05 -3.54 45.73
N PHE A 276 27.64 -3.41 46.92
CA PHE A 276 29.09 -3.54 47.05
C PHE A 276 29.57 -4.93 46.64
N ILE A 277 28.79 -5.98 46.95
CA ILE A 277 29.18 -7.33 46.54
C ILE A 277 29.23 -7.42 45.02
N LEU A 278 28.21 -6.91 44.34
CA LEU A 278 28.18 -6.99 42.89
C LEU A 278 29.23 -6.10 42.26
N GLN A 279 29.40 -4.88 42.77
CA GLN A 279 30.28 -3.90 42.14
C GLN A 279 31.76 -4.19 42.35
N ASN A 280 32.12 -5.06 43.31
CA ASN A 280 33.51 -5.39 43.56
C ASN A 280 33.86 -6.82 43.14
N SER A 281 33.00 -7.48 42.38
CA SER A 281 33.28 -8.83 41.92
C SER A 281 34.20 -8.79 40.70
N ASP A 282 34.75 -9.96 40.36
CA ASP A 282 35.56 -10.12 39.16
C ASP A 282 34.92 -11.08 38.17
N TYR A 283 33.74 -11.61 38.47
CA TYR A 283 33.01 -12.44 37.53
C TYR A 283 31.55 -12.50 37.97
N VAL A 284 30.64 -12.24 37.03
CA VAL A 284 29.20 -12.23 37.30
C VAL A 284 28.54 -13.18 36.31
N LEU A 285 27.85 -14.20 36.81
CA LEU A 285 27.13 -15.15 35.98
C LEU A 285 25.64 -14.96 36.26
N ALA A 286 24.94 -14.34 35.33
CA ALA A 286 23.51 -14.11 35.43
C ALA A 286 22.78 -15.30 34.82
N ILE A 287 21.92 -15.95 35.61
CA ILE A 287 21.13 -17.09 35.16
C ILE A 287 19.66 -16.77 35.41
N GLY A 288 18.87 -16.82 34.34
CA GLY A 288 17.44 -16.64 34.48
C GLY A 288 17.02 -15.28 34.98
N THR A 289 17.88 -14.26 34.86
CA THR A 289 17.53 -12.91 35.25
C THR A 289 17.69 -11.97 34.07
N ARG A 290 16.75 -11.04 33.94
CA ARG A 290 16.67 -10.15 32.79
C ARG A 290 17.68 -9.02 32.84
N LEU A 291 18.31 -8.78 33.98
CA LEU A 291 19.23 -7.65 34.14
C LEU A 291 18.54 -6.36 33.70
N ALA A 292 17.37 -6.11 34.27
CA ALA A 292 16.56 -4.95 33.92
C ALA A 292 17.21 -3.67 34.43
N ILE A 293 16.72 -2.53 33.94
CA ILE A 293 17.29 -1.25 34.36
C ILE A 293 17.30 -1.10 35.89
N PRO A 294 16.24 -1.42 36.62
CA PRO A 294 16.31 -1.34 38.10
C PRO A 294 17.32 -2.29 38.70
N GLN A 295 17.88 -3.21 37.92
CA GLN A 295 18.87 -4.14 38.44
C GLN A 295 20.30 -3.68 38.23
N ILE A 296 20.59 -3.10 37.06
CA ILE A 296 21.97 -2.76 36.68
C ILE A 296 22.21 -1.25 36.64
N GLY A 297 21.18 -0.44 36.88
CA GLY A 297 21.36 1.00 36.83
C GLY A 297 21.14 1.58 35.44
N TYR A 298 21.88 2.65 35.10
CA TYR A 298 21.66 3.38 33.86
C TYR A 298 22.93 3.50 33.02
N ASP A 299 23.91 2.63 33.20
CA ASP A 299 25.14 2.69 32.42
C ASP A 299 25.90 1.39 32.59
N LEU A 300 26.07 0.65 31.50
CA LEU A 300 26.77 -0.63 31.56
C LEU A 300 28.25 -0.46 31.88
N ASN A 301 28.84 0.68 31.53
CA ASN A 301 30.27 0.91 31.80
C ASN A 301 30.54 1.15 33.28
N GLU A 302 29.50 1.23 34.11
CA GLU A 302 29.65 1.38 35.55
C GLU A 302 29.24 0.14 36.32
N LEU A 303 28.90 -0.95 35.62
CA LEU A 303 28.37 -2.16 36.24
C LEU A 303 29.50 -3.15 36.42
N ALA A 304 29.83 -3.46 37.67
CA ALA A 304 30.85 -4.46 38.01
C ALA A 304 32.13 -4.22 37.21
N ARG A 305 32.71 -3.04 37.41
CA ARG A 305 33.77 -2.54 36.54
C ARG A 305 35.04 -3.38 36.57
N LEU A 306 35.13 -4.37 37.46
CA LEU A 306 36.28 -5.27 37.51
C LEU A 306 35.95 -6.65 37.01
N ALA A 307 34.72 -6.91 36.56
CA ALA A 307 34.24 -8.26 36.36
C ALA A 307 33.83 -8.51 34.91
N ARG A 308 34.12 -9.72 34.44
CA ARG A 308 33.48 -10.24 33.24
C ARG A 308 32.05 -10.66 33.58
N ILE A 309 31.12 -10.41 32.67
CA ILE A 309 29.69 -10.66 32.89
C ILE A 309 29.18 -11.59 31.81
N ASP A 310 28.78 -12.79 32.20
CA ASP A 310 28.09 -13.73 31.33
C ASP A 310 26.60 -13.75 31.66
N VAL A 311 25.81 -14.17 30.69
CA VAL A 311 24.35 -14.14 30.80
C VAL A 311 23.78 -15.44 30.25
N VAL A 312 22.74 -15.94 30.92
CA VAL A 312 21.99 -17.09 30.47
C VAL A 312 20.51 -16.71 30.44
N ASP A 313 19.86 -16.91 29.30
CA ASP A 313 18.47 -16.50 29.13
C ASP A 313 17.90 -17.22 27.91
N ILE A 314 16.67 -17.71 28.06
CA ILE A 314 16.04 -18.47 26.97
C ILE A 314 15.57 -17.60 25.82
N ASP A 315 15.56 -16.28 26.00
CA ASP A 315 15.15 -15.34 24.97
C ASP A 315 16.40 -14.74 24.33
N GLY A 316 16.58 -14.97 23.02
CA GLY A 316 17.77 -14.47 22.34
C GLY A 316 17.93 -12.96 22.43
N ASP A 317 16.82 -12.23 22.28
CA ASP A 317 16.89 -10.77 22.32
C ASP A 317 17.29 -10.27 23.70
N GLU A 318 16.81 -10.92 24.77
CA GLU A 318 17.22 -10.53 26.11
C GLU A 318 18.66 -10.94 26.40
N ALA A 319 19.16 -11.99 25.75
CA ALA A 319 20.48 -12.51 26.05
C ALA A 319 21.60 -11.65 25.49
N ILE A 320 21.33 -10.87 24.44
CA ILE A 320 22.35 -10.06 23.78
C ILE A 320 22.14 -8.57 23.98
N LYS A 321 21.11 -8.17 24.74
CA LYS A 321 20.84 -6.74 24.86
C LYS A 321 21.97 -5.99 25.57
N HIS A 322 22.89 -6.70 26.21
CA HIS A 322 24.03 -6.09 26.87
C HIS A 322 25.35 -6.53 26.26
N ALA A 323 25.31 -6.94 24.98
CA ALA A 323 26.47 -7.52 24.32
C ALA A 323 27.68 -6.57 24.28
N LYS A 324 27.46 -5.27 24.37
CA LYS A 324 28.59 -4.34 24.46
C LYS A 324 29.37 -4.55 25.75
N ARG A 325 28.70 -5.01 26.81
CA ARG A 325 29.32 -5.20 28.11
C ARG A 325 29.56 -6.65 28.45
N THR A 326 28.65 -7.55 28.08
CA THR A 326 28.76 -8.95 28.48
C THR A 326 29.70 -9.69 27.54
N GLN A 327 30.06 -10.91 27.94
CA GLN A 327 31.01 -11.73 27.19
C GLN A 327 30.31 -12.93 26.58
N GLU A 328 29.91 -13.91 27.37
CA GLU A 328 29.24 -15.10 26.88
C GLU A 328 27.73 -14.88 27.03
N ASN A 329 27.04 -14.82 25.89
CA ASN A 329 25.60 -14.65 25.84
C ASN A 329 25.00 -16.00 25.46
N ILE A 330 24.41 -16.67 26.44
CA ILE A 330 24.00 -18.07 26.32
C ILE A 330 22.48 -18.10 26.21
N VAL A 331 21.99 -18.51 25.03
CA VAL A 331 20.56 -18.65 24.81
C VAL A 331 20.23 -20.11 25.11
N CYS A 332 19.82 -20.36 26.35
CA CYS A 332 19.53 -21.72 26.80
C CYS A 332 18.51 -21.66 27.93
N ASP A 333 17.72 -22.73 28.03
CA ASP A 333 16.83 -22.88 29.18
C ASP A 333 17.65 -22.92 30.46
N ALA A 334 17.14 -22.27 31.50
CA ALA A 334 17.91 -22.13 32.73
C ALA A 334 18.17 -23.49 33.37
N ARG A 335 17.16 -24.36 33.41
CA ARG A 335 17.37 -25.68 33.99
C ARG A 335 18.40 -26.47 33.20
N VAL A 336 18.20 -26.58 31.88
CA VAL A 336 19.14 -27.34 31.05
C VAL A 336 20.55 -26.84 31.27
N PHE A 337 20.72 -25.51 31.32
CA PHE A 337 22.06 -24.95 31.52
C PHE A 337 22.63 -25.36 32.87
N ILE A 338 21.82 -25.30 33.94
CA ILE A 338 22.32 -25.65 35.26
C ILE A 338 22.66 -27.13 35.32
N GLU A 339 21.87 -27.97 34.65
CA GLU A 339 22.16 -29.40 34.64
C GLU A 339 23.48 -29.67 33.94
N ALA A 340 23.73 -28.98 32.82
CA ALA A 340 24.98 -29.17 32.10
C ALA A 340 26.16 -28.72 32.94
N LEU A 341 26.00 -27.60 33.65
CA LEU A 341 27.09 -27.09 34.48
C LEU A 341 27.37 -28.02 35.65
N LEU A 342 26.32 -28.60 36.24
CA LEU A 342 26.52 -29.59 37.31
C LEU A 342 27.12 -30.87 36.75
N ALA A 343 26.68 -31.29 35.56
CA ALA A 343 27.22 -32.50 34.95
C ALA A 343 28.72 -32.37 34.72
N ARG A 344 29.19 -31.17 34.39
CA ARG A 344 30.63 -30.96 34.19
C ARG A 344 31.37 -30.75 35.50
N LEU A 345 30.69 -30.30 36.55
CA LEU A 345 31.32 -30.19 37.86
C LEU A 345 31.50 -31.57 38.50
N ASN A 346 30.53 -32.46 38.29
CA ASN A 346 30.58 -33.80 38.87
C ASN A 346 31.42 -34.76 38.04
N ALA A 347 31.92 -34.33 36.88
CA ALA A 347 32.66 -35.24 36.02
C ALA A 347 33.99 -35.63 36.65
N ALA A 348 34.50 -36.80 36.24
CA ALA A 348 35.79 -37.25 36.74
C ALA A 348 36.91 -36.30 36.33
N ASP A 349 36.82 -35.72 35.13
CA ASP A 349 37.81 -34.79 34.62
C ASP A 349 37.46 -33.33 34.93
N ALA A 350 36.67 -33.08 35.97
CA ALA A 350 36.27 -31.73 36.28
C ALA A 350 37.51 -30.89 36.63
N PRO A 351 37.53 -29.62 36.25
CA PRO A 351 38.66 -28.76 36.62
C PRO A 351 38.64 -28.43 38.11
N ALA A 352 39.78 -27.91 38.58
CA ALA A 352 39.92 -27.57 39.99
C ALA A 352 39.35 -26.19 40.26
N ILE A 353 38.43 -26.11 41.23
CA ILE A 353 37.77 -24.86 41.57
C ILE A 353 38.60 -24.16 42.64
N ALA A 354 39.28 -23.08 42.25
CA ALA A 354 40.01 -22.28 43.22
C ALA A 354 39.08 -21.82 44.34
N SER A 355 39.67 -21.50 45.48
CA SER A 355 38.90 -21.16 46.66
C SER A 355 38.44 -19.72 46.63
N LYS A 356 37.19 -19.49 47.04
CA LYS A 356 36.63 -18.15 47.16
C LYS A 356 36.44 -17.76 48.62
N ALA A 357 37.14 -18.43 49.54
CA ALA A 357 36.88 -18.24 50.95
C ALA A 357 37.07 -16.79 51.38
N ASP A 358 38.14 -16.16 50.90
CA ASP A 358 38.37 -14.76 51.26
C ASP A 358 37.23 -13.88 50.76
N TRP A 359 36.77 -14.12 49.53
CA TRP A 359 35.65 -13.36 48.98
C TRP A 359 34.39 -13.58 49.80
N VAL A 360 34.02 -14.84 50.03
CA VAL A 360 32.86 -15.13 50.86
C VAL A 360 32.96 -14.40 52.19
N ALA A 361 34.16 -14.36 52.78
CA ALA A 361 34.36 -13.66 54.04
C ALA A 361 34.15 -12.16 53.89
N LYS A 362 34.58 -11.59 52.77
CA LYS A 362 34.39 -10.17 52.53
C LYS A 362 32.91 -9.83 52.33
N CYS A 363 32.16 -10.74 51.69
CA CYS A 363 30.73 -10.51 51.54
C CYS A 363 30.05 -10.44 52.90
N ARG A 364 30.34 -11.41 53.78
CA ARG A 364 29.76 -11.38 55.12
C ARG A 364 30.07 -10.08 55.82
N ALA A 365 31.33 -9.64 55.76
CA ALA A 365 31.71 -8.36 56.36
C ALA A 365 30.87 -7.22 55.80
N TYR A 366 30.64 -7.22 54.48
CA TYR A 366 29.75 -6.22 53.88
C TYR A 366 28.38 -6.22 54.55
N GLU A 367 27.82 -7.42 54.77
CA GLU A 367 26.50 -7.48 55.41
C GLU A 367 26.55 -7.01 56.86
N GLU A 368 27.68 -7.19 57.54
CA GLU A 368 27.80 -6.73 58.91
C GLU A 368 27.95 -5.22 58.98
N GLN A 369 28.73 -4.64 58.05
CA GLN A 369 28.89 -3.19 58.02
C GLN A 369 27.64 -2.47 57.55
N PHE A 370 26.82 -3.14 56.73
CA PHE A 370 25.62 -2.55 56.15
C PHE A 370 24.43 -3.49 56.32
N PRO A 371 23.80 -3.49 57.49
CA PRO A 371 22.59 -4.31 57.67
C PRO A 371 21.43 -3.78 56.85
N TRP A 372 20.58 -4.71 56.40
CA TRP A 372 19.47 -4.33 55.53
C TRP A 372 18.59 -3.27 56.18
N VAL A 373 18.35 -3.39 57.49
CA VAL A 373 17.63 -2.38 58.25
C VAL A 373 18.67 -1.68 59.14
N GLY A 374 18.96 -0.43 58.83
CA GLY A 374 20.01 0.28 59.52
C GLY A 374 19.59 1.61 60.11
N ALA A 375 20.58 2.42 60.51
CA ALA A 375 20.28 3.68 61.18
C ALA A 375 19.48 4.61 60.29
N GLU A 376 19.59 4.48 58.97
CA GLU A 376 18.79 5.28 58.06
C GLU A 376 17.30 4.98 58.16
N HIS A 377 16.92 3.88 58.82
CA HIS A 377 15.53 3.46 58.90
C HIS A 377 14.91 3.74 60.27
N ALA A 378 15.39 4.73 60.97
CA ALA A 378 14.86 5.00 62.26
C ALA A 378 13.44 5.49 62.17
N ASP A 379 12.66 5.28 63.22
CA ASP A 379 11.30 5.72 63.22
C ASP A 379 11.24 7.21 63.26
N PRO A 380 10.18 7.76 62.71
CA PRO A 380 10.14 9.19 62.72
C PRO A 380 9.00 9.89 63.39
N GLU A 381 9.31 10.74 64.33
CA GLU A 381 8.32 11.63 64.88
C GLU A 381 6.97 11.10 65.16
N GLY A 382 6.87 10.01 65.88
CA GLY A 382 5.54 9.47 66.13
C GLY A 382 4.98 8.63 65.00
N PHE A 383 5.84 7.89 64.30
CA PHE A 383 5.41 6.97 63.27
C PHE A 383 6.33 5.77 63.25
N ILE A 384 5.82 4.65 62.79
CA ILE A 384 6.64 3.47 62.57
C ILE A 384 7.31 3.59 61.22
N ASN A 385 8.59 3.22 61.15
CA ASN A 385 9.30 3.19 59.88
C ASN A 385 8.93 1.89 59.15
N SER A 386 8.44 2.01 57.93
CA SER A 386 7.92 0.85 57.22
C SER A 386 8.96 -0.24 57.05
N TYR A 387 10.25 0.12 57.03
CA TYR A 387 11.30 -0.90 56.91
C TYR A 387 11.42 -1.71 58.18
N ARG A 388 11.37 -1.05 59.34
CA ARG A 388 11.44 -1.78 60.60
C ARG A 388 10.18 -2.63 60.81
N PHE A 389 9.02 -2.10 60.42
CA PHE A 389 7.80 -2.89 60.51
C PHE A 389 7.92 -4.18 59.70
N MET A 390 8.47 -4.09 58.49
CA MET A 390 8.69 -5.30 57.69
C MET A 390 9.59 -6.29 58.42
N GLU A 391 10.63 -5.80 59.08
CA GLU A 391 11.49 -6.69 59.85
C GLU A 391 10.71 -7.36 60.97
N ARG A 392 9.93 -6.58 61.71
CA ARG A 392 9.07 -7.14 62.74
C ARG A 392 8.07 -8.13 62.14
N LEU A 393 7.32 -7.69 61.12
CA LEU A 393 6.33 -8.55 60.48
C LEU A 393 6.95 -9.83 59.96
N ASN A 394 8.22 -9.78 59.52
CA ASN A 394 8.89 -10.99 59.04
C ASN A 394 8.88 -12.09 60.09
N GLY A 395 8.90 -11.72 61.37
CA GLY A 395 8.91 -12.71 62.43
C GLY A 395 7.61 -13.48 62.59
N PHE A 396 6.55 -13.06 61.90
CA PHE A 396 5.24 -13.69 62.04
C PHE A 396 4.89 -14.55 60.83
N PHE A 397 5.81 -14.76 59.90
CA PHE A 397 5.52 -15.62 58.75
C PHE A 397 5.24 -17.04 59.21
N LYS A 398 4.28 -17.68 58.55
CA LYS A 398 4.03 -19.09 58.78
C LYS A 398 5.01 -19.93 57.95
N ASP A 399 5.10 -21.21 58.29
CA ASP A 399 6.14 -22.04 57.69
C ASP A 399 6.00 -22.12 56.17
N ASP A 400 4.77 -22.02 55.65
CA ASP A 400 4.49 -22.08 54.22
C ASP A 400 3.91 -20.77 53.71
N GLN A 401 4.26 -19.67 54.37
CA GLN A 401 3.67 -18.37 54.07
C GLN A 401 3.83 -18.03 52.59
N VAL A 402 2.83 -17.33 52.05
CA VAL A 402 2.92 -16.72 50.73
C VAL A 402 2.63 -15.23 50.88
N VAL A 403 3.48 -14.40 50.28
CA VAL A 403 3.36 -12.96 50.37
C VAL A 403 3.26 -12.40 48.95
N VAL A 404 2.34 -11.51 48.72
CA VAL A 404 2.23 -10.82 47.47
C VAL A 404 2.18 -9.36 47.81
N THR A 405 2.72 -8.51 46.97
CA THR A 405 2.67 -7.11 47.25
C THR A 405 2.21 -6.34 46.07
N ASP A 406 1.76 -5.13 46.34
CA ASP A 406 1.39 -4.12 45.36
C ASP A 406 2.63 -3.23 45.14
N MET A 407 2.55 -2.03 44.56
CA MET A 407 3.70 -1.18 44.42
C MET A 407 3.83 -0.29 45.64
N GLY A 408 4.71 0.69 45.62
CA GLY A 408 4.78 1.59 46.73
C GLY A 408 5.53 1.03 47.88
N THR A 409 5.17 1.45 49.05
CA THR A 409 5.89 1.05 50.26
C THR A 409 5.97 -0.46 50.39
N ALA A 410 4.87 -1.16 50.09
CA ALA A 410 4.88 -2.61 50.20
C ALA A 410 5.93 -3.22 49.27
N LEU A 411 6.05 -2.69 48.05
CA LEU A 411 7.03 -3.23 47.11
C LEU A 411 8.45 -2.97 47.58
N LEU A 412 8.75 -1.71 47.93
CA LEU A 412 10.13 -1.34 48.22
C LEU A 412 10.57 -1.85 49.58
N SER A 413 9.87 -1.43 50.64
CA SER A 413 10.21 -1.93 51.98
C SER A 413 10.20 -3.44 52.01
N GLY A 414 9.26 -4.07 51.30
CA GLY A 414 9.17 -5.52 51.27
C GLY A 414 10.39 -6.19 50.69
N HIS A 415 10.75 -5.83 49.45
CA HIS A 415 11.81 -6.55 48.76
C HIS A 415 13.19 -6.19 49.29
N GLN A 416 13.32 -5.07 50.00
CA GLN A 416 14.60 -4.66 50.56
C GLN A 416 14.88 -5.24 51.94
N VAL A 417 13.89 -5.88 52.56
CA VAL A 417 14.00 -6.28 53.96
C VAL A 417 13.65 -7.75 54.15
N LEU A 418 12.48 -8.16 53.65
CA LEU A 418 11.92 -9.45 54.01
C LEU A 418 12.87 -10.60 53.64
N ARG A 419 12.94 -11.58 54.52
CA ARG A 419 13.68 -12.81 54.31
C ARG A 419 12.72 -13.98 54.22
N PHE A 420 13.08 -14.98 53.41
CA PHE A 420 12.21 -16.10 53.13
C PHE A 420 12.98 -17.40 53.26
N LYS A 421 12.31 -18.42 53.78
CA LYS A 421 12.84 -19.77 53.89
C LYS A 421 12.29 -20.62 52.74
N GLU A 422 12.85 -21.83 52.62
CA GLU A 422 12.28 -22.82 51.72
C GLU A 422 10.83 -23.07 52.10
N GLY A 423 9.96 -23.16 51.09
CA GLY A 423 8.55 -23.36 51.29
C GLY A 423 7.73 -22.09 51.32
N GLN A 424 8.38 -20.93 51.42
CA GLN A 424 7.70 -19.65 51.40
C GLN A 424 7.85 -19.01 50.03
N ARG A 425 6.87 -18.17 49.65
CA ARG A 425 6.78 -17.60 48.32
C ARG A 425 6.63 -16.09 48.39
N PHE A 426 7.19 -15.43 47.39
CA PHE A 426 7.14 -13.97 47.26
C PHE A 426 6.77 -13.65 45.82
N MET A 427 5.69 -12.89 45.63
CA MET A 427 5.21 -12.58 44.28
C MET A 427 4.74 -11.14 44.18
N THR A 428 4.92 -10.57 43.00
CA THR A 428 4.37 -9.27 42.62
C THR A 428 4.61 -9.11 41.12
N SER A 429 4.19 -7.98 40.57
CA SER A 429 4.34 -7.68 39.15
C SER A 429 5.36 -6.56 39.01
N THR A 430 6.58 -6.92 38.63
CA THR A 430 7.66 -5.96 38.51
C THR A 430 7.97 -5.57 37.07
N GLY A 431 7.67 -6.45 36.11
CA GLY A 431 7.86 -6.09 34.72
C GLY A 431 7.09 -4.84 34.34
N LEU A 432 5.81 -4.80 34.67
CA LEU A 432 4.97 -3.64 34.43
C LEU A 432 4.87 -2.71 35.63
N GLY A 433 4.83 -3.27 36.84
CA GLY A 433 4.75 -2.48 38.05
C GLY A 433 3.48 -1.64 38.12
N GLU A 434 2.33 -2.29 38.01
CA GLU A 434 1.05 -1.59 37.99
C GLU A 434 0.46 -1.56 39.39
N MET A 435 -0.19 -0.45 39.72
CA MET A 435 -0.95 -0.37 40.97
C MET A 435 -2.18 -1.26 40.88
N GLY A 436 -2.62 -1.75 42.04
CA GLY A 436 -3.78 -2.61 42.09
C GLY A 436 -3.50 -4.05 41.75
N TYR A 437 -2.24 -4.47 41.78
CA TYR A 437 -1.91 -5.87 41.54
C TYR A 437 -2.04 -6.73 42.78
N GLY A 438 -2.00 -6.13 43.97
CA GLY A 438 -2.01 -6.87 45.21
C GLY A 438 -3.20 -7.79 45.42
N LEU A 439 -4.40 -7.22 45.49
CA LEU A 439 -5.60 -8.02 45.76
C LEU A 439 -5.77 -9.12 44.72
N PRO A 440 -5.83 -8.82 43.42
CA PRO A 440 -5.93 -9.92 42.44
C PRO A 440 -4.81 -10.93 42.57
N ALA A 441 -3.60 -10.51 42.93
CA ALA A 441 -2.51 -11.45 43.16
C ALA A 441 -2.86 -12.42 44.29
N ALA A 442 -3.45 -11.91 45.37
CA ALA A 442 -3.86 -12.77 46.47
C ALA A 442 -4.94 -13.76 46.04
N LEU A 443 -5.92 -13.30 45.25
CA LEU A 443 -6.96 -14.21 44.78
C LEU A 443 -6.34 -15.40 44.05
N GLY A 444 -5.41 -15.14 43.14
CA GLY A 444 -4.83 -16.21 42.34
C GLY A 444 -4.10 -17.24 43.20
N VAL A 445 -3.35 -16.77 44.19
CA VAL A 445 -2.65 -17.68 45.09
C VAL A 445 -3.65 -18.46 45.94
N SER A 446 -4.63 -17.75 46.51
CA SER A 446 -5.58 -18.40 47.41
C SER A 446 -6.32 -19.54 46.70
N PHE A 447 -6.81 -19.29 45.49
CA PHE A 447 -7.52 -20.34 44.76
C PHE A 447 -6.56 -21.42 44.28
N ALA A 448 -5.29 -21.07 44.03
CA ALA A 448 -4.34 -22.08 43.59
C ALA A 448 -4.02 -23.07 44.71
N ASN A 449 -4.17 -22.63 45.97
CA ASN A 449 -3.93 -23.48 47.14
C ASN A 449 -5.23 -23.85 47.84
N ASP A 450 -6.29 -24.09 47.07
CA ASP A 450 -7.58 -24.53 47.60
C ASP A 450 -8.09 -23.55 48.66
N ARG A 451 -8.14 -22.27 48.28
CA ARG A 451 -8.59 -21.20 49.17
C ARG A 451 -7.66 -21.07 50.37
N GLY A 452 -6.35 -21.11 50.09
CA GLY A 452 -5.35 -21.04 51.11
C GLY A 452 -5.05 -19.62 51.55
N GLU A 453 -4.17 -19.52 52.55
CA GLU A 453 -3.85 -18.25 53.17
C GLU A 453 -2.82 -17.51 52.33
N VAL A 454 -2.95 -16.18 52.30
CA VAL A 454 -2.05 -15.32 51.56
C VAL A 454 -1.94 -14.01 52.32
N MET A 455 -0.71 -13.54 52.52
CA MET A 455 -0.47 -12.22 53.08
C MET A 455 -0.30 -11.22 51.93
N CYS A 456 -1.10 -10.16 51.94
CA CYS A 456 -1.08 -9.15 50.90
C CYS A 456 -0.61 -7.83 51.49
N LEU A 457 0.61 -7.42 51.13
CA LEU A 457 1.16 -6.13 51.53
C LEU A 457 0.77 -5.10 50.47
N ASN A 458 -0.14 -4.21 50.83
CA ASN A 458 -0.75 -3.27 49.90
C ASN A 458 -0.51 -1.84 50.36
N CYS A 459 -1.15 -0.88 49.67
CA CYS A 459 -0.95 0.53 49.93
C CYS A 459 -2.27 1.27 49.81
N ASP A 460 -2.31 2.47 50.39
CA ASP A 460 -3.53 3.27 50.36
C ASP A 460 -3.89 3.68 48.94
N GLY A 461 -2.91 3.89 48.08
CA GLY A 461 -3.17 4.23 46.69
C GLY A 461 -3.53 3.02 45.86
N GLY A 462 -2.62 2.05 45.79
CA GLY A 462 -2.84 0.86 44.98
C GLY A 462 -4.08 0.07 45.35
N MET A 463 -4.59 0.27 46.56
CA MET A 463 -5.81 -0.42 46.97
C MET A 463 -7.01 0.02 46.14
N MET A 464 -6.99 1.26 45.64
CA MET A 464 -8.15 1.82 44.96
C MET A 464 -8.35 1.26 43.57
N MET A 465 -7.27 0.90 42.86
CA MET A 465 -7.41 0.46 41.48
C MET A 465 -8.39 -0.70 41.36
N ASN A 466 -8.22 -1.71 42.21
CA ASN A 466 -9.07 -2.90 42.21
C ASN A 466 -9.74 -3.08 43.57
N LEU A 467 -10.19 -1.97 44.15
CA LEU A 467 -10.89 -2.01 45.43
C LEU A 467 -12.02 -3.03 45.42
N GLN A 468 -12.70 -3.15 44.27
CA GLN A 468 -13.92 -3.96 44.18
C GLN A 468 -13.68 -5.43 44.50
N GLU A 469 -12.43 -5.89 44.45
CA GLU A 469 -12.15 -7.29 44.71
C GLU A 469 -12.20 -7.64 46.19
N LEU A 470 -12.44 -6.67 47.06
CA LEU A 470 -12.76 -6.99 48.44
C LEU A 470 -14.04 -7.82 48.52
N GLN A 471 -15.00 -7.53 47.63
CA GLN A 471 -16.25 -8.28 47.60
C GLN A 471 -16.01 -9.72 47.16
N THR A 472 -15.12 -9.92 46.19
CA THR A 472 -14.72 -11.28 45.82
C THR A 472 -14.08 -12.00 47.00
N MET A 473 -13.28 -11.28 47.79
N MET A 473 -13.31 -11.26 47.80
CA MET A 473 -12.64 -11.90 48.94
CA MET A 473 -12.62 -11.86 48.94
C MET A 473 -13.67 -12.38 49.95
C MET A 473 -13.62 -12.34 49.99
N VAL A 474 -14.57 -11.49 50.38
CA VAL A 474 -15.56 -11.87 51.37
C VAL A 474 -16.48 -12.95 50.83
N HIS A 475 -16.84 -12.87 49.55
CA HIS A 475 -17.77 -13.84 48.99
C HIS A 475 -17.25 -15.27 49.19
N HIS A 476 -15.99 -15.51 48.85
CA HIS A 476 -15.40 -16.84 48.97
C HIS A 476 -14.72 -17.07 50.31
N ASN A 477 -14.86 -16.13 51.25
CA ASN A 477 -14.29 -16.25 52.59
C ASN A 477 -12.80 -16.62 52.52
N LEU A 478 -12.08 -15.90 51.70
CA LEU A 478 -10.68 -16.24 51.45
C LEU A 478 -9.81 -15.74 52.60
N PRO A 479 -8.96 -16.60 53.17
CA PRO A 479 -8.07 -16.16 54.27
C PRO A 479 -6.93 -15.28 53.76
N ILE A 480 -7.25 -14.07 53.34
CA ILE A 480 -6.27 -13.12 52.84
C ILE A 480 -6.02 -12.10 53.93
N LYS A 481 -4.76 -11.95 54.33
CA LYS A 481 -4.36 -11.00 55.37
C LYS A 481 -3.79 -9.76 54.67
N LEU A 482 -4.56 -8.68 54.72
CA LEU A 482 -4.35 -7.51 53.88
C LEU A 482 -3.82 -6.36 54.72
N PHE A 483 -2.53 -6.04 54.56
CA PHE A 483 -1.91 -4.91 55.22
C PHE A 483 -1.89 -3.71 54.27
N ILE A 484 -2.42 -2.58 54.72
CA ILE A 484 -2.53 -1.38 53.92
C ILE A 484 -1.66 -0.30 54.56
N PHE A 485 -0.63 0.13 53.84
CA PHE A 485 0.26 1.19 54.31
C PHE A 485 -0.35 2.55 54.00
N ASN A 486 -0.82 3.24 55.04
CA ASN A 486 -1.37 4.59 54.90
C ASN A 486 -0.24 5.61 55.06
N ASN A 487 -0.16 6.55 54.09
CA ASN A 487 0.85 7.59 54.13
C ASN A 487 0.39 8.85 53.38
N ASP A 488 -0.91 9.11 53.37
CA ASP A 488 -1.49 10.31 52.75
C ASP A 488 -1.11 10.41 51.27
N GLY A 489 -1.44 9.36 50.53
CA GLY A 489 -1.34 9.42 49.08
C GLY A 489 -0.14 8.70 48.49
N TYR A 490 0.37 9.23 47.37
CA TYR A 490 1.38 8.55 46.56
C TYR A 490 2.77 8.93 47.06
N LEU A 491 3.19 8.28 48.14
CA LEU A 491 4.48 8.61 48.74
C LEU A 491 5.62 8.44 47.73
N MET A 492 5.51 7.46 46.85
CA MET A 492 6.59 7.20 45.89
C MET A 492 6.73 8.35 44.90
N ILE A 493 5.62 8.92 44.44
CA ILE A 493 5.68 10.07 43.54
C ILE A 493 6.05 11.33 44.31
N LYS A 494 5.67 11.42 45.59
CA LYS A 494 6.07 12.56 46.40
C LYS A 494 7.56 12.78 46.33
N HIS A 495 8.34 11.70 46.49
CA HIS A 495 9.79 11.80 46.42
C HIS A 495 10.27 12.15 45.02
N THR A 496 9.54 11.73 43.99
CA THR A 496 9.94 12.04 42.63
C THR A 496 9.80 13.53 42.35
N GLN A 497 8.61 14.09 42.57
CA GLN A 497 8.38 15.49 42.26
C GLN A 497 9.09 16.43 43.24
N LYS A 498 9.46 15.94 44.42
CA LYS A 498 10.27 16.75 45.32
C LYS A 498 11.71 16.83 44.82
N SER A 499 12.27 15.69 44.39
CA SER A 499 13.62 15.71 43.85
C SER A 499 13.72 16.58 42.60
N LEU A 500 12.65 16.65 41.81
CA LEU A 500 12.70 17.38 40.55
C LEU A 500 12.45 18.87 40.76
N PHE A 501 11.44 19.22 41.55
CA PHE A 501 10.99 20.60 41.64
C PHE A 501 11.14 21.24 43.03
N LYS A 502 11.22 20.44 44.09
CA LYS A 502 11.45 20.97 45.43
C LYS A 502 10.43 22.05 45.78
N SER A 503 9.16 21.74 45.53
CA SER A 503 8.07 22.66 45.84
C SER A 503 6.89 21.86 46.36
N ASP A 504 5.73 22.52 46.46
CA ASP A 504 4.55 21.87 46.99
C ASP A 504 4.20 20.63 46.17
N TYR A 505 3.54 19.67 46.82
CA TYR A 505 3.14 18.45 46.14
C TYR A 505 1.98 18.72 45.18
N VAL A 506 1.95 17.98 44.08
CA VAL A 506 0.93 18.10 43.05
C VAL A 506 0.34 16.73 42.80
N GLY A 507 -0.96 16.59 43.03
CA GLY A 507 -1.66 15.32 42.79
C GLY A 507 -1.05 14.12 43.48
N THR A 508 -0.58 14.27 44.72
CA THR A 508 0.01 13.15 45.44
C THR A 508 -0.40 13.06 46.91
N ASP A 509 -1.07 14.06 47.49
CA ASP A 509 -1.56 13.98 48.85
C ASP A 509 -2.95 14.61 48.90
N ARG A 510 -3.55 14.59 50.11
CA ARG A 510 -4.92 15.07 50.24
C ARG A 510 -5.03 16.56 49.90
N LYS A 511 -4.00 17.34 50.21
CA LYS A 511 -4.03 18.77 49.94
C LYS A 511 -3.84 19.08 48.46
N SER A 512 -3.32 18.12 47.67
CA SER A 512 -3.06 18.34 46.26
C SER A 512 -3.95 17.49 45.35
N GLY A 513 -5.04 16.91 45.89
CA GLY A 513 -6.09 16.32 45.08
C GLY A 513 -6.28 14.81 45.19
N VAL A 514 -5.47 14.10 45.99
CA VAL A 514 -5.53 12.64 46.08
C VAL A 514 -5.72 12.26 47.54
N SER A 515 -6.89 11.72 47.87
CA SER A 515 -7.17 11.21 49.21
C SER A 515 -7.61 9.75 49.11
N CYS A 516 -7.57 9.07 50.24
CA CYS A 516 -8.00 7.68 50.33
C CYS A 516 -8.95 7.53 51.50
N PRO A 517 -9.76 6.48 51.50
CA PRO A 517 -10.75 6.31 52.57
C PRO A 517 -10.14 5.69 53.82
N ASP A 518 -10.95 5.67 54.88
CA ASP A 518 -10.63 4.95 56.10
C ASP A 518 -10.88 3.48 55.84
N PHE A 519 -9.82 2.72 55.63
CA PHE A 519 -9.98 1.32 55.19
C PHE A 519 -10.56 0.44 56.28
N SER A 520 -10.47 0.83 57.55
CA SER A 520 -11.10 0.04 58.60
C SER A 520 -12.61 0.23 58.62
N ARG A 521 -13.07 1.47 58.48
CA ARG A 521 -14.50 1.69 58.31
C ARG A 521 -15.01 0.98 57.06
N LEU A 522 -14.20 0.98 56.00
CA LEU A 522 -14.56 0.27 54.78
C LEU A 522 -14.63 -1.23 55.02
N ALA A 523 -13.67 -1.77 55.79
CA ALA A 523 -13.66 -3.20 56.06
C ALA A 523 -14.92 -3.63 56.79
N ALA A 524 -15.38 -2.81 57.75
CA ALA A 524 -16.61 -3.13 58.46
C ALA A 524 -17.80 -3.17 57.52
N ALA A 525 -17.80 -2.32 56.49
CA ALA A 525 -18.90 -2.36 55.52
C ALA A 525 -18.88 -3.66 54.71
N PHE A 526 -17.70 -4.23 54.47
CA PHE A 526 -17.56 -5.52 53.81
C PHE A 526 -17.59 -6.70 54.78
N ASP A 527 -17.87 -6.47 56.06
CA ASP A 527 -17.87 -7.55 57.06
C ASP A 527 -16.50 -8.18 57.21
N ILE A 528 -15.46 -7.35 57.18
CA ILE A 528 -14.08 -7.80 57.28
C ILE A 528 -13.51 -7.30 58.59
N PRO A 529 -12.95 -8.16 59.45
CA PRO A 529 -12.35 -7.69 60.70
C PRO A 529 -11.12 -6.83 60.42
N ALA A 530 -11.13 -5.62 60.98
CA ALA A 530 -10.09 -4.63 60.73
C ALA A 530 -9.28 -4.38 62.00
N TYR A 531 -8.01 -4.01 61.79
CA TYR A 531 -7.12 -3.63 62.88
C TYR A 531 -6.33 -2.40 62.44
N GLN A 532 -5.66 -1.77 63.40
CA GLN A 532 -4.77 -0.65 63.13
C GLN A 532 -3.46 -0.87 63.87
N ILE A 533 -2.37 -0.40 63.27
CA ILE A 533 -1.04 -0.43 63.87
C ILE A 533 -0.47 0.97 63.73
N ARG A 534 -0.45 1.72 64.84
CA ARG A 534 0.13 3.05 64.85
C ARG A 534 1.43 3.12 65.64
N GLY A 535 1.62 2.24 66.62
CA GLY A 535 2.81 2.24 67.45
C GLY A 535 3.33 0.84 67.68
N TRP A 536 4.47 0.76 68.37
CA TRP A 536 5.10 -0.53 68.66
C TRP A 536 4.45 -1.28 69.81
N ASP A 537 3.71 -0.58 70.68
CA ASP A 537 3.12 -1.25 71.82
C ASP A 537 2.15 -2.33 71.39
N GLU A 538 1.16 -1.98 70.56
CA GLU A 538 0.13 -2.92 70.11
C GLU A 538 0.54 -3.72 68.88
N CYS A 539 1.81 -3.64 68.47
CA CYS A 539 2.21 -4.25 67.21
C CYS A 539 2.15 -5.77 67.27
N ASP A 540 2.99 -6.38 68.11
CA ASP A 540 3.10 -7.83 68.12
C ASP A 540 1.78 -8.50 68.41
N ALA A 541 0.99 -7.94 69.34
CA ALA A 541 -0.31 -8.53 69.64
C ALA A 541 -1.24 -8.41 68.45
N THR A 542 -1.19 -7.28 67.74
CA THR A 542 -2.02 -7.14 66.55
C THR A 542 -1.59 -8.12 65.47
N LEU A 543 -0.28 -8.27 65.24
CA LEU A 543 0.18 -9.17 64.19
C LEU A 543 -0.23 -10.61 64.48
N ALA A 544 -0.20 -11.01 65.74
CA ALA A 544 -0.57 -12.37 66.09
C ALA A 544 -2.04 -12.63 65.83
N LYS A 545 -2.90 -11.64 66.06
CA LYS A 545 -4.33 -11.82 65.82
C LYS A 545 -4.64 -11.88 64.33
N VAL A 546 -4.02 -11.00 63.54
CA VAL A 546 -4.21 -11.04 62.10
C VAL A 546 -3.81 -12.41 61.56
N GLN A 547 -2.65 -12.91 61.98
CA GLN A 547 -2.19 -14.20 61.47
C GLN A 547 -3.05 -15.36 61.98
N ALA A 548 -3.81 -15.16 63.05
CA ALA A 548 -4.59 -16.25 63.62
C ALA A 548 -5.99 -16.35 63.04
N HIS A 549 -6.48 -15.29 62.41
CA HIS A 549 -7.81 -15.31 61.82
C HIS A 549 -7.92 -16.40 60.77
N THR A 550 -9.14 -16.93 60.62
CA THR A 550 -9.41 -17.93 59.60
C THR A 550 -9.88 -17.31 58.30
N GLY A 551 -10.47 -16.12 58.36
CA GLY A 551 -10.99 -15.47 57.18
C GLY A 551 -10.18 -14.24 56.82
N PRO A 552 -10.73 -13.41 55.95
CA PRO A 552 -10.00 -12.21 55.53
C PRO A 552 -9.87 -11.23 56.68
N VAL A 553 -8.77 -10.49 56.66
CA VAL A 553 -8.49 -9.48 57.67
C VAL A 553 -7.85 -8.28 56.99
N ILE A 554 -8.19 -7.09 57.47
CA ILE A 554 -7.53 -5.86 57.04
C ILE A 554 -6.78 -5.30 58.25
N CYS A 555 -5.60 -4.73 58.00
CA CYS A 555 -4.75 -4.18 59.06
C CYS A 555 -4.07 -2.92 58.54
N GLU A 556 -4.62 -1.76 58.87
CA GLU A 556 -4.02 -0.50 58.47
C GLU A 556 -2.72 -0.26 59.22
N VAL A 557 -1.67 0.08 58.49
CA VAL A 557 -0.36 0.38 59.07
C VAL A 557 -0.03 1.82 58.72
N PHE A 558 -0.04 2.69 59.73
CA PHE A 558 0.17 4.12 59.52
C PHE A 558 1.66 4.42 59.58
N MET A 559 2.15 5.16 58.59
CA MET A 559 3.55 5.57 58.51
C MET A 559 3.60 7.06 58.24
N HIS A 560 4.82 7.59 58.22
CA HIS A 560 5.00 9.03 58.06
C HIS A 560 4.66 9.45 56.65
N PRO A 561 3.85 10.49 56.46
CA PRO A 561 3.42 10.85 55.08
C PRO A 561 4.55 11.22 54.16
N GLN A 562 5.77 11.39 54.66
CA GLN A 562 6.92 11.78 53.84
C GLN A 562 8.14 10.92 54.14
N GLN A 563 7.95 9.71 54.65
CA GLN A 563 9.08 8.85 54.95
C GLN A 563 9.91 8.58 53.69
N LEU A 564 11.23 8.56 53.87
CA LEU A 564 12.12 8.28 52.76
C LEU A 564 12.13 6.80 52.42
N PHE A 565 12.41 6.51 51.15
CA PHE A 565 12.71 5.16 50.70
C PHE A 565 14.22 5.09 50.50
N SER A 566 14.89 4.26 51.29
CA SER A 566 16.34 4.14 51.23
C SER A 566 16.72 2.76 51.70
N PRO A 567 17.86 2.23 51.25
CA PRO A 567 18.81 2.82 50.29
C PRO A 567 18.22 2.93 48.89
N LYS A 568 18.69 3.87 48.08
CA LYS A 568 18.16 4.10 46.73
C LYS A 568 19.18 4.88 45.92
N LEU A 569 19.35 4.49 44.66
CA LEU A 569 20.29 5.15 43.76
C LEU A 569 19.61 6.38 43.16
N GLY A 570 19.82 7.52 43.80
CA GLY A 570 19.19 8.76 43.40
C GLY A 570 20.18 9.75 42.80
N VAL A 571 19.63 10.86 42.30
CA VAL A 571 20.44 11.94 41.74
C VAL A 571 20.90 12.85 42.87
N VAL A 572 22.18 13.19 42.86
CA VAL A 572 22.78 14.06 43.87
C VAL A 572 23.28 15.33 43.20
N SER A 573 23.08 16.46 43.87
CA SER A 573 23.56 17.75 43.39
C SER A 573 24.98 18.00 43.88
N ARG A 574 25.93 18.10 42.94
CA ARG A 574 27.34 18.27 43.28
C ARG A 574 27.58 19.62 43.95
N THR A 578 26.01 21.36 39.70
CA THR A 578 25.57 20.40 38.69
C THR A 578 25.02 19.14 39.33
N LEU A 579 24.21 18.40 38.56
CA LEU A 579 23.62 17.15 39.02
C LEU A 579 24.44 15.97 38.51
N VAL A 580 24.47 14.91 39.33
CA VAL A 580 25.25 13.72 39.01
C VAL A 580 24.39 12.49 39.29
N SER A 581 24.50 11.49 38.41
CA SER A 581 23.88 10.18 38.62
C SER A 581 24.98 9.24 39.09
N PRO A 582 25.12 9.00 40.39
CA PRO A 582 26.28 8.26 40.88
C PRO A 582 26.28 6.84 40.35
N PRO A 583 27.42 6.14 40.44
CA PRO A 583 27.44 4.73 40.03
C PRO A 583 26.59 3.88 40.95
N LEU A 584 26.43 2.61 40.55
CA LEU A 584 25.46 1.74 41.21
C LEU A 584 25.74 1.60 42.70
N GLU A 585 27.02 1.57 43.10
CA GLU A 585 27.37 1.30 44.49
C GLU A 585 27.04 2.45 45.44
N ASP A 586 26.91 3.67 44.93
CA ASP A 586 26.83 4.85 45.78
C ASP A 586 25.36 5.23 45.97
N LEU A 587 24.70 4.44 46.81
CA LEU A 587 23.28 4.63 47.09
C LEU A 587 23.07 5.80 48.04
N SER A 588 21.87 6.40 47.95
CA SER A 588 21.49 7.52 48.80
C SER A 588 20.65 7.03 49.96
N PRO A 589 20.70 7.69 51.14
CA PRO A 589 21.56 8.81 51.51
C PRO A 589 23.02 8.40 51.42
N LEU A 590 23.90 9.32 51.06
CA LEU A 590 25.28 8.99 50.71
C LEU A 590 26.09 8.72 51.98
N ILE A 591 26.84 7.62 51.97
CA ILE A 591 27.74 7.29 53.08
C ILE A 591 28.93 8.24 53.02
N PRO A 592 29.75 8.32 54.07
CA PRO A 592 30.96 9.16 53.99
C PRO A 592 31.91 8.65 52.93
N ARG A 593 32.59 9.59 52.28
CA ARG A 593 33.48 9.25 51.16
C ARG A 593 34.56 8.28 51.61
N ASP A 594 35.19 8.54 52.77
CA ASP A 594 36.27 7.68 53.23
C ASP A 594 35.78 6.26 53.49
N VAL A 595 34.52 6.12 53.92
CA VAL A 595 33.96 4.79 54.09
C VAL A 595 33.80 4.10 52.74
N LEU A 596 33.21 4.81 51.77
CA LEU A 596 33.06 4.25 50.43
C LEU A 596 34.41 3.87 49.84
N GLU A 597 35.43 4.71 50.07
CA GLU A 597 36.77 4.41 49.56
C GLU A 597 37.26 3.05 50.05
N GLN A 598 37.07 2.76 51.34
CA GLN A 598 37.50 1.46 51.86
C GLN A 598 36.61 0.34 51.36
N ALA A 599 35.35 0.64 51.05
CA ALA A 599 34.42 -0.39 50.60
C ALA A 599 34.70 -0.84 49.17
N MET A 600 35.35 -0.01 48.35
CA MET A 600 35.55 -0.29 46.94
C MET A 600 36.94 -0.86 46.71
N ILE A 601 37.01 -2.07 46.12
CA ILE A 601 38.28 -2.76 45.99
C ILE A 601 39.30 -1.90 45.27
N GLY A 602 38.89 -1.25 44.19
CA GLY A 602 39.81 -0.43 43.42
C GLY A 602 39.69 1.06 43.67
N GLY A 603 39.04 1.43 44.76
CA GLY A 603 38.77 2.83 45.04
C GLY A 603 37.52 3.32 44.34
N MET A 604 36.93 4.38 44.91
CA MET A 604 35.63 4.81 44.45
C MET A 604 35.71 5.32 43.00
N HIS A 605 34.53 5.44 42.38
CA HIS A 605 34.44 5.94 41.02
C HIS A 605 34.66 7.45 40.99
N GLU A 606 35.17 7.95 39.88
CA GLU A 606 35.45 9.37 39.73
C GLU A 606 34.24 10.22 40.13
N LYS A 607 33.03 9.74 39.81
CA LYS A 607 31.82 10.52 40.09
C LYS A 607 31.58 10.70 41.58
N SER A 608 31.97 9.71 42.39
CA SER A 608 31.65 9.76 43.81
C SER A 608 32.53 10.74 44.57
N LYS A 609 33.77 10.95 44.12
CA LYS A 609 34.75 11.72 44.90
C LYS A 609 34.22 13.10 45.27
N THR A 610 33.43 13.72 44.38
CA THR A 610 32.99 15.10 44.56
C THR A 610 31.67 15.24 45.32
N LEU A 611 31.00 14.13 45.62
CA LEU A 611 29.69 14.17 46.27
C LEU A 611 29.83 14.41 47.77
N ASP B 4 19.98 29.99 26.92
CA ASP B 4 19.59 30.88 28.00
C ASP B 4 18.21 31.37 27.71
N ASN B 5 17.76 31.27 26.49
CA ASN B 5 16.40 31.71 26.21
C ASN B 5 15.48 30.54 25.83
N LYS B 6 15.51 29.46 26.62
CA LYS B 6 14.72 28.28 26.32
C LYS B 6 13.67 28.05 27.41
N VAL B 7 12.54 27.48 27.01
CA VAL B 7 11.44 27.16 27.90
C VAL B 7 11.27 25.66 27.95
N LYS B 8 10.75 25.17 29.08
CA LYS B 8 10.50 23.75 29.25
C LYS B 8 9.32 23.32 28.38
N VAL B 9 9.49 22.19 27.66
CA VAL B 9 8.45 21.74 26.75
C VAL B 9 7.13 21.57 27.49
N ALA B 10 7.18 21.02 28.72
CA ALA B 10 5.97 20.81 29.48
C ALA B 10 5.26 22.14 29.75
N GLU B 11 6.02 23.21 29.99
CA GLU B 11 5.40 24.51 30.21
C GLU B 11 4.73 25.02 28.94
N LEU B 12 5.30 24.71 27.77
CA LEU B 12 4.65 25.07 26.52
C LEU B 12 3.37 24.28 26.32
N VAL B 13 3.38 22.99 26.69
CA VAL B 13 2.17 22.18 26.60
C VAL B 13 1.08 22.75 27.49
N ALA B 14 1.44 23.10 28.73
CA ALA B 14 0.46 23.72 29.61
C ALA B 14 -0.09 25.00 29.00
N GLU B 15 0.78 25.78 28.36
CA GLU B 15 0.33 26.99 27.67
C GLU B 15 -0.61 26.64 26.54
N ALA B 16 -0.29 25.57 25.80
CA ALA B 16 -1.14 25.18 24.67
C ALA B 16 -2.53 24.80 25.14
N LEU B 17 -2.64 24.07 26.25
CA LEU B 17 -3.95 23.62 26.73
C LEU B 17 -4.86 24.80 27.04
N GLU B 18 -4.30 25.88 27.59
CA GLU B 18 -5.11 27.06 27.83
C GLU B 18 -5.55 27.69 26.52
N ASN B 19 -4.64 27.79 25.54
CA ASN B 19 -4.99 28.36 24.26
C ASN B 19 -6.02 27.53 23.52
N LEU B 20 -6.10 26.23 23.83
CA LEU B 20 -7.09 25.34 23.25
C LEU B 20 -8.39 25.31 24.04
N GLY B 21 -8.45 26.02 25.16
CA GLY B 21 -9.66 26.04 25.97
C GLY B 21 -9.91 24.78 26.77
N ILE B 22 -8.87 24.01 27.07
CA ILE B 22 -9.01 22.80 27.87
C ILE B 22 -8.84 23.21 29.33
N GLN B 23 -9.94 23.26 30.06
CA GLN B 23 -9.96 23.73 31.43
C GLN B 23 -9.94 22.61 32.46
N HIS B 24 -10.21 21.38 32.05
CA HIS B 24 -10.18 20.23 32.93
C HIS B 24 -9.42 19.08 32.30
N ALA B 25 -8.60 18.42 33.11
CA ALA B 25 -7.82 17.27 32.70
C ALA B 25 -7.95 16.19 33.78
N PHE B 26 -8.42 15.01 33.39
CA PHE B 26 -8.57 13.89 34.30
C PHE B 26 -7.42 12.91 34.10
N GLY B 27 -6.88 12.38 35.19
CA GLY B 27 -5.77 11.46 35.06
C GLY B 27 -5.23 11.02 36.40
N ILE B 28 -4.08 10.35 36.33
CA ILE B 28 -3.36 9.87 37.50
C ILE B 28 -1.89 10.14 37.26
N ILE B 29 -1.20 10.60 38.30
CA ILE B 29 0.18 11.03 38.15
C ILE B 29 1.12 9.82 38.13
N GLY B 30 2.30 10.03 37.59
CA GLY B 30 3.31 9.00 37.57
C GLY B 30 4.57 9.57 36.98
N ALA B 31 5.63 8.76 37.00
CA ALA B 31 6.91 9.21 36.47
C ALA B 31 6.77 9.71 35.04
N GLY B 32 5.96 9.02 34.23
CA GLY B 32 5.85 9.33 32.82
C GLY B 32 5.21 10.66 32.51
N ASN B 33 4.47 11.25 33.45
CA ASN B 33 3.81 12.53 33.22
C ASN B 33 3.92 13.46 34.42
N VAL B 34 4.96 13.30 35.24
CA VAL B 34 5.11 14.17 36.41
C VAL B 34 5.46 15.59 35.99
N HIS B 35 6.17 15.75 34.87
CA HIS B 35 6.48 17.08 34.38
C HIS B 35 5.23 17.79 33.87
N LEU B 36 4.32 17.04 33.24
CA LEU B 36 3.10 17.66 32.74
C LEU B 36 2.16 18.05 33.87
N PHE B 37 2.05 17.20 34.90
CA PHE B 37 1.30 17.57 36.10
C PHE B 37 1.84 18.87 36.69
N GLU B 38 3.16 18.94 36.88
CA GLU B 38 3.76 20.14 37.45
C GLU B 38 3.41 21.37 36.62
N ALA B 39 3.70 21.32 35.31
CA ALA B 39 3.54 22.51 34.47
C ALA B 39 2.09 22.95 34.40
N ILE B 40 1.15 22.00 34.28
CA ILE B 40 -0.26 22.36 34.21
C ILE B 40 -0.70 23.03 35.51
N ALA B 41 -0.30 22.44 36.65
CA ALA B 41 -0.75 22.96 37.94
C ALA B 41 -0.17 24.34 38.23
N ARG B 42 1.11 24.54 37.92
CA ARG B 42 1.74 25.84 38.12
C ARG B 42 0.98 26.93 37.37
N ARG B 43 0.64 26.67 36.10
CA ARG B 43 -0.03 27.68 35.30
C ARG B 43 -1.40 28.02 35.86
N GLY B 44 -2.09 27.05 36.44
CA GLY B 44 -3.34 27.30 37.12
C GLY B 44 -4.55 27.48 36.23
N TYR B 45 -4.41 27.32 34.91
CA TYR B 45 -5.56 27.48 34.04
C TYR B 45 -6.40 26.21 33.97
N THR B 46 -5.75 25.06 33.82
CA THR B 46 -6.42 23.78 33.65
C THR B 46 -6.47 23.05 34.99
N GLU B 47 -7.67 22.74 35.45
CA GLU B 47 -7.84 22.01 36.70
C GLU B 47 -7.58 20.52 36.44
N ILE B 48 -6.63 19.95 37.19
CA ILE B 48 -6.38 18.52 37.15
C ILE B 48 -7.29 17.86 38.18
N VAL B 49 -8.12 16.93 37.72
CA VAL B 49 -8.94 16.09 38.59
C VAL B 49 -8.25 14.74 38.69
N CYS B 50 -7.93 14.34 39.92
CA CYS B 50 -7.23 13.08 40.15
C CYS B 50 -8.26 11.98 40.40
N VAL B 51 -8.25 10.97 39.53
CA VAL B 51 -9.11 9.82 39.69
C VAL B 51 -8.28 8.66 40.25
N HIS B 52 -8.95 7.57 40.61
CA HIS B 52 -8.28 6.43 41.21
C HIS B 52 -8.16 5.23 40.27
N HIS B 53 -8.73 5.31 39.07
CA HIS B 53 -8.44 4.36 38.00
C HIS B 53 -8.47 5.13 36.69
N GLU B 54 -7.42 4.99 35.89
CA GLU B 54 -7.32 5.74 34.64
C GLU B 54 -8.53 5.52 33.75
N GLN B 55 -9.17 4.36 33.85
CA GLN B 55 -10.39 4.12 33.08
C GLN B 55 -11.44 5.20 33.34
N ALA B 56 -11.50 5.70 34.58
CA ALA B 56 -12.48 6.72 34.91
C ALA B 56 -12.15 8.06 34.27
N ALA B 57 -10.86 8.35 34.09
CA ALA B 57 -10.48 9.60 33.44
C ALA B 57 -10.87 9.60 31.97
N CYS B 58 -10.71 8.46 31.29
CA CYS B 58 -11.06 8.37 29.88
C CYS B 58 -12.55 8.25 29.64
N MET B 59 -13.34 7.96 30.67
CA MET B 59 -14.80 8.02 30.55
C MET B 59 -15.33 9.40 30.93
N ALA B 60 -14.72 10.07 31.89
CA ALA B 60 -15.25 11.35 32.36
C ALA B 60 -15.11 12.43 31.29
N VAL B 61 -14.01 12.39 30.51
CA VAL B 61 -13.82 13.38 29.45
C VAL B 61 -14.97 13.33 28.45
N GLN B 62 -15.64 12.18 28.31
CA GLN B 62 -16.73 12.04 27.36
C GLN B 62 -17.95 12.85 27.77
N THR B 63 -18.56 12.51 28.91
CA THR B 63 -19.72 13.25 29.39
C THR B 63 -19.36 14.67 29.78
N TYR B 64 -18.08 14.96 30.00
CA TYR B 64 -17.65 16.35 30.17
C TYR B 64 -17.92 17.16 28.91
N TYR B 65 -17.51 16.63 27.76
CA TYR B 65 -17.74 17.35 26.50
C TYR B 65 -19.23 17.49 26.22
N ARG B 66 -19.97 16.39 26.28
CA ARG B 66 -21.37 16.40 25.87
C ARG B 66 -22.20 17.39 26.67
N THR B 67 -21.72 17.83 27.84
CA THR B 67 -22.49 18.72 28.67
C THR B 67 -22.54 20.13 28.07
N ASN B 68 -21.37 20.72 27.80
CA ASN B 68 -21.29 22.11 27.36
C ASN B 68 -20.47 22.30 26.09
N GLY B 69 -20.06 21.22 25.42
CA GLY B 69 -19.35 21.34 24.17
C GLY B 69 -17.88 21.72 24.27
N ARG B 70 -17.27 21.56 25.45
CA ARG B 70 -15.87 21.86 25.66
C ARG B 70 -15.09 20.56 25.83
N ILE B 71 -14.03 20.38 25.04
CA ILE B 71 -13.25 19.16 25.12
C ILE B 71 -12.43 19.15 26.41
N ALA B 72 -12.17 17.95 26.92
CA ALA B 72 -11.30 17.75 28.06
C ALA B 72 -10.19 16.80 27.67
N ALA B 73 -9.15 16.79 28.49
CA ALA B 73 -7.98 15.93 28.30
C ALA B 73 -8.00 14.80 29.31
N ALA B 74 -7.36 13.69 28.94
CA ALA B 74 -7.07 12.60 29.86
C ALA B 74 -5.56 12.47 29.96
N LEU B 75 -5.04 12.56 31.18
CA LEU B 75 -3.59 12.64 31.41
C LEU B 75 -3.13 11.35 32.07
N LEU B 76 -2.58 10.45 31.26
CA LEU B 76 -2.13 9.13 31.68
C LEU B 76 -0.61 9.08 31.69
N THR B 77 -0.08 8.01 32.26
CA THR B 77 1.35 7.83 32.44
C THR B 77 1.82 6.54 31.79
N THR B 78 3.11 6.26 31.93
CA THR B 78 3.73 5.10 31.31
C THR B 78 3.05 3.81 31.76
N GLY B 79 3.16 2.78 30.92
CA GLY B 79 2.80 1.44 31.34
C GLY B 79 1.33 1.28 31.66
N ALA B 80 1.04 0.76 32.86
CA ALA B 80 -0.34 0.51 33.25
C ALA B 80 -1.17 1.77 33.31
N GLY B 81 -0.55 2.94 33.38
CA GLY B 81 -1.30 4.18 33.34
C GLY B 81 -2.03 4.36 32.01
N SER B 82 -1.45 3.87 30.93
CA SER B 82 -2.07 3.95 29.62
C SER B 82 -3.00 2.77 29.34
N THR B 83 -2.58 1.54 29.68
CA THR B 83 -3.43 0.39 29.44
C THR B 83 -4.74 0.51 30.21
N ASN B 84 -4.72 1.14 31.39
CA ASN B 84 -5.92 1.23 32.21
C ASN B 84 -7.00 2.12 31.58
N GLY B 85 -6.64 2.99 30.63
CA GLY B 85 -7.60 3.88 30.02
C GLY B 85 -8.24 3.36 28.76
N VAL B 86 -7.76 2.23 28.23
CA VAL B 86 -8.20 1.77 26.90
C VAL B 86 -9.73 1.67 26.85
N THR B 87 -10.34 1.10 27.89
CA THR B 87 -11.79 0.91 27.87
C THR B 87 -12.51 2.25 27.67
N GLY B 88 -12.02 3.31 28.31
CA GLY B 88 -12.63 4.61 28.10
C GLY B 88 -12.45 5.10 26.68
N VAL B 89 -11.29 4.82 26.08
CA VAL B 89 -11.03 5.22 24.70
C VAL B 89 -12.03 4.55 23.75
N VAL B 90 -12.32 3.27 23.99
CA VAL B 90 -13.15 2.52 23.04
C VAL B 90 -14.61 2.98 23.12
N SER B 91 -15.09 3.35 24.30
CA SER B 91 -16.47 3.83 24.42
C SER B 91 -16.66 5.18 23.72
N ALA B 92 -15.69 6.10 23.88
CA ALA B 92 -15.75 7.36 23.14
C ALA B 92 -15.60 7.15 21.65
N TRP B 93 -14.85 6.13 21.26
CA TRP B 93 -14.75 5.75 19.85
C TRP B 93 -16.08 5.26 19.32
N ALA B 94 -16.78 4.44 20.12
CA ALA B 94 -18.04 3.85 19.67
C ALA B 94 -19.18 4.85 19.69
N ASP B 95 -19.14 5.85 20.57
CA ASP B 95 -20.20 6.84 20.70
C ASP B 95 -19.88 8.15 19.99
N SER B 96 -18.77 8.20 19.26
CA SER B 96 -18.42 9.38 18.46
C SER B 96 -18.33 10.63 19.35
N ILE B 97 -17.63 10.51 20.46
CA ILE B 97 -17.48 11.59 21.43
C ILE B 97 -16.05 12.09 21.37
N PRO B 98 -15.82 13.38 21.18
CA PRO B 98 -14.44 13.88 21.11
C PRO B 98 -13.78 13.97 22.48
N CYS B 99 -12.47 13.77 22.47
CA CYS B 99 -11.64 13.87 23.66
C CYS B 99 -10.22 13.55 23.23
N ILE B 100 -9.26 13.92 24.07
CA ILE B 100 -7.85 13.74 23.76
C ILE B 100 -7.16 13.13 24.96
N VAL B 101 -6.29 12.16 24.71
CA VAL B 101 -5.49 11.51 25.73
C VAL B 101 -4.05 11.96 25.55
N ILE B 102 -3.42 12.37 26.63
CA ILE B 102 -2.01 12.76 26.63
C ILE B 102 -1.32 11.79 27.57
N ALA B 103 -0.59 10.84 27.00
CA ALA B 103 0.01 9.74 27.76
C ALA B 103 1.52 9.85 27.71
N GLY B 104 2.16 9.86 28.87
CA GLY B 104 3.60 9.84 28.95
C GLY B 104 4.14 8.46 28.62
N ASN B 105 5.46 8.36 28.60
CA ASN B 105 6.11 7.10 28.29
C ASN B 105 7.59 7.23 28.63
N GLU B 106 8.31 6.11 28.54
CA GLU B 106 9.74 6.04 28.81
C GLU B 106 10.52 7.05 27.98
N ASN B 107 11.83 7.13 28.21
N ASN B 107 11.83 7.15 28.22
CA ASN B 107 12.68 8.01 27.41
CA ASN B 107 12.66 8.04 27.43
C ASN B 107 12.55 7.66 25.94
C ASN B 107 12.59 7.66 25.96
N SER B 108 12.63 8.68 25.08
CA SER B 108 12.40 8.46 23.66
C SER B 108 13.40 7.50 23.04
N LYS B 109 14.57 7.29 23.65
CA LYS B 109 15.52 6.34 23.10
C LYS B 109 15.05 4.90 23.21
N PHE B 110 14.01 4.63 24.00
CA PHE B 110 13.41 3.31 24.08
C PHE B 110 12.16 3.15 23.22
N THR B 111 11.52 4.25 22.83
CA THR B 111 10.15 4.21 22.31
C THR B 111 10.16 4.19 20.78
N PHE B 112 10.42 3.01 20.22
CA PHE B 112 10.35 2.82 18.79
C PHE B 112 9.88 1.39 18.53
N PRO B 113 8.92 1.19 17.62
CA PRO B 113 8.34 -0.15 17.44
C PRO B 113 9.33 -1.23 17.04
N GLU B 114 10.49 -0.86 16.51
CA GLU B 114 11.48 -1.86 16.13
C GLU B 114 12.24 -2.41 17.33
N ASN B 115 11.95 -1.90 18.52
CA ASN B 115 12.62 -2.38 19.73
C ASN B 115 12.38 -3.88 19.88
N PRO B 116 13.42 -4.71 19.88
CA PRO B 116 13.21 -6.17 19.90
C PRO B 116 12.76 -6.72 21.23
N LEU B 117 12.75 -5.91 22.29
CA LEU B 117 12.40 -6.38 23.61
C LEU B 117 10.88 -6.31 23.83
N ARG B 118 10.40 -7.16 24.75
CA ARG B 118 8.97 -7.23 25.03
C ARG B 118 8.42 -5.91 25.53
N MET B 119 9.25 -5.14 26.23
CA MET B 119 8.83 -3.88 26.82
C MET B 119 9.89 -2.83 26.56
N TRP B 120 9.48 -1.57 26.69
CA TRP B 120 10.34 -0.42 26.41
C TRP B 120 10.85 0.16 27.71
N GLY B 121 12.15 0.40 27.77
CA GLY B 121 12.76 0.92 28.98
C GLY B 121 12.42 0.10 30.21
N VAL B 122 11.81 0.75 31.21
CA VAL B 122 11.50 0.09 32.46
C VAL B 122 10.14 -0.57 32.41
N GLN B 123 9.10 0.17 31.99
CA GLN B 123 7.73 -0.37 32.02
C GLN B 123 6.87 0.18 30.89
N GLY B 124 7.46 0.44 29.73
CA GLY B 124 6.75 1.09 28.64
C GLY B 124 6.35 0.17 27.50
N TYR B 125 5.35 0.58 26.73
CA TYR B 125 4.92 -0.16 25.55
C TYR B 125 4.46 0.84 24.51
N ASP B 126 4.14 0.34 23.32
CA ASP B 126 3.64 1.17 22.23
C ASP B 126 2.16 1.45 22.50
N SER B 127 1.90 2.51 23.28
CA SER B 127 0.52 2.87 23.59
C SER B 127 -0.23 3.34 22.36
N CYS B 128 0.47 3.77 21.31
CA CYS B 128 -0.23 4.21 20.11
C CYS B 128 -0.79 3.03 19.32
N GLN B 129 -0.01 1.96 19.17
CA GLN B 129 -0.47 0.79 18.45
C GLN B 129 -1.67 0.14 19.13
N MET B 130 -1.73 0.18 20.45
CA MET B 130 -2.80 -0.52 21.17
C MET B 130 -4.18 0.11 20.92
N VAL B 131 -4.23 1.37 20.51
CA VAL B 131 -5.50 2.05 20.25
C VAL B 131 -5.62 2.45 18.78
N GLU B 132 -4.80 1.86 17.91
CA GLU B 132 -4.83 2.18 16.49
C GLU B 132 -6.21 1.98 15.88
N ARG B 133 -6.93 0.93 16.29
CA ARG B 133 -8.20 0.57 15.67
C ARG B 133 -9.42 1.07 16.45
N VAL B 134 -9.22 1.92 17.46
CA VAL B 134 -10.32 2.39 18.29
C VAL B 134 -10.15 3.87 18.62
N SER B 135 -9.44 4.58 17.75
CA SER B 135 -9.23 6.01 17.93
C SER B 135 -8.97 6.62 16.55
N LYS B 136 -9.15 7.93 16.47
CA LYS B 136 -9.09 8.61 15.19
C LYS B 136 -7.67 8.95 14.78
N TYR B 137 -6.77 9.13 15.74
CA TYR B 137 -5.42 9.59 15.46
C TYR B 137 -4.53 9.20 16.64
N GLN B 138 -3.31 8.76 16.33
CA GLN B 138 -2.31 8.45 17.35
C GLN B 138 -0.96 8.94 16.87
N MET B 139 -0.22 9.63 17.75
CA MET B 139 1.11 10.10 17.41
C MET B 139 1.96 10.12 18.67
N ARG B 140 3.22 9.71 18.50
CA ARG B 140 4.24 9.81 19.53
C ARG B 140 5.17 10.96 19.17
N VAL B 141 5.28 11.94 20.05
CA VAL B 141 6.13 13.10 19.83
C VAL B 141 7.58 12.69 20.07
N THR B 142 8.42 12.82 19.04
CA THR B 142 9.83 12.48 19.14
C THR B 142 10.76 13.67 18.97
N LYS B 143 10.25 14.82 18.52
CA LYS B 143 11.00 16.07 18.49
C LYS B 143 10.27 17.09 19.35
N MET B 144 11.02 17.75 20.23
CA MET B 144 10.39 18.70 21.15
C MET B 144 9.61 19.78 20.41
N GLU B 145 10.08 20.17 19.23
CA GLU B 145 9.50 21.31 18.52
C GLU B 145 8.09 21.04 17.99
N ARG B 146 7.64 19.80 18.00
CA ARG B 146 6.32 19.45 17.48
C ARG B 146 5.38 18.97 18.58
N ALA B 147 5.76 19.12 19.86
CA ALA B 147 4.91 18.64 20.94
C ALA B 147 3.56 19.35 20.94
N VAL B 148 3.56 20.68 20.76
CA VAL B 148 2.30 21.42 20.70
C VAL B 148 1.60 21.18 19.38
N TYR B 149 2.37 21.02 18.29
CA TYR B 149 1.78 20.73 16.99
C TYR B 149 0.81 19.56 17.07
N GLU B 150 1.22 18.49 17.75
CA GLU B 150 0.42 17.27 17.78
C GLU B 150 -0.76 17.38 18.75
N LEU B 151 -0.67 18.23 19.77
CA LEU B 151 -1.83 18.49 20.62
C LEU B 151 -2.89 19.27 19.87
N GLU B 152 -2.50 20.33 19.16
CA GLU B 152 -3.45 21.07 18.33
C GLU B 152 -4.04 20.18 17.26
N LYS B 153 -3.21 19.33 16.65
CA LYS B 153 -3.69 18.37 15.66
C LYS B 153 -4.62 17.35 16.29
N GLY B 154 -4.25 16.83 17.47
CA GLY B 154 -5.09 15.85 18.13
C GLY B 154 -6.46 16.39 18.47
N VAL B 155 -6.53 17.65 18.90
CA VAL B 155 -7.82 18.22 19.29
C VAL B 155 -8.67 18.48 18.05
N HIS B 156 -8.05 18.91 16.96
CA HIS B 156 -8.80 19.17 15.73
C HIS B 156 -9.33 17.88 15.13
N LEU B 157 -8.49 16.85 15.05
CA LEU B 157 -8.94 15.57 14.52
C LEU B 157 -10.00 14.93 15.41
N ALA B 158 -9.91 15.14 16.72
CA ALA B 158 -10.94 14.64 17.61
C ALA B 158 -12.30 15.27 17.32
N LEU B 159 -12.32 16.55 16.93
CA LEU B 159 -13.57 17.28 16.76
C LEU B 159 -14.10 17.28 15.33
N GLU B 160 -13.24 17.05 14.33
CA GLU B 160 -13.68 17.12 12.95
C GLU B 160 -14.54 15.91 12.59
N GLY B 161 -15.28 16.06 11.49
CA GLY B 161 -16.05 14.95 10.94
C GLY B 161 -16.88 14.26 12.00
N ARG B 162 -16.80 12.93 12.02
CA ARG B 162 -17.38 12.13 13.08
C ARG B 162 -16.46 12.19 14.30
N PRO B 163 -16.85 12.89 15.37
CA PRO B 163 -15.92 13.08 16.49
C PRO B 163 -15.48 11.75 17.09
N GLY B 164 -14.32 11.78 17.74
CA GLY B 164 -13.77 10.60 18.38
C GLY B 164 -12.55 10.93 19.22
N PRO B 165 -12.00 9.92 19.89
CA PRO B 165 -10.82 10.15 20.72
C PRO B 165 -9.53 10.15 19.92
N THR B 166 -8.58 10.96 20.38
CA THR B 166 -7.23 11.00 19.84
C THR B 166 -6.23 10.71 20.94
N TRP B 167 -5.08 10.18 20.55
CA TRP B 167 -4.08 9.69 21.49
C TRP B 167 -2.73 10.32 21.12
N ILE B 168 -2.25 11.21 21.98
CA ILE B 168 -0.93 11.82 21.81
C ILE B 168 -0.03 11.30 22.93
N GLU B 169 1.10 10.71 22.54
CA GLU B 169 2.08 10.18 23.48
C GLU B 169 3.31 11.06 23.47
N ILE B 170 3.79 11.44 24.66
CA ILE B 170 4.96 12.30 24.80
C ILE B 170 5.95 11.68 25.77
N PRO B 171 7.05 11.07 25.29
CA PRO B 171 8.06 10.52 26.21
C PRO B 171 8.51 11.49 27.28
N MET B 172 9.03 10.95 28.38
CA MET B 172 9.53 11.77 29.49
C MET B 172 10.50 12.84 29.01
N ASP B 173 11.58 12.43 28.36
CA ASP B 173 12.64 13.37 28.01
C ASP B 173 12.16 14.45 27.07
N ILE B 174 11.09 14.21 26.32
CA ILE B 174 10.51 15.28 25.51
C ILE B 174 9.81 16.28 26.42
N GLN B 175 9.18 15.80 27.51
CA GLN B 175 8.47 16.70 28.41
C GLN B 175 9.42 17.63 29.14
N SER B 176 10.53 17.09 29.65
CA SER B 176 11.49 17.86 30.43
C SER B 176 12.48 18.63 29.58
N GLY B 177 12.51 18.40 28.27
CA GLY B 177 13.38 19.15 27.40
C GLY B 177 13.05 20.63 27.40
N ARG B 178 13.98 21.39 26.84
CA ARG B 178 13.84 22.81 26.73
C ARG B 178 14.15 23.33 25.33
N ILE B 179 13.29 24.17 24.76
CA ILE B 179 13.54 24.72 23.42
C ILE B 179 13.27 26.23 23.30
N ASP B 180 13.84 26.89 22.31
CA ASP B 180 13.56 28.27 22.07
C ASP B 180 12.13 28.25 21.63
N PRO B 181 11.25 29.01 22.24
CA PRO B 181 9.84 28.92 21.87
C PRO B 181 9.51 29.43 20.48
N ALA B 182 10.41 30.16 19.89
CA ALA B 182 10.25 30.59 18.56
C ALA B 182 10.23 29.35 17.71
N THR B 183 10.93 28.31 18.14
CA THR B 183 11.01 27.12 17.30
C THR B 183 9.78 26.22 17.42
N LEU B 184 8.75 26.62 18.16
CA LEU B 184 7.56 25.80 18.30
C LEU B 184 6.74 25.80 17.02
N GLU B 185 6.50 24.61 16.47
CA GLU B 185 5.66 24.48 15.30
C GLU B 185 4.20 24.41 15.72
N HIS B 186 3.32 24.93 14.87
CA HIS B 186 1.89 24.95 15.14
C HIS B 186 1.14 24.30 13.99
N TYR B 187 -0.01 23.72 14.32
CA TYR B 187 -0.83 22.98 13.38
C TYR B 187 -1.93 23.90 12.83
N VAL B 188 -1.98 24.02 11.51
CA VAL B 188 -3.02 24.80 10.83
C VAL B 188 -4.05 23.82 10.30
N ALA B 189 -5.29 23.94 10.75
CA ALA B 189 -6.32 23.02 10.34
C ALA B 189 -6.68 23.23 8.87
N PRO B 190 -6.81 22.18 8.08
CA PRO B 190 -7.25 22.36 6.69
C PRO B 190 -8.62 23.03 6.64
N PRO B 191 -9.03 23.52 5.47
CA PRO B 191 -10.35 24.16 5.38
C PRO B 191 -11.47 23.17 5.65
N ALA B 192 -12.51 23.65 6.32
CA ALA B 192 -13.65 22.80 6.66
C ALA B 192 -14.35 22.36 5.37
N PRO B 193 -14.76 21.10 5.27
CA PRO B 193 -15.36 20.63 4.02
C PRO B 193 -16.70 21.30 3.77
N ASP B 194 -17.06 21.36 2.49
CA ASP B 194 -18.37 21.82 2.05
C ASP B 194 -19.16 20.58 1.66
N TYR B 195 -20.05 20.15 2.56
CA TYR B 195 -20.81 18.93 2.30
C TYR B 195 -21.88 19.14 1.24
N LEU B 196 -22.37 20.37 1.08
CA LEU B 196 -23.55 20.64 0.27
C LEU B 196 -23.16 20.83 -1.19
N THR B 197 -22.65 19.74 -1.76
CA THR B 197 -22.31 19.70 -3.19
C THR B 197 -23.57 19.58 -4.02
N PRO B 198 -23.45 19.71 -5.35
CA PRO B 198 -24.64 19.49 -6.20
C PRO B 198 -25.26 18.12 -6.02
N ALA B 199 -24.43 17.09 -5.83
CA ALA B 199 -24.96 15.75 -5.66
C ALA B 199 -25.75 15.62 -4.36
N VAL B 200 -25.25 16.20 -3.27
CA VAL B 200 -25.97 16.15 -2.01
C VAL B 200 -27.20 17.05 -2.08
N ALA B 201 -27.04 18.25 -2.65
CA ALA B 201 -28.18 19.15 -2.84
C ALA B 201 -29.32 18.45 -3.57
N ALA B 202 -28.99 17.55 -4.50
CA ALA B 202 -30.02 16.78 -5.20
C ALA B 202 -30.66 15.75 -4.29
N GLN B 203 -29.90 15.19 -3.34
CA GLN B 203 -30.47 14.23 -2.41
C GLN B 203 -31.39 14.91 -1.39
N VAL B 204 -31.11 16.16 -1.04
CA VAL B 204 -32.01 16.90 -0.18
C VAL B 204 -33.33 17.15 -0.90
N ASP B 205 -33.27 17.46 -2.21
CA ASP B 205 -34.49 17.63 -2.99
C ASP B 205 -35.31 16.35 -2.98
N SER B 206 -34.66 15.20 -3.20
CA SER B 206 -35.36 13.92 -3.20
C SER B 206 -36.04 13.67 -1.87
N VAL B 207 -35.35 13.96 -0.75
CA VAL B 207 -35.95 13.80 0.56
C VAL B 207 -37.16 14.73 0.72
N LEU B 208 -37.03 15.98 0.27
CA LEU B 208 -38.15 16.92 0.40
C LEU B 208 -39.33 16.49 -0.48
N ALA B 209 -39.06 15.88 -1.63
CA ALA B 209 -40.14 15.34 -2.45
C ALA B 209 -40.84 14.19 -1.74
N ALA B 210 -40.08 13.30 -1.10
CA ALA B 210 -40.68 12.17 -0.42
C ALA B 210 -41.48 12.63 0.80
N LEU B 211 -40.97 13.62 1.54
CA LEU B 211 -41.69 14.09 2.71
C LEU B 211 -43.00 14.77 2.33
N ALA B 212 -43.00 15.54 1.23
CA ALA B 212 -44.22 16.20 0.80
C ALA B 212 -45.28 15.20 0.32
N LYS B 213 -44.84 14.09 -0.24
CA LYS B 213 -45.75 13.07 -0.76
C LYS B 213 -46.16 12.04 0.29
N ALA B 214 -45.30 11.78 1.28
CA ALA B 214 -45.55 10.69 2.21
C ALA B 214 -46.78 10.96 3.07
N GLU B 215 -47.59 9.92 3.27
CA GLU B 215 -48.78 10.01 4.11
C GLU B 215 -48.50 9.61 5.55
N ARG B 216 -47.49 8.78 5.77
CA ARG B 216 -47.16 8.27 7.10
C ARG B 216 -45.65 8.36 7.33
N PRO B 217 -45.11 9.57 7.37
CA PRO B 217 -43.66 9.72 7.52
C PRO B 217 -43.24 9.67 8.97
N VAL B 218 -42.01 9.21 9.18
CA VAL B 218 -41.40 9.17 10.51
C VAL B 218 -39.96 9.62 10.40
N LEU B 219 -39.59 10.65 11.15
CA LEU B 219 -38.21 11.06 11.29
C LEU B 219 -37.60 10.35 12.48
N TRP B 220 -36.35 9.89 12.31
CA TRP B 220 -35.60 9.21 13.37
C TRP B 220 -34.37 10.06 13.65
N LEU B 221 -34.40 10.79 14.75
CA LEU B 221 -33.36 11.77 15.09
C LEU B 221 -32.39 11.17 16.09
N GLY B 222 -31.09 11.41 15.85
CA GLY B 222 -30.04 10.80 16.64
C GLY B 222 -29.06 11.83 17.17
N ASN B 223 -28.16 11.36 18.03
CA ASN B 223 -27.21 12.24 18.71
C ASN B 223 -26.26 12.93 17.75
N GLY B 224 -26.13 12.41 16.52
CA GLY B 224 -25.33 13.11 15.53
C GLY B 224 -25.80 14.54 15.30
N ILE B 225 -27.10 14.78 15.47
CA ILE B 225 -27.61 16.15 15.38
C ILE B 225 -27.01 17.01 16.48
N ARG B 226 -27.06 16.53 17.73
CA ARG B 226 -26.47 17.30 18.82
C ARG B 226 -24.98 17.52 18.58
N LEU B 227 -24.27 16.47 18.16
CA LEU B 227 -22.84 16.59 17.94
C LEU B 227 -22.54 17.63 16.86
N ALA B 228 -23.45 17.81 15.91
CA ALA B 228 -23.26 18.81 14.86
C ALA B 228 -23.72 20.19 15.29
N GLY B 229 -24.37 20.31 16.43
CA GLY B 229 -24.86 21.59 16.90
C GLY B 229 -26.15 22.05 16.25
N GLY B 230 -27.02 21.12 15.89
CA GLY B 230 -28.25 21.49 15.21
C GLY B 230 -29.52 21.06 15.93
N GLU B 231 -29.44 20.88 17.24
CA GLU B 231 -30.61 20.41 17.98
C GLU B 231 -31.69 21.48 18.04
N ARG B 232 -31.32 22.76 17.98
CA ARG B 232 -32.32 23.83 18.03
C ARG B 232 -33.12 23.95 16.75
N LEU B 233 -32.72 23.28 15.68
CA LEU B 233 -33.45 23.29 14.43
C LEU B 233 -34.56 22.24 14.36
N LEU B 234 -34.65 21.35 15.37
CA LEU B 234 -35.58 20.24 15.28
C LEU B 234 -37.01 20.70 15.51
N LYS B 235 -37.26 21.46 16.58
CA LYS B 235 -38.61 21.92 16.86
C LYS B 235 -39.22 22.66 15.68
N PRO B 236 -38.53 23.59 15.02
CA PRO B 236 -39.11 24.21 13.82
C PRO B 236 -39.21 23.26 12.63
N LEU B 237 -38.37 22.24 12.55
CA LEU B 237 -38.42 21.32 11.42
C LEU B 237 -39.64 20.42 11.48
N LEU B 238 -39.88 19.79 12.64
CA LEU B 238 -41.00 18.88 12.76
C LEU B 238 -42.33 19.62 12.61
N GLU B 239 -42.44 20.81 13.19
CA GLU B 239 -43.67 21.56 13.07
C GLU B 239 -43.92 22.00 11.64
N LYS B 240 -42.88 22.37 10.92
CA LYS B 240 -43.02 22.76 9.53
C LYS B 240 -43.47 21.62 8.68
N LEU B 241 -42.97 20.44 8.95
CA LEU B 241 -43.31 19.26 8.16
C LEU B 241 -44.60 18.59 8.64
N GLY B 242 -44.97 18.78 9.90
CA GLY B 242 -46.09 18.06 10.47
C GLY B 242 -45.88 16.57 10.52
N SER B 243 -44.61 16.13 10.62
CA SER B 243 -44.28 14.71 10.58
C SER B 243 -43.98 14.18 11.97
N PRO B 244 -44.54 13.04 12.38
CA PRO B 244 -44.12 12.41 13.64
C PRO B 244 -42.63 12.10 13.61
N ALA B 245 -42.05 12.03 14.81
CA ALA B 245 -40.61 11.82 14.95
C ALA B 245 -40.33 10.88 16.10
N LEU B 246 -39.37 9.99 15.90
CA LEU B 246 -38.80 9.16 16.96
C LEU B 246 -37.38 9.67 17.27
N VAL B 247 -36.91 9.35 18.48
CA VAL B 247 -35.57 9.72 18.92
C VAL B 247 -34.82 8.45 19.29
N SER B 248 -33.52 8.44 19.01
CA SER B 248 -32.67 7.37 19.48
C SER B 248 -32.40 7.53 20.97
N TRP B 249 -32.02 6.42 21.61
CA TRP B 249 -31.73 6.46 23.04
C TRP B 249 -30.73 7.57 23.38
N ALA B 250 -29.66 7.67 22.59
CA ALA B 250 -28.66 8.70 22.87
C ALA B 250 -29.18 10.10 22.60
N GLY B 251 -30.19 10.25 21.75
CA GLY B 251 -30.72 11.55 21.40
C GLY B 251 -32.06 11.85 22.02
N ILE B 252 -32.34 11.25 23.18
CA ILE B 252 -33.62 11.47 23.85
C ILE B 252 -33.78 12.94 24.26
N ASP B 253 -32.69 13.54 24.74
CA ASP B 253 -32.76 14.87 25.34
C ASP B 253 -32.71 16.00 24.34
N MET B 254 -32.75 15.70 23.03
CA MET B 254 -32.74 16.76 22.02
C MET B 254 -34.10 17.44 21.87
N LEU B 255 -35.19 16.70 22.08
CA LEU B 255 -36.53 17.25 22.00
C LEU B 255 -37.31 16.91 23.25
N ASP B 256 -38.21 17.81 23.63
CA ASP B 256 -39.12 17.55 24.74
C ASP B 256 -39.93 16.30 24.45
N SER B 257 -39.85 15.32 25.35
CA SER B 257 -40.53 14.05 25.12
C SER B 257 -42.04 14.21 24.98
N SER B 258 -42.61 15.26 25.56
CA SER B 258 -44.04 15.52 25.47
C SER B 258 -44.40 16.44 24.31
N HIS B 259 -43.45 16.72 23.42
CA HIS B 259 -43.76 17.50 22.22
C HIS B 259 -44.81 16.77 21.38
N PRO B 260 -45.79 17.48 20.81
CA PRO B 260 -46.92 16.79 20.16
C PRO B 260 -46.52 15.90 19.00
N LEU B 261 -45.29 16.02 18.48
CA LEU B 261 -44.86 15.24 17.34
C LEU B 261 -43.73 14.28 17.68
N VAL B 262 -43.41 14.12 18.96
CA VAL B 262 -42.38 13.18 19.41
C VAL B 262 -43.08 12.00 20.04
N PHE B 263 -42.84 10.80 19.49
CA PHE B 263 -43.57 9.60 19.87
C PHE B 263 -42.67 8.49 20.38
N GLY B 264 -41.53 8.86 20.97
CA GLY B 264 -40.76 7.91 21.74
C GLY B 264 -39.58 7.28 21.04
N ARG B 265 -39.22 6.07 21.49
CA ARG B 265 -37.97 5.42 21.13
C ARG B 265 -38.26 3.99 20.71
N ALA B 266 -37.74 3.59 19.56
CA ALA B 266 -37.97 2.26 19.01
C ALA B 266 -36.71 1.42 19.08
N GLY B 267 -36.88 0.12 18.96
CA GLY B 267 -35.76 -0.80 18.91
C GLY B 267 -36.13 -2.13 19.52
N VAL B 268 -35.10 -2.97 19.71
CA VAL B 268 -35.30 -4.25 20.38
C VAL B 268 -35.76 -4.04 21.81
N TYR B 269 -35.38 -2.91 22.41
CA TYR B 269 -35.90 -2.47 23.70
C TYR B 269 -36.75 -1.22 23.54
N GLY B 270 -37.48 -1.12 22.43
CA GLY B 270 -38.27 0.06 22.17
C GLY B 270 -39.61 0.01 22.87
N GLN B 271 -40.31 1.13 22.77
CA GLN B 271 -41.67 1.23 23.30
C GLN B 271 -42.65 0.65 22.27
N ARG B 272 -43.67 -0.04 22.78
CA ARG B 272 -44.62 -0.71 21.90
C ARG B 272 -45.17 0.27 20.86
N ALA B 273 -45.62 1.45 21.31
CA ALA B 273 -46.15 2.43 20.37
C ALA B 273 -45.09 2.91 19.39
N ALA B 274 -43.86 3.10 19.87
CA ALA B 274 -42.80 3.56 18.98
C ALA B 274 -42.53 2.55 17.87
N ASN B 275 -42.54 1.26 18.18
CA ASN B 275 -42.30 0.24 17.17
C ASN B 275 -43.44 0.18 16.14
N PHE B 276 -44.69 0.25 16.60
CA PHE B 276 -45.81 0.24 15.67
C PHE B 276 -45.76 1.45 14.74
N ILE B 277 -45.41 2.62 15.29
CA ILE B 277 -45.26 3.81 14.46
C ILE B 277 -44.19 3.60 13.39
N LEU B 278 -43.04 3.05 13.81
CA LEU B 278 -41.94 2.83 12.88
C LEU B 278 -42.31 1.83 11.80
N GLN B 279 -42.91 0.71 12.19
CA GLN B 279 -43.12 -0.39 11.28
C GLN B 279 -44.33 -0.19 10.36
N ASN B 280 -45.19 0.78 10.63
CA ASN B 280 -46.33 1.07 9.79
C ASN B 280 -46.14 2.31 8.93
N SER B 281 -44.96 2.90 8.95
CA SER B 281 -44.72 4.10 8.18
C SER B 281 -44.49 3.75 6.70
N ASP B 282 -44.61 4.78 5.85
CA ASP B 282 -44.30 4.65 4.44
C ASP B 282 -43.06 5.43 4.04
N TYR B 283 -42.48 6.18 4.97
CA TYR B 283 -41.21 6.87 4.71
C TYR B 283 -40.51 7.11 6.04
N VAL B 284 -39.24 6.72 6.11
CA VAL B 284 -38.42 6.91 7.30
C VAL B 284 -37.21 7.73 6.91
N LEU B 285 -37.04 8.89 7.56
CA LEU B 285 -35.90 9.77 7.35
C LEU B 285 -35.07 9.79 8.63
N ALA B 286 -33.91 9.14 8.60
CA ALA B 286 -33.02 9.02 9.74
C ALA B 286 -31.93 10.08 9.64
N ILE B 287 -31.79 10.91 10.68
CA ILE B 287 -30.83 12.00 10.68
C ILE B 287 -29.96 11.90 11.92
N GLY B 288 -28.66 11.68 11.74
CA GLY B 288 -27.74 11.62 12.85
C GLY B 288 -27.89 10.42 13.74
N THR B 289 -28.59 9.38 13.29
CA THR B 289 -28.73 8.14 14.05
C THR B 289 -28.00 7.03 13.33
N ARG B 290 -27.34 6.17 14.10
CA ARG B 290 -26.49 5.14 13.52
C ARG B 290 -27.31 3.97 12.99
N LEU B 291 -28.58 3.87 13.40
CA LEU B 291 -29.41 2.72 13.03
C LEU B 291 -28.69 1.43 13.39
N ALA B 292 -28.30 1.34 14.66
CA ALA B 292 -27.54 0.21 15.16
C ALA B 292 -28.45 -1.01 15.30
N ILE B 293 -27.83 -2.17 15.51
CA ILE B 293 -28.58 -3.42 15.66
C ILE B 293 -29.68 -3.26 16.72
N PRO B 294 -29.41 -2.76 17.93
CA PRO B 294 -30.49 -2.59 18.91
C PRO B 294 -31.61 -1.67 18.46
N GLN B 295 -31.43 -0.91 17.37
CA GLN B 295 -32.47 0.01 16.92
C GLN B 295 -33.39 -0.60 15.86
N ILE B 296 -32.82 -1.36 14.92
CA ILE B 296 -33.56 -1.83 13.74
C ILE B 296 -33.82 -3.32 13.78
N GLY B 297 -33.34 -4.03 14.79
CA GLY B 297 -33.53 -5.46 14.85
C GLY B 297 -32.40 -6.22 14.17
N TYR B 298 -32.72 -7.46 13.77
CA TYR B 298 -31.73 -8.37 13.21
C TYR B 298 -32.00 -8.75 11.76
N ASP B 299 -32.97 -8.10 11.10
CA ASP B 299 -33.25 -8.37 9.70
C ASP B 299 -33.69 -7.06 9.06
N LEU B 300 -32.89 -6.53 8.14
CA LEU B 300 -33.26 -5.32 7.42
C LEU B 300 -34.58 -5.51 6.67
N ASN B 301 -34.74 -6.66 6.01
CA ASN B 301 -35.95 -6.93 5.25
C ASN B 301 -37.22 -6.89 6.10
N GLU B 302 -37.09 -6.90 7.43
CA GLU B 302 -38.23 -6.83 8.32
C GLU B 302 -38.43 -5.44 8.92
N LEU B 303 -37.61 -4.47 8.55
CA LEU B 303 -37.68 -3.13 9.11
C LEU B 303 -38.59 -2.25 8.26
N ALA B 304 -39.59 -1.64 8.91
CA ALA B 304 -40.52 -0.74 8.24
C ALA B 304 -40.91 -1.23 6.85
N ARG B 305 -41.60 -2.37 6.77
CA ARG B 305 -41.78 -3.10 5.52
C ARG B 305 -42.68 -2.40 4.51
N LEU B 306 -43.23 -1.22 4.84
CA LEU B 306 -44.06 -0.47 3.91
C LEU B 306 -43.43 0.85 3.50
N ALA B 307 -42.18 1.11 3.89
CA ALA B 307 -41.61 2.45 3.79
C ALA B 307 -40.33 2.45 2.95
N ARG B 308 -40.05 3.62 2.37
CA ARG B 308 -38.72 3.94 1.86
C ARG B 308 -37.91 4.54 2.99
N ILE B 309 -36.62 4.20 3.05
CA ILE B 309 -35.77 4.58 4.18
C ILE B 309 -34.58 5.37 3.65
N ASP B 310 -34.46 6.61 4.11
CA ASP B 310 -33.32 7.47 3.80
C ASP B 310 -32.49 7.69 5.05
N VAL B 311 -31.18 7.89 4.85
CA VAL B 311 -30.21 7.95 5.94
C VAL B 311 -29.30 9.15 5.72
N VAL B 312 -29.11 9.94 6.78
CA VAL B 312 -28.18 11.05 6.79
C VAL B 312 -27.17 10.79 7.90
N ASP B 313 -25.89 10.80 7.54
CA ASP B 313 -24.84 10.50 8.51
C ASP B 313 -23.53 11.06 7.95
N ILE B 314 -22.71 11.63 8.83
CA ILE B 314 -21.46 12.23 8.40
C ILE B 314 -20.38 11.19 8.10
N ASP B 315 -20.56 9.95 8.57
CA ASP B 315 -19.62 8.86 8.33
C ASP B 315 -20.11 8.10 7.09
N GLY B 316 -19.35 8.19 6.01
CA GLY B 316 -19.75 7.50 4.79
C GLY B 316 -19.98 6.02 5.00
N ASP B 317 -19.17 5.40 5.85
CA ASP B 317 -19.30 3.96 6.08
C ASP B 317 -20.60 3.63 6.80
N GLU B 318 -21.02 4.48 7.73
CA GLU B 318 -22.28 4.23 8.42
C GLU B 318 -23.47 4.54 7.52
N ALA B 319 -23.32 5.50 6.61
CA ALA B 319 -24.46 5.95 5.81
C ALA B 319 -24.89 4.93 4.78
N ILE B 320 -24.00 4.01 4.39
CA ILE B 320 -24.31 3.05 3.33
C ILE B 320 -24.30 1.62 3.85
N LYS B 321 -24.16 1.42 5.17
CA LYS B 321 -24.13 0.06 5.67
C LYS B 321 -25.48 -0.64 5.50
N HIS B 322 -26.56 0.11 5.29
CA HIS B 322 -27.88 -0.46 5.02
C HIS B 322 -28.31 -0.22 3.58
N ALA B 323 -27.34 -0.09 2.67
CA ALA B 323 -27.64 0.32 1.30
C ALA B 323 -28.49 -0.71 0.56
N LYS B 324 -28.42 -1.98 0.94
CA LYS B 324 -29.31 -2.98 0.34
C LYS B 324 -30.76 -2.57 0.50
N ARG B 325 -31.09 -1.87 1.59
CA ARG B 325 -32.46 -1.56 1.97
C ARG B 325 -32.78 -0.08 1.85
N THR B 326 -31.85 0.81 2.19
CA THR B 326 -32.10 2.24 2.12
C THR B 326 -31.95 2.75 0.69
N GLN B 327 -32.47 3.95 0.45
CA GLN B 327 -32.46 4.55 -0.88
C GLN B 327 -31.49 5.71 -0.94
N GLU B 328 -31.85 6.86 -0.37
CA GLU B 328 -30.96 8.02 -0.32
C GLU B 328 -30.01 7.85 0.87
N ASN B 329 -28.74 7.62 0.56
CA ASN B 329 -27.68 7.55 1.56
C ASN B 329 -26.90 8.86 1.45
N ILE B 330 -27.20 9.79 2.35
CA ILE B 330 -26.67 11.14 2.28
C ILE B 330 -25.52 11.24 3.30
N VAL B 331 -24.32 11.50 2.80
CA VAL B 331 -23.14 11.68 3.63
C VAL B 331 -22.95 13.18 3.83
N CYS B 332 -23.44 13.68 4.97
CA CYS B 332 -23.49 15.11 5.20
C CYS B 332 -23.62 15.37 6.70
N ASP B 333 -23.10 16.53 7.12
CA ASP B 333 -23.26 16.95 8.50
C ASP B 333 -24.73 17.15 8.83
N ALA B 334 -25.13 16.80 10.05
CA ALA B 334 -26.56 16.79 10.37
C ALA B 334 -27.14 18.19 10.37
N ARG B 335 -26.43 19.16 10.94
CA ARG B 335 -26.93 20.53 10.97
C ARG B 335 -27.00 21.11 9.56
N VAL B 336 -25.92 20.93 8.79
CA VAL B 336 -25.92 21.41 7.40
C VAL B 336 -27.10 20.83 6.63
N PHE B 337 -27.43 19.56 6.87
CA PHE B 337 -28.54 18.94 6.17
C PHE B 337 -29.88 19.53 6.60
N ILE B 338 -30.07 19.69 7.91
CA ILE B 338 -31.34 20.25 8.39
C ILE B 338 -31.51 21.68 7.92
N GLU B 339 -30.43 22.47 7.94
CA GLU B 339 -30.51 23.82 7.41
C GLU B 339 -30.85 23.79 5.92
N ALA B 340 -30.26 22.85 5.19
CA ALA B 340 -30.52 22.75 3.76
C ALA B 340 -31.96 22.33 3.49
N LEU B 341 -32.52 21.47 4.34
CA LEU B 341 -33.91 21.06 4.18
C LEU B 341 -34.87 22.16 4.61
N LEU B 342 -34.49 22.98 5.58
CA LEU B 342 -35.34 24.09 6.01
C LEU B 342 -35.35 25.22 5.00
N ALA B 343 -34.25 25.43 4.27
CA ALA B 343 -34.24 26.43 3.23
C ALA B 343 -35.16 26.02 2.07
N ARG B 344 -35.11 24.75 1.68
CA ARG B 344 -35.97 24.28 0.61
C ARG B 344 -37.44 24.19 1.05
N LEU B 345 -37.68 24.03 2.35
CA LEU B 345 -39.05 24.02 2.85
C LEU B 345 -39.65 25.42 2.87
N ASN B 346 -38.87 26.42 3.28
CA ASN B 346 -39.32 27.79 3.36
C ASN B 346 -39.16 28.55 2.05
N ALA B 347 -38.63 27.90 1.00
CA ALA B 347 -38.46 28.56 -0.27
C ALA B 347 -39.82 28.85 -0.91
N ALA B 348 -39.79 29.68 -1.96
CA ALA B 348 -41.01 29.98 -2.69
C ALA B 348 -41.51 28.74 -3.43
N ASP B 349 -40.64 28.12 -4.23
CA ASP B 349 -40.99 26.94 -5.02
C ASP B 349 -41.06 25.67 -4.19
N ALA B 350 -41.22 25.77 -2.87
CA ALA B 350 -41.33 24.57 -2.04
C ALA B 350 -42.61 23.81 -2.39
N PRO B 351 -42.53 22.51 -2.67
CA PRO B 351 -43.74 21.76 -3.01
C PRO B 351 -44.72 21.73 -1.85
N ALA B 352 -45.99 21.49 -2.20
CA ALA B 352 -47.03 21.42 -1.19
C ALA B 352 -46.85 20.17 -0.33
N ILE B 353 -46.99 20.33 0.98
CA ILE B 353 -46.79 19.24 1.94
C ILE B 353 -48.15 18.60 2.21
N ALA B 354 -48.38 17.43 1.62
CA ALA B 354 -49.61 16.68 1.87
C ALA B 354 -49.84 16.52 3.38
N SER B 355 -51.10 16.57 3.78
CA SER B 355 -51.43 16.50 5.20
C SER B 355 -51.07 15.13 5.76
N LYS B 356 -50.56 15.13 7.00
CA LYS B 356 -50.33 13.91 7.76
C LYS B 356 -51.24 13.85 8.99
N ALA B 357 -52.32 14.62 9.00
CA ALA B 357 -53.15 14.70 10.20
C ALA B 357 -53.68 13.33 10.60
N ASP B 358 -54.06 12.51 9.62
CA ASP B 358 -54.57 11.18 9.92
C ASP B 358 -53.48 10.29 10.51
N TRP B 359 -52.28 10.37 9.95
CA TRP B 359 -51.16 9.60 10.49
C TRP B 359 -50.83 10.04 11.92
N VAL B 360 -50.79 11.35 12.16
CA VAL B 360 -50.51 11.84 13.50
C VAL B 360 -51.56 11.33 14.48
N ALA B 361 -52.83 11.36 14.07
CA ALA B 361 -53.88 10.83 14.93
C ALA B 361 -53.66 9.35 15.23
N LYS B 362 -53.28 8.58 14.21
CA LYS B 362 -53.00 7.16 14.42
C LYS B 362 -51.79 6.94 15.31
N CYS B 363 -50.83 7.86 15.28
CA CYS B 363 -49.69 7.77 16.18
C CYS B 363 -50.11 7.97 17.63
N ARG B 364 -51.05 8.89 17.87
CA ARG B 364 -51.51 9.15 19.22
C ARG B 364 -52.43 8.04 19.72
N ALA B 365 -53.23 7.46 18.83
CA ALA B 365 -54.03 6.29 19.23
C ALA B 365 -53.13 5.15 19.67
N TYR B 366 -51.99 4.99 19.00
CA TYR B 366 -51.00 3.98 19.41
C TYR B 366 -50.51 4.25 20.83
N GLU B 367 -50.26 5.52 21.16
CA GLU B 367 -49.77 5.83 22.50
C GLU B 367 -50.86 5.69 23.55
N GLU B 368 -52.12 5.94 23.18
CA GLU B 368 -53.22 5.69 24.10
C GLU B 368 -53.44 4.20 24.31
N GLN B 369 -53.19 3.39 23.28
CA GLN B 369 -53.37 1.95 23.39
C GLN B 369 -52.22 1.30 24.15
N PHE B 370 -51.01 1.80 23.98
CA PHE B 370 -49.80 1.20 24.55
C PHE B 370 -49.02 2.25 25.31
N PRO B 371 -49.41 2.52 26.56
CA PRO B 371 -48.64 3.46 27.38
C PRO B 371 -47.26 2.90 27.72
N TRP B 372 -46.33 3.81 28.03
CA TRP B 372 -44.96 3.41 28.27
C TRP B 372 -44.85 2.53 29.51
N VAL B 373 -45.63 2.84 30.54
CA VAL B 373 -45.68 2.03 31.76
C VAL B 373 -47.07 1.42 31.82
N GLY B 374 -47.18 0.14 31.47
CA GLY B 374 -48.47 -0.52 31.38
C GLY B 374 -48.65 -1.66 32.37
N ALA B 375 -49.63 -2.54 32.10
CA ALA B 375 -49.91 -3.64 32.99
C ALA B 375 -48.74 -4.61 33.10
N GLU B 376 -47.95 -4.74 32.03
CA GLU B 376 -46.78 -5.61 32.04
C GLU B 376 -45.71 -5.13 33.02
N HIS B 377 -45.85 -3.94 33.58
CA HIS B 377 -44.90 -3.41 34.55
C HIS B 377 -45.48 -3.40 35.97
N ALA B 378 -46.26 -4.43 36.30
CA ALA B 378 -46.87 -4.50 37.62
C ALA B 378 -45.83 -4.84 38.67
N ASP B 379 -46.03 -4.32 39.87
CA ASP B 379 -45.13 -4.61 40.97
C ASP B 379 -45.12 -6.11 41.24
N PRO B 380 -43.97 -6.77 41.18
CA PRO B 380 -43.93 -8.22 41.46
C PRO B 380 -43.87 -8.51 42.96
N GLU B 381 -44.97 -9.05 43.48
CA GLU B 381 -45.01 -9.69 44.80
C GLU B 381 -44.14 -9.01 45.84
N GLY B 382 -44.52 -7.81 46.27
CA GLY B 382 -43.83 -7.17 47.37
C GLY B 382 -42.53 -6.47 47.00
N PHE B 383 -42.43 -5.96 45.77
CA PHE B 383 -41.29 -5.17 45.34
C PHE B 383 -41.79 -3.99 44.54
N ILE B 384 -40.88 -3.07 44.24
CA ILE B 384 -41.15 -1.93 43.38
C ILE B 384 -40.66 -2.25 41.98
N ASN B 385 -41.54 -2.14 41.01
CA ASN B 385 -41.15 -2.38 39.62
C ASN B 385 -40.30 -1.21 39.11
N SER B 386 -39.11 -1.52 38.59
CA SER B 386 -38.16 -0.47 38.21
C SER B 386 -38.79 0.51 37.24
N TYR B 387 -39.58 0.02 36.28
CA TYR B 387 -40.23 0.91 35.33
C TYR B 387 -41.17 1.88 36.04
N ARG B 388 -41.97 1.38 37.00
CA ARG B 388 -42.84 2.25 37.77
C ARG B 388 -42.04 3.18 38.67
N PHE B 389 -40.88 2.75 39.12
CA PHE B 389 -40.04 3.64 39.94
C PHE B 389 -39.48 4.77 39.07
N MET B 390 -39.12 4.47 37.83
CA MET B 390 -38.62 5.52 36.94
C MET B 390 -39.68 6.56 36.66
N GLU B 391 -40.93 6.13 36.43
CA GLU B 391 -42.01 7.09 36.23
C GLU B 391 -42.15 8.00 37.45
N ARG B 392 -42.16 7.42 38.65
CA ARG B 392 -42.26 8.23 39.85
C ARG B 392 -41.04 9.13 40.01
N LEU B 393 -39.85 8.58 39.84
CA LEU B 393 -38.62 9.37 39.92
C LEU B 393 -38.64 10.53 38.94
N ASN B 394 -39.31 10.37 37.80
CA ASN B 394 -39.29 11.39 36.76
C ASN B 394 -39.86 12.71 37.28
N GLY B 395 -40.91 12.65 38.09
CA GLY B 395 -41.56 13.85 38.58
C GLY B 395 -40.72 14.67 39.55
N PHE B 396 -39.56 14.16 39.97
CA PHE B 396 -38.68 14.88 40.85
C PHE B 396 -37.51 15.52 40.13
N PHE B 397 -37.41 15.36 38.81
CA PHE B 397 -36.36 16.02 38.06
C PHE B 397 -36.42 17.52 38.27
N LYS B 398 -35.25 18.13 38.42
CA LYS B 398 -35.18 19.58 38.46
C LYS B 398 -35.27 20.14 37.05
N ASP B 399 -35.39 21.48 36.96
CA ASP B 399 -35.51 22.11 35.65
C ASP B 399 -34.26 21.90 34.82
N ASP B 400 -33.09 21.91 35.46
CA ASP B 400 -31.81 21.72 34.78
C ASP B 400 -31.21 20.36 35.08
N GLN B 401 -32.05 19.34 35.20
CA GLN B 401 -31.60 18.03 35.63
C GLN B 401 -30.74 17.37 34.55
N VAL B 402 -29.62 16.78 34.97
CA VAL B 402 -28.79 15.91 34.14
C VAL B 402 -28.83 14.52 34.73
N VAL B 403 -29.13 13.52 33.89
CA VAL B 403 -29.24 12.14 34.32
C VAL B 403 -28.25 11.31 33.51
N VAL B 404 -27.36 10.63 34.21
CA VAL B 404 -26.47 9.64 33.60
C VAL B 404 -26.88 8.27 34.13
N THR B 405 -26.62 7.23 33.35
CA THR B 405 -26.95 5.87 33.73
C THR B 405 -25.77 4.95 33.49
N ASP B 406 -25.79 3.82 34.20
CA ASP B 406 -24.92 2.69 33.92
C ASP B 406 -25.70 1.74 33.00
N MET B 407 -25.31 0.46 32.94
CA MET B 407 -26.03 -0.49 32.10
C MET B 407 -27.22 -1.04 32.88
N GLY B 408 -27.63 -2.26 32.57
CA GLY B 408 -28.63 -2.94 33.39
C GLY B 408 -29.93 -2.17 33.54
N THR B 409 -30.51 -2.27 34.75
CA THR B 409 -31.83 -1.70 34.99
C THR B 409 -31.83 -0.19 34.74
N ALA B 410 -30.77 0.50 35.17
CA ALA B 410 -30.71 1.94 34.97
C ALA B 410 -30.82 2.29 33.50
N LEU B 411 -30.16 1.52 32.63
CA LEU B 411 -30.21 1.78 31.19
C LEU B 411 -31.59 1.45 30.62
N LEU B 412 -32.04 0.22 30.83
CA LEU B 412 -33.25 -0.25 30.16
C LEU B 412 -34.49 0.45 30.69
N SER B 413 -34.67 0.49 32.01
CA SER B 413 -35.85 1.14 32.56
C SER B 413 -35.78 2.65 32.38
N GLY B 414 -34.58 3.23 32.42
CA GLY B 414 -34.46 4.66 32.21
C GLY B 414 -34.89 5.07 30.82
N HIS B 415 -34.29 4.47 29.79
CA HIS B 415 -34.51 4.90 28.41
C HIS B 415 -35.88 4.49 27.88
N GLN B 416 -36.62 3.64 28.57
CA GLN B 416 -37.94 3.22 28.13
C GLN B 416 -39.07 3.98 28.82
N VAL B 417 -38.77 4.79 29.84
CA VAL B 417 -39.80 5.41 30.66
C VAL B 417 -39.55 6.91 30.79
N LEU B 418 -38.31 7.28 31.09
CA LEU B 418 -38.00 8.64 31.47
C LEU B 418 -38.30 9.63 30.34
N ARG B 419 -38.85 10.78 30.71
CA ARG B 419 -39.17 11.87 29.81
C ARG B 419 -38.34 13.09 30.17
N PHE B 420 -37.93 13.85 29.15
CA PHE B 420 -37.09 15.02 29.36
C PHE B 420 -37.67 16.21 28.60
N LYS B 421 -37.41 17.39 29.13
CA LYS B 421 -37.79 18.65 28.50
C LYS B 421 -36.54 19.48 28.26
N GLU B 422 -36.68 20.52 27.43
CA GLU B 422 -35.54 21.38 27.14
C GLU B 422 -34.91 21.85 28.44
N GLY B 423 -33.57 21.84 28.47
CA GLY B 423 -32.81 22.15 29.64
C GLY B 423 -32.30 20.93 30.38
N GLN B 424 -32.88 19.76 30.14
CA GLN B 424 -32.50 18.52 30.80
C GLN B 424 -31.71 17.64 29.84
N ARG B 425 -30.74 16.91 30.38
CA ARG B 425 -29.82 16.10 29.61
C ARG B 425 -29.89 14.64 30.06
N PHE B 426 -29.60 13.75 29.10
CA PHE B 426 -29.62 12.31 29.36
C PHE B 426 -28.41 11.71 28.64
N MET B 427 -27.56 11.01 29.38
CA MET B 427 -26.28 10.54 28.87
C MET B 427 -26.03 9.11 29.33
N THR B 428 -25.26 8.37 28.53
CA THR B 428 -24.79 7.04 28.88
C THR B 428 -23.90 6.57 27.73
N SER B 429 -23.28 5.41 27.93
CA SER B 429 -22.39 4.81 26.93
C SER B 429 -23.13 3.63 26.30
N THR B 430 -23.74 3.87 25.14
CA THR B 430 -24.47 2.82 24.44
C THR B 430 -23.64 2.13 23.37
N GLY B 431 -22.67 2.82 22.78
CA GLY B 431 -21.82 2.21 21.78
C GLY B 431 -21.11 0.98 22.29
N LEU B 432 -20.30 1.13 23.34
CA LEU B 432 -19.63 -0.01 23.95
C LEU B 432 -20.50 -0.70 24.98
N GLY B 433 -21.33 0.04 25.71
CA GLY B 433 -22.19 -0.54 26.70
C GLY B 433 -21.43 -1.22 27.82
N GLU B 434 -20.42 -0.52 28.35
CA GLU B 434 -19.57 -1.07 29.39
C GLU B 434 -20.16 -0.81 30.76
N MET B 435 -20.10 -1.81 31.63
CA MET B 435 -20.46 -1.59 33.02
C MET B 435 -19.43 -0.71 33.69
N GLY B 436 -19.89 0.08 34.65
CA GLY B 436 -19.01 0.98 35.36
C GLY B 436 -18.85 2.33 34.73
N TYR B 437 -19.77 2.72 33.85
CA TYR B 437 -19.71 4.03 33.21
C TYR B 437 -20.42 5.10 34.02
N GLY B 438 -21.38 4.72 34.85
CA GLY B 438 -22.19 5.67 35.59
C GLY B 438 -21.38 6.67 36.40
N LEU B 439 -20.59 6.19 37.36
CA LEU B 439 -19.86 7.11 38.23
C LEU B 439 -18.89 7.98 37.46
N PRO B 440 -17.97 7.44 36.65
CA PRO B 440 -17.11 8.34 35.85
C PRO B 440 -17.90 9.32 35.00
N ALA B 441 -19.09 8.93 34.53
CA ALA B 441 -19.92 9.86 33.77
C ALA B 441 -20.36 11.02 34.64
N ALA B 442 -20.80 10.73 35.87
CA ALA B 442 -21.28 11.78 36.76
C ALA B 442 -20.17 12.75 37.14
N LEU B 443 -18.93 12.27 37.23
CA LEU B 443 -17.80 13.18 37.44
C LEU B 443 -17.64 14.11 36.25
N GLY B 444 -17.73 13.58 35.04
CA GLY B 444 -17.58 14.41 33.86
C GLY B 444 -18.60 15.54 33.81
N VAL B 445 -19.85 15.22 34.05
CA VAL B 445 -20.85 16.23 34.06
C VAL B 445 -20.71 17.21 35.18
N SER B 446 -20.35 16.76 36.35
CA SER B 446 -20.23 17.64 37.50
C SER B 446 -19.15 18.68 37.28
N PHE B 447 -17.96 18.25 36.90
CA PHE B 447 -16.88 19.21 36.67
C PHE B 447 -17.18 20.11 35.48
N ALA B 448 -17.85 19.59 34.46
CA ALA B 448 -18.21 20.42 33.31
C ALA B 448 -19.07 21.59 33.74
N ASN B 449 -19.98 21.37 34.70
CA ASN B 449 -20.85 22.41 35.21
C ASN B 449 -20.34 22.98 36.54
N ASP B 450 -19.02 23.03 36.71
CA ASP B 450 -18.41 23.65 37.89
C ASP B 450 -18.97 23.04 39.19
N ARG B 451 -18.76 21.73 39.32
N ARG B 451 -18.73 21.73 39.35
CA ARG B 451 -19.21 20.98 40.49
CA ARG B 451 -19.22 21.00 40.52
C ARG B 451 -20.73 20.98 40.57
C ARG B 451 -20.76 20.99 40.58
N GLY B 452 -21.39 20.86 39.41
CA GLY B 452 -22.83 20.88 39.34
C GLY B 452 -23.47 19.56 39.74
N GLU B 453 -24.79 19.59 39.89
CA GLU B 453 -25.52 18.42 40.35
C GLU B 453 -25.78 17.46 39.19
N VAL B 454 -25.76 16.17 39.49
CA VAL B 454 -25.95 15.12 38.50
C VAL B 454 -26.64 13.95 39.18
N MET B 455 -27.64 13.37 38.49
CA MET B 455 -28.31 12.17 38.96
C MET B 455 -27.74 10.96 38.22
N CYS B 456 -27.19 10.02 38.96
CA CYS B 456 -26.56 8.83 38.41
C CYS B 456 -27.46 7.64 38.73
N LEU B 457 -28.05 7.03 37.69
CA LEU B 457 -28.84 5.81 37.83
C LEU B 457 -27.92 4.62 37.61
N ASN B 458 -27.65 3.87 38.68
CA ASN B 458 -26.63 2.83 38.65
C ASN B 458 -27.21 1.53 39.17
N CYS B 459 -26.39 0.48 39.12
CA CYS B 459 -26.82 -0.87 39.48
C CYS B 459 -25.79 -1.51 40.40
N ASP B 460 -26.24 -2.55 41.11
CA ASP B 460 -25.36 -3.20 42.07
C ASP B 460 -24.16 -3.85 41.39
N GLY B 461 -24.35 -4.40 40.19
CA GLY B 461 -23.24 -4.99 39.47
C GLY B 461 -22.33 -3.93 38.86
N GLY B 462 -22.92 -2.89 38.26
CA GLY B 462 -22.12 -1.90 37.57
C GLY B 462 -21.38 -0.98 38.52
N MET B 463 -21.90 -0.80 39.74
CA MET B 463 -21.20 -0.01 40.75
C MET B 463 -19.82 -0.57 41.06
N MET B 464 -19.56 -1.84 40.76
CA MET B 464 -18.31 -2.45 41.20
C MET B 464 -17.14 -2.11 40.28
N MET B 465 -17.38 -1.94 38.98
CA MET B 465 -16.27 -1.77 38.04
C MET B 465 -15.43 -0.54 38.37
N ASN B 466 -16.05 0.52 38.89
CA ASN B 466 -15.34 1.75 39.26
C ASN B 466 -15.80 2.24 40.62
N LEU B 467 -16.02 1.30 41.53
CA LEU B 467 -16.38 1.65 42.91
C LEU B 467 -15.40 2.63 43.52
N GLN B 468 -14.12 2.58 43.11
CA GLN B 468 -13.12 3.44 43.70
C GLN B 468 -13.42 4.92 43.51
N GLU B 469 -14.25 5.27 42.53
CA GLU B 469 -14.53 6.68 42.24
C GLU B 469 -15.53 7.28 43.21
N LEU B 470 -16.05 6.51 44.15
CA LEU B 470 -16.79 7.12 45.26
C LEU B 470 -15.88 8.03 46.07
N GLN B 471 -14.59 7.70 46.15
CA GLN B 471 -13.66 8.57 46.86
C GLN B 471 -13.51 9.92 46.17
N THR B 472 -13.31 9.91 44.85
CA THR B 472 -13.22 11.16 44.10
C THR B 472 -14.48 12.01 44.27
N MET B 473 -15.63 11.35 44.39
CA MET B 473 -16.87 12.07 44.62
C MET B 473 -16.88 12.75 45.98
N VAL B 474 -16.41 12.07 47.02
CA VAL B 474 -16.39 12.65 48.36
C VAL B 474 -15.30 13.70 48.47
N HIS B 475 -14.13 13.44 47.88
CA HIS B 475 -13.01 14.37 48.01
C HIS B 475 -13.34 15.75 47.47
N HIS B 476 -14.17 15.82 46.44
CA HIS B 476 -14.56 17.09 45.83
C HIS B 476 -15.98 17.50 46.18
N ASN B 477 -16.65 16.75 47.05
CA ASN B 477 -18.00 17.09 47.50
C ASN B 477 -18.95 17.32 46.32
N LEU B 478 -18.79 16.51 45.29
CA LEU B 478 -19.62 16.65 44.10
C LEU B 478 -21.07 16.32 44.44
N PRO B 479 -22.03 17.20 44.12
CA PRO B 479 -23.43 16.88 44.39
C PRO B 479 -23.99 15.83 43.46
N ILE B 480 -23.48 14.60 43.58
CA ILE B 480 -23.91 13.48 42.74
C ILE B 480 -24.96 12.69 43.51
N LYS B 481 -26.13 12.52 42.91
CA LYS B 481 -27.23 11.76 43.51
C LYS B 481 -27.19 10.37 42.89
N LEU B 482 -26.66 9.41 43.64
CA LEU B 482 -26.37 8.07 43.14
C LEU B 482 -27.47 7.10 43.55
N PHE B 483 -28.28 6.67 42.59
CA PHE B 483 -29.26 5.61 42.80
C PHE B 483 -28.66 4.28 42.35
N ILE B 484 -28.83 3.25 43.18
CA ILE B 484 -28.29 1.92 42.91
C ILE B 484 -29.45 0.93 42.92
N PHE B 485 -29.63 0.22 41.81
CA PHE B 485 -30.69 -0.77 41.68
C PHE B 485 -30.17 -2.13 42.12
N ASN B 486 -30.64 -2.60 43.27
CA ASN B 486 -30.22 -3.89 43.81
C ASN B 486 -31.17 -4.98 43.37
N ASN B 487 -30.63 -6.04 42.77
CA ASN B 487 -31.44 -7.14 42.29
C ASN B 487 -30.65 -8.45 42.29
N ASP B 488 -29.78 -8.62 43.28
CA ASP B 488 -29.06 -9.88 43.50
C ASP B 488 -28.25 -10.27 42.25
N GLY B 489 -27.52 -9.31 41.71
CA GLY B 489 -26.55 -9.60 40.68
C GLY B 489 -26.87 -9.07 39.30
N TYR B 490 -26.55 -9.88 38.28
CA TYR B 490 -26.63 -9.46 36.89
C TYR B 490 -27.99 -9.85 36.32
N LEU B 491 -29.00 -9.03 36.62
CA LEU B 491 -30.37 -9.34 36.21
C LEU B 491 -30.47 -9.46 34.68
N MET B 492 -29.87 -8.53 33.97
CA MET B 492 -29.87 -8.58 32.51
C MET B 492 -29.36 -9.92 32.00
N ILE B 493 -28.29 -10.44 32.61
CA ILE B 493 -27.74 -11.72 32.17
C ILE B 493 -28.61 -12.88 32.63
N LYS B 494 -29.30 -12.76 33.77
CA LYS B 494 -30.19 -13.83 34.21
C LYS B 494 -31.20 -14.16 33.13
N HIS B 495 -31.81 -13.14 32.51
CA HIS B 495 -32.79 -13.38 31.47
C HIS B 495 -32.15 -14.02 30.24
N THR B 496 -30.93 -13.59 29.91
CA THR B 496 -30.25 -14.14 28.74
C THR B 496 -30.03 -15.64 28.89
N GLN B 497 -29.41 -16.07 29.99
CA GLN B 497 -29.12 -17.49 30.14
C GLN B 497 -30.37 -18.30 30.42
N LYS B 498 -31.37 -17.71 31.02
CA LYS B 498 -32.64 -18.39 31.24
C LYS B 498 -33.34 -18.66 29.92
N SER B 499 -33.36 -17.71 29.01
CA SER B 499 -33.98 -17.94 27.71
C SER B 499 -33.21 -18.95 26.88
N LEU B 500 -31.89 -19.08 27.12
CA LEU B 500 -31.05 -19.97 26.34
C LEU B 500 -31.01 -21.39 26.89
N PHE B 501 -30.95 -21.53 28.22
CA PHE B 501 -30.70 -22.83 28.83
C PHE B 501 -31.83 -23.31 29.74
N LYS B 502 -32.73 -22.43 30.17
CA LYS B 502 -33.83 -22.81 31.05
C LYS B 502 -33.34 -23.75 32.15
N SER B 503 -32.31 -23.29 32.85
CA SER B 503 -31.76 -24.04 33.97
C SER B 503 -31.32 -23.05 35.03
N ASP B 504 -30.56 -23.54 36.01
CA ASP B 504 -30.15 -22.71 37.13
C ASP B 504 -29.17 -21.63 36.68
N TYR B 505 -29.18 -20.51 37.42
CA TYR B 505 -28.31 -19.39 37.10
C TYR B 505 -26.85 -19.79 37.26
N VAL B 506 -25.99 -19.14 36.48
CA VAL B 506 -24.56 -19.40 36.46
C VAL B 506 -23.84 -18.07 36.44
N GLY B 507 -23.08 -17.78 37.50
CA GLY B 507 -22.27 -16.57 37.55
C GLY B 507 -23.06 -15.29 37.45
N THR B 508 -24.29 -15.26 37.95
CA THR B 508 -25.13 -14.08 37.84
C THR B 508 -25.75 -13.62 39.15
N ASP B 509 -25.86 -14.48 40.18
CA ASP B 509 -26.38 -14.06 41.47
C ASP B 509 -25.54 -14.67 42.60
N ARG B 510 -25.89 -14.33 43.83
CA ARG B 510 -25.12 -14.74 44.99
C ARG B 510 -24.95 -16.26 45.04
N LYS B 511 -26.04 -16.99 44.83
CA LYS B 511 -25.96 -18.44 44.87
C LYS B 511 -25.02 -19.00 43.80
N SER B 512 -24.81 -18.26 42.71
CA SER B 512 -24.03 -18.76 41.58
C SER B 512 -22.69 -18.05 41.42
N GLY B 513 -22.26 -17.27 42.40
CA GLY B 513 -20.87 -16.81 42.45
C GLY B 513 -20.65 -15.31 42.36
N VAL B 514 -21.71 -14.51 42.33
CA VAL B 514 -21.64 -13.07 42.15
C VAL B 514 -22.47 -12.41 43.23
N SER B 515 -21.81 -11.70 44.15
CA SER B 515 -22.49 -10.97 45.20
C SER B 515 -22.03 -9.52 45.19
N CYS B 516 -22.81 -8.67 45.83
CA CYS B 516 -22.51 -7.25 45.92
C CYS B 516 -22.70 -6.77 47.36
N PRO B 517 -21.92 -5.78 47.77
CA PRO B 517 -22.00 -5.32 49.17
C PRO B 517 -23.23 -4.48 49.43
N ASP B 518 -23.46 -4.21 50.71
CA ASP B 518 -24.50 -3.28 51.16
C ASP B 518 -24.00 -1.87 50.90
N PHE B 519 -24.57 -1.20 49.90
CA PHE B 519 -24.04 0.10 49.49
C PHE B 519 -24.40 1.21 50.47
N SER B 520 -25.44 1.02 51.30
CA SER B 520 -25.69 1.99 52.37
C SER B 520 -24.61 1.92 53.44
N ARG B 521 -24.05 0.73 53.68
CA ARG B 521 -22.98 0.59 54.66
C ARG B 521 -21.64 1.05 54.11
N LEU B 522 -21.40 0.87 52.82
CA LEU B 522 -20.24 1.50 52.19
C LEU B 522 -20.38 3.02 52.23
N ALA B 523 -21.57 3.52 51.90
CA ALA B 523 -21.79 4.96 51.90
C ALA B 523 -21.35 5.57 53.22
N ALA B 524 -21.76 4.96 54.34
CA ALA B 524 -21.33 5.46 55.64
C ALA B 524 -19.80 5.47 55.74
N ALA B 525 -19.15 4.43 55.23
CA ALA B 525 -17.69 4.36 55.29
C ALA B 525 -17.04 5.49 54.50
N PHE B 526 -17.66 5.94 53.41
CA PHE B 526 -17.18 7.08 52.64
C PHE B 526 -17.74 8.40 53.13
N ASP B 527 -18.42 8.41 54.29
CA ASP B 527 -19.03 9.63 54.83
C ASP B 527 -20.11 10.17 53.89
N ILE B 528 -20.84 9.27 53.24
CA ILE B 528 -21.88 9.63 52.27
C ILE B 528 -23.24 9.34 52.89
N PRO B 529 -24.16 10.30 52.93
CA PRO B 529 -25.52 9.99 53.39
C PRO B 529 -26.18 8.97 52.45
N ALA B 530 -26.88 8.02 53.04
CA ALA B 530 -27.49 6.93 52.30
C ALA B 530 -28.92 6.68 52.73
N TYR B 531 -29.79 6.42 51.76
CA TYR B 531 -31.19 6.08 51.98
C TYR B 531 -31.48 4.73 51.32
N GLN B 532 -32.64 4.18 51.66
N GLN B 532 -32.64 4.17 51.67
CA GLN B 532 -33.09 2.91 51.09
CA GLN B 532 -33.09 2.91 51.09
C GLN B 532 -34.57 3.02 50.75
C GLN B 532 -34.56 3.02 50.74
N ILE B 533 -34.92 2.58 49.54
CA ILE B 533 -36.29 2.63 49.06
C ILE B 533 -36.70 1.20 48.74
N ARG B 534 -37.35 0.53 49.69
CA ARG B 534 -37.80 -0.83 49.50
C ARG B 534 -39.26 -0.93 49.11
N GLY B 535 -40.07 0.10 49.41
CA GLY B 535 -41.48 0.09 49.09
C GLY B 535 -41.98 1.49 48.81
N TRP B 536 -43.18 1.59 48.25
CA TRP B 536 -43.82 2.84 47.84
C TRP B 536 -44.17 3.76 48.94
N ASP B 537 -44.41 3.18 50.08
CA ASP B 537 -44.87 3.89 51.24
C ASP B 537 -43.95 5.03 51.65
N GLU B 538 -42.64 4.82 51.59
CA GLU B 538 -41.70 5.88 51.96
C GLU B 538 -40.97 6.48 50.81
N CYS B 539 -41.41 6.21 49.59
CA CYS B 539 -40.74 6.66 48.40
C CYS B 539 -40.64 8.12 48.09
N ASP B 540 -41.73 8.85 48.12
CA ASP B 540 -41.69 10.26 47.82
C ASP B 540 -40.92 11.05 48.83
N ALA B 541 -41.09 10.70 50.07
CA ALA B 541 -40.38 11.41 51.12
C ALA B 541 -38.88 11.25 50.98
N THR B 542 -38.42 10.08 50.50
CA THR B 542 -36.99 9.87 50.30
C THR B 542 -36.48 10.64 49.08
N LEU B 543 -37.17 10.51 47.95
CA LEU B 543 -36.72 11.16 46.72
C LEU B 543 -36.61 12.68 46.92
N ALA B 544 -37.56 13.28 47.62
CA ALA B 544 -37.50 14.72 47.87
C ALA B 544 -36.29 15.09 48.72
N LYS B 545 -35.88 14.17 49.59
CA LYS B 545 -34.68 14.32 50.39
C LYS B 545 -33.42 14.22 49.58
N VAL B 546 -33.33 13.23 48.68
CA VAL B 546 -32.17 13.02 47.82
C VAL B 546 -31.96 14.24 46.91
N GLN B 547 -33.05 14.72 46.30
CA GLN B 547 -32.95 15.90 45.44
C GLN B 547 -32.58 17.14 46.24
N ALA B 548 -32.93 17.19 47.53
CA ALA B 548 -32.66 18.36 48.34
C ALA B 548 -31.24 18.41 48.86
N HIS B 549 -30.51 17.30 48.81
CA HIS B 549 -29.14 17.28 49.30
C HIS B 549 -28.23 18.17 48.46
N THR B 550 -27.27 18.79 49.14
CA THR B 550 -26.31 19.66 48.49
C THR B 550 -25.00 18.97 48.18
N GLY B 551 -24.70 17.86 48.87
CA GLY B 551 -23.51 17.10 48.60
C GLY B 551 -23.85 15.72 48.06
N PRO B 552 -22.87 14.84 48.02
CA PRO B 552 -23.10 13.49 47.49
C PRO B 552 -24.07 12.71 48.35
N VAL B 553 -24.87 11.87 47.71
CA VAL B 553 -25.85 11.04 48.40
C VAL B 553 -26.02 9.74 47.64
N ILE B 554 -26.31 8.69 48.38
CA ILE B 554 -26.60 7.37 47.81
C ILE B 554 -28.01 6.99 48.22
N CYS B 555 -28.70 6.28 47.31
CA CYS B 555 -30.04 5.78 47.58
C CYS B 555 -30.20 4.43 46.92
N GLU B 556 -30.31 3.38 47.74
CA GLU B 556 -30.51 2.04 47.22
C GLU B 556 -31.98 1.81 46.90
N VAL B 557 -32.24 1.30 45.69
CA VAL B 557 -33.59 0.95 45.26
C VAL B 557 -33.62 -0.57 45.12
N PHE B 558 -34.55 -1.20 45.83
CA PHE B 558 -34.66 -2.65 45.85
C PHE B 558 -35.77 -3.10 44.93
N MET B 559 -35.44 -4.00 44.01
CA MET B 559 -36.40 -4.56 43.06
C MET B 559 -36.36 -6.09 43.16
N HIS B 560 -37.34 -6.72 42.54
CA HIS B 560 -37.41 -8.17 42.57
C HIS B 560 -36.21 -8.79 41.85
N PRO B 561 -35.55 -9.78 42.43
CA PRO B 561 -34.33 -10.32 41.83
C PRO B 561 -34.53 -10.99 40.49
N GLN B 562 -35.77 -11.06 40.00
CA GLN B 562 -36.05 -11.69 38.71
C GLN B 562 -37.07 -10.88 37.93
N GLN B 563 -37.19 -9.58 38.21
CA GLN B 563 -38.10 -8.74 37.45
C GLN B 563 -37.77 -8.82 35.97
N LEU B 564 -38.82 -8.88 35.15
CA LEU B 564 -38.64 -8.89 33.70
C LEU B 564 -38.23 -7.52 33.19
N PHE B 565 -37.52 -7.52 32.07
CA PHE B 565 -37.28 -6.31 31.29
C PHE B 565 -38.18 -6.38 30.07
N SER B 566 -39.18 -5.51 30.01
CA SER B 566 -40.11 -5.47 28.89
C SER B 566 -40.58 -4.04 28.68
N PRO B 567 -40.99 -3.69 27.45
CA PRO B 567 -41.09 -4.53 26.25
C PRO B 567 -39.73 -4.88 25.69
N LYS B 568 -39.57 -6.07 25.14
CA LYS B 568 -38.30 -6.51 24.58
C LYS B 568 -38.57 -7.44 23.42
N LEU B 569 -37.92 -7.21 22.31
CA LEU B 569 -38.14 -8.06 21.20
C LEU B 569 -37.33 -9.23 21.60
N GLY B 570 -37.95 -10.35 21.85
CA GLY B 570 -37.19 -11.47 22.27
C GLY B 570 -37.71 -12.71 21.67
N VAL B 571 -36.89 -13.73 21.68
CA VAL B 571 -37.21 -15.01 21.10
C VAL B 571 -38.39 -15.72 21.78
N VAL B 572 -39.17 -16.47 21.03
CA VAL B 572 -40.25 -17.24 21.63
C VAL B 572 -39.83 -18.69 21.39
N SER B 573 -39.81 -19.48 22.46
CA SER B 573 -39.35 -20.86 22.42
C SER B 573 -40.53 -21.81 22.49
N ARG B 574 -40.30 -23.04 22.04
CA ARG B 574 -41.31 -24.10 22.03
C ARG B 574 -40.79 -25.31 22.78
N ALA B 575 -41.72 -26.23 23.06
CA ALA B 575 -41.40 -27.37 23.90
C ALA B 575 -40.35 -28.27 23.25
N ASP B 576 -40.39 -28.41 21.92
CA ASP B 576 -39.50 -29.32 21.19
C ASP B 576 -38.26 -28.61 20.66
N GLY B 577 -37.80 -27.55 21.32
CA GLY B 577 -36.55 -26.90 20.98
C GLY B 577 -36.64 -25.86 19.88
N THR B 578 -37.82 -25.62 19.32
CA THR B 578 -37.97 -24.63 18.27
C THR B 578 -37.96 -23.22 18.88
N LEU B 579 -37.52 -22.25 18.07
CA LEU B 579 -37.54 -20.86 18.48
C LEU B 579 -37.65 -19.99 17.24
N VAL B 580 -38.44 -18.91 17.36
CA VAL B 580 -38.66 -17.97 16.25
C VAL B 580 -38.33 -16.58 16.75
N SER B 581 -37.52 -15.85 15.97
CA SER B 581 -37.23 -14.45 16.23
C SER B 581 -38.28 -13.59 15.56
N PRO B 582 -39.24 -13.06 16.31
CA PRO B 582 -40.34 -12.32 15.68
C PRO B 582 -39.85 -11.00 15.10
N PRO B 583 -40.66 -10.36 14.26
CA PRO B 583 -40.27 -9.06 13.70
C PRO B 583 -40.25 -7.97 14.76
N LEU B 584 -39.68 -6.83 14.37
CA LEU B 584 -39.40 -5.76 15.33
C LEU B 584 -40.65 -5.30 16.06
N GLU B 585 -41.80 -5.23 15.37
CA GLU B 585 -43.00 -4.72 16.01
C GLU B 585 -43.55 -5.67 17.07
N ASP B 586 -43.21 -6.95 17.01
CA ASP B 586 -43.87 -7.96 17.84
C ASP B 586 -43.04 -8.17 19.11
N LEU B 587 -43.21 -7.23 20.04
CA LEU B 587 -42.43 -7.21 21.27
C LEU B 587 -43.03 -8.14 22.31
N SER B 588 -42.14 -8.76 23.13
CA SER B 588 -42.59 -9.62 24.21
C SER B 588 -42.75 -8.80 25.49
N PRO B 589 -43.68 -9.18 26.38
CA PRO B 589 -44.66 -10.28 26.26
C PRO B 589 -45.68 -10.05 25.15
N LEU B 590 -45.87 -11.06 24.30
CA LEU B 590 -46.63 -10.89 23.07
C LEU B 590 -48.08 -10.48 23.35
N ILE B 591 -48.56 -9.50 22.59
CA ILE B 591 -49.94 -9.05 22.67
C ILE B 591 -50.80 -10.01 21.86
N PRO B 592 -52.10 -10.10 22.14
CA PRO B 592 -52.94 -11.06 21.40
C PRO B 592 -52.89 -10.82 19.90
N ARG B 593 -52.96 -11.91 19.14
CA ARG B 593 -52.78 -11.84 17.69
C ARG B 593 -53.85 -10.96 17.05
N ASP B 594 -55.10 -11.09 17.48
CA ASP B 594 -56.15 -10.26 16.88
C ASP B 594 -55.88 -8.77 17.11
N VAL B 595 -55.22 -8.42 18.22
CA VAL B 595 -54.89 -7.01 18.46
C VAL B 595 -53.68 -6.60 17.62
N LEU B 596 -52.75 -7.52 17.37
CA LEU B 596 -51.62 -7.21 16.49
C LEU B 596 -52.08 -7.06 15.04
N GLU B 597 -52.98 -7.92 14.59
CA GLU B 597 -53.50 -7.82 13.23
C GLU B 597 -54.09 -6.44 12.96
N GLN B 598 -54.90 -5.93 13.90
CA GLN B 598 -55.54 -4.63 13.70
C GLN B 598 -54.55 -3.47 13.79
N ALA B 599 -53.41 -3.67 14.45
CA ALA B 599 -52.42 -2.60 14.60
C ALA B 599 -51.48 -2.50 13.41
N MET B 600 -51.37 -3.54 12.59
CA MET B 600 -50.48 -3.56 11.43
C MET B 600 -51.28 -3.34 10.16
N ILE B 601 -50.87 -2.32 9.39
CA ILE B 601 -51.66 -1.90 8.22
C ILE B 601 -51.89 -3.07 7.28
N GLY B 602 -50.82 -3.66 6.77
CA GLY B 602 -50.99 -4.76 5.83
C GLY B 602 -51.19 -6.10 6.49
N GLY B 603 -51.79 -6.12 7.68
CA GLY B 603 -51.86 -7.33 8.47
C GLY B 603 -50.52 -7.69 9.08
N MET B 604 -50.50 -8.68 9.96
CA MET B 604 -49.28 -9.03 10.68
C MET B 604 -48.32 -9.80 9.79
N HIS B 605 -47.07 -9.86 10.22
CA HIS B 605 -46.06 -10.64 9.54
C HIS B 605 -46.33 -12.13 9.72
N GLU B 606 -45.90 -12.94 8.74
CA GLU B 606 -46.17 -14.37 8.79
C GLU B 606 -45.58 -15.00 10.05
N LYS B 607 -44.41 -14.53 10.49
CA LYS B 607 -43.79 -15.08 11.70
C LYS B 607 -44.70 -14.94 12.90
N SER B 608 -45.45 -13.85 12.98
CA SER B 608 -46.29 -13.55 14.14
C SER B 608 -47.61 -14.31 14.16
N LYS B 609 -47.95 -15.00 13.07
CA LYS B 609 -49.25 -15.67 13.02
C LYS B 609 -49.29 -16.90 13.91
N THR B 610 -48.26 -17.75 13.81
CA THR B 610 -48.23 -19.01 14.56
C THR B 610 -47.53 -18.89 15.91
N LEU B 611 -47.10 -17.69 16.31
CA LEU B 611 -46.47 -17.51 17.62
C LEU B 611 -47.47 -17.86 18.70
N ASP C 4 62.04 39.78 16.91
CA ASP C 4 61.10 38.95 17.65
C ASP C 4 61.60 37.54 17.73
N ASN C 5 61.00 36.74 18.59
CA ASN C 5 61.37 35.35 18.73
C ASN C 5 60.24 34.59 18.16
N LYS C 6 59.41 35.31 17.46
CA LYS C 6 58.14 34.74 17.01
C LYS C 6 58.27 34.13 15.63
N VAL C 7 57.61 32.98 15.45
CA VAL C 7 57.56 32.28 14.17
C VAL C 7 56.12 32.25 13.70
N LYS C 8 55.95 32.31 12.38
CA LYS C 8 54.62 32.20 11.79
C LYS C 8 54.02 30.83 12.11
N VAL C 9 52.72 30.83 12.43
CA VAL C 9 52.06 29.58 12.78
C VAL C 9 52.12 28.59 11.62
N ALA C 10 51.80 29.06 10.41
CA ALA C 10 51.86 28.18 9.24
C ALA C 10 53.22 27.50 9.14
N GLU C 11 54.30 28.22 9.43
CA GLU C 11 55.63 27.62 9.39
C GLU C 11 55.80 26.57 10.48
N LEU C 12 55.19 26.80 11.65
CA LEU C 12 55.21 25.78 12.70
C LEU C 12 54.43 24.55 12.28
N VAL C 13 53.31 24.75 11.57
CA VAL C 13 52.56 23.61 11.04
C VAL C 13 53.44 22.78 10.12
N ALA C 14 54.10 23.43 9.16
CA ALA C 14 54.98 22.71 8.25
C ALA C 14 56.01 21.89 9.02
N GLU C 15 56.59 22.47 10.08
CA GLU C 15 57.53 21.74 10.90
C GLU C 15 56.85 20.53 11.56
N ALA C 16 55.61 20.71 12.01
CA ALA C 16 54.88 19.60 12.61
C ALA C 16 54.61 18.48 11.62
N LEU C 17 54.29 18.84 10.36
CA LEU C 17 54.04 17.82 9.36
C LEU C 17 55.29 16.99 9.10
N GLU C 18 56.47 17.62 9.13
CA GLU C 18 57.71 16.86 8.99
C GLU C 18 57.93 15.97 10.19
N ASN C 19 57.71 16.48 11.40
CA ASN C 19 57.89 15.66 12.59
C ASN C 19 56.87 14.54 12.67
N LEU C 20 55.77 14.63 11.92
CA LEU C 20 54.76 13.58 11.89
C LEU C 20 54.95 12.59 10.75
N GLY C 21 56.00 12.76 9.94
CA GLY C 21 56.28 11.86 8.85
C GLY C 21 55.45 12.07 7.60
N ILE C 22 54.62 13.11 7.58
CA ILE C 22 53.75 13.36 6.43
C ILE C 22 54.61 13.94 5.32
N GLN C 23 54.92 13.13 4.31
CA GLN C 23 55.78 13.55 3.21
C GLN C 23 55.00 13.99 1.97
N HIS C 24 53.71 13.72 1.92
CA HIS C 24 52.87 14.15 0.80
C HIS C 24 51.58 14.76 1.32
N ALA C 25 51.09 15.74 0.56
CA ALA C 25 49.81 16.36 0.82
C ALA C 25 49.14 16.63 -0.52
N PHE C 26 47.85 16.32 -0.60
CA PHE C 26 47.05 16.55 -1.80
C PHE C 26 46.00 17.61 -1.49
N GLY C 27 45.73 18.47 -2.46
CA GLY C 27 44.73 19.50 -2.26
C GLY C 27 44.82 20.59 -3.31
N ILE C 28 44.03 21.64 -3.09
CA ILE C 28 43.95 22.78 -3.98
C ILE C 28 44.12 24.05 -3.16
N ILE C 29 44.85 25.01 -3.73
CA ILE C 29 45.17 26.22 -3.00
C ILE C 29 43.98 27.17 -3.00
N GLY C 30 44.05 28.16 -2.12
CA GLY C 30 43.01 29.16 -2.01
C GLY C 30 43.38 30.14 -0.92
N ALA C 31 42.58 31.20 -0.82
CA ALA C 31 42.86 32.24 0.15
C ALA C 31 42.89 31.69 1.57
N GLY C 32 42.13 30.63 1.84
CA GLY C 32 42.03 30.06 3.17
C GLY C 32 43.16 29.15 3.57
N ASN C 33 44.06 28.81 2.65
CA ASN C 33 45.21 27.99 3.01
C ASN C 33 46.47 28.42 2.27
N VAL C 34 46.49 29.63 1.70
CA VAL C 34 47.66 30.09 0.96
C VAL C 34 48.88 30.15 1.86
N HIS C 35 48.68 30.44 3.15
CA HIS C 35 49.81 30.49 4.07
C HIS C 35 50.41 29.11 4.31
N LEU C 36 49.56 28.09 4.50
CA LEU C 36 50.05 26.74 4.63
C LEU C 36 50.78 26.28 3.36
N PHE C 37 50.18 26.56 2.19
CA PHE C 37 50.85 26.22 0.94
C PHE C 37 52.23 26.85 0.89
N GLU C 38 52.31 28.15 1.20
CA GLU C 38 53.59 28.86 1.15
C GLU C 38 54.59 28.23 2.12
N ALA C 39 54.17 27.99 3.37
CA ALA C 39 55.08 27.47 4.38
C ALA C 39 55.53 26.05 4.04
N ILE C 40 54.59 25.18 3.66
CA ILE C 40 54.94 23.79 3.38
C ILE C 40 55.89 23.70 2.21
N ALA C 41 55.71 24.56 1.21
CA ALA C 41 56.59 24.53 0.04
C ALA C 41 57.99 25.03 0.39
N ARG C 42 58.07 26.18 1.09
CA ARG C 42 59.36 26.77 1.41
C ARG C 42 60.20 25.85 2.29
N ARG C 43 59.58 25.03 3.13
CA ARG C 43 60.33 24.11 3.95
C ARG C 43 60.85 22.94 3.12
N GLY C 44 60.05 22.48 2.17
CA GLY C 44 60.53 21.51 1.20
C GLY C 44 60.68 20.09 1.70
N TYR C 45 59.95 19.70 2.74
CA TYR C 45 59.89 18.31 3.17
C TYR C 45 58.64 17.61 2.63
N THR C 46 57.47 18.23 2.80
CA THR C 46 56.22 17.67 2.33
C THR C 46 55.96 18.15 0.91
N GLU C 47 55.88 17.21 -0.03
CA GLU C 47 55.56 17.55 -1.42
C GLU C 47 54.07 17.77 -1.54
N ILE C 48 53.67 18.94 -2.03
CA ILE C 48 52.27 19.26 -2.30
C ILE C 48 51.93 18.75 -3.70
N VAL C 49 50.91 17.91 -3.78
CA VAL C 49 50.39 17.42 -5.04
C VAL C 49 49.12 18.20 -5.33
N CYS C 50 49.14 19.03 -6.37
CA CYS C 50 47.99 19.83 -6.73
C CYS C 50 47.05 18.98 -7.58
N VAL C 51 45.84 18.77 -7.08
CA VAL C 51 44.81 18.07 -7.83
C VAL C 51 43.90 19.11 -8.47
N HIS C 52 42.94 18.66 -9.26
CA HIS C 52 41.98 19.53 -9.94
C HIS C 52 40.56 19.39 -9.41
N HIS C 53 40.33 18.52 -8.43
CA HIS C 53 39.09 18.53 -7.67
C HIS C 53 39.42 18.03 -6.27
N GLU C 54 38.99 18.78 -5.25
CA GLU C 54 39.36 18.44 -3.88
C GLU C 54 38.95 17.03 -3.51
N GLN C 55 37.81 16.56 -4.01
CA GLN C 55 37.42 15.17 -3.82
C GLN C 55 38.57 14.23 -4.12
N ALA C 56 39.33 14.50 -5.17
CA ALA C 56 40.45 13.63 -5.54
C ALA C 56 41.52 13.61 -4.45
N ALA C 57 41.73 14.74 -3.78
CA ALA C 57 42.74 14.78 -2.72
C ALA C 57 42.35 13.85 -1.57
N CYS C 58 41.07 13.84 -1.20
CA CYS C 58 40.61 13.07 -0.05
C CYS C 58 40.48 11.58 -0.36
N MET C 59 40.52 11.20 -1.63
CA MET C 59 40.59 9.78 -1.97
C MET C 59 42.03 9.31 -2.11
N ALA C 60 42.90 10.13 -2.69
CA ALA C 60 44.29 9.73 -2.88
C ALA C 60 44.98 9.45 -1.56
N VAL C 61 44.67 10.23 -0.51
CA VAL C 61 45.32 10.02 0.78
C VAL C 61 45.00 8.63 1.33
N GLN C 62 43.92 8.02 0.86
CA GLN C 62 43.58 6.67 1.33
C GLN C 62 44.55 5.65 0.78
N THR C 63 44.58 5.48 -0.55
CA THR C 63 45.49 4.50 -1.14
C THR C 63 46.95 4.85 -0.89
N TYR C 64 47.26 6.12 -0.66
CA TYR C 64 48.62 6.48 -0.27
C TYR C 64 49.01 5.76 1.03
N TYR C 65 48.12 5.80 2.02
CA TYR C 65 48.41 5.11 3.28
C TYR C 65 48.42 3.60 3.11
N ARG C 66 47.45 3.06 2.37
CA ARG C 66 47.35 1.61 2.22
C ARG C 66 48.53 1.00 1.48
N THR C 67 49.38 1.82 0.86
CA THR C 67 50.51 1.29 0.11
C THR C 67 51.67 0.93 1.02
N ASN C 68 52.20 1.92 1.77
CA ASN C 68 53.38 1.71 2.58
C ASN C 68 53.19 2.13 4.04
N GLY C 69 51.96 2.36 4.49
CA GLY C 69 51.69 2.63 5.88
C GLY C 69 52.04 4.03 6.36
N ARG C 70 52.29 4.96 5.46
CA ARG C 70 52.57 6.35 5.83
C ARG C 70 51.33 7.18 5.58
N ILE C 71 50.97 8.01 6.55
CA ILE C 71 49.77 8.81 6.46
C ILE C 71 50.04 10.05 5.61
N ALA C 72 49.03 10.46 4.84
CA ALA C 72 49.09 11.67 4.04
C ALA C 72 48.04 12.65 4.54
N ALA C 73 48.15 13.89 4.08
CA ALA C 73 47.27 14.97 4.48
C ALA C 73 46.58 15.57 3.27
N ALA C 74 45.44 16.21 3.52
CA ALA C 74 44.65 16.87 2.46
C ALA C 74 44.50 18.34 2.80
N LEU C 75 45.01 19.21 1.92
CA LEU C 75 44.94 20.66 2.10
C LEU C 75 43.72 21.20 1.36
N LEU C 76 42.69 21.53 2.12
CA LEU C 76 41.48 22.12 1.59
C LEU C 76 41.42 23.60 1.99
N THR C 77 40.71 24.39 1.19
CA THR C 77 40.55 25.81 1.44
C THR C 77 39.12 26.09 1.86
N THR C 78 38.84 27.38 2.05
CA THR C 78 37.54 27.81 2.52
C THR C 78 36.44 27.41 1.54
N GLY C 79 35.25 27.19 2.08
CA GLY C 79 34.06 27.01 1.25
C GLY C 79 34.08 25.78 0.37
N ALA C 80 33.93 25.97 -0.94
CA ALA C 80 33.84 24.83 -1.84
C ALA C 80 35.07 23.94 -1.76
N GLY C 81 36.21 24.50 -1.35
CA GLY C 81 37.39 23.68 -1.17
C GLY C 81 37.20 22.61 -0.12
N SER C 82 36.30 22.84 0.84
CA SER C 82 36.03 21.85 1.88
C SER C 82 34.84 20.98 1.51
N THR C 83 33.77 21.56 0.97
CA THR C 83 32.60 20.77 0.60
C THR C 83 32.96 19.74 -0.46
N ASN C 84 33.92 20.05 -1.34
CA ASN C 84 34.25 19.12 -2.42
C ASN C 84 34.91 17.85 -1.89
N GLY C 85 35.59 17.93 -0.74
CA GLY C 85 36.30 16.78 -0.24
C GLY C 85 35.46 15.80 0.55
N VAL C 86 34.20 16.13 0.83
CA VAL C 86 33.41 15.34 1.76
C VAL C 86 33.29 13.89 1.29
N THR C 87 33.03 13.68 0.00
CA THR C 87 32.88 12.33 -0.52
C THR C 87 34.13 11.49 -0.25
N GLY C 88 35.31 12.09 -0.34
CA GLY C 88 36.53 11.37 0.00
C GLY C 88 36.61 11.05 1.47
N VAL C 89 36.21 11.99 2.32
CA VAL C 89 36.20 11.73 3.77
C VAL C 89 35.32 10.54 4.07
N VAL C 90 34.15 10.45 3.43
CA VAL C 90 33.20 9.40 3.80
C VAL C 90 33.69 8.04 3.33
N SER C 91 34.37 7.96 2.19
CA SER C 91 34.88 6.67 1.73
C SER C 91 35.98 6.15 2.63
N ALA C 92 36.83 7.03 3.16
CA ALA C 92 37.85 6.61 4.12
C ALA C 92 37.21 6.22 5.45
N TRP C 93 36.19 6.98 5.86
CA TRP C 93 35.42 6.63 7.05
C TRP C 93 34.83 5.23 6.91
N ALA C 94 34.30 4.90 5.74
CA ALA C 94 33.62 3.63 5.54
C ALA C 94 34.59 2.45 5.44
N ASP C 95 35.82 2.71 5.00
CA ASP C 95 36.79 1.64 4.78
C ASP C 95 37.87 1.60 5.87
N SER C 96 37.72 2.40 6.93
CA SER C 96 38.64 2.37 8.07
C SER C 96 40.07 2.70 7.64
N ILE C 97 40.20 3.75 6.84
CA ILE C 97 41.48 4.17 6.28
C ILE C 97 41.91 5.45 6.99
N PRO C 98 43.11 5.51 7.55
CA PRO C 98 43.54 6.73 8.26
C PRO C 98 44.02 7.80 7.29
N CYS C 99 43.71 9.04 7.64
CA CYS C 99 44.16 10.21 6.89
C CYS C 99 43.74 11.43 7.69
N ILE C 100 44.28 12.58 7.30
CA ILE C 100 43.95 13.83 7.98
C ILE C 100 43.65 14.90 6.94
N VAL C 101 42.61 15.68 7.20
CA VAL C 101 42.25 16.82 6.39
C VAL C 101 42.62 18.08 7.16
N ILE C 102 43.32 18.99 6.51
CA ILE C 102 43.66 20.28 7.07
C ILE C 102 42.93 21.32 6.22
N ALA C 103 41.82 21.84 6.74
CA ALA C 103 40.96 22.76 6.01
C ALA C 103 41.11 24.18 6.56
N GLY C 104 41.25 25.13 5.64
CA GLY C 104 41.26 26.52 6.03
C GLY C 104 39.84 27.04 6.18
N ASN C 105 39.74 28.31 6.56
CA ASN C 105 38.44 28.93 6.71
C ASN C 105 38.64 30.44 6.88
N GLU C 106 37.51 31.15 6.95
CA GLU C 106 37.52 32.59 7.11
C GLU C 106 38.22 33.00 8.40
N ASN C 107 38.34 34.31 8.64
N ASN C 107 38.36 34.30 8.64
CA ASN C 107 38.94 34.79 9.87
CA ASN C 107 39.00 34.77 9.86
C ASN C 107 38.22 34.21 11.08
C ASN C 107 38.24 34.26 11.08
N SER C 108 38.99 33.95 12.13
CA SER C 108 38.42 33.30 13.32
C SER C 108 37.29 34.09 13.95
N LYS C 109 37.21 35.40 13.71
CA LYS C 109 36.12 36.18 14.29
C LYS C 109 34.76 35.83 13.70
N PHE C 110 34.72 35.18 12.54
CA PHE C 110 33.47 34.72 11.94
C PHE C 110 33.17 33.25 12.22
N THR C 111 34.16 32.47 12.63
CA THR C 111 34.02 31.01 12.66
C THR C 111 33.58 30.56 14.05
N PHE C 112 32.28 30.63 14.28
CA PHE C 112 31.68 30.07 15.48
C PHE C 112 30.24 29.70 15.17
N PRO C 113 29.77 28.53 15.60
CA PRO C 113 28.44 28.06 15.16
C PRO C 113 27.30 29.00 15.52
N GLU C 114 27.46 29.86 16.53
CA GLU C 114 26.41 30.79 16.94
C GLU C 114 26.26 31.97 15.98
N ASN C 115 26.94 31.94 14.84
CA ASN C 115 26.85 32.99 13.85
C ASN C 115 25.45 32.96 13.22
N PRO C 116 24.66 34.03 13.32
CA PRO C 116 23.29 33.97 12.81
C PRO C 116 23.17 33.93 11.30
N LEU C 117 24.24 34.28 10.57
CA LEU C 117 24.15 34.38 9.13
C LEU C 117 24.34 33.02 8.47
N ARG C 118 23.74 32.86 7.28
CA ARG C 118 23.80 31.58 6.57
C ARG C 118 25.23 31.13 6.35
N MET C 119 26.14 32.07 6.12
CA MET C 119 27.54 31.78 5.83
C MET C 119 28.43 32.60 6.75
N TRP C 120 29.66 32.12 6.92
CA TRP C 120 30.66 32.78 7.75
C TRP C 120 31.57 33.63 6.88
N GLY C 121 31.72 34.90 7.24
CA GLY C 121 32.65 35.75 6.52
C GLY C 121 32.20 35.99 5.10
N VAL C 122 33.09 35.69 4.14
CA VAL C 122 32.79 35.89 2.73
C VAL C 122 32.20 34.63 2.11
N GLN C 123 32.75 33.46 2.41
CA GLN C 123 32.32 32.23 1.77
C GLN C 123 32.64 31.01 2.63
N GLY C 124 32.54 31.13 3.95
CA GLY C 124 32.90 30.05 4.83
C GLY C 124 31.70 29.37 5.50
N TYR C 125 31.94 28.18 6.07
CA TYR C 125 30.87 27.46 6.76
C TYR C 125 31.51 26.56 7.82
N ASP C 126 30.66 25.93 8.63
CA ASP C 126 31.13 25.03 9.68
C ASP C 126 31.56 23.71 9.05
N SER C 127 32.79 23.68 8.54
CA SER C 127 33.30 22.47 7.92
C SER C 127 33.38 21.31 8.91
N CYS C 128 33.55 21.60 10.20
CA CYS C 128 33.63 20.53 11.18
C CYS C 128 32.30 19.80 11.34
N GLN C 129 31.20 20.57 11.41
CA GLN C 129 29.88 19.97 11.58
C GLN C 129 29.49 19.11 10.39
N MET C 130 29.91 19.50 9.19
CA MET C 130 29.45 18.79 7.99
C MET C 130 30.00 17.37 7.91
N VAL C 131 31.15 17.11 8.53
CA VAL C 131 31.72 15.76 8.56
C VAL C 131 31.63 15.14 9.96
N GLU C 132 30.74 15.68 10.79
CA GLU C 132 30.67 15.27 12.19
C GLU C 132 30.33 13.79 12.34
N ARG C 133 29.48 13.27 11.47
CA ARG C 133 29.03 11.88 11.57
C ARG C 133 29.84 10.94 10.69
N VAL C 134 30.84 11.44 9.97
CA VAL C 134 31.57 10.62 9.00
C VAL C 134 33.07 10.84 9.17
N SER C 135 33.49 11.17 10.38
CA SER C 135 34.91 11.27 10.70
C SER C 135 35.09 10.99 12.19
N LYS C 136 36.31 10.58 12.55
CA LYS C 136 36.58 10.21 13.93
C LYS C 136 36.76 11.41 14.85
N TYR C 137 37.23 12.54 14.32
CA TYR C 137 37.53 13.68 15.15
C TYR C 137 37.52 14.94 14.29
N GLN C 138 36.94 16.01 14.83
CA GLN C 138 36.91 17.31 14.16
C GLN C 138 37.19 18.39 15.19
N MET C 139 37.95 19.41 14.78
CA MET C 139 38.26 20.51 15.68
C MET C 139 38.63 21.73 14.86
N ARG C 140 38.19 22.90 15.32
CA ARG C 140 38.59 24.18 14.77
C ARG C 140 39.60 24.82 15.72
N VAL C 141 40.81 25.04 15.23
CA VAL C 141 41.83 25.71 16.01
C VAL C 141 41.44 27.17 16.17
N THR C 142 41.23 27.60 17.42
CA THR C 142 40.90 28.98 17.73
C THR C 142 42.02 29.71 18.46
N LYS C 143 43.04 28.99 18.95
CA LYS C 143 44.20 29.60 19.59
C LYS C 143 45.46 29.16 18.86
N MET C 144 46.27 30.12 18.46
CA MET C 144 47.48 29.81 17.69
C MET C 144 48.35 28.78 18.40
N GLU C 145 48.40 28.85 19.73
CA GLU C 145 49.27 27.95 20.50
C GLU C 145 48.84 26.49 20.40
N ARG C 146 47.65 26.22 19.87
CA ARG C 146 47.11 24.87 19.79
C ARG C 146 47.15 24.32 18.37
N ALA C 147 47.69 25.07 17.41
CA ALA C 147 47.69 24.62 16.02
C ALA C 147 48.39 23.28 15.87
N VAL C 148 49.64 23.20 16.30
CA VAL C 148 50.37 21.94 16.20
C VAL C 148 49.73 20.88 17.09
N TYR C 149 49.14 21.29 18.21
CA TYR C 149 48.52 20.33 19.12
C TYR C 149 47.47 19.49 18.38
N GLU C 150 46.49 20.16 17.76
CA GLU C 150 45.39 19.43 17.15
C GLU C 150 45.84 18.55 16.00
N LEU C 151 46.84 19.01 15.23
CA LEU C 151 47.38 18.17 14.17
C LEU C 151 47.94 16.87 14.72
N GLU C 152 48.75 16.97 15.79
CA GLU C 152 49.29 15.77 16.41
C GLU C 152 48.18 14.91 16.98
N LYS C 153 47.16 15.53 17.57
CA LYS C 153 45.99 14.78 18.02
C LYS C 153 45.24 14.20 16.82
N GLY C 154 45.06 14.99 15.77
CA GLY C 154 44.35 14.50 14.59
C GLY C 154 45.00 13.28 13.98
N VAL C 155 46.33 13.30 13.86
CA VAL C 155 47.03 12.16 13.26
C VAL C 155 46.93 10.95 14.18
N HIS C 156 47.02 11.16 15.49
CA HIS C 156 46.97 10.03 16.41
C HIS C 156 45.60 9.37 16.40
N LEU C 157 44.54 10.17 16.50
CA LEU C 157 43.19 9.60 16.51
C LEU C 157 42.84 8.95 15.19
N ALA C 158 43.38 9.46 14.08
CA ALA C 158 43.15 8.82 12.79
C ALA C 158 43.73 7.43 12.74
N LEU C 159 44.82 7.17 13.46
CA LEU C 159 45.51 5.90 13.43
C LEU C 159 45.11 4.97 14.57
N GLU C 160 44.60 5.51 15.67
CA GLU C 160 44.25 4.71 16.84
C GLU C 160 43.06 3.80 16.56
N GLY C 161 43.06 2.63 17.21
CA GLY C 161 41.90 1.76 17.19
C GLY C 161 41.49 1.39 15.78
N ARG C 162 40.22 1.66 15.46
CA ARG C 162 39.72 1.51 14.10
C ARG C 162 40.10 2.78 13.34
N PRO C 163 41.02 2.71 12.37
CA PRO C 163 41.47 3.93 11.72
C PRO C 163 40.35 4.62 10.96
N GLY C 164 40.51 5.93 10.75
CA GLY C 164 39.58 6.73 9.99
C GLY C 164 40.07 8.15 9.79
N PRO C 165 39.31 8.94 9.04
CA PRO C 165 39.74 10.32 8.78
C PRO C 165 39.47 11.24 9.95
N THR C 166 40.30 12.28 10.06
CA THR C 166 40.12 13.35 11.02
C THR C 166 40.14 14.67 10.27
N TRP C 167 39.53 15.69 10.88
CA TRP C 167 39.27 16.96 10.21
C TRP C 167 39.72 18.10 11.13
N ILE C 168 40.82 18.74 10.79
CA ILE C 168 41.37 19.86 11.55
C ILE C 168 41.20 21.11 10.70
N GLU C 169 40.43 22.06 11.22
CA GLU C 169 40.16 23.32 10.53
C GLU C 169 40.98 24.43 11.17
N ILE C 170 41.79 25.12 10.38
CA ILE C 170 42.66 26.19 10.87
C ILE C 170 42.24 27.48 10.17
N PRO C 171 41.47 28.35 10.85
CA PRO C 171 41.10 29.63 10.25
C PRO C 171 42.28 30.39 9.67
N MET C 172 41.96 31.34 8.78
CA MET C 172 42.99 32.04 8.03
C MET C 172 43.93 32.81 8.93
N ASP C 173 43.39 33.68 9.79
CA ASP C 173 44.24 34.50 10.65
C ASP C 173 45.05 33.67 11.65
N ILE C 174 44.61 32.45 11.96
CA ILE C 174 45.40 31.59 12.82
C ILE C 174 46.67 31.16 12.11
N GLN C 175 46.58 30.88 10.81
CA GLN C 175 47.75 30.46 10.05
C GLN C 175 48.81 31.56 10.01
N SER C 176 48.38 32.79 9.70
CA SER C 176 49.30 33.91 9.52
C SER C 176 49.76 34.54 10.83
N GLY C 177 49.19 34.13 11.96
CA GLY C 177 49.66 34.65 13.22
C GLY C 177 51.09 34.23 13.51
N ARG C 178 51.69 34.95 14.47
CA ARG C 178 53.07 34.71 14.89
C ARG C 178 53.10 34.52 16.40
N ILE C 179 53.78 33.47 16.85
CA ILE C 179 53.97 33.20 18.27
C ILE C 179 55.41 32.74 18.50
N ASP C 180 55.81 32.69 19.76
CA ASP C 180 57.12 32.18 20.14
C ASP C 180 57.08 30.65 20.15
N PRO C 181 57.96 29.96 19.39
CA PRO C 181 57.84 28.51 19.30
C PRO C 181 57.86 27.78 20.64
N ALA C 182 58.34 28.42 21.70
CA ALA C 182 58.37 27.76 22.99
C ALA C 182 56.97 27.57 23.57
N THR C 183 56.03 28.44 23.20
CA THR C 183 54.68 28.39 23.73
C THR C 183 53.77 27.44 22.96
N LEU C 184 54.32 26.58 22.11
CA LEU C 184 53.51 25.61 21.36
C LEU C 184 53.12 24.46 22.26
N GLU C 185 51.82 24.25 22.43
CA GLU C 185 51.36 23.06 23.13
C GLU C 185 51.55 21.84 22.25
N HIS C 186 51.85 20.70 22.88
CA HIS C 186 52.03 19.44 22.17
C HIS C 186 51.13 18.38 22.78
N TYR C 187 50.74 17.42 21.95
CA TYR C 187 49.81 16.37 22.35
C TYR C 187 50.59 15.11 22.68
N VAL C 188 50.25 14.47 23.80
CA VAL C 188 50.89 13.25 24.24
C VAL C 188 49.84 12.15 24.21
N ALA C 189 49.98 11.23 23.26
CA ALA C 189 49.01 10.15 23.13
C ALA C 189 49.08 9.26 24.38
N PRO C 190 47.93 8.87 24.94
CA PRO C 190 47.97 7.96 26.09
C PRO C 190 48.55 6.62 25.69
N PRO C 191 49.01 5.82 26.66
CA PRO C 191 49.56 4.50 26.32
C PRO C 191 48.54 3.67 25.56
N ALA C 192 49.02 2.95 24.56
CA ALA C 192 48.13 2.11 23.77
C ALA C 192 47.44 1.10 24.68
N PRO C 193 46.15 0.88 24.53
CA PRO C 193 45.48 -0.14 25.35
C PRO C 193 46.06 -1.51 25.08
N ASP C 194 46.09 -2.34 26.12
CA ASP C 194 46.45 -3.75 25.97
C ASP C 194 45.15 -4.50 25.75
N TYR C 195 44.89 -4.89 24.50
CA TYR C 195 43.67 -5.60 24.18
C TYR C 195 43.64 -7.01 24.75
N LEU C 196 44.77 -7.53 25.22
CA LEU C 196 44.81 -8.89 25.79
C LEU C 196 44.51 -8.81 27.28
N THR C 197 43.24 -8.63 27.59
CA THR C 197 42.78 -8.68 28.97
C THR C 197 42.56 -10.13 29.36
N PRO C 198 42.42 -10.43 30.65
CA PRO C 198 42.08 -11.81 31.05
C PRO C 198 40.80 -12.30 30.40
N ALA C 199 39.84 -11.40 30.17
CA ALA C 199 38.59 -11.77 29.51
C ALA C 199 38.83 -12.10 28.05
N VAL C 200 39.58 -11.25 27.34
CA VAL C 200 39.90 -11.52 25.95
C VAL C 200 40.65 -12.85 25.83
N ALA C 201 41.59 -13.10 26.73
CA ALA C 201 42.34 -14.34 26.71
C ALA C 201 41.41 -15.55 26.83
N ALA C 202 40.36 -15.45 27.64
CA ALA C 202 39.40 -16.53 27.75
C ALA C 202 38.74 -16.81 26.40
N GLN C 203 38.41 -15.75 25.65
CA GLN C 203 37.82 -15.95 24.34
C GLN C 203 38.79 -16.63 23.38
N VAL C 204 40.08 -16.27 23.47
CA VAL C 204 41.08 -16.91 22.61
C VAL C 204 41.11 -18.41 22.86
N ASP C 205 41.10 -18.81 24.14
CA ASP C 205 41.10 -20.24 24.46
C ASP C 205 39.87 -20.93 23.89
N SER C 206 38.70 -20.29 23.98
CA SER C 206 37.49 -20.85 23.38
C SER C 206 37.65 -21.01 21.88
N VAL C 207 38.25 -20.03 21.22
CA VAL C 207 38.46 -20.13 19.77
C VAL C 207 39.42 -21.27 19.45
N LEU C 208 40.52 -21.37 20.21
CA LEU C 208 41.47 -22.46 19.97
C LEU C 208 40.80 -23.81 20.17
N ALA C 209 40.05 -23.97 21.26
CA ALA C 209 39.32 -25.21 21.48
C ALA C 209 38.43 -25.55 20.29
N ALA C 210 37.64 -24.57 19.83
CA ALA C 210 36.74 -24.81 18.71
C ALA C 210 37.52 -25.15 17.44
N LEU C 211 38.67 -24.51 17.24
CA LEU C 211 39.50 -24.84 16.07
C LEU C 211 40.07 -26.24 16.18
N ALA C 212 40.56 -26.62 17.36
CA ALA C 212 41.17 -27.93 17.52
C ALA C 212 40.17 -29.04 17.22
N LYS C 213 38.92 -28.86 17.63
CA LYS C 213 37.89 -29.87 17.45
C LYS C 213 37.17 -29.79 16.12
N ALA C 214 37.12 -28.61 15.50
CA ALA C 214 36.36 -28.43 14.26
C ALA C 214 36.87 -29.36 13.17
N GLU C 215 35.95 -29.95 12.43
CA GLU C 215 36.31 -30.81 11.31
C GLU C 215 36.33 -30.07 9.99
N ARG C 216 35.54 -29.01 9.86
CA ARG C 216 35.45 -28.22 8.62
C ARG C 216 35.54 -26.74 8.93
N PRO C 217 36.67 -26.29 9.47
CA PRO C 217 36.81 -24.88 9.82
C PRO C 217 37.11 -24.02 8.61
N VAL C 218 36.72 -22.74 8.70
CA VAL C 218 36.94 -21.76 7.65
C VAL C 218 37.25 -20.42 8.32
N LEU C 219 38.44 -19.89 8.08
CA LEU C 219 38.79 -18.56 8.53
C LEU C 219 38.39 -17.54 7.45
N TRP C 220 37.82 -16.42 7.89
CA TRP C 220 37.44 -15.33 6.99
C TRP C 220 38.27 -14.11 7.35
N LEU C 221 39.24 -13.77 6.50
CA LEU C 221 40.28 -12.79 6.80
C LEU C 221 40.02 -11.50 6.03
N GLY C 222 40.09 -10.36 6.73
CA GLY C 222 39.75 -9.08 6.16
C GLY C 222 40.84 -8.05 6.37
N ASN C 223 40.60 -6.88 5.78
CA ASN C 223 41.59 -5.80 5.73
C ASN C 223 41.94 -5.28 7.12
N GLY C 224 41.13 -5.58 8.14
CA GLY C 224 41.48 -5.19 9.49
C GLY C 224 42.83 -5.75 9.93
N ILE C 225 43.20 -6.91 9.38
CA ILE C 225 44.49 -7.52 9.72
C ILE C 225 45.63 -6.65 9.20
N ARG C 226 45.57 -6.27 7.92
CA ARG C 226 46.62 -5.43 7.35
C ARG C 226 46.69 -4.08 8.06
N LEU C 227 45.53 -3.54 8.46
CA LEU C 227 45.52 -2.29 9.21
C LEU C 227 46.16 -2.46 10.59
N ALA C 228 46.11 -3.66 11.15
CA ALA C 228 46.74 -3.92 12.43
C ALA C 228 48.22 -4.26 12.29
N GLY C 229 48.65 -4.63 11.09
CA GLY C 229 50.03 -4.97 10.86
C GLY C 229 50.37 -6.42 11.07
N GLY C 230 49.42 -7.32 10.84
CA GLY C 230 49.65 -8.73 11.12
C GLY C 230 49.45 -9.64 9.92
N GLU C 231 49.47 -9.09 8.71
CA GLU C 231 49.29 -9.91 7.52
C GLU C 231 50.43 -10.89 7.33
N ARG C 232 51.56 -10.69 7.99
CA ARG C 232 52.67 -11.63 7.91
C ARG C 232 52.47 -12.83 8.82
N LEU C 233 51.57 -12.75 9.79
CA LEU C 233 51.27 -13.86 10.69
C LEU C 233 50.23 -14.81 10.11
N LEU C 234 49.77 -14.58 8.89
CA LEU C 234 48.67 -15.40 8.35
C LEU C 234 49.18 -16.73 7.81
N LYS C 235 50.31 -16.72 7.11
CA LYS C 235 50.88 -17.98 6.64
C LYS C 235 51.22 -18.93 7.77
N PRO C 236 51.93 -18.52 8.82
CA PRO C 236 52.17 -19.43 9.94
C PRO C 236 50.92 -19.80 10.71
N LEU C 237 49.85 -18.99 10.62
CA LEU C 237 48.62 -19.31 11.34
C LEU C 237 47.78 -20.33 10.58
N LEU C 238 47.70 -20.21 9.25
CA LEU C 238 46.90 -21.15 8.48
C LEU C 238 47.58 -22.52 8.39
N GLU C 239 48.91 -22.54 8.30
CA GLU C 239 49.61 -23.81 8.18
C GLU C 239 49.68 -24.54 9.52
N LYS C 240 49.76 -23.80 10.63
CA LYS C 240 49.74 -24.44 11.94
C LYS C 240 48.37 -24.98 12.31
N LEU C 241 47.30 -24.45 11.71
CA LEU C 241 45.95 -24.95 11.92
C LEU C 241 45.49 -25.91 10.84
N GLY C 242 46.14 -25.90 9.67
CA GLY C 242 45.70 -26.75 8.57
C GLY C 242 44.27 -26.50 8.15
N SER C 243 43.75 -25.26 8.36
CA SER C 243 42.36 -24.93 8.08
C SER C 243 42.24 -24.05 6.84
N PRO C 244 41.29 -24.33 5.95
CA PRO C 244 41.06 -23.43 4.81
C PRO C 244 40.73 -22.02 5.26
N ALA C 245 40.94 -21.08 4.35
CA ALA C 245 40.73 -19.66 4.64
C ALA C 245 40.10 -18.96 3.44
N LEU C 246 39.23 -18.00 3.74
CA LEU C 246 38.66 -17.11 2.74
C LEU C 246 39.13 -15.69 3.02
N VAL C 247 39.21 -14.88 1.97
CA VAL C 247 39.62 -13.49 2.09
C VAL C 247 38.49 -12.60 1.59
N SER C 248 38.26 -11.49 2.29
CA SER C 248 37.32 -10.49 1.83
C SER C 248 37.87 -9.78 0.60
N TRP C 249 37.00 -9.04 -0.08
CA TRP C 249 37.46 -8.29 -1.27
C TRP C 249 38.54 -7.28 -0.91
N ALA C 250 38.49 -6.73 0.31
CA ALA C 250 39.51 -5.77 0.72
C ALA C 250 40.79 -6.44 1.17
N GLY C 251 40.74 -7.70 1.61
CA GLY C 251 41.92 -8.38 2.11
C GLY C 251 42.48 -9.41 1.14
N ILE C 252 42.09 -9.33 -0.13
CA ILE C 252 42.56 -10.29 -1.13
C ILE C 252 44.08 -10.36 -1.14
N ASP C 253 44.73 -9.20 -1.17
CA ASP C 253 46.18 -9.13 -1.38
C ASP C 253 46.98 -9.43 -0.12
N MET C 254 46.34 -9.87 0.97
CA MET C 254 47.08 -10.21 2.17
C MET C 254 47.75 -11.58 2.09
N LEU C 255 47.13 -12.52 1.37
CA LEU C 255 47.68 -13.86 1.19
C LEU C 255 47.69 -14.20 -0.29
N ASP C 256 48.71 -14.94 -0.70
CA ASP C 256 48.78 -15.40 -2.08
C ASP C 256 47.51 -16.15 -2.43
N SER C 257 46.89 -15.76 -3.56
CA SER C 257 45.66 -16.39 -3.99
C SER C 257 45.85 -17.88 -4.29
N SER C 258 47.07 -18.32 -4.54
CA SER C 258 47.35 -19.71 -4.88
C SER C 258 47.89 -20.51 -3.70
N HIS C 259 47.90 -19.94 -2.51
CA HIS C 259 48.29 -20.69 -1.33
C HIS C 259 47.40 -21.93 -1.21
N PRO C 260 47.95 -23.04 -0.72
CA PRO C 260 47.16 -24.29 -0.69
C PRO C 260 45.94 -24.23 0.22
N LEU C 261 45.87 -23.26 1.15
CA LEU C 261 44.78 -23.18 2.11
C LEU C 261 43.87 -21.97 1.89
N VAL C 262 44.09 -21.19 0.84
CA VAL C 262 43.24 -20.05 0.49
C VAL C 262 42.32 -20.48 -0.63
N PHE C 263 41.03 -20.17 -0.53
CA PHE C 263 40.03 -20.70 -1.45
C PHE C 263 39.03 -19.62 -1.90
N GLY C 264 39.50 -18.40 -2.09
CA GLY C 264 38.71 -17.38 -2.75
C GLY C 264 37.97 -16.45 -1.81
N ARG C 265 36.93 -15.82 -2.36
CA ARG C 265 36.16 -14.79 -1.66
C ARG C 265 34.66 -15.06 -1.86
N ALA C 266 33.92 -15.07 -0.77
CA ALA C 266 32.50 -15.37 -0.77
C ALA C 266 31.67 -14.10 -0.56
N GLY C 267 30.42 -14.16 -0.99
CA GLY C 267 29.50 -13.08 -0.76
C GLY C 267 28.41 -13.06 -1.81
N VAL C 268 27.73 -11.92 -1.90
CA VAL C 268 26.66 -11.74 -2.88
C VAL C 268 27.22 -11.82 -4.29
N TYR C 269 28.44 -11.33 -4.48
CA TYR C 269 29.19 -11.52 -5.72
C TYR C 269 30.37 -12.46 -5.49
N GLY C 270 30.19 -13.44 -4.62
CA GLY C 270 31.25 -14.37 -4.31
C GLY C 270 31.43 -15.41 -5.41
N GLN C 271 32.52 -16.14 -5.30
CA GLN C 271 32.77 -17.26 -6.20
C GLN C 271 31.97 -18.48 -5.75
N ARG C 272 31.45 -19.23 -6.72
CA ARG C 272 30.63 -20.39 -6.40
C ARG C 272 31.34 -21.30 -5.40
N ALA C 273 32.57 -21.69 -5.71
CA ALA C 273 33.32 -22.57 -4.82
C ALA C 273 33.46 -21.95 -3.43
N ALA C 274 33.67 -20.64 -3.37
CA ALA C 274 33.88 -19.99 -2.07
C ALA C 274 32.61 -20.04 -1.22
N ASN C 275 31.44 -19.85 -1.83
CA ASN C 275 30.20 -19.85 -1.06
C ASN C 275 29.87 -21.24 -0.55
N PHE C 276 30.10 -22.27 -1.38
CA PHE C 276 29.90 -23.64 -0.92
C PHE C 276 30.83 -23.98 0.25
N ILE C 277 32.08 -23.52 0.20
CA ILE C 277 33.00 -23.77 1.31
C ILE C 277 32.50 -23.08 2.57
N LEU C 278 31.97 -21.88 2.43
CA LEU C 278 31.46 -21.14 3.59
C LEU C 278 30.19 -21.78 4.12
N GLN C 279 29.23 -22.04 3.25
CA GLN C 279 27.93 -22.54 3.70
C GLN C 279 27.97 -23.96 4.21
N ASN C 280 29.05 -24.71 3.97
CA ASN C 280 29.17 -26.09 4.43
C ASN C 280 30.19 -26.26 5.54
N SER C 281 30.63 -25.18 6.17
CA SER C 281 31.56 -25.32 7.28
C SER C 281 30.81 -25.62 8.58
N ASP C 282 31.56 -26.09 9.57
CA ASP C 282 31.04 -26.28 10.92
C ASP C 282 31.61 -25.27 11.89
N TYR C 283 32.51 -24.39 11.44
CA TYR C 283 33.04 -23.34 12.30
C TYR C 283 33.65 -22.27 11.39
N VAL C 284 33.41 -21.01 11.75
CA VAL C 284 33.87 -19.86 10.99
C VAL C 284 34.51 -18.88 11.95
N LEU C 285 35.78 -18.55 11.72
CA LEU C 285 36.52 -17.60 12.54
C LEU C 285 36.81 -16.37 11.68
N ALA C 286 36.05 -15.31 11.90
CA ALA C 286 36.20 -14.06 11.17
C ALA C 286 37.19 -13.16 11.89
N ILE C 287 38.28 -12.82 11.21
CA ILE C 287 39.35 -12.00 11.78
C ILE C 287 39.50 -10.75 10.91
N GLY C 288 39.21 -9.59 11.50
CA GLY C 288 39.44 -8.33 10.81
C GLY C 288 38.53 -8.06 9.64
N THR C 289 37.43 -8.81 9.49
CA THR C 289 36.47 -8.59 8.41
C THR C 289 35.16 -8.07 9.00
N ARG C 290 34.57 -7.08 8.31
CA ARG C 290 33.38 -6.41 8.80
C ARG C 290 32.10 -7.25 8.65
N LEU C 291 32.15 -8.35 7.91
CA LEU C 291 30.96 -9.16 7.63
C LEU C 291 29.81 -8.26 7.18
N ALA C 292 30.08 -7.54 6.08
CA ALA C 292 29.12 -6.60 5.54
C ALA C 292 28.00 -7.35 4.83
N ILE C 293 26.95 -6.60 4.47
CA ILE C 293 25.82 -7.21 3.80
C ILE C 293 26.24 -7.90 2.51
N PRO C 294 27.09 -7.33 1.65
CA PRO C 294 27.52 -8.04 0.45
C PRO C 294 28.37 -9.28 0.73
N GLN C 295 28.79 -9.49 1.98
CA GLN C 295 29.57 -10.67 2.34
C GLN C 295 28.70 -11.81 2.83
N ILE C 296 27.71 -11.52 3.68
CA ILE C 296 26.94 -12.54 4.39
C ILE C 296 25.53 -12.66 3.88
N GLY C 297 25.11 -11.81 2.96
CA GLY C 297 23.76 -11.89 2.44
C GLY C 297 22.78 -11.15 3.33
N TYR C 298 21.50 -11.53 3.18
CA TYR C 298 20.40 -10.80 3.79
C TYR C 298 19.69 -11.59 4.89
N ASP C 299 20.28 -12.67 5.39
CA ASP C 299 19.67 -13.41 6.49
C ASP C 299 20.75 -14.18 7.22
N LEU C 300 20.99 -13.80 8.49
CA LEU C 300 21.98 -14.49 9.31
C LEU C 300 21.57 -15.92 9.63
N ASN C 301 20.27 -16.23 9.57
CA ASN C 301 19.81 -17.60 9.80
C ASN C 301 20.09 -18.52 8.63
N GLU C 302 20.47 -17.98 7.47
CA GLU C 302 20.85 -18.77 6.31
C GLU C 302 22.36 -18.80 6.11
N LEU C 303 23.13 -18.14 6.97
CA LEU C 303 24.58 -18.06 6.82
C LEU C 303 25.22 -19.22 7.56
N ALA C 304 25.94 -20.06 6.83
CA ALA C 304 26.71 -21.18 7.39
C ALA C 304 25.90 -21.91 8.45
N ARG C 305 24.74 -22.41 8.02
CA ARG C 305 23.73 -22.93 8.92
C ARG C 305 24.21 -24.13 9.74
N LEU C 306 25.37 -24.69 9.42
CA LEU C 306 25.95 -25.80 10.17
C LEU C 306 27.08 -25.39 11.10
N ALA C 307 27.38 -24.10 11.20
CA ALA C 307 28.64 -23.65 11.81
C ALA C 307 28.42 -22.68 12.95
N ARG C 308 29.25 -22.82 13.97
CA ARG C 308 29.45 -21.77 14.96
C ARG C 308 30.32 -20.68 14.35
N ILE C 309 29.99 -19.42 14.62
CA ILE C 309 30.67 -18.27 14.02
C ILE C 309 31.22 -17.39 15.14
N ASP C 310 32.54 -17.22 15.16
CA ASP C 310 33.20 -16.27 16.05
C ASP C 310 33.77 -15.12 15.23
N VAL C 311 33.78 -13.93 15.83
CA VAL C 311 34.14 -12.70 15.14
C VAL C 311 35.17 -11.96 15.97
N VAL C 312 36.23 -11.49 15.32
CA VAL C 312 37.24 -10.62 15.94
C VAL C 312 37.22 -9.30 15.19
N ASP C 313 37.12 -8.21 15.95
CA ASP C 313 37.05 -6.88 15.35
C ASP C 313 37.32 -5.81 16.41
N ILE C 314 38.15 -4.82 16.07
CA ILE C 314 38.55 -3.85 17.08
C ILE C 314 37.42 -2.89 17.43
N ASP C 315 36.40 -2.78 16.57
CA ASP C 315 35.26 -1.89 16.80
C ASP C 315 34.18 -2.67 17.54
N GLY C 316 33.86 -2.24 18.75
CA GLY C 316 32.90 -2.98 19.56
C GLY C 316 31.54 -3.11 18.89
N ASP C 317 31.12 -2.04 18.20
CA ASP C 317 29.82 -2.06 17.54
C ASP C 317 29.82 -3.02 16.36
N GLU C 318 30.90 -3.04 15.58
CA GLU C 318 30.98 -4.01 14.49
C GLU C 318 31.06 -5.44 15.00
N ALA C 319 31.63 -5.64 16.19
CA ALA C 319 31.86 -6.99 16.69
C ALA C 319 30.60 -7.68 17.20
N ILE C 320 29.58 -6.92 17.61
CA ILE C 320 28.37 -7.49 18.18
C ILE C 320 27.15 -7.28 17.30
N LYS C 321 27.32 -6.71 16.10
CA LYS C 321 26.16 -6.43 15.26
C LYS C 321 25.46 -7.70 14.79
N HIS C 322 26.16 -8.83 14.83
CA HIS C 322 25.57 -10.13 14.50
C HIS C 322 25.41 -11.02 15.72
N ALA C 323 25.37 -10.43 16.92
CA ALA C 323 25.35 -11.21 18.16
C ALA C 323 24.20 -12.20 18.23
N LYS C 324 23.16 -12.03 17.41
CA LYS C 324 22.08 -13.01 17.35
C LYS C 324 22.51 -14.30 16.67
N ARG C 325 23.63 -14.30 15.98
CA ARG C 325 24.12 -15.46 15.23
C ARG C 325 25.52 -15.89 15.62
N THR C 326 26.38 -14.96 16.03
CA THR C 326 27.74 -15.27 16.43
C THR C 326 27.79 -15.64 17.90
N GLN C 327 28.81 -16.39 18.28
CA GLN C 327 28.95 -16.85 19.66
C GLN C 327 29.98 -16.03 20.42
N GLU C 328 31.24 -16.13 20.00
CA GLU C 328 32.30 -15.33 20.60
C GLU C 328 32.46 -14.05 19.79
N ASN C 329 32.26 -12.91 20.44
CA ASN C 329 32.40 -11.59 19.83
C ASN C 329 33.59 -10.91 20.50
N ILE C 330 34.75 -11.00 19.88
CA ILE C 330 36.01 -10.59 20.48
C ILE C 330 36.36 -9.19 20.00
N VAL C 331 36.43 -8.25 20.95
CA VAL C 331 36.83 -6.88 20.65
C VAL C 331 38.33 -6.79 20.92
N CYS C 332 39.14 -6.96 19.86
CA CYS C 332 40.58 -7.01 20.03
C CYS C 332 41.26 -6.73 18.70
N ASP C 333 42.43 -6.07 18.79
CA ASP C 333 43.24 -5.81 17.62
C ASP C 333 43.58 -7.12 16.91
N ALA C 334 43.58 -7.09 15.58
CA ALA C 334 43.74 -8.30 14.80
C ALA C 334 45.12 -8.92 15.00
N ARG C 335 46.17 -8.09 15.01
CA ARG C 335 47.51 -8.61 15.23
C ARG C 335 47.65 -9.19 16.63
N VAL C 336 47.23 -8.44 17.65
CA VAL C 336 47.34 -8.93 19.02
C VAL C 336 46.61 -10.27 19.16
N PHE C 337 45.43 -10.40 18.54
CA PHE C 337 44.68 -11.64 18.66
C PHE C 337 45.40 -12.79 17.97
N ILE C 338 45.95 -12.55 16.79
CA ILE C 338 46.62 -13.63 16.07
C ILE C 338 47.91 -14.02 16.78
N GLU C 339 48.63 -13.05 17.35
CA GLU C 339 49.81 -13.36 18.14
C GLU C 339 49.43 -14.17 19.38
N ALA C 340 48.35 -13.78 20.05
CA ALA C 340 47.85 -14.54 21.19
C ALA C 340 47.48 -15.96 20.76
N LEU C 341 46.90 -16.11 19.57
CA LEU C 341 46.47 -17.43 19.13
C LEU C 341 47.65 -18.30 18.75
N LEU C 342 48.68 -17.71 18.16
CA LEU C 342 49.90 -18.47 17.85
C LEU C 342 50.64 -18.84 19.13
N ALA C 343 50.66 -17.94 20.11
CA ALA C 343 51.35 -18.23 21.37
C ALA C 343 50.76 -19.46 22.05
N ARG C 344 49.45 -19.63 21.99
CA ARG C 344 48.81 -20.82 22.54
C ARG C 344 48.94 -22.03 21.62
N LEU C 345 49.23 -21.81 20.34
CA LEU C 345 49.48 -22.91 19.42
C LEU C 345 50.92 -23.41 19.52
N ASN C 346 51.85 -22.53 19.88
CA ASN C 346 53.26 -22.88 20.02
C ASN C 346 53.63 -23.23 21.46
N ALA C 347 52.68 -23.21 22.38
CA ALA C 347 52.98 -23.56 23.76
C ALA C 347 53.19 -25.06 23.90
N ALA C 348 53.90 -25.43 24.97
CA ALA C 348 54.14 -26.85 25.22
C ALA C 348 52.83 -27.57 25.53
N ASP C 349 51.91 -26.91 26.23
CA ASP C 349 50.62 -27.49 26.56
C ASP C 349 49.56 -27.22 25.49
N ALA C 350 49.97 -27.08 24.23
CA ALA C 350 49.02 -26.79 23.17
C ALA C 350 48.10 -27.99 22.95
N PRO C 351 46.79 -27.78 22.80
CA PRO C 351 45.89 -28.90 22.57
C PRO C 351 46.16 -29.57 21.23
N ALA C 352 45.63 -30.78 21.10
CA ALA C 352 45.75 -31.54 19.86
C ALA C 352 44.75 -31.03 18.84
N ILE C 353 45.25 -30.71 17.65
CA ILE C 353 44.42 -30.17 16.57
C ILE C 353 43.97 -31.33 15.71
N ALA C 354 42.69 -31.67 15.76
CA ALA C 354 42.14 -32.71 14.91
C ALA C 354 42.46 -32.42 13.44
N SER C 355 42.43 -33.45 12.62
CA SER C 355 42.77 -33.33 11.21
C SER C 355 41.62 -32.73 10.43
N LYS C 356 41.93 -31.79 9.55
CA LYS C 356 40.99 -31.23 8.61
C LYS C 356 41.23 -31.73 7.19
N ALA C 357 42.05 -32.76 7.03
CA ALA C 357 42.47 -33.19 5.70
C ALA C 357 41.27 -33.47 4.80
N ASP C 358 40.24 -34.13 5.33
CA ASP C 358 39.06 -34.42 4.51
C ASP C 358 38.36 -33.14 4.08
N TRP C 359 38.37 -32.12 4.94
CA TRP C 359 37.77 -30.84 4.58
C TRP C 359 38.59 -30.14 3.51
N VAL C 360 39.91 -30.04 3.73
CA VAL C 360 40.77 -29.40 2.73
C VAL C 360 40.59 -30.06 1.36
N ALA C 361 40.50 -31.39 1.34
CA ALA C 361 40.29 -32.08 0.07
C ALA C 361 38.93 -31.76 -0.54
N LYS C 362 37.92 -31.56 0.31
CA LYS C 362 36.59 -31.23 -0.22
C LYS C 362 36.55 -29.80 -0.76
N CYS C 363 37.34 -28.90 -0.17
CA CYS C 363 37.45 -27.55 -0.70
C CYS C 363 38.04 -27.57 -2.10
N ARG C 364 39.13 -28.32 -2.29
CA ARG C 364 39.77 -28.38 -3.61
C ARG C 364 38.81 -28.92 -4.66
N ALA C 365 38.00 -29.91 -4.30
CA ALA C 365 37.05 -30.46 -5.25
C ALA C 365 35.98 -29.43 -5.63
N TYR C 366 35.59 -28.57 -4.69
CA TYR C 366 34.68 -27.48 -5.01
C TYR C 366 35.27 -26.57 -6.09
N GLU C 367 36.55 -26.19 -5.92
CA GLU C 367 37.19 -25.35 -6.93
C GLU C 367 37.35 -26.10 -8.25
N GLU C 368 37.70 -27.38 -8.20
CA GLU C 368 37.73 -28.19 -9.40
C GLU C 368 36.39 -28.14 -10.12
N GLN C 369 35.30 -28.26 -9.37
CA GLN C 369 33.97 -28.34 -9.98
C GLN C 369 33.47 -26.97 -10.42
N PHE C 370 33.83 -25.91 -9.71
CA PHE C 370 33.34 -24.56 -9.99
C PHE C 370 34.53 -23.63 -10.14
N PRO C 371 35.12 -23.56 -11.34
CA PRO C 371 36.23 -22.63 -11.55
C PRO C 371 35.75 -21.19 -11.54
N TRP C 372 36.66 -20.28 -11.19
CA TRP C 372 36.30 -18.87 -11.10
C TRP C 372 35.80 -18.33 -12.43
N VAL C 373 36.43 -18.74 -13.53
CA VAL C 373 36.01 -18.37 -14.88
C VAL C 373 35.52 -19.66 -15.54
N GLY C 374 34.20 -19.79 -15.65
CA GLY C 374 33.59 -21.01 -16.16
C GLY C 374 32.75 -20.80 -17.40
N ALA C 375 31.95 -21.81 -17.76
CA ALA C 375 31.17 -21.74 -18.99
C ALA C 375 30.19 -20.57 -18.98
N GLU C 376 29.78 -20.13 -17.79
CA GLU C 376 28.89 -18.99 -17.67
C GLU C 376 29.53 -17.68 -18.12
N HIS C 377 30.83 -17.68 -18.41
CA HIS C 377 31.58 -16.49 -18.79
C HIS C 377 32.09 -16.58 -20.23
N ALA C 378 31.27 -17.12 -21.13
CA ALA C 378 31.68 -17.28 -22.52
C ALA C 378 31.60 -15.95 -23.26
N ASP C 379 32.43 -15.83 -24.29
CA ASP C 379 32.46 -14.63 -25.11
C ASP C 379 31.12 -14.47 -25.82
N PRO C 380 30.40 -13.36 -25.61
CA PRO C 380 29.10 -13.20 -26.28
C PRO C 380 29.14 -12.34 -27.52
N GLU C 381 28.51 -12.79 -28.60
CA GLU C 381 28.20 -11.96 -29.76
C GLU C 381 29.42 -11.18 -30.26
N GLY C 382 30.52 -11.89 -30.50
CA GLY C 382 31.71 -11.23 -30.99
C GLY C 382 32.25 -10.16 -30.06
N PHE C 383 32.09 -10.34 -28.76
CA PHE C 383 32.68 -9.49 -27.76
C PHE C 383 33.55 -10.33 -26.83
N ILE C 384 34.48 -9.66 -26.17
CA ILE C 384 35.25 -10.32 -25.12
C ILE C 384 34.42 -10.30 -23.85
N ASN C 385 34.50 -11.37 -23.07
CA ASN C 385 33.86 -11.39 -21.76
C ASN C 385 34.81 -10.82 -20.71
N SER C 386 34.33 -9.82 -19.97
CA SER C 386 35.20 -9.13 -19.01
C SER C 386 35.87 -10.09 -18.05
N TYR C 387 35.17 -11.18 -17.68
CA TYR C 387 35.76 -12.14 -16.74
C TYR C 387 36.92 -12.88 -17.37
N ARG C 388 36.81 -13.23 -18.66
CA ARG C 388 37.93 -13.86 -19.35
C ARG C 388 39.08 -12.87 -19.55
N PHE C 389 38.76 -11.64 -19.95
CA PHE C 389 39.80 -10.63 -20.12
C PHE C 389 40.58 -10.41 -18.83
N MET C 390 39.87 -10.40 -17.68
CA MET C 390 40.58 -10.31 -16.40
C MET C 390 41.53 -11.48 -16.22
N GLU C 391 41.09 -12.69 -16.59
CA GLU C 391 41.96 -13.86 -16.46
C GLU C 391 43.19 -13.72 -17.36
N ARG C 392 42.99 -13.18 -18.55
CA ARG C 392 44.11 -12.92 -19.39
C ARG C 392 45.02 -11.83 -18.88
N LEU C 393 44.45 -10.69 -18.50
CA LEU C 393 45.24 -9.59 -17.97
C LEU C 393 46.03 -10.00 -16.72
N ASN C 394 45.49 -10.93 -15.92
CA ASN C 394 46.19 -11.35 -14.72
C ASN C 394 47.58 -11.87 -15.06
N GLY C 395 47.74 -12.50 -16.22
CA GLY C 395 49.03 -13.08 -16.57
C GLY C 395 50.13 -12.05 -16.74
N PHE C 396 49.77 -10.81 -17.08
CA PHE C 396 50.73 -9.76 -17.38
C PHE C 396 51.10 -8.93 -16.15
N PHE C 397 50.63 -9.30 -14.97
CA PHE C 397 50.98 -8.57 -13.75
C PHE C 397 52.50 -8.58 -13.55
N LYS C 398 53.01 -7.48 -13.04
CA LYS C 398 54.42 -7.38 -12.68
C LYS C 398 54.63 -7.93 -11.27
N ASP C 399 55.87 -8.35 -10.99
CA ASP C 399 56.18 -8.98 -9.72
C ASP C 399 55.81 -8.11 -8.53
N ASP C 400 55.68 -6.80 -8.73
CA ASP C 400 55.29 -5.86 -7.68
C ASP C 400 54.06 -5.06 -8.09
N GLN C 401 53.20 -5.67 -8.90
CA GLN C 401 52.04 -4.97 -9.44
C GLN C 401 51.13 -4.46 -8.34
N VAL C 402 50.60 -3.25 -8.53
CA VAL C 402 49.54 -2.69 -7.70
C VAL C 402 48.36 -2.38 -8.62
N VAL C 403 47.18 -2.84 -8.23
CA VAL C 403 45.98 -2.71 -9.04
C VAL C 403 44.91 -2.01 -8.21
N VAL C 404 44.39 -0.91 -8.74
CA VAL C 404 43.26 -0.20 -8.14
C VAL C 404 42.10 -0.26 -9.14
N THR C 405 40.88 -0.24 -8.61
CA THR C 405 39.69 -0.38 -9.42
C THR C 405 38.66 0.67 -9.04
N ASP C 406 37.87 1.07 -10.03
CA ASP C 406 36.68 1.87 -9.79
C ASP C 406 35.56 0.90 -9.42
N MET C 407 34.30 1.27 -9.67
CA MET C 407 33.20 0.34 -9.45
C MET C 407 32.91 -0.40 -10.75
N GLY C 408 31.66 -0.76 -11.00
CA GLY C 408 31.27 -1.40 -12.24
C GLY C 408 32.10 -2.64 -12.54
N THR C 409 32.29 -2.88 -13.85
CA THR C 409 32.92 -4.10 -14.31
C THR C 409 34.29 -4.32 -13.68
N ALA C 410 35.04 -3.23 -13.47
CA ALA C 410 36.37 -3.36 -12.90
C ALA C 410 36.30 -3.90 -11.48
N LEU C 411 35.28 -3.49 -10.72
CA LEU C 411 35.14 -3.97 -9.35
C LEU C 411 34.67 -5.42 -9.32
N LEU C 412 33.67 -5.76 -10.12
CA LEU C 412 33.07 -7.09 -10.05
C LEU C 412 33.95 -8.14 -10.71
N SER C 413 34.28 -7.96 -11.99
CA SER C 413 35.10 -8.94 -12.68
C SER C 413 36.49 -9.04 -12.09
N GLY C 414 37.01 -7.94 -11.54
CA GLY C 414 38.36 -7.97 -11.00
C GLY C 414 38.44 -8.72 -9.68
N HIS C 415 37.51 -8.47 -8.77
CA HIS C 415 37.55 -9.13 -7.48
C HIS C 415 37.07 -10.58 -7.54
N GLN C 416 36.35 -10.95 -8.59
CA GLN C 416 35.85 -12.31 -8.75
C GLN C 416 36.80 -13.20 -9.53
N VAL C 417 37.91 -12.67 -10.04
CA VAL C 417 38.77 -13.41 -10.95
C VAL C 417 40.24 -13.24 -10.57
N LEU C 418 40.67 -12.01 -10.34
CA LEU C 418 42.09 -11.72 -10.26
C LEU C 418 42.74 -12.47 -9.10
N ARG C 419 43.97 -12.93 -9.35
CA ARG C 419 44.80 -13.61 -8.36
C ARG C 419 46.04 -12.76 -8.10
N PHE C 420 46.53 -12.81 -6.87
CA PHE C 420 47.63 -11.96 -6.42
C PHE C 420 48.65 -12.78 -5.66
N LYS C 421 49.93 -12.51 -5.92
CA LYS C 421 51.02 -13.11 -5.17
C LYS C 421 51.54 -12.14 -4.12
N GLU C 422 52.40 -12.65 -3.25
CA GLU C 422 53.06 -11.77 -2.29
C GLU C 422 53.81 -10.68 -3.05
N GLY C 423 53.73 -9.45 -2.56
CA GLY C 423 54.34 -8.32 -3.22
C GLY C 423 53.43 -7.54 -4.13
N GLN C 424 52.27 -8.09 -4.48
CA GLN C 424 51.27 -7.37 -5.24
C GLN C 424 50.21 -6.83 -4.28
N ARG C 425 49.48 -5.81 -4.74
CA ARG C 425 48.49 -5.13 -3.93
C ARG C 425 47.21 -4.92 -4.74
N PHE C 426 46.10 -4.82 -4.00
CA PHE C 426 44.77 -4.67 -4.59
C PHE C 426 43.99 -3.70 -3.72
N MET C 427 43.50 -2.61 -4.31
CA MET C 427 42.85 -1.56 -3.55
C MET C 427 41.64 -1.04 -4.29
N THR C 428 40.64 -0.62 -3.52
CA THR C 428 39.48 0.10 -4.03
C THR C 428 38.69 0.59 -2.81
N SER C 429 37.50 1.13 -3.06
CA SER C 429 36.62 1.65 -2.01
C SER C 429 35.31 0.87 -2.04
N THR C 430 35.15 -0.08 -1.12
CA THR C 430 33.95 -0.89 -1.07
C THR C 430 32.93 -0.40 -0.04
N GLY C 431 33.40 0.26 1.01
CA GLY C 431 32.50 0.78 2.04
C GLY C 431 31.47 1.74 1.47
N LEU C 432 31.93 2.78 0.76
CA LEU C 432 31.02 3.71 0.11
C LEU C 432 30.74 3.32 -1.34
N GLY C 433 31.70 2.69 -2.01
CA GLY C 433 31.50 2.24 -3.38
C GLY C 433 31.16 3.37 -4.33
N GLU C 434 31.94 4.44 -4.29
CA GLU C 434 31.68 5.62 -5.09
C GLU C 434 32.34 5.49 -6.45
N MET C 435 31.60 5.86 -7.50
CA MET C 435 32.21 5.96 -8.82
C MET C 435 33.22 7.10 -8.85
N GLY C 436 34.28 6.91 -9.62
CA GLY C 436 35.33 7.88 -9.73
C GLY C 436 36.44 7.73 -8.70
N TYR C 437 36.56 6.56 -8.09
CA TYR C 437 37.64 6.31 -7.13
C TYR C 437 38.90 5.82 -7.81
N GLY C 438 38.80 5.23 -9.00
CA GLY C 438 39.94 4.67 -9.69
C GLY C 438 41.09 5.63 -9.89
N LEU C 439 40.85 6.72 -10.64
CA LEU C 439 41.92 7.67 -10.91
C LEU C 439 42.52 8.24 -9.64
N PRO C 440 41.76 8.87 -8.74
CA PRO C 440 42.38 9.37 -7.50
C PRO C 440 43.13 8.29 -6.74
N ALA C 441 42.66 7.04 -6.82
CA ALA C 441 43.33 5.96 -6.10
C ALA C 441 44.72 5.70 -6.68
N ALA C 442 44.84 5.72 -8.01
CA ALA C 442 46.15 5.51 -8.63
C ALA C 442 47.12 6.61 -8.24
N LEU C 443 46.65 7.86 -8.20
CA LEU C 443 47.50 8.97 -7.77
C LEU C 443 48.11 8.68 -6.40
N GLY C 444 47.28 8.24 -5.45
CA GLY C 444 47.77 7.95 -4.12
C GLY C 444 48.88 6.92 -4.15
N VAL C 445 48.64 5.80 -4.84
CA VAL C 445 49.63 4.73 -4.88
C VAL C 445 50.90 5.23 -5.56
N SER C 446 50.76 5.86 -6.73
CA SER C 446 51.93 6.33 -7.46
C SER C 446 52.81 7.19 -6.58
N PHE C 447 52.24 8.24 -5.99
CA PHE C 447 53.03 9.14 -5.15
C PHE C 447 53.53 8.47 -3.88
N ALA C 448 52.87 7.41 -3.42
CA ALA C 448 53.35 6.68 -2.25
C ALA C 448 54.57 5.82 -2.58
N ASN C 449 54.75 5.45 -3.84
CA ASN C 449 55.90 4.64 -4.26
C ASN C 449 56.86 5.45 -5.11
N ASP C 450 56.94 6.76 -4.87
CA ASP C 450 57.88 7.64 -5.57
C ASP C 450 57.54 7.66 -7.06
N ARG C 451 56.30 8.04 -7.37
CA ARG C 451 55.78 8.06 -8.72
C ARG C 451 55.98 6.71 -9.41
N GLY C 452 55.55 5.65 -8.71
CA GLY C 452 55.64 4.30 -9.23
C GLY C 452 54.47 3.93 -10.12
N GLU C 453 54.50 2.70 -10.60
CA GLU C 453 53.53 2.22 -11.57
C GLU C 453 52.29 1.68 -10.88
N VAL C 454 51.13 1.98 -11.45
CA VAL C 454 49.84 1.52 -10.94
C VAL C 454 48.95 1.17 -12.13
N MET C 455 48.32 0.01 -12.08
CA MET C 455 47.29 -0.38 -13.04
C MET C 455 45.94 0.00 -12.47
N CYS C 456 45.14 0.73 -13.24
CA CYS C 456 43.87 1.27 -12.79
C CYS C 456 42.76 0.70 -13.66
N LEU C 457 42.01 -0.25 -13.11
CA LEU C 457 40.87 -0.82 -13.82
C LEU C 457 39.67 0.10 -13.63
N ASN C 458 39.23 0.76 -14.70
CA ASN C 458 38.17 1.74 -14.64
C ASN C 458 37.09 1.41 -15.67
N CYS C 459 36.06 2.25 -15.70
CA CYS C 459 34.89 2.02 -16.53
C CYS C 459 34.49 3.32 -17.21
N ASP C 460 33.73 3.19 -18.30
CA ASP C 460 33.33 4.39 -19.04
C ASP C 460 32.54 5.35 -18.18
N GLY C 461 31.67 4.83 -17.30
CA GLY C 461 30.90 5.71 -16.43
C GLY C 461 31.73 6.26 -15.28
N GLY C 462 32.50 5.39 -14.63
CA GLY C 462 33.30 5.81 -13.49
C GLY C 462 34.43 6.77 -13.86
N MET C 463 34.90 6.71 -15.10
CA MET C 463 35.94 7.63 -15.53
C MET C 463 35.51 9.08 -15.45
N MET C 464 34.21 9.34 -15.48
CA MET C 464 33.71 10.70 -15.66
C MET C 464 33.70 11.50 -14.36
N MET C 465 33.46 10.84 -13.22
CA MET C 465 33.32 11.57 -11.96
C MET C 465 34.55 12.41 -11.67
N ASN C 466 35.74 11.87 -11.92
CA ASN C 466 36.99 12.58 -11.70
C ASN C 466 37.84 12.59 -12.96
N LEU C 467 37.19 12.78 -14.11
CA LEU C 467 37.91 12.84 -15.38
C LEU C 467 39.04 13.84 -15.35
N GLN C 468 38.87 14.92 -14.59
CA GLN C 468 39.84 16.01 -14.60
C GLN C 468 41.21 15.58 -14.07
N GLU C 469 41.31 14.43 -13.43
CA GLU C 469 42.58 13.99 -12.87
C GLU C 469 43.53 13.40 -13.89
N LEU C 470 43.08 13.21 -15.14
CA LEU C 470 44.02 12.87 -16.19
C LEU C 470 45.11 13.93 -16.30
N GLN C 471 44.75 15.20 -16.08
CA GLN C 471 45.73 16.27 -16.18
C GLN C 471 46.77 16.18 -15.07
N THR C 472 46.34 15.85 -13.85
CA THR C 472 47.29 15.61 -12.77
C THR C 472 48.21 14.44 -13.09
N MET C 473 47.70 13.43 -13.82
N MET C 473 47.70 13.44 -13.82
CA MET C 473 48.54 12.31 -14.22
CA MET C 473 48.53 12.30 -14.22
C MET C 473 49.58 12.75 -15.23
C MET C 473 49.57 12.73 -15.25
N VAL C 474 49.14 13.46 -16.29
CA VAL C 474 50.07 13.89 -17.33
C VAL C 474 51.08 14.89 -16.75
N HIS C 475 50.63 15.80 -15.89
CA HIS C 475 51.51 16.84 -15.37
C HIS C 475 52.70 16.24 -14.64
N HIS C 476 52.47 15.21 -13.83
CA HIS C 476 53.51 14.56 -13.07
C HIS C 476 54.10 13.34 -13.77
N ASN C 477 53.69 13.08 -15.01
CA ASN C 477 54.19 11.96 -15.81
C ASN C 477 54.13 10.65 -15.01
N LEU C 478 52.95 10.36 -14.48
CA LEU C 478 52.78 9.20 -13.61
C LEU C 478 52.54 7.94 -14.44
N PRO C 479 53.31 6.85 -14.20
CA PRO C 479 53.15 5.62 -14.99
C PRO C 479 51.91 4.82 -14.59
N ILE C 480 50.75 5.41 -14.84
CA ILE C 480 49.47 4.81 -14.50
C ILE C 480 48.90 4.17 -15.76
N LYS C 481 48.68 2.86 -15.70
CA LYS C 481 48.13 2.10 -16.83
C LYS C 481 46.62 2.01 -16.64
N LEU C 482 45.88 2.74 -17.44
CA LEU C 482 44.46 3.00 -17.22
C LEU C 482 43.64 2.19 -18.22
N PHE C 483 43.02 1.12 -17.73
CA PHE C 483 42.10 0.31 -18.53
C PHE C 483 40.68 0.81 -18.30
N ILE C 484 39.95 0.98 -19.39
CA ILE C 484 38.57 1.46 -19.34
C ILE C 484 37.68 0.42 -19.99
N PHE C 485 36.63 0.01 -19.29
CA PHE C 485 35.65 -0.92 -19.84
C PHE C 485 34.48 -0.12 -20.42
N ASN C 486 34.35 -0.13 -21.74
CA ASN C 486 33.27 0.57 -22.42
C ASN C 486 32.12 -0.42 -22.62
N ASN C 487 30.93 -0.06 -22.12
CA ASN C 487 29.78 -0.94 -22.25
C ASN C 487 28.47 -0.17 -22.42
N ASP C 488 28.53 1.00 -23.06
CA ASP C 488 27.34 1.81 -23.37
C ASP C 488 26.58 2.17 -22.10
N GLY C 489 27.31 2.68 -21.11
CA GLY C 489 26.68 3.28 -19.93
C GLY C 489 26.86 2.52 -18.63
N TYR C 490 25.84 2.56 -17.78
CA TYR C 490 25.90 1.98 -16.43
C TYR C 490 25.39 0.54 -16.46
N LEU C 491 26.25 -0.37 -16.91
CA LEU C 491 25.85 -1.76 -17.07
C LEU C 491 25.34 -2.33 -15.76
N MET C 492 25.96 -1.96 -14.64
CA MET C 492 25.54 -2.46 -13.34
C MET C 492 24.10 -2.07 -13.04
N ILE C 493 23.68 -0.88 -13.47
CA ILE C 493 22.31 -0.44 -13.20
C ILE C 493 21.35 -1.00 -14.23
N LYS C 494 21.83 -1.25 -15.46
CA LYS C 494 20.99 -1.93 -16.45
C LYS C 494 20.42 -3.23 -15.88
N HIS C 495 21.27 -4.04 -15.26
CA HIS C 495 20.81 -5.28 -14.67
C HIS C 495 19.81 -5.02 -13.54
N THR C 496 20.06 -3.98 -12.74
CA THR C 496 19.18 -3.69 -11.62
C THR C 496 17.77 -3.35 -12.10
N GLN C 497 17.66 -2.43 -13.06
CA GLN C 497 16.35 -1.98 -13.50
C GLN C 497 15.71 -2.94 -14.50
N LYS C 498 16.49 -3.83 -15.10
CA LYS C 498 15.89 -4.87 -15.94
C LYS C 498 15.23 -5.96 -15.09
N SER C 499 15.87 -6.34 -13.98
CA SER C 499 15.26 -7.30 -13.07
C SER C 499 13.97 -6.75 -12.47
N LEU C 500 13.93 -5.44 -12.20
CA LEU C 500 12.82 -4.86 -11.46
C LEU C 500 11.61 -4.60 -12.36
N PHE C 501 11.85 -4.15 -13.59
CA PHE C 501 10.77 -3.68 -14.45
C PHE C 501 10.69 -4.38 -15.79
N LYS C 502 11.78 -4.98 -16.27
CA LYS C 502 11.78 -5.75 -17.51
C LYS C 502 11.26 -4.92 -18.68
N SER C 503 11.60 -3.64 -18.70
CA SER C 503 11.21 -2.76 -19.80
C SER C 503 12.47 -2.08 -20.34
N ASP C 504 12.29 -0.99 -21.07
CA ASP C 504 13.43 -0.27 -21.64
C ASP C 504 14.27 0.37 -20.54
N TYR C 505 15.56 0.53 -20.84
CA TYR C 505 16.49 1.14 -19.90
C TYR C 505 16.16 2.62 -19.68
N VAL C 506 16.52 3.11 -18.50
CA VAL C 506 16.27 4.50 -18.11
C VAL C 506 17.55 5.06 -17.51
N GLY C 507 18.04 6.15 -18.09
CA GLY C 507 19.21 6.84 -17.53
C GLY C 507 20.42 5.97 -17.31
N THR C 508 20.67 5.01 -18.20
CA THR C 508 21.78 4.08 -18.05
C THR C 508 22.59 3.82 -19.31
N ASP C 509 22.09 4.16 -20.51
CA ASP C 509 22.85 4.00 -21.74
C ASP C 509 22.57 5.20 -22.65
N ARG C 510 23.23 5.23 -23.81
CA ARG C 510 23.14 6.39 -24.69
C ARG C 510 21.70 6.63 -25.14
N LYS C 511 20.96 5.56 -25.42
CA LYS C 511 19.58 5.71 -25.86
C LYS C 511 18.71 6.34 -24.79
N SER C 512 19.06 6.17 -23.52
CA SER C 512 18.23 6.62 -22.41
C SER C 512 18.84 7.76 -21.60
N GLY C 513 19.86 8.45 -22.16
CA GLY C 513 20.33 9.74 -21.65
C GLY C 513 21.75 9.75 -21.09
N VAL C 514 22.53 8.67 -21.19
CA VAL C 514 23.86 8.62 -20.55
C VAL C 514 24.85 8.13 -21.59
N SER C 515 25.70 9.01 -22.07
CA SER C 515 26.72 8.64 -23.05
C SER C 515 28.10 8.99 -22.52
N CYS C 516 29.11 8.26 -22.97
CA CYS C 516 30.48 8.54 -22.58
C CYS C 516 31.30 8.90 -23.81
N PRO C 517 32.40 9.62 -23.65
CA PRO C 517 33.21 10.02 -24.80
C PRO C 517 34.18 8.92 -25.21
N ASP C 518 34.75 9.11 -26.40
CA ASP C 518 35.79 8.22 -26.94
C ASP C 518 37.07 8.46 -26.16
N PHE C 519 37.40 7.55 -25.24
CA PHE C 519 38.52 7.79 -24.35
C PHE C 519 39.87 7.69 -25.05
N SER C 520 39.94 7.08 -26.23
CA SER C 520 41.21 7.06 -26.95
C SER C 520 41.46 8.41 -27.62
N ARG C 521 40.42 9.01 -28.21
CA ARG C 521 40.57 10.38 -28.70
C ARG C 521 40.87 11.33 -27.57
N LEU C 522 40.18 11.16 -26.43
CA LEU C 522 40.44 11.99 -25.26
C LEU C 522 41.87 11.84 -24.78
N ALA C 523 42.40 10.61 -24.84
CA ALA C 523 43.78 10.38 -24.44
C ALA C 523 44.74 11.19 -25.30
N ALA C 524 44.44 11.33 -26.59
CA ALA C 524 45.33 12.08 -27.48
C ALA C 524 45.38 13.54 -27.07
N ALA C 525 44.26 14.10 -26.61
CA ALA C 525 44.24 15.49 -26.19
C ALA C 525 45.09 15.73 -24.95
N PHE C 526 45.16 14.75 -24.06
CA PHE C 526 46.02 14.82 -22.90
C PHE C 526 47.43 14.31 -23.19
N ASP C 527 47.76 14.07 -24.46
CA ASP C 527 49.06 13.55 -24.85
C ASP C 527 49.35 12.21 -24.15
N ILE C 528 48.35 11.33 -24.13
CA ILE C 528 48.47 10.02 -23.51
C ILE C 528 48.34 8.97 -24.62
N PRO C 529 49.30 8.04 -24.76
CA PRO C 529 49.16 7.00 -25.77
C PRO C 529 48.01 6.06 -25.45
N ALA C 530 47.22 5.76 -26.48
CA ALA C 530 45.98 5.00 -26.32
C ALA C 530 46.02 3.70 -27.09
N TYR C 531 45.32 2.70 -26.58
CA TYR C 531 45.12 1.43 -27.27
C TYR C 531 43.67 1.01 -27.12
N GLN C 532 43.23 0.13 -28.02
CA GLN C 532 41.88 -0.42 -28.00
C GLN C 532 41.97 -1.94 -28.09
N ILE C 533 41.26 -2.62 -27.22
CA ILE C 533 41.15 -4.08 -27.23
C ILE C 533 39.69 -4.43 -27.50
N ARG C 534 39.43 -5.01 -28.67
CA ARG C 534 38.09 -5.43 -29.05
C ARG C 534 37.98 -6.92 -29.32
N GLY C 535 39.11 -7.61 -29.52
CA GLY C 535 39.11 -9.04 -29.76
C GLY C 535 40.36 -9.68 -29.20
N TRP C 536 40.42 -11.00 -29.29
CA TRP C 536 41.53 -11.74 -28.71
C TRP C 536 42.79 -11.68 -29.56
N ASP C 537 42.67 -11.40 -30.86
CA ASP C 537 43.84 -11.41 -31.72
C ASP C 537 44.92 -10.45 -31.24
N GLU C 538 44.56 -9.19 -31.04
CA GLU C 538 45.52 -8.16 -30.65
C GLU C 538 45.64 -7.99 -29.14
N CYS C 539 45.06 -8.90 -28.35
CA CYS C 539 45.04 -8.70 -26.91
C CYS C 539 46.44 -8.83 -26.31
N ASP C 540 47.09 -9.99 -26.53
CA ASP C 540 48.37 -10.24 -25.89
C ASP C 540 49.42 -9.23 -26.32
N ALA C 541 49.39 -8.80 -27.58
CA ALA C 541 50.38 -7.82 -28.04
C ALA C 541 50.12 -6.45 -27.42
N THR C 542 48.86 -6.02 -27.40
CA THR C 542 48.53 -4.74 -26.77
C THR C 542 48.89 -4.75 -25.29
N LEU C 543 48.55 -5.82 -24.58
CA LEU C 543 48.80 -5.86 -23.14
C LEU C 543 50.30 -5.81 -22.85
N ALA C 544 51.12 -6.36 -23.73
CA ALA C 544 52.57 -6.28 -23.53
C ALA C 544 53.07 -4.85 -23.72
N LYS C 545 52.48 -4.12 -24.67
CA LYS C 545 52.87 -2.73 -24.87
C LYS C 545 52.48 -1.87 -23.67
N VAL C 546 51.24 -2.02 -23.19
CA VAL C 546 50.78 -1.22 -22.06
C VAL C 546 51.71 -1.41 -20.86
N GLN C 547 52.06 -2.66 -20.57
CA GLN C 547 52.91 -2.93 -19.41
C GLN C 547 54.35 -2.47 -19.61
N ALA C 548 54.77 -2.26 -20.85
CA ALA C 548 56.13 -1.83 -21.14
C ALA C 548 56.28 -0.33 -21.24
N HIS C 549 55.17 0.42 -21.33
CA HIS C 549 55.25 1.87 -21.37
C HIS C 549 55.82 2.42 -20.06
N THR C 550 56.48 3.57 -20.18
CA THR C 550 57.06 4.24 -19.02
C THR C 550 56.15 5.32 -18.45
N GLY C 551 55.31 5.92 -19.28
CA GLY C 551 54.41 6.96 -18.83
C GLY C 551 52.99 6.45 -18.77
N PRO C 552 52.03 7.36 -18.58
CA PRO C 552 50.62 6.95 -18.56
C PRO C 552 50.20 6.33 -19.88
N VAL C 553 49.23 5.42 -19.80
CA VAL C 553 48.65 4.77 -20.96
C VAL C 553 47.18 4.55 -20.70
N ILE C 554 46.37 4.71 -21.75
CA ILE C 554 44.95 4.37 -21.72
C ILE C 554 44.73 3.21 -22.68
N CYS C 555 43.91 2.25 -22.26
CA CYS C 555 43.53 1.11 -23.10
C CYS C 555 42.03 0.89 -22.95
N GLU C 556 41.28 1.21 -24.00
CA GLU C 556 39.85 0.96 -24.02
C GLU C 556 39.60 -0.53 -24.26
N VAL C 557 38.76 -1.13 -23.40
CA VAL C 557 38.39 -2.53 -23.52
C VAL C 557 36.89 -2.56 -23.76
N PHE C 558 36.49 -2.96 -24.96
CA PHE C 558 35.08 -3.01 -25.33
C PHE C 558 34.48 -4.36 -24.94
N MET C 559 33.29 -4.32 -24.34
CA MET C 559 32.56 -5.51 -23.94
C MET C 559 31.10 -5.35 -24.33
N HIS C 560 30.35 -6.45 -24.24
CA HIS C 560 28.97 -6.43 -24.66
C HIS C 560 28.17 -5.45 -23.79
N PRO C 561 27.27 -4.66 -24.39
CA PRO C 561 26.55 -3.65 -23.60
C PRO C 561 25.49 -4.22 -22.66
N GLN C 562 25.40 -5.54 -22.54
CA GLN C 562 24.44 -6.14 -21.63
C GLN C 562 25.01 -7.39 -20.97
N GLN C 563 26.34 -7.54 -20.99
CA GLN C 563 26.96 -8.72 -20.42
C GLN C 563 26.55 -8.90 -18.96
N LEU C 564 26.28 -10.14 -18.60
CA LEU C 564 25.88 -10.46 -17.24
C LEU C 564 27.06 -10.41 -16.29
N PHE C 565 26.81 -9.94 -15.09
CA PHE C 565 27.73 -10.14 -13.96
C PHE C 565 27.28 -11.39 -13.24
N SER C 566 28.16 -12.39 -13.16
CA SER C 566 27.86 -13.65 -12.52
C SER C 566 29.16 -14.30 -12.09
N PRO C 567 29.15 -15.11 -11.04
CA PRO C 567 27.99 -15.50 -10.21
C PRO C 567 27.50 -14.35 -9.33
N LYS C 568 26.18 -14.26 -9.13
CA LYS C 568 25.57 -13.19 -8.36
C LYS C 568 24.34 -13.74 -7.64
N LEU C 569 24.18 -13.37 -6.37
CA LEU C 569 23.04 -13.77 -5.57
C LEU C 569 21.88 -12.83 -5.87
N GLY C 570 21.03 -13.22 -6.80
CA GLY C 570 19.93 -12.41 -7.26
C GLY C 570 18.58 -13.00 -6.89
N VAL C 571 17.54 -12.18 -7.07
CA VAL C 571 16.17 -12.64 -6.88
C VAL C 571 15.77 -13.55 -8.03
N VAL C 572 15.04 -14.62 -7.72
CA VAL C 572 14.56 -15.58 -8.72
C VAL C 572 13.07 -15.76 -8.55
N SER C 573 12.35 -15.80 -9.67
CA SER C 573 10.91 -16.04 -9.67
C SER C 573 10.64 -17.54 -9.59
N ARG C 574 9.84 -17.93 -8.61
CA ARG C 574 9.54 -19.35 -8.38
C ARG C 574 8.72 -19.94 -9.53
N THR C 578 5.84 -16.32 -7.53
CA THR C 578 6.29 -15.46 -6.45
C THR C 578 7.81 -15.29 -6.47
N LEU C 579 8.30 -14.23 -5.86
CA LEU C 579 9.72 -13.92 -5.86
C LEU C 579 10.39 -14.52 -4.63
N VAL C 580 11.61 -15.01 -4.81
CA VAL C 580 12.37 -15.69 -3.76
C VAL C 580 13.78 -15.15 -3.77
N SER C 581 14.30 -14.80 -2.58
CA SER C 581 15.71 -14.46 -2.40
C SER C 581 16.43 -15.72 -1.94
N PRO C 582 17.10 -16.46 -2.83
CA PRO C 582 17.66 -17.75 -2.44
C PRO C 582 18.74 -17.60 -1.38
N PRO C 583 19.16 -18.69 -0.75
CA PRO C 583 20.25 -18.61 0.22
C PRO C 583 21.59 -18.31 -0.45
N LEU C 584 22.58 -18.01 0.39
CA LEU C 584 23.85 -17.50 -0.10
C LEU C 584 24.56 -18.46 -1.04
N GLU C 585 24.34 -19.78 -0.88
CA GLU C 585 25.01 -20.75 -1.74
C GLU C 585 24.40 -20.86 -3.12
N ASP C 586 23.16 -20.42 -3.30
CA ASP C 586 22.45 -20.62 -4.55
C ASP C 586 22.54 -19.37 -5.41
N LEU C 587 23.75 -19.17 -5.96
CA LEU C 587 24.04 -18.02 -6.80
C LEU C 587 23.43 -18.22 -8.19
N SER C 588 23.17 -17.09 -8.86
CA SER C 588 22.59 -17.15 -10.19
C SER C 588 23.65 -16.90 -11.25
N PRO C 589 23.49 -17.45 -12.47
CA PRO C 589 22.42 -18.36 -12.93
C PRO C 589 22.44 -19.67 -12.16
N LEU C 590 21.27 -20.21 -11.85
CA LEU C 590 21.18 -21.34 -10.93
C LEU C 590 21.73 -22.61 -11.56
N ILE C 591 22.48 -23.38 -10.76
CA ILE C 591 23.00 -24.68 -11.17
C ILE C 591 21.87 -25.69 -11.04
N PRO C 592 21.94 -26.85 -11.70
CA PRO C 592 20.87 -27.83 -11.57
C PRO C 592 20.64 -28.24 -10.13
N ARG C 593 19.38 -28.50 -9.80
CA ARG C 593 19.00 -28.78 -8.41
C ARG C 593 19.70 -30.02 -7.89
N ASP C 594 19.88 -31.04 -8.73
CA ASP C 594 20.54 -32.26 -8.27
C ASP C 594 22.03 -32.02 -8.03
N VAL C 595 22.63 -31.05 -8.72
CA VAL C 595 24.02 -30.71 -8.46
C VAL C 595 24.14 -29.97 -7.14
N LEU C 596 23.21 -29.04 -6.89
CA LEU C 596 23.23 -28.31 -5.62
C LEU C 596 23.03 -29.24 -4.44
N GLU C 597 22.16 -30.25 -4.60
CA GLU C 597 21.97 -31.24 -3.54
C GLU C 597 23.28 -31.93 -3.19
N GLN C 598 24.03 -32.34 -4.21
CA GLN C 598 25.29 -33.04 -3.98
C GLN C 598 26.38 -32.12 -3.44
N ALA C 599 26.28 -30.82 -3.68
CA ALA C 599 27.28 -29.89 -3.18
C ALA C 599 27.02 -29.46 -1.73
N MET C 600 25.79 -29.61 -1.25
CA MET C 600 25.44 -29.23 0.11
C MET C 600 25.51 -30.44 1.03
N ILE C 601 26.32 -30.34 2.08
CA ILE C 601 26.55 -31.48 2.96
C ILE C 601 25.24 -31.98 3.55
N GLY C 602 24.41 -31.07 4.04
CA GLY C 602 23.14 -31.41 4.63
C GLY C 602 21.95 -31.30 3.70
N GLY C 603 22.17 -31.19 2.40
CA GLY C 603 21.08 -31.00 1.46
C GLY C 603 20.72 -29.54 1.29
N MET C 604 20.03 -29.26 0.19
CA MET C 604 19.77 -27.87 -0.18
C MET C 604 18.73 -27.26 0.74
N HIS C 605 18.75 -25.92 0.81
CA HIS C 605 17.80 -25.17 1.61
C HIS C 605 16.40 -25.26 1.00
N GLU C 606 15.39 -25.14 1.86
CA GLU C 606 14.01 -25.24 1.40
C GLU C 606 13.75 -24.29 0.24
N LYS C 607 14.22 -23.08 0.34
CA LYS C 607 13.95 -22.10 -0.67
C LYS C 607 14.49 -22.57 -1.98
N SER C 608 15.60 -23.25 -1.92
CA SER C 608 16.31 -23.76 -3.07
C SER C 608 15.56 -24.78 -3.91
N LYS C 609 14.72 -25.58 -3.26
CA LYS C 609 13.99 -26.66 -3.90
C LYS C 609 13.01 -26.38 -5.01
N THR C 610 12.41 -25.23 -5.00
CA THR C 610 11.34 -24.87 -5.92
C THR C 610 11.81 -24.01 -7.09
N LEU C 611 13.11 -23.74 -7.19
CA LEU C 611 13.64 -22.86 -8.23
C LEU C 611 13.90 -23.63 -9.52
N ASP D 4 -7.06 -5.01 -5.10
CA ASP D 4 -5.84 -4.22 -4.94
C ASP D 4 -6.06 -2.83 -5.54
N ASN D 5 -6.36 -1.86 -4.68
CA ASN D 5 -6.56 -0.47 -5.07
C ASN D 5 -5.35 0.40 -4.79
N LYS D 6 -4.16 -0.20 -4.73
CA LYS D 6 -2.96 0.49 -4.30
C LYS D 6 -2.07 0.84 -5.48
N VAL D 7 -1.25 1.88 -5.30
CA VAL D 7 -0.36 2.40 -6.33
C VAL D 7 1.04 2.54 -5.75
N LYS D 8 2.03 2.31 -6.61
CA LYS D 8 3.42 2.44 -6.19
C LYS D 8 3.71 3.86 -5.75
N VAL D 9 4.45 3.99 -4.65
CA VAL D 9 4.76 5.30 -4.09
C VAL D 9 5.55 6.14 -5.09
N ALA D 10 6.45 5.52 -5.84
CA ALA D 10 7.24 6.29 -6.82
C ALA D 10 6.35 6.89 -7.89
N GLU D 11 5.29 6.19 -8.29
CA GLU D 11 4.36 6.74 -9.27
C GLU D 11 3.60 7.94 -8.70
N LEU D 12 3.27 7.90 -7.40
CA LEU D 12 2.61 9.04 -6.78
C LEU D 12 3.56 10.23 -6.65
N VAL D 13 4.85 9.95 -6.38
CA VAL D 13 5.85 11.03 -6.36
C VAL D 13 5.96 11.67 -7.73
N ALA D 14 6.12 10.84 -8.77
CA ALA D 14 6.14 11.35 -10.14
C ALA D 14 4.90 12.18 -10.44
N GLU D 15 3.74 11.73 -10.00
CA GLU D 15 2.52 12.53 -10.17
C GLU D 15 2.61 13.84 -9.42
N ALA D 16 3.16 13.80 -8.20
CA ALA D 16 3.25 15.02 -7.39
C ALA D 16 4.21 16.02 -8.04
N LEU D 17 5.32 15.54 -8.60
CA LEU D 17 6.22 16.42 -9.32
C LEU D 17 5.47 17.16 -10.42
N GLU D 18 4.61 16.45 -11.17
CA GLU D 18 3.87 17.10 -12.23
C GLU D 18 2.90 18.14 -11.68
N ASN D 19 2.16 17.78 -10.63
CA ASN D 19 1.24 18.75 -10.03
C ASN D 19 1.99 19.96 -9.48
N LEU D 20 3.28 19.81 -9.17
CA LEU D 20 4.10 20.89 -8.65
C LEU D 20 4.76 21.74 -9.74
N GLY D 21 4.59 21.36 -11.00
CA GLY D 21 5.19 22.10 -12.09
C GLY D 21 6.66 21.82 -12.32
N ILE D 22 7.20 20.76 -11.72
CA ILE D 22 8.61 20.42 -11.87
C ILE D 22 8.77 19.65 -13.18
N GLN D 23 9.33 20.31 -14.19
CA GLN D 23 9.45 19.76 -15.53
C GLN D 23 10.84 19.21 -15.84
N HIS D 24 11.84 19.52 -15.01
CA HIS D 24 13.19 19.02 -15.22
C HIS D 24 13.78 18.56 -13.88
N ALA D 25 14.50 17.45 -13.94
CA ALA D 25 15.23 16.92 -12.80
C ALA D 25 16.61 16.54 -13.27
N PHE D 26 17.63 16.95 -12.53
CA PHE D 26 19.02 16.62 -12.81
C PHE D 26 19.50 15.61 -11.77
N GLY D 27 20.24 14.60 -12.21
CA GLY D 27 20.77 13.64 -11.26
C GLY D 27 21.50 12.52 -11.94
N ILE D 28 21.83 11.52 -11.14
CA ILE D 28 22.48 10.30 -11.58
C ILE D 28 21.76 9.14 -10.92
N ILE D 29 21.51 8.09 -11.70
CA ILE D 29 20.71 6.96 -11.22
C ILE D 29 21.53 6.12 -10.27
N GLY D 30 20.85 5.24 -9.54
CA GLY D 30 21.50 4.25 -8.70
C GLY D 30 20.44 3.42 -8.04
N ALA D 31 20.88 2.34 -7.39
CA ALA D 31 19.95 1.48 -6.69
C ALA D 31 19.08 2.28 -5.73
N GLY D 32 19.56 3.42 -5.26
CA GLY D 32 18.85 4.19 -4.25
C GLY D 32 17.69 5.01 -4.78
N ASN D 33 17.67 5.28 -6.09
CA ASN D 33 16.58 6.05 -6.69
C ASN D 33 16.11 5.45 -8.01
N VAL D 34 16.48 4.20 -8.30
CA VAL D 34 16.07 3.58 -9.56
C VAL D 34 14.55 3.57 -9.69
N HIS D 35 13.85 3.33 -8.58
CA HIS D 35 12.39 3.32 -8.61
C HIS D 35 11.83 4.71 -8.98
N LEU D 36 12.51 5.78 -8.54
CA LEU D 36 12.03 7.11 -8.86
C LEU D 36 12.33 7.47 -10.31
N PHE D 37 13.51 7.12 -10.80
CA PHE D 37 13.82 7.32 -12.22
C PHE D 37 12.73 6.70 -13.09
N GLU D 38 12.42 5.41 -12.83
CA GLU D 38 11.45 4.69 -13.64
C GLU D 38 10.10 5.41 -13.64
N ALA D 39 9.52 5.63 -12.46
CA ALA D 39 8.21 6.27 -12.38
C ALA D 39 8.20 7.61 -13.09
N ILE D 40 9.24 8.42 -12.90
CA ILE D 40 9.30 9.73 -13.53
C ILE D 40 9.40 9.59 -15.05
N ALA D 41 10.24 8.68 -15.52
CA ALA D 41 10.38 8.47 -16.96
C ALA D 41 9.07 7.99 -17.57
N ARG D 42 8.47 6.96 -16.97
CA ARG D 42 7.25 6.39 -17.53
C ARG D 42 6.15 7.43 -17.63
N ARG D 43 5.99 8.27 -16.58
CA ARG D 43 4.94 9.27 -16.62
C ARG D 43 5.16 10.28 -17.73
N GLY D 44 6.43 10.56 -18.07
CA GLY D 44 6.77 11.34 -19.23
C GLY D 44 6.58 12.85 -19.11
N TYR D 45 6.27 13.36 -17.92
CA TYR D 45 6.09 14.79 -17.74
C TYR D 45 7.41 15.51 -17.41
N THR D 46 8.10 15.05 -16.37
CA THR D 46 9.39 15.60 -15.97
C THR D 46 10.49 14.93 -16.79
N GLU D 47 11.33 15.75 -17.43
CA GLU D 47 12.49 15.23 -18.14
C GLU D 47 13.66 15.11 -17.18
N ILE D 48 14.30 13.94 -17.19
CA ILE D 48 15.48 13.70 -16.36
C ILE D 48 16.71 13.97 -17.22
N VAL D 49 17.46 15.01 -16.85
CA VAL D 49 18.75 15.28 -17.46
C VAL D 49 19.80 14.53 -16.65
N CYS D 50 20.46 13.55 -17.28
CA CYS D 50 21.51 12.80 -16.63
C CYS D 50 22.83 13.55 -16.73
N VAL D 51 23.43 13.85 -15.58
CA VAL D 51 24.73 14.50 -15.55
C VAL D 51 25.78 13.46 -15.17
N HIS D 52 27.06 13.86 -15.15
CA HIS D 52 28.16 12.95 -14.88
C HIS D 52 28.84 13.20 -13.55
N HIS D 53 28.34 14.15 -12.76
CA HIS D 53 28.76 14.29 -11.37
C HIS D 53 27.63 15.01 -10.64
N GLU D 54 27.15 14.41 -9.55
CA GLU D 54 25.95 14.92 -8.88
C GLU D 54 26.09 16.40 -8.54
N GLN D 55 27.31 16.87 -8.29
CA GLN D 55 27.54 18.28 -8.01
C GLN D 55 26.98 19.17 -9.12
N ALA D 56 27.09 18.72 -10.37
CA ALA D 56 26.58 19.50 -11.48
C ALA D 56 25.06 19.55 -11.49
N ALA D 57 24.41 18.51 -10.97
CA ALA D 57 22.95 18.51 -10.90
C ALA D 57 22.45 19.52 -9.88
N CYS D 58 23.13 19.64 -8.74
CA CYS D 58 22.71 20.57 -7.69
C CYS D 58 23.11 22.00 -7.99
N MET D 59 24.05 22.22 -8.90
CA MET D 59 24.32 23.55 -9.40
C MET D 59 23.36 23.94 -10.51
N ALA D 60 23.05 23.02 -11.42
CA ALA D 60 22.23 23.36 -12.58
C ALA D 60 20.84 23.80 -12.14
N VAL D 61 20.27 23.13 -11.13
CA VAL D 61 18.91 23.45 -10.69
C VAL D 61 18.80 24.92 -10.30
N GLN D 62 19.90 25.53 -9.89
CA GLN D 62 19.89 26.92 -9.46
C GLN D 62 19.63 27.85 -10.64
N THR D 63 20.58 27.91 -11.58
CA THR D 63 20.40 28.77 -12.75
C THR D 63 19.12 28.43 -13.50
N TYR D 64 18.75 27.15 -13.52
CA TYR D 64 17.47 26.78 -14.10
C TYR D 64 16.35 27.62 -13.52
N TYR D 65 16.28 27.72 -12.19
CA TYR D 65 15.19 28.48 -11.59
C TYR D 65 15.30 29.96 -11.94
N ARG D 66 16.50 30.53 -11.79
CA ARG D 66 16.70 31.95 -12.01
C ARG D 66 16.30 32.39 -13.42
N THR D 67 16.26 31.46 -14.37
CA THR D 67 15.91 31.80 -15.75
C THR D 67 14.46 32.23 -15.85
N ASN D 68 13.51 31.30 -15.66
CA ASN D 68 12.09 31.59 -15.85
C ASN D 68 11.27 31.43 -14.57
N GLY D 69 11.90 31.19 -13.43
CA GLY D 69 11.18 31.13 -12.18
C GLY D 69 10.50 29.81 -11.89
N ARG D 70 10.92 28.72 -12.53
CA ARG D 70 10.37 27.40 -12.29
C ARG D 70 11.38 26.56 -11.52
N ILE D 71 10.94 26.00 -10.39
CA ILE D 71 11.83 25.20 -9.57
C ILE D 71 12.12 23.87 -10.26
N ALA D 72 13.35 23.40 -10.14
CA ALA D 72 13.77 22.10 -10.62
C ALA D 72 14.21 21.24 -9.44
N ALA D 73 14.38 19.95 -9.68
CA ALA D 73 14.75 19.01 -8.64
C ALA D 73 16.09 18.36 -8.98
N ALA D 74 16.80 17.94 -7.93
CA ALA D 74 18.00 17.13 -8.07
C ALA D 74 17.70 15.74 -7.52
N LEU D 75 18.07 14.72 -8.28
CA LEU D 75 17.67 13.34 -8.01
C LEU D 75 18.94 12.55 -7.75
N LEU D 76 19.29 12.42 -6.48
CA LEU D 76 20.52 11.76 -6.05
C LEU D 76 20.21 10.37 -5.52
N THR D 77 21.24 9.53 -5.49
CA THR D 77 21.10 8.18 -4.96
C THR D 77 21.83 8.04 -3.62
N THR D 78 21.86 6.82 -3.12
CA THR D 78 22.48 6.52 -1.84
C THR D 78 23.98 6.78 -1.86
N GLY D 79 24.51 7.13 -0.70
CA GLY D 79 25.96 7.14 -0.53
C GLY D 79 26.60 8.30 -1.27
N ALA D 80 27.57 7.98 -2.11
CA ALA D 80 28.32 9.02 -2.82
C ALA D 80 27.39 9.85 -3.69
N GLY D 81 26.26 9.30 -4.13
CA GLY D 81 25.31 10.09 -4.88
C GLY D 81 24.88 11.33 -4.15
N SER D 82 24.76 11.25 -2.83
CA SER D 82 24.29 12.39 -2.05
C SER D 82 25.43 13.28 -1.59
N THR D 83 26.58 12.71 -1.26
CA THR D 83 27.71 13.52 -0.82
C THR D 83 28.26 14.35 -1.98
N ASN D 84 28.21 13.81 -3.20
CA ASN D 84 28.73 14.53 -4.36
C ASN D 84 27.97 15.83 -4.61
N GLY D 85 26.70 15.90 -4.20
CA GLY D 85 25.91 17.09 -4.44
C GLY D 85 25.99 18.16 -3.38
N VAL D 86 26.79 17.96 -2.32
CA VAL D 86 26.75 18.89 -1.18
C VAL D 86 27.21 20.28 -1.59
N THR D 87 28.19 20.38 -2.49
CA THR D 87 28.70 21.70 -2.87
C THR D 87 27.62 22.53 -3.55
N GLY D 88 26.78 21.90 -4.38
CA GLY D 88 25.70 22.62 -5.01
C GLY D 88 24.63 23.08 -4.02
N VAL D 89 24.38 22.28 -2.98
CA VAL D 89 23.44 22.69 -1.95
C VAL D 89 23.94 23.95 -1.25
N VAL D 90 25.23 23.99 -0.94
CA VAL D 90 25.79 25.11 -0.19
C VAL D 90 25.73 26.40 -1.02
N SER D 91 26.00 26.30 -2.33
CA SER D 91 25.97 27.50 -3.15
C SER D 91 24.55 28.03 -3.32
N ALA D 92 23.58 27.13 -3.50
CA ALA D 92 22.18 27.57 -3.53
C ALA D 92 21.81 28.21 -2.19
N TRP D 93 22.28 27.60 -1.10
CA TRP D 93 22.07 28.16 0.24
C TRP D 93 22.64 29.57 0.34
N ALA D 94 23.89 29.74 -0.10
CA ALA D 94 24.55 31.04 0.06
C ALA D 94 23.94 32.11 -0.83
N ASP D 95 23.31 31.74 -1.94
CA ASP D 95 22.77 32.69 -2.90
C ASP D 95 21.26 32.82 -2.85
N SER D 96 20.59 32.13 -1.92
CA SER D 96 19.15 32.27 -1.74
C SER D 96 18.39 31.82 -2.99
N ILE D 97 18.83 30.74 -3.60
CA ILE D 97 18.22 30.21 -4.82
C ILE D 97 17.38 29.00 -4.43
N PRO D 98 16.08 28.96 -4.76
CA PRO D 98 15.27 27.81 -4.40
C PRO D 98 15.55 26.60 -5.29
N CYS D 99 15.42 25.43 -4.70
CA CYS D 99 15.50 24.14 -5.37
C CYS D 99 15.23 23.07 -4.32
N ILE D 100 14.97 21.85 -4.78
CA ILE D 100 14.67 20.74 -3.91
C ILE D 100 15.53 19.54 -4.33
N VAL D 101 16.11 18.87 -3.35
CA VAL D 101 16.89 17.66 -3.59
C VAL D 101 16.05 16.48 -3.13
N ILE D 102 15.96 15.46 -3.98
CA ILE D 102 15.29 14.21 -3.64
C ILE D 102 16.37 13.14 -3.64
N ALA D 103 16.79 12.72 -2.46
CA ALA D 103 17.86 11.75 -2.31
C ALA D 103 17.28 10.43 -1.80
N GLY D 104 17.68 9.33 -2.44
CA GLY D 104 17.35 8.03 -1.92
C GLY D 104 18.33 7.61 -0.84
N ASN D 105 18.04 6.46 -0.23
CA ASN D 105 18.91 5.90 0.77
C ASN D 105 18.61 4.40 0.89
N GLU D 106 19.34 3.75 1.79
CA GLU D 106 19.14 2.33 2.09
C GLU D 106 17.73 2.07 2.60
N ASN D 107 17.41 0.80 2.88
N ASN D 107 17.40 0.80 2.87
CA ASN D 107 16.12 0.46 3.45
CA ASN D 107 16.10 0.47 3.43
C ASN D 107 15.90 1.23 4.75
C ASN D 107 15.89 1.20 4.75
N SER D 108 14.65 1.64 4.98
CA SER D 108 14.35 2.46 6.15
C SER D 108 14.66 1.75 7.47
N LYS D 109 14.82 0.43 7.46
CA LYS D 109 15.19 -0.27 8.68
C LYS D 109 16.61 0.05 9.11
N PHE D 110 17.43 0.60 8.21
CA PHE D 110 18.78 1.03 8.55
C PHE D 110 18.88 2.52 8.82
N THR D 111 17.90 3.32 8.39
CA THR D 111 18.08 4.77 8.29
C THR D 111 17.51 5.46 9.54
N PHE D 112 18.31 5.44 10.61
CA PHE D 112 17.96 6.18 11.82
C PHE D 112 19.25 6.64 12.47
N PRO D 113 19.29 7.87 13.01
CA PRO D 113 20.56 8.37 13.58
C PRO D 113 21.12 7.53 14.72
N GLU D 114 20.27 6.85 15.47
CA GLU D 114 20.75 6.01 16.57
C GLU D 114 21.44 4.75 16.10
N ASN D 115 21.62 4.55 14.81
CA ASN D 115 22.36 3.41 14.30
C ASN D 115 23.81 3.50 14.75
N PRO D 116 24.30 2.55 15.55
CA PRO D 116 25.67 2.66 16.08
C PRO D 116 26.77 2.41 15.05
N LEU D 117 26.43 1.94 13.85
CA LEU D 117 27.44 1.60 12.86
C LEU D 117 27.87 2.84 12.06
N ARG D 118 29.08 2.77 11.52
CA ARG D 118 29.65 3.92 10.82
C ARG D 118 28.82 4.28 9.60
N MET D 119 28.25 3.29 8.93
CA MET D 119 27.41 3.51 7.77
C MET D 119 26.10 2.77 7.95
N TRP D 120 25.10 3.17 7.16
CA TRP D 120 23.76 2.59 7.18
C TRP D 120 23.64 1.55 6.07
N GLY D 121 23.13 0.37 6.43
CA GLY D 121 22.96 -0.66 5.41
C GLY D 121 24.26 -0.93 4.69
N VAL D 122 24.20 -0.91 3.36
CA VAL D 122 25.38 -1.24 2.56
C VAL D 122 26.29 -0.03 2.38
N GLN D 123 25.72 1.14 2.08
CA GLN D 123 26.54 2.31 1.77
C GLN D 123 25.81 3.63 1.98
N GLY D 124 24.87 3.68 2.93
CA GLY D 124 24.13 4.89 3.21
C GLY D 124 24.65 5.63 4.45
N TYR D 125 24.09 6.83 4.64
CA TYR D 125 24.46 7.70 5.75
C TYR D 125 23.33 8.71 5.94
N ASP D 126 23.39 9.46 7.04
CA ASP D 126 22.39 10.48 7.36
C ASP D 126 22.63 11.67 6.43
N SER D 127 22.04 11.60 5.25
CA SER D 127 22.22 12.64 4.27
C SER D 127 21.55 13.94 4.67
N CYS D 128 20.58 13.88 5.58
CA CYS D 128 19.95 15.11 6.07
C CYS D 128 20.86 15.85 7.04
N GLN D 129 21.53 15.10 7.94
CA GLN D 129 22.41 15.73 8.91
C GLN D 129 23.56 16.47 8.25
N MET D 130 24.04 15.98 7.10
CA MET D 130 25.20 16.58 6.48
C MET D 130 24.89 17.97 5.92
N VAL D 131 23.64 18.23 5.54
CA VAL D 131 23.23 19.52 5.01
C VAL D 131 22.33 20.27 6.00
N GLU D 132 22.34 19.84 7.27
CA GLU D 132 21.48 20.44 8.29
C GLU D 132 21.70 21.94 8.42
N ARG D 133 22.93 22.40 8.26
CA ARG D 133 23.27 23.81 8.46
C ARG D 133 23.35 24.59 7.15
N VAL D 134 23.09 23.96 6.00
CA VAL D 134 23.24 24.60 4.71
C VAL D 134 22.00 24.37 3.85
N SER D 135 20.85 24.18 4.50
CA SER D 135 19.60 24.00 3.78
C SER D 135 18.46 24.46 4.68
N LYS D 136 17.36 24.85 4.04
CA LYS D 136 16.22 25.39 4.77
C LYS D 136 15.40 24.33 5.49
N TYR D 137 15.43 23.09 5.03
CA TYR D 137 14.59 22.04 5.59
C TYR D 137 15.18 20.69 5.18
N GLN D 138 15.17 19.74 6.10
CA GLN D 138 15.59 18.37 5.82
C GLN D 138 14.61 17.43 6.47
N MET D 139 14.21 16.40 5.74
CA MET D 139 13.31 15.40 6.29
C MET D 139 13.56 14.07 5.59
N ARG D 140 13.54 13.00 6.38
CA ARG D 140 13.59 11.65 5.85
C ARG D 140 12.20 11.05 5.95
N VAL D 141 11.64 10.68 4.79
CA VAL D 141 10.31 10.08 4.75
C VAL D 141 10.41 8.64 5.27
N THR D 142 9.63 8.35 6.32
CA THR D 142 9.58 7.02 6.90
C THR D 142 8.22 6.35 6.74
N LYS D 143 7.16 7.12 6.50
CA LYS D 143 5.83 6.58 6.25
C LYS D 143 5.44 6.86 4.80
N MET D 144 5.12 5.79 4.06
CA MET D 144 4.79 5.95 2.65
C MET D 144 3.72 7.02 2.43
N GLU D 145 2.73 7.08 3.33
CA GLU D 145 1.63 8.02 3.17
C GLU D 145 2.07 9.48 3.22
N ARG D 146 3.33 9.76 3.59
CA ARG D 146 3.79 11.14 3.74
C ARG D 146 4.86 11.54 2.74
N ALA D 147 5.15 10.70 1.75
CA ALA D 147 6.19 11.04 0.77
C ALA D 147 5.80 12.28 -0.04
N VAL D 148 4.57 12.30 -0.55
CA VAL D 148 4.12 13.48 -1.30
C VAL D 148 3.98 14.68 -0.38
N TYR D 149 3.58 14.44 0.87
CA TYR D 149 3.42 15.55 1.82
C TYR D 149 4.73 16.30 2.01
N GLU D 150 5.84 15.57 2.18
CA GLU D 150 7.13 16.22 2.40
C GLU D 150 7.65 16.90 1.13
N LEU D 151 7.35 16.33 -0.04
CA LEU D 151 7.76 16.98 -1.28
C LEU D 151 7.06 18.32 -1.45
N GLU D 152 5.74 18.35 -1.29
CA GLU D 152 5.03 19.62 -1.33
C GLU D 152 5.58 20.60 -0.30
N LYS D 153 5.95 20.08 0.86
CA LYS D 153 6.51 20.94 1.91
C LYS D 153 7.91 21.41 1.54
N GLY D 154 8.75 20.50 1.03
CA GLY D 154 10.10 20.89 0.65
C GLY D 154 10.11 21.99 -0.39
N VAL D 155 9.20 21.91 -1.37
CA VAL D 155 9.13 22.94 -2.40
C VAL D 155 8.69 24.27 -1.79
N HIS D 156 7.66 24.23 -0.94
CA HIS D 156 7.15 25.48 -0.37
C HIS D 156 8.19 26.14 0.51
N LEU D 157 8.85 25.37 1.38
CA LEU D 157 9.86 25.98 2.24
C LEU D 157 11.07 26.45 1.43
N ALA D 158 11.34 25.80 0.30
CA ALA D 158 12.43 26.27 -0.56
C ALA D 158 12.10 27.62 -1.18
N LEU D 159 10.82 27.90 -1.43
CA LEU D 159 10.42 29.13 -2.11
C LEU D 159 10.01 30.25 -1.17
N GLU D 160 9.60 29.94 0.07
CA GLU D 160 9.05 30.97 0.93
C GLU D 160 10.15 31.84 1.53
N GLY D 161 9.75 33.04 1.94
CA GLY D 161 10.68 33.92 2.62
C GLY D 161 11.97 34.07 1.84
N ARG D 162 13.09 33.87 2.52
CA ARG D 162 14.38 33.86 1.84
C ARG D 162 14.55 32.49 1.18
N PRO D 163 14.48 32.40 -0.15
CA PRO D 163 14.54 31.08 -0.79
C PRO D 163 15.84 30.36 -0.49
N GLY D 164 15.83 29.06 -0.74
CA GLY D 164 16.99 28.24 -0.57
C GLY D 164 16.69 26.79 -0.88
N PRO D 165 17.69 25.92 -0.74
CA PRO D 165 17.49 24.50 -1.01
C PRO D 165 16.78 23.79 0.15
N THR D 166 16.12 22.69 -0.20
CA THR D 166 15.57 21.74 0.76
C THR D 166 15.96 20.33 0.36
N TRP D 167 16.01 19.44 1.34
CA TRP D 167 16.55 18.09 1.16
C TRP D 167 15.53 17.06 1.64
N ILE D 168 14.93 16.33 0.71
CA ILE D 168 13.95 15.30 1.03
C ILE D 168 14.56 13.94 0.72
N GLU D 169 14.73 13.13 1.76
CA GLU D 169 15.31 11.79 1.62
C GLU D 169 14.20 10.75 1.67
N ILE D 170 14.21 9.82 0.71
CA ILE D 170 13.20 8.78 0.62
C ILE D 170 13.90 7.42 0.50
N PRO D 171 13.95 6.64 1.58
CA PRO D 171 14.58 5.31 1.48
C PRO D 171 14.00 4.46 0.35
N MET D 172 14.81 3.50 -0.10
CA MET D 172 14.41 2.55 -1.13
C MET D 172 13.02 1.99 -0.89
N ASP D 173 12.85 1.30 0.23
CA ASP D 173 11.63 0.54 0.48
C ASP D 173 10.41 1.42 0.57
N ILE D 174 10.58 2.73 0.76
CA ILE D 174 9.44 3.64 0.68
C ILE D 174 9.06 3.86 -0.78
N GLN D 175 10.07 3.99 -1.65
CA GLN D 175 9.81 4.25 -3.06
C GLN D 175 9.07 3.08 -3.72
N SER D 176 9.49 1.85 -3.42
CA SER D 176 8.90 0.66 -4.02
C SER D 176 7.62 0.21 -3.33
N GLY D 177 7.22 0.87 -2.26
CA GLY D 177 6.00 0.49 -1.57
C GLY D 177 4.76 0.83 -2.37
N ARG D 178 3.65 0.26 -1.93
CA ARG D 178 2.34 0.43 -2.56
C ARG D 178 1.33 0.79 -1.49
N ILE D 179 0.52 1.82 -1.77
CA ILE D 179 -0.53 2.26 -0.85
C ILE D 179 -1.76 2.67 -1.65
N ASP D 180 -2.86 2.83 -0.94
CA ASP D 180 -4.09 3.33 -1.53
C ASP D 180 -3.95 4.82 -1.78
N PRO D 181 -3.98 5.29 -3.03
CA PRO D 181 -3.79 6.72 -3.27
C PRO D 181 -4.72 7.62 -2.47
N ALA D 182 -5.80 7.09 -1.90
CA ALA D 182 -6.69 7.92 -1.11
C ALA D 182 -6.10 8.23 0.26
N THR D 183 -5.18 7.40 0.75
CA THR D 183 -4.56 7.63 2.05
C THR D 183 -3.41 8.63 1.98
N LEU D 184 -3.12 9.18 0.80
CA LEU D 184 -2.02 10.13 0.68
C LEU D 184 -2.32 11.40 1.46
N GLU D 185 -1.40 11.76 2.34
CA GLU D 185 -1.48 13.04 3.05
C GLU D 185 -0.87 14.13 2.18
N HIS D 186 -1.48 15.32 2.24
CA HIS D 186 -1.02 16.46 1.45
C HIS D 186 -0.72 17.63 2.38
N TYR D 187 0.25 18.44 1.97
CA TYR D 187 0.70 19.58 2.74
C TYR D 187 -0.09 20.83 2.34
N VAL D 188 -0.53 21.58 3.34
CA VAL D 188 -1.29 22.82 3.13
C VAL D 188 -0.42 23.96 3.63
N ALA D 189 -0.03 24.85 2.72
CA ALA D 189 0.90 25.90 3.08
C ALA D 189 0.23 26.89 4.03
N PRO D 190 0.94 27.35 5.07
CA PRO D 190 0.35 28.36 5.95
C PRO D 190 0.02 29.62 5.18
N PRO D 191 -0.83 30.49 5.74
CA PRO D 191 -1.12 31.76 5.06
C PRO D 191 0.14 32.58 4.87
N ALA D 192 0.21 33.29 3.75
CA ALA D 192 1.38 34.09 3.44
C ALA D 192 1.47 35.30 4.36
N PRO D 193 2.65 35.64 4.86
CA PRO D 193 2.76 36.73 5.83
C PRO D 193 2.43 38.09 5.21
N ASP D 194 1.90 38.97 6.05
CA ASP D 194 1.59 40.35 5.68
C ASP D 194 2.71 41.21 6.29
N TYR D 195 3.77 41.42 5.51
CA TYR D 195 4.93 42.13 6.03
C TYR D 195 4.59 43.56 6.40
N LEU D 196 3.59 44.15 5.74
CA LEU D 196 3.34 45.59 5.84
C LEU D 196 2.48 45.88 7.07
N THR D 197 3.12 45.67 8.24
CA THR D 197 2.50 45.96 9.54
C THR D 197 2.51 47.48 9.74
N PRO D 198 1.95 47.97 10.87
CA PRO D 198 2.03 49.42 11.13
C PRO D 198 3.45 49.91 11.39
N ALA D 199 4.31 49.05 11.96
CA ALA D 199 5.68 49.46 12.22
C ALA D 199 6.49 49.51 10.93
N VAL D 200 6.37 48.46 10.10
CA VAL D 200 7.04 48.47 8.80
C VAL D 200 6.51 49.61 7.94
N ALA D 201 5.20 49.85 8.00
CA ALA D 201 4.62 50.95 7.25
C ALA D 201 5.17 52.29 7.70
N ALA D 202 5.50 52.43 8.99
CA ALA D 202 6.14 53.65 9.46
C ALA D 202 7.54 53.80 8.87
N GLN D 203 8.26 52.68 8.76
CA GLN D 203 9.61 52.73 8.19
C GLN D 203 9.57 53.10 6.71
N VAL D 204 8.54 52.68 5.98
CA VAL D 204 8.42 53.10 4.59
C VAL D 204 8.25 54.61 4.51
N ASP D 205 7.44 55.17 5.42
CA ASP D 205 7.28 56.62 5.44
C ASP D 205 8.57 57.33 5.80
N SER D 206 9.38 56.73 6.69
CA SER D 206 10.67 57.31 7.00
C SER D 206 11.59 57.30 5.79
N VAL D 207 11.57 56.21 5.02
CA VAL D 207 12.41 56.11 3.82
C VAL D 207 12.00 57.18 2.81
N LEU D 208 10.70 57.29 2.55
CA LEU D 208 10.23 58.30 1.61
C LEU D 208 10.64 59.71 2.06
N ALA D 209 10.57 59.98 3.36
CA ALA D 209 10.98 61.27 3.88
C ALA D 209 12.44 61.54 3.55
N ALA D 210 13.31 60.54 3.76
CA ALA D 210 14.73 60.72 3.47
C ALA D 210 14.96 60.86 1.98
N LEU D 211 14.19 60.15 1.15
CA LEU D 211 14.35 60.24 -0.29
C LEU D 211 13.90 61.61 -0.82
N ALA D 212 12.85 62.18 -0.22
CA ALA D 212 12.41 63.50 -0.63
C ALA D 212 13.39 64.59 -0.21
N LYS D 213 14.10 64.37 0.91
CA LYS D 213 15.01 65.36 1.46
C LYS D 213 16.43 65.23 0.92
N ALA D 214 16.82 64.04 0.49
CA ALA D 214 18.22 63.79 0.17
C ALA D 214 18.64 64.52 -1.09
N GLU D 215 19.84 65.11 -1.07
CA GLU D 215 20.40 65.77 -2.24
C GLU D 215 21.22 64.81 -3.09
N ARG D 216 21.82 63.80 -2.47
CA ARG D 216 22.70 62.85 -3.17
C ARG D 216 22.33 61.42 -2.82
N PRO D 217 21.12 60.98 -3.18
CA PRO D 217 20.70 59.62 -2.84
C PRO D 217 21.25 58.59 -3.81
N VAL D 218 21.41 57.37 -3.30
CA VAL D 218 21.94 56.25 -4.08
C VAL D 218 21.23 54.99 -3.64
N LEU D 219 20.37 54.45 -4.50
CA LEU D 219 19.74 53.17 -4.23
C LEU D 219 20.67 52.03 -4.62
N TRP D 220 20.71 50.99 -3.81
CA TRP D 220 21.60 49.85 -4.02
C TRP D 220 20.70 48.63 -4.19
N LEU D 221 20.47 48.24 -5.44
CA LEU D 221 19.51 47.19 -5.76
C LEU D 221 20.21 45.84 -5.86
N GLY D 222 19.56 44.80 -5.34
CA GLY D 222 20.13 43.48 -5.30
C GLY D 222 19.17 42.42 -5.81
N ASN D 223 19.70 41.20 -5.93
CA ASN D 223 18.96 40.11 -6.54
C ASN D 223 17.68 39.78 -5.78
N GLY D 224 17.60 40.13 -4.50
CA GLY D 224 16.39 39.87 -3.74
C GLY D 224 15.15 40.46 -4.37
N ILE D 225 15.31 41.52 -5.16
CA ILE D 225 14.17 42.10 -5.86
C ILE D 225 13.66 41.14 -6.92
N ARG D 226 14.57 40.58 -7.72
CA ARG D 226 14.15 39.61 -8.73
C ARG D 226 13.59 38.35 -8.09
N LEU D 227 14.16 37.92 -6.96
CA LEU D 227 13.63 36.75 -6.26
C LEU D 227 12.22 36.99 -5.76
N ALA D 228 11.86 38.25 -5.53
CA ALA D 228 10.52 38.63 -5.13
C ALA D 228 9.59 38.89 -6.31
N GLY D 229 10.12 38.89 -7.53
CA GLY D 229 9.32 39.19 -8.70
C GLY D 229 8.92 40.65 -8.78
N GLY D 230 9.84 41.55 -8.42
CA GLY D 230 9.55 42.98 -8.47
C GLY D 230 10.60 43.77 -9.22
N GLU D 231 11.28 43.13 -10.18
CA GLU D 231 12.28 43.85 -10.97
C GLU D 231 11.61 44.80 -11.96
N ARG D 232 10.38 44.49 -12.40
CA ARG D 232 9.65 45.37 -13.30
C ARG D 232 9.13 46.63 -12.62
N LEU D 233 9.46 46.85 -11.33
CA LEU D 233 9.08 48.06 -10.63
C LEU D 233 10.24 49.04 -10.49
N LEU D 234 11.45 48.66 -10.91
CA LEU D 234 12.62 49.48 -10.67
C LEU D 234 12.68 50.68 -11.61
N LYS D 235 12.36 50.47 -12.89
CA LYS D 235 12.40 51.59 -13.83
C LYS D 235 11.46 52.72 -13.43
N PRO D 236 10.18 52.47 -13.11
CA PRO D 236 9.32 53.58 -12.67
C PRO D 236 9.68 54.12 -11.30
N LEU D 237 10.34 53.35 -10.45
CA LEU D 237 10.74 53.86 -9.14
C LEU D 237 11.87 54.87 -9.28
N LEU D 238 12.91 54.54 -10.04
CA LEU D 238 14.03 55.46 -10.20
C LEU D 238 13.63 56.71 -10.96
N GLU D 239 12.74 56.58 -11.94
CA GLU D 239 12.29 57.74 -12.70
C GLU D 239 11.32 58.60 -11.91
N LYS D 240 10.64 58.04 -10.91
CA LYS D 240 9.76 58.84 -10.07
C LYS D 240 10.51 59.50 -8.92
N LEU D 241 11.65 58.95 -8.51
CA LEU D 241 12.48 59.57 -7.50
C LEU D 241 13.56 60.48 -8.07
N GLY D 242 13.95 60.26 -9.33
CA GLY D 242 15.05 61.00 -9.91
C GLY D 242 16.38 60.73 -9.24
N SER D 243 16.53 59.57 -8.61
CA SER D 243 17.71 59.25 -7.83
C SER D 243 18.60 58.26 -8.57
N PRO D 244 19.92 58.46 -8.56
CA PRO D 244 20.82 57.45 -9.13
C PRO D 244 20.69 56.13 -8.38
N ALA D 245 21.22 55.08 -8.99
CA ALA D 245 21.13 53.75 -8.43
C ALA D 245 22.35 52.92 -8.84
N LEU D 246 22.81 52.08 -7.92
CA LEU D 246 23.79 51.05 -8.22
C LEU D 246 23.08 49.69 -8.18
N VAL D 247 23.71 48.70 -8.81
CA VAL D 247 23.21 47.33 -8.78
C VAL D 247 24.31 46.44 -8.21
N SER D 248 23.89 45.39 -7.53
CA SER D 248 24.83 44.40 -7.04
C SER D 248 25.20 43.44 -8.16
N TRP D 249 26.38 42.82 -8.04
CA TRP D 249 26.82 41.91 -9.08
C TRP D 249 25.75 40.89 -9.43
N ALA D 250 25.03 40.38 -8.43
CA ALA D 250 24.00 39.38 -8.70
C ALA D 250 22.79 40.00 -9.39
N GLY D 251 22.51 41.27 -9.13
CA GLY D 251 21.36 41.94 -9.71
C GLY D 251 21.70 42.90 -10.83
N ILE D 252 22.74 42.59 -11.61
CA ILE D 252 23.12 43.47 -12.72
C ILE D 252 22.04 43.49 -13.79
N ASP D 253 21.46 42.34 -14.10
CA ASP D 253 20.55 42.22 -15.24
C ASP D 253 19.15 42.70 -14.92
N MET D 254 18.92 43.34 -13.77
CA MET D 254 17.58 43.78 -13.42
C MET D 254 17.23 45.10 -14.10
N LEU D 255 18.23 45.91 -14.43
CA LEU D 255 18.02 47.17 -15.13
C LEU D 255 19.02 47.29 -16.26
N ASP D 256 18.62 48.00 -17.31
CA ASP D 256 19.52 48.30 -18.41
C ASP D 256 20.73 49.05 -17.86
N SER D 257 21.92 48.48 -18.04
CA SER D 257 23.13 49.14 -17.57
C SER D 257 23.29 50.53 -18.15
N SER D 258 22.69 50.81 -19.31
CA SER D 258 22.77 52.11 -19.95
C SER D 258 21.57 53.00 -19.62
N HIS D 259 20.83 52.68 -18.57
CA HIS D 259 19.75 53.55 -18.14
C HIS D 259 20.33 54.85 -17.58
N PRO D 260 19.70 55.99 -17.81
CA PRO D 260 20.31 57.26 -17.39
C PRO D 260 20.59 57.35 -15.90
N LEU D 261 19.93 56.54 -15.07
CA LEU D 261 20.05 56.61 -13.61
C LEU D 261 20.75 55.41 -13.01
N VAL D 262 21.31 54.52 -13.83
CA VAL D 262 22.07 53.36 -13.35
C VAL D 262 23.54 53.64 -13.60
N PHE D 263 24.34 53.56 -12.53
CA PHE D 263 25.73 54.04 -12.57
C PHE D 263 26.71 52.98 -12.08
N GLY D 264 26.40 51.71 -12.33
CA GLY D 264 27.40 50.67 -12.18
C GLY D 264 27.32 49.87 -10.89
N ARG D 265 28.47 49.34 -10.49
CA ARG D 265 28.56 48.36 -9.41
C ARG D 265 29.74 48.72 -8.51
N ALA D 266 29.46 48.94 -7.23
CA ALA D 266 30.49 49.30 -6.27
C ALA D 266 30.91 48.06 -5.47
N GLY D 267 32.06 48.18 -4.81
CA GLY D 267 32.57 47.11 -3.97
C GLY D 267 34.09 47.11 -3.98
N VAL D 268 34.65 46.06 -3.38
CA VAL D 268 36.11 45.90 -3.36
C VAL D 268 36.63 45.66 -4.77
N TYR D 269 35.81 45.08 -5.64
CA TYR D 269 36.08 45.00 -7.06
C TYR D 269 35.10 45.87 -7.86
N GLY D 270 34.71 47.00 -7.28
CA GLY D 270 33.77 47.87 -7.93
C GLY D 270 34.42 48.77 -8.97
N GLN D 271 33.56 49.50 -9.68
CA GLN D 271 34.03 50.45 -10.68
C GLN D 271 34.40 51.77 -10.00
N ARG D 272 35.47 52.40 -10.48
CA ARG D 272 35.96 53.61 -9.84
C ARG D 272 34.86 54.65 -9.70
N ALA D 273 34.03 54.79 -10.73
CA ALA D 273 32.93 55.75 -10.67
C ALA D 273 31.90 55.34 -9.61
N ALA D 274 31.50 54.07 -9.61
CA ALA D 274 30.46 53.61 -8.71
C ALA D 274 30.89 53.76 -7.25
N ASN D 275 32.16 53.48 -6.94
CA ASN D 275 32.64 53.63 -5.58
C ASN D 275 32.58 55.09 -5.13
N PHE D 276 32.96 56.03 -6.00
CA PHE D 276 32.86 57.44 -5.65
C PHE D 276 31.40 57.84 -5.44
N ILE D 277 30.50 57.40 -6.32
CA ILE D 277 29.10 57.74 -6.20
C ILE D 277 28.52 57.25 -4.87
N LEU D 278 29.00 56.09 -4.40
CA LEU D 278 28.52 55.54 -3.13
C LEU D 278 29.09 56.30 -1.95
N GLN D 279 30.42 56.48 -1.93
CA GLN D 279 31.11 57.07 -0.80
C GLN D 279 30.86 58.56 -0.63
N ASN D 280 30.28 59.23 -1.63
CA ASN D 280 29.97 60.65 -1.57
C ASN D 280 28.47 60.92 -1.50
N SER D 281 27.66 59.89 -1.29
CA SER D 281 26.23 60.08 -1.15
C SER D 281 25.88 60.58 0.25
N ASP D 282 24.66 61.08 0.39
CA ASP D 282 24.11 61.48 1.68
C ASP D 282 22.96 60.58 2.13
N TYR D 283 22.57 59.61 1.31
CA TYR D 283 21.55 58.64 1.71
C TYR D 283 21.63 57.43 0.79
N VAL D 284 21.78 56.25 1.40
CA VAL D 284 21.89 54.98 0.68
C VAL D 284 20.72 54.09 1.09
N LEU D 285 19.96 53.64 0.10
CA LEU D 285 18.80 52.77 0.32
C LEU D 285 19.09 51.42 -0.34
N ALA D 286 19.42 50.42 0.47
CA ALA D 286 19.68 49.07 -0.01
C ALA D 286 18.38 48.29 -0.01
N ILE D 287 18.01 47.75 -1.17
CA ILE D 287 16.79 46.98 -1.33
C ILE D 287 17.14 45.64 -1.95
N GLY D 288 16.92 44.56 -1.21
CA GLY D 288 17.15 43.24 -1.75
C GLY D 288 18.60 42.94 -2.05
N THR D 289 19.54 43.67 -1.46
CA THR D 289 20.95 43.34 -1.52
C THR D 289 21.45 42.96 -0.13
N ARG D 290 22.43 42.08 -0.08
CA ARG D 290 22.94 41.54 1.17
C ARG D 290 24.10 42.35 1.76
N LEU D 291 24.59 43.36 1.03
CA LEU D 291 25.69 44.21 1.51
C LEU D 291 26.82 43.35 2.08
N ALA D 292 27.17 42.31 1.34
CA ALA D 292 28.23 41.41 1.76
C ALA D 292 29.55 42.18 1.83
N ILE D 293 30.56 41.51 2.40
CA ILE D 293 31.86 42.15 2.56
C ILE D 293 32.39 42.65 1.21
N PRO D 294 32.41 41.85 0.15
CA PRO D 294 32.91 42.36 -1.14
C PRO D 294 32.13 43.54 -1.69
N GLN D 295 31.05 43.96 -1.04
CA GLN D 295 30.28 45.13 -1.47
C GLN D 295 30.60 46.37 -0.66
N ILE D 296 30.79 46.23 0.65
CA ILE D 296 30.96 47.37 1.54
C ILE D 296 32.39 47.54 2.02
N GLY D 297 33.24 46.53 1.87
CA GLY D 297 34.59 46.60 2.37
C GLY D 297 34.72 45.95 3.73
N TYR D 298 35.66 46.42 4.54
CA TYR D 298 35.98 45.76 5.80
C TYR D 298 35.76 46.67 7.01
N ASP D 299 35.17 47.84 6.82
CA ASP D 299 34.96 48.78 7.92
C ASP D 299 33.67 49.55 7.66
N LEU D 300 32.67 49.36 8.53
CA LEU D 300 31.40 50.04 8.37
C LEU D 300 31.50 51.53 8.62
N ASN D 301 32.48 51.95 9.41
CA ASN D 301 32.65 53.38 9.68
C ASN D 301 33.24 54.11 8.49
N GLU D 302 33.80 53.41 7.51
CA GLU D 302 34.37 54.02 6.31
C GLU D 302 33.42 53.99 5.13
N LEU D 303 32.21 53.47 5.30
CA LEU D 303 31.26 53.29 4.21
C LEU D 303 30.28 54.45 4.20
N ALA D 304 30.19 55.14 3.07
CA ALA D 304 29.28 56.27 2.88
C ALA D 304 29.28 57.18 4.11
N ARG D 305 30.49 57.58 4.52
CA ARG D 305 30.67 58.25 5.81
C ARG D 305 29.74 59.44 6.00
N LEU D 306 29.25 60.04 4.91
CA LEU D 306 28.37 61.20 5.01
C LEU D 306 26.89 60.82 5.01
N ALA D 307 26.55 59.57 4.69
CA ALA D 307 25.19 59.22 4.35
C ALA D 307 24.52 58.41 5.45
N ARG D 308 23.19 58.46 5.43
CA ARG D 308 22.35 57.55 6.18
C ARG D 308 22.09 56.31 5.31
N ILE D 309 22.15 55.14 5.93
CA ILE D 309 22.04 53.88 5.20
C ILE D 309 20.85 53.10 5.76
N ASP D 310 19.80 52.98 4.96
CA ASP D 310 18.65 52.13 5.26
C ASP D 310 18.77 50.83 4.47
N VAL D 311 18.27 49.75 5.06
CA VAL D 311 18.41 48.41 4.50
C VAL D 311 17.04 47.74 4.49
N VAL D 312 16.65 47.20 3.33
CA VAL D 312 15.45 46.40 3.18
C VAL D 312 15.87 44.99 2.78
N ASP D 313 15.34 43.99 3.49
CA ASP D 313 15.76 42.62 3.28
C ASP D 313 14.79 41.69 4.00
N ILE D 314 14.45 40.56 3.36
CA ILE D 314 13.44 39.67 3.93
C ILE D 314 13.98 38.84 5.09
N ASP D 315 15.29 38.69 5.19
CA ASP D 315 15.91 37.92 6.27
C ASP D 315 16.20 38.87 7.43
N GLY D 316 15.57 38.60 8.58
CA GLY D 316 15.76 39.48 9.72
C GLY D 316 17.21 39.56 10.17
N ASP D 317 17.94 38.44 10.08
CA ASP D 317 19.32 38.42 10.52
C ASP D 317 20.23 39.18 9.58
N GLU D 318 19.93 39.16 8.27
CA GLU D 318 20.70 39.94 7.32
C GLU D 318 20.41 41.42 7.45
N ALA D 319 19.15 41.77 7.76
CA ALA D 319 18.75 43.17 7.76
C ALA D 319 19.36 43.96 8.91
N ILE D 320 19.88 43.30 9.95
CA ILE D 320 20.38 43.99 11.13
C ILE D 320 21.85 43.65 11.42
N LYS D 321 22.51 42.91 10.53
CA LYS D 321 23.92 42.60 10.78
C LYS D 321 24.78 43.85 10.73
N HIS D 322 24.34 44.89 10.03
CA HIS D 322 25.00 46.19 9.99
C HIS D 322 24.25 47.22 10.84
N ALA D 323 23.61 46.76 11.93
CA ALA D 323 22.79 47.67 12.74
C ALA D 323 23.61 48.77 13.39
N LYS D 324 24.90 48.51 13.68
CA LYS D 324 25.77 49.53 14.23
C LYS D 324 25.91 50.74 13.31
N ARG D 325 25.68 50.56 12.01
CA ARG D 325 25.87 51.60 11.02
C ARG D 325 24.57 52.05 10.35
N THR D 326 23.60 51.14 10.19
CA THR D 326 22.37 51.46 9.48
C THR D 326 21.33 52.05 10.43
N GLN D 327 20.33 52.71 9.85
CA GLN D 327 19.26 53.33 10.63
C GLN D 327 17.97 52.52 10.52
N GLU D 328 17.28 52.60 9.38
CA GLU D 328 16.06 51.83 9.17
C GLU D 328 16.42 50.45 8.66
N ASN D 329 16.23 49.44 9.51
CA ASN D 329 16.44 48.05 9.15
C ASN D 329 15.07 47.42 8.94
N ILE D 330 14.65 47.36 7.67
CA ILE D 330 13.30 46.99 7.31
C ILE D 330 13.30 45.52 6.88
N VAL D 331 12.51 44.71 7.59
CA VAL D 331 12.40 43.28 7.31
C VAL D 331 11.10 43.09 6.54
N CYS D 332 11.19 43.03 5.22
CA CYS D 332 10.02 43.03 4.35
C CYS D 332 10.43 42.43 3.01
N ASP D 333 9.44 41.93 2.28
CA ASP D 333 9.68 41.46 0.92
C ASP D 333 9.96 42.64 -0.01
N ALA D 334 10.97 42.50 -0.87
CA ALA D 334 11.40 43.62 -1.70
C ALA D 334 10.27 44.14 -2.57
N ARG D 335 9.45 43.24 -3.13
CA ARG D 335 8.35 43.68 -3.98
C ARG D 335 7.29 44.41 -3.15
N VAL D 336 6.93 43.86 -2.00
CA VAL D 336 5.95 44.53 -1.13
C VAL D 336 6.48 45.90 -0.74
N PHE D 337 7.77 45.99 -0.40
CA PHE D 337 8.35 47.29 -0.05
C PHE D 337 8.25 48.27 -1.21
N ILE D 338 8.70 47.87 -2.41
CA ILE D 338 8.72 48.80 -3.53
C ILE D 338 7.30 49.23 -3.90
N GLU D 339 6.34 48.31 -3.83
CA GLU D 339 4.95 48.68 -4.09
C GLU D 339 4.44 49.67 -3.06
N ALA D 340 4.73 49.41 -1.78
CA ALA D 340 4.33 50.34 -0.73
C ALA D 340 4.97 51.71 -0.95
N LEU D 341 6.23 51.74 -1.39
CA LEU D 341 6.91 53.00 -1.63
C LEU D 341 6.36 53.73 -2.85
N LEU D 342 5.95 52.97 -3.88
CA LEU D 342 5.36 53.59 -5.06
C LEU D 342 3.95 54.09 -4.78
N ALA D 343 3.24 53.45 -3.84
CA ALA D 343 1.89 53.91 -3.50
C ALA D 343 1.95 55.22 -2.71
N ARG D 344 2.88 55.32 -1.77
CA ARG D 344 3.05 56.57 -1.02
C ARG D 344 3.59 57.69 -1.91
N LEU D 345 4.29 57.35 -3.00
CA LEU D 345 4.78 58.35 -3.94
C LEU D 345 3.69 58.84 -4.87
N ASN D 346 2.75 57.97 -5.23
CA ASN D 346 1.64 58.32 -6.09
C ASN D 346 0.41 58.78 -5.32
N ALA D 347 0.50 58.86 -4.00
CA ALA D 347 -0.58 59.44 -3.21
C ALA D 347 -0.69 60.93 -3.48
N ALA D 348 -1.92 61.43 -3.54
CA ALA D 348 -2.13 62.86 -3.76
C ALA D 348 -1.43 63.67 -2.68
N ASP D 349 -1.46 63.19 -1.44
CA ASP D 349 -0.82 63.88 -0.32
C ASP D 349 0.61 63.37 -0.11
N ALA D 350 1.41 63.46 -1.19
CA ALA D 350 2.77 62.96 -1.13
C ALA D 350 3.77 64.10 -0.96
N PRO D 351 4.86 63.87 -0.23
CA PRO D 351 5.83 64.95 0.00
C PRO D 351 6.47 65.42 -1.29
N ALA D 352 6.92 66.68 -1.28
CA ALA D 352 7.66 67.22 -2.40
C ALA D 352 9.08 66.66 -2.41
N ILE D 353 9.54 66.26 -3.59
CA ILE D 353 10.85 65.63 -3.75
C ILE D 353 11.83 66.70 -4.24
N ALA D 354 12.80 67.02 -3.40
CA ALA D 354 13.84 67.96 -3.81
C ALA D 354 14.57 67.43 -5.04
N SER D 355 15.08 68.36 -5.84
CA SER D 355 15.77 68.00 -7.07
C SER D 355 17.12 67.36 -6.75
N LYS D 356 17.47 66.32 -7.53
CA LYS D 356 18.79 65.70 -7.48
C LYS D 356 19.58 65.95 -8.75
N ALA D 357 19.20 66.96 -9.53
CA ALA D 357 19.85 67.21 -10.81
C ALA D 357 21.35 67.38 -10.64
N ASP D 358 21.76 68.21 -9.68
CA ASP D 358 23.19 68.42 -9.45
C ASP D 358 23.89 67.12 -9.13
N TRP D 359 23.26 66.26 -8.32
CA TRP D 359 23.86 64.97 -7.98
C TRP D 359 23.95 64.08 -9.21
N VAL D 360 22.86 63.97 -9.97
CA VAL D 360 22.88 63.16 -11.18
C VAL D 360 24.00 63.61 -12.11
N ALA D 361 24.19 64.93 -12.23
CA ALA D 361 25.27 65.46 -13.06
C ALA D 361 26.63 65.03 -12.52
N LYS D 362 26.83 65.20 -11.21
CA LYS D 362 28.10 64.77 -10.60
C LYS D 362 28.32 63.28 -10.79
N CYS D 363 27.23 62.50 -10.90
CA CYS D 363 27.38 61.07 -11.14
C CYS D 363 27.90 60.80 -12.55
N ARG D 364 27.37 61.54 -13.54
CA ARG D 364 27.81 61.34 -14.91
C ARG D 364 29.21 61.88 -15.14
N ALA D 365 29.60 62.91 -14.39
CA ALA D 365 30.98 63.39 -14.46
C ALA D 365 31.94 62.35 -13.90
N TYR D 366 31.51 61.59 -12.89
CA TYR D 366 32.34 60.51 -12.36
C TYR D 366 32.57 59.42 -13.41
N GLU D 367 31.52 59.07 -14.16
CA GLU D 367 31.66 58.05 -15.19
C GLU D 367 32.55 58.53 -16.32
N GLU D 368 32.45 59.81 -16.68
CA GLU D 368 33.31 60.36 -17.71
C GLU D 368 34.76 60.41 -17.24
N GLN D 369 34.97 60.77 -15.97
CA GLN D 369 36.34 60.84 -15.46
C GLN D 369 36.95 59.45 -15.33
N PHE D 370 36.15 58.45 -14.98
CA PHE D 370 36.62 57.08 -14.74
C PHE D 370 35.76 56.11 -15.54
N PRO D 371 36.10 55.90 -16.81
CA PRO D 371 35.41 54.86 -17.59
C PRO D 371 35.72 53.48 -17.04
N TRP D 372 34.81 52.53 -17.31
CA TRP D 372 34.96 51.18 -16.76
C TRP D 372 36.20 50.49 -17.32
N VAL D 373 36.48 50.66 -18.60
CA VAL D 373 37.69 50.14 -19.22
C VAL D 373 38.58 51.35 -19.50
N GLY D 374 39.62 51.53 -18.68
CA GLY D 374 40.45 52.71 -18.78
C GLY D 374 41.91 52.42 -19.07
N ALA D 375 42.77 53.43 -18.88
CA ALA D 375 44.19 53.26 -19.19
C ALA D 375 44.80 52.11 -18.41
N GLU D 376 44.26 51.81 -17.23
CA GLU D 376 44.76 50.70 -16.42
C GLU D 376 44.56 49.35 -17.08
N HIS D 377 43.74 49.26 -18.14
CA HIS D 377 43.44 47.99 -18.79
C HIS D 377 44.10 47.87 -20.16
N ALA D 378 45.28 48.45 -20.31
CA ALA D 378 45.98 48.37 -21.59
C ALA D 378 46.54 46.97 -21.80
N ASP D 379 46.72 46.61 -23.06
CA ASP D 379 47.21 45.29 -23.42
C ASP D 379 48.61 45.08 -22.85
N PRO D 380 48.82 44.06 -22.00
CA PRO D 380 50.16 43.88 -21.40
C PRO D 380 51.06 42.97 -22.22
N GLU D 381 52.14 43.53 -22.76
CA GLU D 381 53.18 42.76 -23.45
C GLU D 381 52.60 41.93 -24.60
N GLY D 382 51.74 42.55 -25.41
CA GLY D 382 51.21 41.89 -26.59
C GLY D 382 50.14 40.86 -26.33
N PHE D 383 49.44 40.95 -25.21
CA PHE D 383 48.34 40.06 -24.89
C PHE D 383 47.04 40.85 -24.90
N ILE D 384 45.94 40.15 -25.16
CA ILE D 384 44.63 40.77 -25.03
C ILE D 384 44.34 40.99 -23.54
N ASN D 385 43.86 42.17 -23.20
CA ASN D 385 43.47 42.46 -21.83
C ASN D 385 42.04 42.00 -21.60
N SER D 386 41.85 41.16 -20.58
CA SER D 386 40.54 40.54 -20.37
C SER D 386 39.45 41.60 -20.26
N TYR D 387 39.75 42.73 -19.63
CA TYR D 387 38.75 43.79 -19.50
C TYR D 387 38.42 44.38 -20.87
N ARG D 388 39.42 44.48 -21.75
CA ARG D 388 39.16 44.96 -23.10
C ARG D 388 38.45 43.91 -23.94
N PHE D 389 38.77 42.63 -23.70
CA PHE D 389 38.09 41.56 -24.43
C PHE D 389 36.60 41.51 -24.08
N MET D 390 36.27 41.73 -22.82
CA MET D 390 34.86 41.79 -22.42
C MET D 390 34.13 42.90 -23.16
N GLU D 391 34.69 44.10 -23.16
CA GLU D 391 34.06 45.23 -23.85
C GLU D 391 33.80 44.88 -25.31
N ARG D 392 34.74 44.19 -25.95
CA ARG D 392 34.54 43.80 -27.34
C ARG D 392 33.52 42.68 -27.45
N LEU D 393 33.57 41.72 -26.52
CA LEU D 393 32.61 40.63 -26.52
C LEU D 393 31.20 41.13 -26.24
N ASN D 394 31.06 42.18 -25.43
CA ASN D 394 29.74 42.74 -25.15
C ASN D 394 28.99 43.06 -26.45
N GLY D 395 29.70 43.60 -27.44
CA GLY D 395 29.06 44.01 -28.67
C GLY D 395 28.38 42.88 -29.42
N PHE D 396 28.76 41.63 -29.14
CA PHE D 396 28.24 40.49 -29.86
C PHE D 396 27.12 39.78 -29.11
N PHE D 397 26.64 40.34 -28.01
CA PHE D 397 25.49 39.75 -27.32
C PHE D 397 24.29 39.73 -28.24
N LYS D 398 23.45 38.72 -28.06
CA LYS D 398 22.17 38.68 -28.75
C LYS D 398 21.10 39.39 -27.92
N ASP D 399 19.97 39.68 -28.56
CA ASP D 399 18.91 40.43 -27.89
C ASP D 399 18.43 39.71 -26.63
N ASP D 400 18.38 38.38 -26.68
CA ASP D 400 17.96 37.56 -25.54
C ASP D 400 19.15 36.83 -24.91
N GLN D 401 20.34 37.44 -24.97
CA GLN D 401 21.54 36.78 -24.51
C GLN D 401 21.45 36.42 -23.03
N VAL D 402 21.97 35.24 -22.69
CA VAL D 402 22.17 34.83 -21.31
C VAL D 402 23.64 34.51 -21.13
N VAL D 403 24.25 35.07 -20.09
CA VAL D 403 25.66 34.88 -19.80
C VAL D 403 25.80 34.30 -18.40
N VAL D 404 26.54 33.21 -18.28
CA VAL D 404 26.94 32.67 -16.99
C VAL D 404 28.46 32.72 -16.92
N THR D 405 28.99 32.76 -15.70
CA THR D 405 30.43 32.84 -15.50
C THR D 405 30.87 31.86 -14.44
N ASP D 406 32.13 31.42 -14.56
CA ASP D 406 32.81 30.70 -13.48
C ASP D 406 33.48 31.76 -12.61
N MET D 407 34.58 31.41 -11.94
CA MET D 407 35.23 32.37 -11.07
C MET D 407 36.33 33.11 -11.83
N GLY D 408 37.39 33.52 -11.12
CA GLY D 408 38.57 34.06 -11.77
C GLY D 408 38.29 35.19 -12.74
N THR D 409 38.97 35.14 -13.88
CA THR D 409 38.87 36.23 -14.85
C THR D 409 37.44 36.42 -15.33
N ALA D 410 36.74 35.33 -15.64
CA ALA D 410 35.37 35.44 -16.15
C ALA D 410 34.49 36.23 -15.18
N LEU D 411 34.64 35.99 -13.88
CA LEU D 411 33.84 36.68 -12.88
C LEU D 411 34.20 38.16 -12.78
N LEU D 412 35.48 38.44 -12.53
CA LEU D 412 35.91 39.81 -12.28
C LEU D 412 35.74 40.68 -13.52
N SER D 413 36.45 40.33 -14.61
CA SER D 413 36.34 41.11 -15.83
C SER D 413 34.92 41.18 -16.33
N GLY D 414 34.16 40.09 -16.16
CA GLY D 414 32.79 40.09 -16.62
C GLY D 414 31.93 41.09 -15.90
N HIS D 415 31.98 41.08 -14.56
CA HIS D 415 31.09 41.91 -13.78
C HIS D 415 31.55 43.35 -13.66
N GLN D 416 32.81 43.63 -13.97
CA GLN D 416 33.32 45.00 -13.94
C GLN D 416 33.19 45.72 -15.27
N VAL D 417 32.69 45.06 -16.31
CA VAL D 417 32.69 45.65 -17.64
C VAL D 417 31.35 45.43 -18.34
N LEU D 418 30.84 44.20 -18.29
CA LEU D 418 29.72 43.82 -19.14
C LEU D 418 28.49 44.67 -18.86
N ARG D 419 27.80 45.06 -19.93
CA ARG D 419 26.55 45.81 -19.85
C ARG D 419 25.43 44.94 -20.41
N PHE D 420 24.25 45.08 -19.81
CA PHE D 420 23.10 44.26 -20.14
C PHE D 420 21.88 45.15 -20.29
N LYS D 421 21.02 44.78 -21.22
CA LYS D 421 19.75 45.48 -21.44
C LYS D 421 18.61 44.53 -21.15
N GLU D 422 17.42 45.10 -21.00
CA GLU D 422 16.23 44.29 -20.74
C GLU D 422 16.12 43.17 -21.76
N GLY D 423 15.89 41.95 -21.27
CA GLY D 423 15.85 40.76 -22.08
C GLY D 423 17.09 39.91 -21.96
N GLN D 424 18.17 40.46 -21.45
CA GLN D 424 19.42 39.74 -21.25
C GLN D 424 19.60 39.44 -19.76
N ARG D 425 20.31 38.35 -19.49
CA ARG D 425 20.47 37.84 -18.13
C ARG D 425 21.95 37.60 -17.85
N PHE D 426 22.29 37.65 -16.56
CA PHE D 426 23.67 37.50 -16.10
C PHE D 426 23.65 36.78 -14.76
N MET D 427 24.26 35.61 -14.69
CA MET D 427 24.19 34.75 -13.52
C MET D 427 25.55 34.16 -13.21
N THR D 428 25.80 33.95 -11.91
CA THR D 428 26.93 33.15 -11.44
C THR D 428 26.64 32.82 -9.98
N SER D 429 27.63 32.21 -9.32
CA SER D 429 27.51 31.82 -7.91
C SER D 429 28.53 32.63 -7.11
N THR D 430 28.08 33.74 -6.53
CA THR D 430 28.96 34.62 -5.76
C THR D 430 28.93 34.34 -4.27
N GLY D 431 27.80 33.86 -3.75
CA GLY D 431 27.71 33.59 -2.32
C GLY D 431 28.77 32.62 -1.85
N LEU D 432 28.95 31.53 -2.58
CA LEU D 432 30.00 30.55 -2.26
C LEU D 432 31.25 30.72 -3.11
N GLY D 433 31.10 31.20 -4.35
CA GLY D 433 32.23 31.44 -5.22
C GLY D 433 33.05 30.21 -5.52
N GLU D 434 32.38 29.13 -5.91
CA GLU D 434 33.05 27.87 -6.14
C GLU D 434 33.49 27.74 -7.60
N MET D 435 34.63 27.10 -7.79
CA MET D 435 35.11 26.82 -9.13
C MET D 435 34.31 25.69 -9.74
N GLY D 436 34.12 25.76 -11.05
CA GLY D 436 33.32 24.77 -11.76
C GLY D 436 31.85 25.06 -11.78
N TYR D 437 31.44 26.31 -11.57
CA TYR D 437 30.03 26.65 -11.64
C TYR D 437 29.57 26.96 -13.05
N GLY D 438 30.48 27.44 -13.91
CA GLY D 438 30.13 27.85 -15.25
C GLY D 438 29.39 26.81 -16.07
N LEU D 439 30.01 25.64 -16.26
CA LEU D 439 29.40 24.59 -17.06
C LEU D 439 28.04 24.16 -16.52
N PRO D 440 27.93 23.70 -15.26
CA PRO D 440 26.60 23.34 -14.75
C PRO D 440 25.62 24.50 -14.79
N ALA D 441 26.09 25.74 -14.61
CA ALA D 441 25.21 26.88 -14.73
C ALA D 441 24.63 26.99 -16.13
N ALA D 442 25.45 26.73 -17.15
CA ALA D 442 24.97 26.76 -18.52
C ALA D 442 23.90 25.68 -18.75
N LEU D 443 24.16 24.46 -18.28
CA LEU D 443 23.19 23.38 -18.45
C LEU D 443 21.82 23.78 -17.92
N GLY D 444 21.78 24.42 -16.75
CA GLY D 444 20.50 24.77 -16.15
C GLY D 444 19.75 25.81 -16.95
N VAL D 445 20.44 26.85 -17.42
CA VAL D 445 19.80 27.86 -18.25
C VAL D 445 19.28 27.22 -19.53
N SER D 446 20.10 26.40 -20.17
CA SER D 446 19.74 25.83 -21.46
C SER D 446 18.48 25.00 -21.36
N PHE D 447 18.41 24.08 -20.38
CA PHE D 447 17.22 23.25 -20.27
C PHE D 447 16.02 24.05 -19.78
N ALA D 448 16.25 25.14 -19.05
CA ALA D 448 15.15 26.00 -18.63
C ALA D 448 14.53 26.74 -19.82
N ASN D 449 15.30 26.95 -20.89
CA ASN D 449 14.83 27.64 -22.09
C ASN D 449 14.66 26.68 -23.26
N ASP D 450 14.35 25.41 -22.97
CA ASP D 450 14.16 24.38 -23.98
C ASP D 450 15.38 24.30 -24.91
N ARG D 451 16.48 23.86 -24.30
N ARG D 451 16.48 23.83 -24.33
CA ARG D 451 17.75 23.73 -25.00
CA ARG D 451 17.76 23.73 -25.05
C ARG D 451 18.17 25.06 -25.64
C ARG D 451 18.16 25.07 -25.66
N GLY D 452 17.87 26.15 -24.94
CA GLY D 452 18.20 27.47 -25.43
C GLY D 452 19.69 27.75 -25.39
N GLU D 453 20.06 28.91 -25.93
CA GLU D 453 21.46 29.27 -26.09
C GLU D 453 21.97 29.97 -24.85
N VAL D 454 23.22 29.68 -24.49
CA VAL D 454 23.85 30.25 -23.31
C VAL D 454 25.32 30.50 -23.62
N MET D 455 25.82 31.66 -23.22
CA MET D 455 27.24 31.95 -23.25
C MET D 455 27.82 31.72 -21.87
N CYS D 456 28.89 30.93 -21.80
CA CYS D 456 29.53 30.57 -20.53
C CYS D 456 30.96 31.10 -20.53
N LEU D 457 31.21 32.11 -19.71
CA LEU D 457 32.56 32.67 -19.54
C LEU D 457 33.27 31.88 -18.45
N ASN D 458 34.27 31.11 -18.84
CA ASN D 458 34.92 30.16 -17.96
C ASN D 458 36.43 30.39 -18.00
N CYS D 459 37.16 29.57 -17.25
CA CYS D 459 38.59 29.78 -17.04
C CYS D 459 39.30 28.43 -17.08
N ASP D 460 40.61 28.47 -17.29
CA ASP D 460 41.36 27.23 -17.46
C ASP D 460 41.39 26.42 -16.17
N GLY D 461 41.25 27.08 -15.02
CA GLY D 461 41.21 26.37 -13.76
C GLY D 461 39.82 25.88 -13.41
N GLY D 462 38.83 26.77 -13.46
CA GLY D 462 37.47 26.38 -13.14
C GLY D 462 36.90 25.32 -14.06
N MET D 463 37.42 25.24 -15.29
CA MET D 463 36.92 24.25 -16.24
C MET D 463 37.11 22.82 -15.73
N MET D 464 38.14 22.59 -14.91
CA MET D 464 38.51 21.22 -14.54
C MET D 464 37.58 20.64 -13.48
N MET D 465 36.98 21.49 -12.64
CA MET D 465 36.18 20.98 -11.52
C MET D 465 35.01 20.14 -12.02
N ASN D 466 34.31 20.60 -13.05
CA ASN D 466 33.21 19.85 -13.66
C ASN D 466 33.44 19.69 -15.15
N LEU D 467 34.69 19.39 -15.53
CA LEU D 467 35.02 19.13 -16.93
C LEU D 467 34.09 18.11 -17.55
N GLN D 468 33.74 17.06 -16.80
CA GLN D 468 32.97 15.94 -17.35
C GLN D 468 31.65 16.40 -17.95
N GLU D 469 31.15 17.58 -17.59
CA GLU D 469 29.86 18.02 -18.10
C GLU D 469 29.91 18.44 -19.56
N LEU D 470 31.09 18.44 -20.17
CA LEU D 470 31.16 18.61 -21.63
C LEU D 470 30.42 17.48 -22.33
N GLN D 471 30.50 16.26 -21.79
CA GLN D 471 29.79 15.13 -22.40
C GLN D 471 28.29 15.34 -22.32
N THR D 472 27.78 15.83 -21.18
CA THR D 472 26.36 16.18 -21.08
C THR D 472 25.99 17.25 -22.08
N MET D 473 26.94 18.13 -22.40
CA MET D 473 26.70 19.20 -23.36
C MET D 473 26.61 18.64 -24.77
N VAL D 474 27.55 17.77 -25.15
CA VAL D 474 27.55 17.22 -26.50
C VAL D 474 26.41 16.22 -26.67
N HIS D 475 26.09 15.47 -25.61
CA HIS D 475 25.04 14.46 -25.72
C HIS D 475 23.70 15.09 -26.08
N HIS D 476 23.40 16.26 -25.51
CA HIS D 476 22.14 16.94 -25.75
C HIS D 476 22.25 18.05 -26.79
N ASN D 477 23.41 18.23 -27.41
CA ASN D 477 23.62 19.26 -28.43
C ASN D 477 23.16 20.61 -27.93
N LEU D 478 23.66 20.98 -26.75
CA LEU D 478 23.26 22.24 -26.14
C LEU D 478 24.01 23.40 -26.78
N PRO D 479 23.31 24.44 -27.26
CA PRO D 479 24.01 25.58 -27.88
C PRO D 479 24.70 26.45 -26.85
N ILE D 480 25.77 25.93 -26.25
CA ILE D 480 26.47 26.61 -25.17
C ILE D 480 27.79 27.14 -25.73
N LYS D 481 27.97 28.45 -25.64
CA LYS D 481 29.15 29.13 -26.20
C LYS D 481 30.16 29.32 -25.07
N LEU D 482 31.15 28.43 -25.02
CA LEU D 482 32.02 28.27 -23.86
C LEU D 482 33.36 28.96 -24.11
N PHE D 483 33.55 30.12 -23.49
CA PHE D 483 34.83 30.82 -23.55
C PHE D 483 35.72 30.41 -22.37
N ILE D 484 37.01 30.27 -22.63
CA ILE D 484 37.96 29.76 -21.63
C ILE D 484 39.18 30.66 -21.61
N PHE D 485 39.30 31.48 -20.57
CA PHE D 485 40.46 32.35 -20.41
C PHE D 485 41.65 31.54 -19.92
N ASN D 486 42.63 31.34 -20.79
CA ASN D 486 43.88 30.69 -20.42
C ASN D 486 44.86 31.72 -19.87
N ASN D 487 45.44 31.42 -18.71
CA ASN D 487 46.44 32.30 -18.10
C ASN D 487 47.40 31.53 -17.22
N ASP D 488 47.74 30.30 -17.60
CA ASP D 488 48.73 29.49 -16.90
C ASP D 488 48.39 29.36 -15.41
N GLY D 489 47.16 28.92 -15.14
CA GLY D 489 46.78 28.56 -13.79
C GLY D 489 45.81 29.48 -13.09
N TYR D 490 46.03 29.69 -11.80
CA TYR D 490 45.08 30.42 -10.94
C TYR D 490 45.55 31.87 -10.82
N LEU D 491 45.17 32.72 -11.78
CA LEU D 491 45.63 34.09 -11.77
C LEU D 491 45.20 34.82 -10.51
N MET D 492 43.97 34.59 -10.06
CA MET D 492 43.46 35.22 -8.85
C MET D 492 44.38 34.93 -7.65
N ILE D 493 44.81 33.67 -7.51
CA ILE D 493 45.64 33.29 -6.38
C ILE D 493 47.06 33.80 -6.57
N LYS D 494 47.53 33.87 -7.83
CA LYS D 494 48.85 34.43 -8.09
C LYS D 494 48.99 35.81 -7.46
N HIS D 495 47.99 36.66 -7.69
CA HIS D 495 48.00 38.00 -7.08
C HIS D 495 47.92 37.91 -5.57
N THR D 496 47.13 36.98 -5.05
CA THR D 496 46.98 36.86 -3.59
C THR D 496 48.31 36.55 -2.92
N GLN D 497 49.01 35.51 -3.39
CA GLN D 497 50.26 35.13 -2.77
C GLN D 497 51.41 36.07 -3.12
N LYS D 498 51.33 36.77 -4.25
CA LYS D 498 52.34 37.79 -4.57
C LYS D 498 52.23 38.97 -3.60
N SER D 499 51.01 39.47 -3.40
CA SER D 499 50.80 40.60 -2.49
C SER D 499 51.23 40.26 -1.07
N LEU D 500 51.16 39.00 -0.68
CA LEU D 500 51.46 38.60 0.68
C LEU D 500 52.95 38.31 0.86
N PHE D 501 53.54 37.54 -0.05
CA PHE D 501 54.87 37.00 0.16
C PHE D 501 55.92 37.55 -0.80
N LYS D 502 55.50 38.10 -1.94
CA LYS D 502 56.43 38.70 -2.89
C LYS D 502 57.60 37.76 -3.20
N SER D 503 57.26 36.52 -3.53
CA SER D 503 58.27 35.52 -3.85
C SER D 503 57.75 34.70 -5.04
N ASP D 504 58.28 33.50 -5.20
CA ASP D 504 57.86 32.63 -6.29
C ASP D 504 56.46 32.06 -6.04
N TYR D 505 55.74 31.86 -7.14
CA TYR D 505 54.39 31.30 -7.06
C TYR D 505 54.44 29.88 -6.51
N VAL D 506 53.40 29.52 -5.75
CA VAL D 506 53.27 28.20 -5.15
C VAL D 506 51.90 27.63 -5.52
N GLY D 507 51.89 26.49 -6.20
CA GLY D 507 50.64 25.81 -6.52
C GLY D 507 49.64 26.65 -7.28
N THR D 508 50.12 27.52 -8.19
CA THR D 508 49.21 28.34 -8.99
C THR D 508 49.52 28.38 -10.48
N ASP D 509 50.67 27.89 -10.93
CA ASP D 509 50.97 27.83 -12.35
C ASP D 509 51.71 26.53 -12.67
N ARG D 510 52.03 26.33 -13.95
CA ARG D 510 52.62 25.06 -14.38
C ARG D 510 53.96 24.83 -13.72
N LYS D 511 54.76 25.89 -13.55
CA LYS D 511 56.05 25.73 -12.90
C LYS D 511 55.89 25.31 -11.44
N SER D 512 54.84 25.79 -10.77
CA SER D 512 54.64 25.55 -9.35
C SER D 512 53.63 24.45 -9.04
N GLY D 513 53.19 23.70 -10.06
CA GLY D 513 52.46 22.46 -9.83
C GLY D 513 51.06 22.37 -10.38
N VAL D 514 50.61 23.36 -11.16
CA VAL D 514 49.24 23.41 -11.66
C VAL D 514 49.28 23.71 -13.14
N SER D 515 48.92 22.73 -13.96
CA SER D 515 48.83 22.91 -15.40
C SER D 515 47.43 22.54 -15.87
N CYS D 516 47.08 23.00 -17.06
CA CYS D 516 45.78 22.74 -17.65
C CYS D 516 45.96 22.26 -19.09
N PRO D 517 45.00 21.48 -19.59
CA PRO D 517 45.13 20.92 -20.94
C PRO D 517 44.76 21.93 -22.03
N ASP D 518 45.09 21.55 -23.25
CA ASP D 518 44.73 22.34 -24.44
C ASP D 518 43.26 22.10 -24.72
N PHE D 519 42.41 23.05 -24.32
CA PHE D 519 40.97 22.85 -24.44
C PHE D 519 40.50 22.76 -25.88
N SER D 520 41.24 23.35 -26.82
CA SER D 520 40.90 23.14 -28.23
C SER D 520 41.05 21.68 -28.61
N ARG D 521 42.13 21.03 -28.14
CA ARG D 521 42.32 19.62 -28.44
C ARG D 521 41.29 18.77 -27.70
N LEU D 522 40.97 19.11 -26.45
CA LEU D 522 39.88 18.42 -25.76
C LEU D 522 38.59 18.55 -26.54
N ALA D 523 38.26 19.76 -26.97
CA ALA D 523 37.03 19.98 -27.73
C ALA D 523 36.94 19.00 -28.89
N ALA D 524 38.01 18.84 -29.65
CA ALA D 524 38.01 17.91 -30.77
C ALA D 524 37.58 16.52 -30.31
N ALA D 525 38.16 16.05 -29.20
CA ALA D 525 37.85 14.71 -28.71
C ALA D 525 36.37 14.56 -28.36
N PHE D 526 35.71 15.65 -27.99
CA PHE D 526 34.29 15.65 -27.68
C PHE D 526 33.42 16.01 -28.87
N ASP D 527 34.00 16.17 -30.06
CA ASP D 527 33.26 16.61 -31.24
C ASP D 527 32.63 17.98 -31.02
N ILE D 528 33.40 18.88 -30.42
CA ILE D 528 32.98 20.25 -30.14
C ILE D 528 33.80 21.20 -31.00
N PRO D 529 33.19 22.02 -31.86
CA PRO D 529 33.98 23.01 -32.60
C PRO D 529 34.75 23.91 -31.66
N ALA D 530 36.01 24.17 -32.00
CA ALA D 530 36.90 24.96 -31.16
C ALA D 530 37.56 26.06 -31.98
N TYR D 531 37.68 27.24 -31.38
CA TYR D 531 38.41 28.38 -31.93
C TYR D 531 39.43 28.86 -30.91
N GLN D 532 40.31 29.75 -31.36
N GLN D 532 40.31 29.75 -31.36
CA GLN D 532 41.32 30.35 -30.47
CA GLN D 532 41.31 30.35 -30.48
C GLN D 532 41.44 31.83 -30.79
C GLN D 532 41.41 31.83 -30.80
N ILE D 533 41.50 32.66 -29.75
CA ILE D 533 41.66 34.10 -29.87
C ILE D 533 42.93 34.45 -29.12
N ARG D 534 44.00 34.75 -29.87
CA ARG D 534 45.26 35.15 -29.27
C ARG D 534 45.60 36.62 -29.51
N GLY D 535 44.99 37.25 -30.50
CA GLY D 535 45.23 38.65 -30.80
C GLY D 535 44.00 39.30 -31.36
N TRP D 536 44.03 40.63 -31.42
CA TRP D 536 42.87 41.38 -31.89
C TRP D 536 42.55 41.13 -33.35
N ASP D 537 43.51 40.61 -34.12
CA ASP D 537 43.33 40.54 -35.57
C ASP D 537 42.16 39.63 -35.94
N GLU D 538 42.10 38.44 -35.33
CA GLU D 538 41.04 37.48 -35.61
C GLU D 538 39.86 37.59 -34.65
N CYS D 539 39.86 38.60 -33.78
CA CYS D 539 38.86 38.65 -32.70
C CYS D 539 37.45 38.74 -33.26
N ASP D 540 37.13 39.85 -33.95
CA ASP D 540 35.76 40.06 -34.38
C ASP D 540 35.26 38.92 -35.26
N ALA D 541 36.13 38.41 -36.15
CA ALA D 541 35.71 37.32 -37.03
C ALA D 541 35.43 36.04 -36.25
N THR D 542 36.25 35.73 -35.25
CA THR D 542 36.03 34.53 -34.44
C THR D 542 34.74 34.65 -33.63
N LEU D 543 34.53 35.79 -32.96
CA LEU D 543 33.34 35.97 -32.15
C LEU D 543 32.07 35.84 -32.97
N ALA D 544 32.06 36.39 -34.19
CA ALA D 544 30.90 36.25 -35.05
C ALA D 544 30.59 34.78 -35.32
N LYS D 545 31.63 33.96 -35.49
CA LYS D 545 31.42 32.54 -35.76
C LYS D 545 30.89 31.81 -34.53
N VAL D 546 31.43 32.14 -33.35
CA VAL D 546 30.95 31.50 -32.12
C VAL D 546 29.46 31.77 -31.93
N GLN D 547 29.07 33.05 -32.05
CA GLN D 547 27.67 33.39 -31.85
C GLN D 547 26.78 32.77 -32.92
N ALA D 548 27.33 32.55 -34.12
CA ALA D 548 26.54 32.02 -35.22
C ALA D 548 26.28 30.52 -35.09
N HIS D 549 27.15 29.80 -34.38
CA HIS D 549 26.97 28.35 -34.23
C HIS D 549 25.62 28.04 -33.61
N THR D 550 25.07 26.89 -34.00
CA THR D 550 23.79 26.43 -33.50
C THR D 550 23.93 25.36 -32.42
N GLY D 551 25.12 24.78 -32.27
CA GLY D 551 25.38 23.79 -31.24
C GLY D 551 26.51 24.22 -30.32
N PRO D 552 27.05 23.27 -29.55
CA PRO D 552 28.14 23.62 -28.63
C PRO D 552 29.39 24.06 -29.36
N VAL D 553 30.11 25.01 -28.75
CA VAL D 553 31.33 25.57 -29.33
C VAL D 553 32.23 26.08 -28.21
N ILE D 554 33.54 25.90 -28.38
CA ILE D 554 34.54 26.26 -27.38
C ILE D 554 35.50 27.26 -27.99
N CYS D 555 35.76 28.35 -27.26
CA CYS D 555 36.65 29.40 -27.74
C CYS D 555 37.66 29.76 -26.66
N GLU D 556 38.92 29.36 -26.87
CA GLU D 556 40.00 29.72 -25.96
C GLU D 556 40.43 31.16 -26.18
N VAL D 557 40.55 31.91 -25.10
CA VAL D 557 41.04 33.28 -25.14
C VAL D 557 42.32 33.33 -24.30
N PHE D 558 43.40 33.80 -24.92
CA PHE D 558 44.72 33.79 -24.30
C PHE D 558 45.03 35.18 -23.76
N MET D 559 45.30 35.27 -22.47
CA MET D 559 45.63 36.51 -21.80
C MET D 559 46.99 36.37 -21.14
N HIS D 560 47.46 37.47 -20.56
CA HIS D 560 48.81 37.49 -19.98
C HIS D 560 48.81 36.70 -18.67
N PRO D 561 49.78 35.80 -18.46
CA PRO D 561 49.73 34.91 -17.28
C PRO D 561 49.89 35.62 -15.97
N GLN D 562 50.02 36.93 -16.00
CA GLN D 562 50.13 37.71 -14.78
C GLN D 562 49.31 39.00 -14.85
N GLN D 563 48.39 39.11 -15.81
CA GLN D 563 47.60 40.33 -15.96
C GLN D 563 46.97 40.73 -14.63
N LEU D 564 46.94 42.03 -14.38
CA LEU D 564 46.34 42.54 -13.16
C LEU D 564 44.82 42.51 -13.25
N PHE D 565 44.20 42.31 -12.10
CA PHE D 565 42.77 42.54 -11.91
C PHE D 565 42.60 43.89 -11.23
N SER D 566 41.92 44.81 -11.90
CA SER D 566 41.70 46.14 -11.34
C SER D 566 40.50 46.76 -12.05
N PRO D 567 39.83 47.73 -11.42
CA PRO D 567 40.07 48.29 -10.09
C PRO D 567 39.91 47.25 -8.99
N LYS D 568 40.67 47.35 -7.91
CA LYS D 568 40.54 46.45 -6.79
C LYS D 568 40.94 47.18 -5.53
N LEU D 569 40.17 46.99 -4.47
CA LEU D 569 40.57 47.46 -3.14
C LEU D 569 41.62 46.52 -2.60
N GLY D 570 42.84 47.01 -2.43
CA GLY D 570 43.93 46.17 -1.98
C GLY D 570 44.76 46.88 -0.93
N VAL D 571 45.56 46.07 -0.23
CA VAL D 571 46.49 46.63 0.76
C VAL D 571 47.56 47.43 0.04
N VAL D 572 47.94 48.55 0.63
CA VAL D 572 48.99 49.41 0.10
C VAL D 572 49.92 49.80 1.23
N SER D 573 51.19 50.03 0.89
CA SER D 573 52.20 50.40 1.87
C SER D 573 52.33 51.91 1.97
N ARG D 574 52.31 52.41 3.20
CA ARG D 574 52.52 53.83 3.45
C ARG D 574 53.95 54.22 3.08
N ALA D 575 54.17 55.53 2.93
CA ALA D 575 55.51 56.04 2.67
C ALA D 575 56.50 55.53 3.71
N ASP D 576 56.04 55.35 4.96
CA ASP D 576 56.91 54.83 6.00
C ASP D 576 57.28 53.37 5.75
N GLY D 577 56.30 52.55 5.36
CA GLY D 577 56.51 51.13 5.19
C GLY D 577 55.41 50.32 5.86
N THR D 578 54.50 51.01 6.53
CA THR D 578 53.37 50.36 7.18
C THR D 578 52.33 49.95 6.15
N LEU D 579 51.72 48.79 6.36
CA LEU D 579 50.65 48.31 5.49
C LEU D 579 49.34 48.95 5.91
N VAL D 580 48.62 49.53 4.94
CA VAL D 580 47.39 50.26 5.19
C VAL D 580 46.30 49.72 4.29
N SER D 581 45.13 49.44 4.87
CA SER D 581 43.96 49.05 4.10
C SER D 581 43.15 50.30 3.78
N PRO D 582 43.25 50.84 2.57
CA PRO D 582 42.61 52.12 2.27
C PRO D 582 41.10 52.02 2.38
N PRO D 583 40.41 53.16 2.41
CA PRO D 583 38.94 53.12 2.39
C PRO D 583 38.42 52.64 1.05
N LEU D 584 37.10 52.43 1.02
CA LEU D 584 36.47 51.79 -0.13
C LEU D 584 36.69 52.59 -1.42
N GLU D 585 36.73 53.92 -1.34
CA GLU D 585 36.83 54.73 -2.55
C GLU D 585 38.21 54.67 -3.19
N ASP D 586 39.24 54.26 -2.43
CA ASP D 586 40.62 54.38 -2.89
C ASP D 586 41.09 53.03 -3.47
N LEU D 587 40.61 52.75 -4.66
CA LEU D 587 40.91 51.50 -5.34
C LEU D 587 42.26 51.53 -6.03
N SER D 588 42.96 50.36 -6.01
CA SER D 588 44.27 50.21 -6.63
C SER D 588 44.14 49.75 -8.08
N PRO D 589 45.07 50.15 -8.97
CA PRO D 589 46.22 51.02 -8.74
C PRO D 589 45.75 52.42 -8.37
N LEU D 590 46.35 53.04 -7.35
CA LEU D 590 45.81 54.26 -6.79
C LEU D 590 45.90 55.39 -7.81
N ILE D 591 44.89 56.27 -7.79
CA ILE D 591 44.88 57.48 -8.61
C ILE D 591 45.74 58.52 -7.91
N PRO D 592 46.22 59.55 -8.60
CA PRO D 592 47.01 60.59 -7.92
C PRO D 592 46.21 61.26 -6.81
N ARG D 593 46.93 61.64 -5.75
CA ARG D 593 46.27 62.17 -4.55
C ARG D 593 45.51 63.46 -4.85
N ASP D 594 46.06 64.33 -5.70
CA ASP D 594 45.38 65.59 -5.99
C ASP D 594 44.08 65.37 -6.77
N VAL D 595 43.91 64.23 -7.43
CA VAL D 595 42.66 63.93 -8.10
C VAL D 595 41.67 63.27 -7.15
N LEU D 596 42.17 62.48 -6.20
CA LEU D 596 41.30 61.90 -5.18
C LEU D 596 40.70 62.99 -4.30
N GLU D 597 41.51 64.00 -3.95
CA GLU D 597 41.04 65.10 -3.11
C GLU D 597 39.85 65.79 -3.74
N GLN D 598 39.93 66.09 -5.04
CA GLN D 598 38.86 66.79 -5.72
C GLN D 598 37.65 65.91 -5.98
N ALA D 599 37.82 64.59 -6.00
CA ALA D 599 36.71 63.68 -6.22
C ALA D 599 35.87 63.47 -4.96
N MET D 600 36.47 63.66 -3.78
CA MET D 600 35.78 63.49 -2.52
C MET D 600 35.24 64.83 -2.02
N ILE D 601 34.02 64.81 -1.49
CA ILE D 601 33.36 66.05 -1.10
C ILE D 601 34.21 66.80 -0.07
N GLY D 602 34.44 66.18 1.08
CA GLY D 602 35.15 66.86 2.13
C GLY D 602 36.63 66.53 2.18
N GLY D 603 37.24 66.39 1.02
CA GLY D 603 38.62 65.94 0.95
C GLY D 603 38.70 64.44 1.12
N MET D 604 39.94 63.94 1.13
CA MET D 604 40.15 62.50 1.19
C MET D 604 40.29 62.03 2.63
N HIS D 605 40.10 60.72 2.82
CA HIS D 605 40.22 60.11 4.12
C HIS D 605 41.65 60.19 4.63
N GLU D 606 41.80 60.18 5.97
CA GLU D 606 43.12 60.31 6.56
C GLU D 606 44.06 59.21 6.06
N LYS D 607 43.54 58.00 5.89
CA LYS D 607 44.38 56.90 5.41
C LYS D 607 44.99 57.21 4.05
N SER D 608 44.21 57.85 3.17
CA SER D 608 44.64 58.07 1.79
C SER D 608 45.74 59.11 1.67
N LYS D 609 45.95 59.96 2.68
CA LYS D 609 46.86 61.09 2.53
C LYS D 609 48.31 60.63 2.38
N THR D 610 48.74 59.68 3.21
CA THR D 610 50.13 59.24 3.22
C THR D 610 50.37 58.01 2.34
N LEU D 611 49.41 57.63 1.49
CA LEU D 611 49.56 56.46 0.63
C LEU D 611 50.46 56.76 -0.56
N ASP E 4 -2.89 23.30 -19.18
CA ASP E 4 -3.72 22.35 -19.91
C ASP E 4 -4.83 21.81 -19.01
N ASN E 5 -6.07 22.24 -19.26
CA ASN E 5 -7.22 21.85 -18.45
C ASN E 5 -8.02 20.73 -19.08
N LYS E 6 -7.41 19.91 -19.93
CA LYS E 6 -8.11 18.84 -20.62
C LYS E 6 -8.00 17.53 -19.86
N VAL E 7 -9.10 16.78 -19.83
CA VAL E 7 -9.18 15.50 -19.15
C VAL E 7 -9.50 14.43 -20.17
N LYS E 8 -8.99 13.23 -19.93
CA LYS E 8 -9.27 12.10 -20.80
C LYS E 8 -10.76 11.75 -20.75
N VAL E 9 -11.32 11.43 -21.93
CA VAL E 9 -12.75 11.09 -22.00
C VAL E 9 -13.04 9.87 -21.14
N ALA E 10 -12.21 8.82 -21.27
CA ALA E 10 -12.44 7.60 -20.51
C ALA E 10 -12.45 7.88 -19.00
N GLU E 11 -11.76 8.93 -18.56
CA GLU E 11 -11.81 9.29 -17.15
C GLU E 11 -13.07 10.06 -16.80
N LEU E 12 -13.57 10.88 -17.72
CA LEU E 12 -14.88 11.50 -17.50
C LEU E 12 -15.99 10.47 -17.56
N VAL E 13 -15.81 9.41 -18.34
CA VAL E 13 -16.75 8.28 -18.33
C VAL E 13 -16.72 7.60 -16.97
N ALA E 14 -15.52 7.29 -16.47
CA ALA E 14 -15.41 6.69 -15.15
C ALA E 14 -16.10 7.56 -14.10
N GLU E 15 -15.88 8.88 -14.17
CA GLU E 15 -16.56 9.79 -13.24
C GLU E 15 -18.07 9.66 -13.38
N ALA E 16 -18.57 9.57 -14.61
CA ALA E 16 -20.01 9.52 -14.83
C ALA E 16 -20.63 8.26 -14.22
N LEU E 17 -19.93 7.12 -14.34
CA LEU E 17 -20.47 5.89 -13.77
C LEU E 17 -20.63 5.99 -12.26
N GLU E 18 -19.78 6.76 -11.58
CA GLU E 18 -19.92 6.94 -10.14
C GLU E 18 -21.10 7.86 -9.83
N ASN E 19 -21.21 8.97 -10.56
CA ASN E 19 -22.36 9.85 -10.38
C ASN E 19 -23.67 9.15 -10.71
N LEU E 20 -23.64 8.11 -11.55
CA LEU E 20 -24.81 7.32 -11.88
C LEU E 20 -25.03 6.16 -10.92
N GLY E 21 -24.22 6.04 -9.88
CA GLY E 21 -24.38 4.98 -8.89
C GLY E 21 -23.96 3.61 -9.36
N ILE E 22 -23.33 3.49 -10.52
CA ILE E 22 -22.98 2.18 -11.08
C ILE E 22 -21.72 1.69 -10.36
N GLN E 23 -21.89 0.70 -9.49
CA GLN E 23 -20.81 0.19 -8.66
C GLN E 23 -20.18 -1.10 -9.18
N HIS E 24 -20.78 -1.75 -10.17
CA HIS E 24 -20.20 -2.96 -10.75
C HIS E 24 -20.36 -2.92 -12.27
N ALA E 25 -19.37 -3.49 -12.95
CA ALA E 25 -19.41 -3.63 -14.40
C ALA E 25 -18.84 -5.00 -14.74
N PHE E 26 -19.52 -5.72 -15.63
CA PHE E 26 -19.11 -7.05 -16.06
C PHE E 26 -18.70 -6.98 -17.54
N GLY E 27 -17.56 -7.57 -17.87
CA GLY E 27 -17.14 -7.59 -19.25
C GLY E 27 -15.78 -8.22 -19.42
N ILE E 28 -15.28 -8.12 -20.65
CA ILE E 28 -13.98 -8.65 -21.04
C ILE E 28 -13.17 -7.54 -21.68
N ILE E 29 -11.87 -7.50 -21.38
CA ILE E 29 -11.02 -6.43 -21.89
C ILE E 29 -10.70 -6.69 -23.36
N GLY E 30 -10.33 -5.63 -24.05
CA GLY E 30 -9.88 -5.72 -25.42
C GLY E 30 -9.37 -4.37 -25.85
N ALA E 31 -8.74 -4.35 -27.02
CA ALA E 31 -8.26 -3.09 -27.56
C ALA E 31 -9.36 -2.05 -27.66
N GLY E 32 -10.61 -2.48 -27.85
CA GLY E 32 -11.70 -1.55 -28.03
C GLY E 32 -12.12 -0.83 -26.77
N ASN E 33 -11.79 -1.37 -25.59
CA ASN E 33 -12.19 -0.76 -24.34
C ASN E 33 -11.06 -0.69 -23.31
N VAL E 34 -9.82 -0.89 -23.72
CA VAL E 34 -8.72 -0.87 -22.77
C VAL E 34 -8.64 0.48 -22.07
N HIS E 35 -8.98 1.58 -22.78
CA HIS E 35 -8.99 2.88 -22.13
C HIS E 35 -10.06 2.98 -21.07
N LEU E 36 -11.23 2.36 -21.30
CA LEU E 36 -12.29 2.39 -20.30
C LEU E 36 -11.94 1.53 -19.09
N PHE E 37 -11.35 0.35 -19.31
CA PHE E 37 -10.89 -0.46 -18.19
C PHE E 37 -9.93 0.33 -17.31
N GLU E 38 -8.89 0.90 -17.92
CA GLU E 38 -7.87 1.61 -17.14
C GLU E 38 -8.49 2.75 -16.35
N ALA E 39 -9.33 3.56 -17.01
CA ALA E 39 -9.93 4.71 -16.33
C ALA E 39 -10.81 4.27 -15.17
N ILE E 40 -11.62 3.22 -15.35
CA ILE E 40 -12.50 2.78 -14.29
C ILE E 40 -11.71 2.20 -13.14
N ALA E 41 -10.70 1.38 -13.44
CA ALA E 41 -9.91 0.74 -12.39
C ALA E 41 -9.17 1.79 -11.56
N ARG E 42 -8.52 2.74 -12.22
CA ARG E 42 -7.75 3.74 -11.49
C ARG E 42 -8.63 4.61 -10.59
N ARG E 43 -9.91 4.76 -10.93
CA ARG E 43 -10.79 5.58 -10.10
C ARG E 43 -11.24 4.84 -8.85
N GLY E 44 -11.37 3.52 -8.93
CA GLY E 44 -11.59 2.70 -7.75
C GLY E 44 -12.99 2.69 -7.21
N TYR E 45 -13.97 3.26 -7.91
CA TYR E 45 -15.35 3.23 -7.42
C TYR E 45 -16.14 2.07 -8.02
N THR E 46 -16.03 1.85 -9.32
CA THR E 46 -16.75 0.77 -10.00
C THR E 46 -15.87 -0.47 -10.06
N GLU E 47 -16.35 -1.57 -9.48
CA GLU E 47 -15.62 -2.83 -9.53
C GLU E 47 -15.87 -3.51 -10.87
N ILE E 48 -14.79 -3.79 -11.59
CA ILE E 48 -14.87 -4.50 -12.85
C ILE E 48 -14.79 -5.99 -12.55
N VAL E 49 -15.83 -6.74 -12.90
CA VAL E 49 -15.85 -8.19 -12.80
C VAL E 49 -15.51 -8.76 -14.16
N CYS E 50 -14.44 -9.53 -14.24
CA CYS E 50 -13.95 -10.10 -15.49
C CYS E 50 -14.57 -11.48 -15.68
N VAL E 51 -15.35 -11.64 -16.73
CA VAL E 51 -15.95 -12.91 -17.07
C VAL E 51 -15.18 -13.51 -18.24
N HIS E 52 -15.45 -14.77 -18.54
CA HIS E 52 -14.75 -15.48 -19.60
C HIS E 52 -15.59 -15.66 -20.87
N HIS E 53 -16.79 -15.07 -20.91
CA HIS E 53 -17.59 -14.95 -22.12
C HIS E 53 -18.51 -13.76 -21.95
N GLU E 54 -18.47 -12.82 -22.90
CA GLU E 54 -19.25 -11.59 -22.76
C GLU E 54 -20.73 -11.90 -22.54
N GLN E 55 -21.22 -13.03 -23.05
CA GLN E 55 -22.62 -13.40 -22.80
C GLN E 55 -22.91 -13.42 -21.30
N ALA E 56 -21.97 -13.91 -20.50
CA ALA E 56 -22.16 -13.93 -19.05
C ALA E 56 -22.31 -12.51 -18.50
N ALA E 57 -21.57 -11.55 -19.06
CA ALA E 57 -21.65 -10.18 -18.59
C ALA E 57 -23.05 -9.61 -18.81
N CYS E 58 -23.58 -9.73 -20.02
CA CYS E 58 -24.89 -9.15 -20.31
C CYS E 58 -26.03 -9.90 -19.63
N MET E 59 -25.78 -11.12 -19.15
CA MET E 59 -26.76 -11.78 -18.31
C MET E 59 -26.66 -11.33 -16.86
N ALA E 60 -25.43 -11.26 -16.32
CA ALA E 60 -25.26 -11.00 -14.90
C ALA E 60 -25.73 -9.60 -14.51
N VAL E 61 -25.73 -8.64 -15.44
CA VAL E 61 -26.23 -7.31 -15.11
C VAL E 61 -27.74 -7.33 -14.88
N GLN E 62 -28.44 -8.37 -15.32
CA GLN E 62 -29.89 -8.43 -15.14
C GLN E 62 -30.26 -8.77 -13.70
N THR E 63 -29.86 -9.96 -13.23
CA THR E 63 -30.14 -10.33 -11.85
C THR E 63 -29.44 -9.40 -10.86
N TYR E 64 -28.32 -8.79 -11.27
CA TYR E 64 -27.70 -7.78 -10.41
C TYR E 64 -28.70 -6.67 -10.09
N TYR E 65 -29.37 -6.13 -11.12
CA TYR E 65 -30.34 -5.08 -10.88
C TYR E 65 -31.50 -5.60 -10.06
N ARG E 66 -32.04 -6.75 -10.44
CA ARG E 66 -33.25 -7.26 -9.79
C ARG E 66 -33.04 -7.48 -8.30
N THR E 67 -31.79 -7.64 -7.85
CA THR E 67 -31.52 -7.91 -6.45
C THR E 67 -31.83 -6.70 -5.59
N ASN E 68 -31.07 -5.61 -5.73
CA ASN E 68 -31.22 -4.44 -4.87
C ASN E 68 -31.62 -3.18 -5.64
N GLY E 69 -31.99 -3.31 -6.91
CA GLY E 69 -32.49 -2.18 -7.67
C GLY E 69 -31.45 -1.21 -8.16
N ARG E 70 -30.18 -1.62 -8.18
CA ARG E 70 -29.10 -0.80 -8.71
C ARG E 70 -28.70 -1.33 -10.08
N ILE E 71 -28.54 -0.44 -11.04
CA ILE E 71 -28.21 -0.87 -12.40
C ILE E 71 -26.73 -1.17 -12.49
N ALA E 72 -26.40 -2.16 -13.31
CA ALA E 72 -25.02 -2.52 -13.61
C ALA E 72 -24.77 -2.30 -15.09
N ALA E 73 -23.49 -2.26 -15.46
CA ALA E 73 -23.08 -2.03 -16.84
C ALA E 73 -22.29 -3.22 -17.36
N ALA E 74 -22.48 -3.51 -18.65
CA ALA E 74 -21.70 -4.52 -19.34
C ALA E 74 -20.67 -3.81 -20.22
N LEU E 75 -19.41 -4.21 -20.09
CA LEU E 75 -18.30 -3.52 -20.73
C LEU E 75 -17.70 -4.46 -21.78
N LEU E 76 -17.98 -4.18 -23.05
CA LEU E 76 -17.62 -5.06 -24.15
C LEU E 76 -16.64 -4.35 -25.08
N THR E 77 -15.83 -5.14 -25.78
CA THR E 77 -14.84 -4.62 -26.70
C THR E 77 -15.36 -4.73 -28.15
N THR E 78 -14.49 -4.41 -29.11
CA THR E 78 -14.84 -4.45 -30.51
C THR E 78 -15.08 -5.88 -30.99
N GLY E 79 -15.84 -6.02 -32.06
CA GLY E 79 -15.90 -7.29 -32.76
C GLY E 79 -16.64 -8.32 -31.94
N ALA E 80 -16.00 -9.48 -31.76
CA ALA E 80 -16.66 -10.57 -31.05
C ALA E 80 -17.07 -10.16 -29.64
N GLY E 81 -16.33 -9.24 -29.02
CA GLY E 81 -16.75 -8.74 -27.72
C GLY E 81 -18.19 -8.28 -27.71
N SER E 82 -18.61 -7.59 -28.78
CA SER E 82 -19.98 -7.09 -28.84
C SER E 82 -20.95 -8.19 -29.26
N THR E 83 -20.60 -8.99 -30.27
CA THR E 83 -21.52 -10.03 -30.73
C THR E 83 -21.76 -11.09 -29.64
N ASN E 84 -20.76 -11.35 -28.80
CA ASN E 84 -20.92 -12.37 -27.77
C ASN E 84 -21.96 -12.00 -26.73
N GLY E 85 -22.30 -10.73 -26.59
CA GLY E 85 -23.25 -10.30 -25.59
C GLY E 85 -24.68 -10.20 -26.05
N VAL E 86 -24.98 -10.52 -27.31
CA VAL E 86 -26.32 -10.26 -27.83
C VAL E 86 -27.36 -11.10 -27.11
N THR E 87 -27.05 -12.36 -26.81
CA THR E 87 -28.03 -13.22 -26.13
C THR E 87 -28.47 -12.59 -24.82
N GLY E 88 -27.52 -12.04 -24.06
CA GLY E 88 -27.89 -11.39 -22.80
C GLY E 88 -28.72 -10.14 -23.01
N VAL E 89 -28.52 -9.45 -24.13
CA VAL E 89 -29.31 -8.25 -24.39
C VAL E 89 -30.75 -8.63 -24.69
N VAL E 90 -30.96 -9.73 -25.41
CA VAL E 90 -32.32 -10.11 -25.80
C VAL E 90 -33.11 -10.60 -24.59
N SER E 91 -32.46 -11.31 -23.66
CA SER E 91 -33.18 -11.78 -22.48
C SER E 91 -33.59 -10.62 -21.58
N ALA E 92 -32.68 -9.67 -21.34
CA ALA E 92 -33.06 -8.45 -20.65
C ALA E 92 -34.19 -7.73 -21.38
N TRP E 93 -34.09 -7.62 -22.71
CA TRP E 93 -35.18 -7.08 -23.51
C TRP E 93 -36.47 -7.83 -23.25
N ALA E 94 -36.44 -9.16 -23.33
CA ALA E 94 -37.67 -9.94 -23.24
C ALA E 94 -38.28 -9.92 -21.84
N ASP E 95 -37.46 -9.73 -20.80
CA ASP E 95 -37.96 -9.77 -19.43
C ASP E 95 -38.07 -8.39 -18.78
N SER E 96 -37.80 -7.33 -19.54
CA SER E 96 -38.02 -5.94 -19.10
C SER E 96 -37.08 -5.60 -17.95
N ILE E 97 -35.81 -5.95 -18.10
CA ILE E 97 -34.80 -5.76 -17.06
C ILE E 97 -33.87 -4.63 -17.50
N PRO E 98 -33.74 -3.56 -16.72
CA PRO E 98 -32.86 -2.46 -17.14
C PRO E 98 -31.40 -2.79 -16.96
N CYS E 99 -30.60 -2.36 -17.94
CA CYS E 99 -29.15 -2.45 -17.88
C CYS E 99 -28.62 -1.65 -19.06
N ILE E 100 -27.32 -1.36 -19.02
CA ILE E 100 -26.67 -0.58 -20.08
C ILE E 100 -25.41 -1.31 -20.51
N VAL E 101 -25.23 -1.44 -21.82
CA VAL E 101 -24.03 -2.04 -22.41
C VAL E 101 -23.19 -0.90 -22.97
N ILE E 102 -21.91 -0.88 -22.60
CA ILE E 102 -20.96 0.12 -23.07
C ILE E 102 -19.95 -0.63 -23.92
N ALA E 103 -20.09 -0.54 -25.24
CA ALA E 103 -19.26 -1.27 -26.18
C ALA E 103 -18.27 -0.33 -26.85
N GLY E 104 -17.01 -0.76 -26.90
CA GLY E 104 -16.04 -0.05 -27.70
C GLY E 104 -16.12 -0.45 -29.16
N ASN E 105 -15.37 0.26 -30.00
CA ASN E 105 -15.33 -0.06 -31.42
C ASN E 105 -14.08 0.56 -32.03
N GLU E 106 -13.87 0.27 -33.31
CA GLU E 106 -12.72 0.79 -34.04
C GLU E 106 -12.71 2.31 -34.00
N ASN E 107 -11.66 2.90 -34.58
N ASN E 107 -11.65 2.89 -34.56
CA ASN E 107 -11.58 4.35 -34.68
CA ASN E 107 -11.58 4.36 -34.62
C ASN E 107 -12.86 4.88 -35.33
C ASN E 107 -12.81 4.91 -35.34
N SER E 108 -13.25 6.08 -34.91
CA SER E 108 -14.49 6.67 -35.41
C SER E 108 -14.44 6.98 -36.90
N LYS E 109 -13.27 6.99 -37.54
CA LYS E 109 -13.22 7.26 -38.97
C LYS E 109 -13.76 6.10 -39.80
N PHE E 110 -13.86 4.91 -39.21
CA PHE E 110 -14.44 3.76 -39.90
C PHE E 110 -15.89 3.50 -39.51
N THR E 111 -16.36 4.03 -38.39
CA THR E 111 -17.62 3.59 -37.80
C THR E 111 -18.78 4.44 -38.31
N PHE E 112 -19.26 4.10 -39.51
CA PHE E 112 -20.46 4.73 -40.06
C PHE E 112 -21.14 3.76 -41.02
N PRO E 113 -22.48 3.65 -40.99
CA PRO E 113 -23.14 2.60 -41.77
C PRO E 113 -22.88 2.66 -43.26
N GLU E 114 -22.57 3.84 -43.80
CA GLU E 114 -22.31 3.95 -45.23
C GLU E 114 -20.99 3.32 -45.65
N ASN E 115 -20.15 2.91 -44.69
CA ASN E 115 -18.90 2.24 -45.01
C ASN E 115 -19.20 1.07 -45.96
N PRO E 116 -18.66 1.08 -47.18
CA PRO E 116 -18.98 0.01 -48.14
C PRO E 116 -18.34 -1.32 -47.81
N LEU E 117 -17.36 -1.38 -46.92
CA LEU E 117 -16.68 -2.65 -46.66
C LEU E 117 -17.52 -3.54 -45.75
N ARG E 118 -17.19 -4.83 -45.77
CA ARG E 118 -17.92 -5.81 -44.95
C ARG E 118 -17.73 -5.53 -43.47
N MET E 119 -16.49 -5.22 -43.06
CA MET E 119 -16.17 -4.93 -41.67
C MET E 119 -15.52 -3.55 -41.58
N TRP E 120 -15.60 -2.97 -40.38
CA TRP E 120 -15.06 -1.64 -40.11
C TRP E 120 -13.65 -1.76 -39.53
N GLY E 121 -12.72 -0.98 -40.08
CA GLY E 121 -11.37 -0.97 -39.54
C GLY E 121 -10.73 -2.35 -39.57
N VAL E 122 -10.26 -2.79 -38.40
CA VAL E 122 -9.59 -4.09 -38.31
C VAL E 122 -10.60 -5.21 -38.13
N GLN E 123 -11.55 -5.03 -37.23
CA GLN E 123 -12.47 -6.12 -36.88
C GLN E 123 -13.75 -5.59 -36.24
N GLY E 124 -14.26 -4.46 -36.73
CA GLY E 124 -15.44 -3.83 -36.18
C GLY E 124 -16.66 -3.98 -37.07
N TYR E 125 -17.82 -3.66 -36.49
CA TYR E 125 -19.09 -3.75 -37.18
C TYR E 125 -20.07 -2.81 -36.50
N ASP E 126 -21.30 -2.78 -37.02
CA ASP E 126 -22.33 -1.86 -36.52
C ASP E 126 -23.08 -2.51 -35.37
N SER E 127 -22.47 -2.43 -34.18
CA SER E 127 -23.04 -3.11 -33.02
C SER E 127 -24.38 -2.51 -32.59
N CYS E 128 -24.69 -1.28 -33.01
CA CYS E 128 -25.99 -0.71 -32.70
C CYS E 128 -27.08 -1.30 -33.59
N GLN E 129 -26.80 -1.47 -34.88
CA GLN E 129 -27.80 -2.04 -35.78
C GLN E 129 -28.17 -3.45 -35.38
N MET E 130 -27.21 -4.20 -34.81
CA MET E 130 -27.45 -5.61 -34.55
C MET E 130 -28.44 -5.82 -33.41
N VAL E 131 -28.49 -4.90 -32.45
CA VAL E 131 -29.43 -4.97 -31.34
C VAL E 131 -30.59 -3.98 -31.53
N GLU E 132 -30.78 -3.49 -32.76
CA GLU E 132 -31.73 -2.41 -33.01
C GLU E 132 -33.16 -2.79 -32.67
N ARG E 133 -33.53 -4.06 -32.85
CA ARG E 133 -34.88 -4.51 -32.56
C ARG E 133 -35.01 -5.14 -31.19
N VAL E 134 -33.91 -5.25 -30.43
CA VAL E 134 -33.94 -5.99 -29.17
C VAL E 134 -33.37 -5.14 -28.04
N SER E 135 -33.44 -3.81 -28.19
CA SER E 135 -33.01 -2.90 -27.15
C SER E 135 -33.82 -1.62 -27.22
N LYS E 136 -33.88 -0.91 -26.09
CA LYS E 136 -34.68 0.30 -25.98
C LYS E 136 -34.04 1.49 -26.68
N TYR E 137 -32.71 1.51 -26.76
CA TYR E 137 -31.99 2.66 -27.27
C TYR E 137 -30.61 2.21 -27.70
N GLN E 138 -30.10 2.80 -28.77
CA GLN E 138 -28.76 2.56 -29.26
C GLN E 138 -28.20 3.86 -29.79
N MET E 139 -26.92 4.12 -29.54
CA MET E 139 -26.29 5.33 -30.03
C MET E 139 -24.79 5.14 -30.08
N ARG E 140 -24.18 5.66 -31.14
CA ARG E 140 -22.73 5.68 -31.29
C ARG E 140 -22.26 7.10 -30.99
N VAL E 141 -21.36 7.23 -30.03
CA VAL E 141 -20.81 8.52 -29.66
C VAL E 141 -19.74 8.89 -30.70
N THR E 142 -20.02 9.91 -31.49
CA THR E 142 -19.08 10.40 -32.48
C THR E 142 -18.43 11.72 -32.07
N LYS E 143 -18.84 12.31 -30.94
CA LYS E 143 -18.25 13.53 -30.41
C LYS E 143 -17.86 13.34 -28.96
N MET E 144 -16.62 13.70 -28.63
CA MET E 144 -16.12 13.51 -27.27
C MET E 144 -16.98 14.24 -26.25
N GLU E 145 -17.56 15.38 -26.64
CA GLU E 145 -18.37 16.17 -25.71
C GLU E 145 -19.70 15.51 -25.39
N ARG E 146 -20.03 14.40 -26.04
CA ARG E 146 -21.31 13.73 -25.87
C ARG E 146 -21.20 12.36 -25.24
N ALA E 147 -19.98 11.93 -24.86
CA ALA E 147 -19.82 10.59 -24.30
C ALA E 147 -20.57 10.46 -22.98
N VAL E 148 -20.53 11.49 -22.13
CA VAL E 148 -21.25 11.41 -20.87
C VAL E 148 -22.73 11.70 -21.08
N TYR E 149 -23.08 12.47 -22.11
CA TYR E 149 -24.49 12.73 -22.41
C TYR E 149 -25.22 11.43 -22.72
N GLU E 150 -24.62 10.59 -23.57
CA GLU E 150 -25.29 9.36 -23.99
C GLU E 150 -25.37 8.34 -22.87
N LEU E 151 -24.36 8.30 -21.99
CA LEU E 151 -24.39 7.36 -20.88
C LEU E 151 -25.51 7.71 -19.90
N GLU E 152 -25.70 9.00 -19.61
CA GLU E 152 -26.82 9.39 -18.77
C GLU E 152 -28.14 9.09 -19.45
N LYS E 153 -28.23 9.37 -20.75
CA LYS E 153 -29.45 9.06 -21.50
C LYS E 153 -29.69 7.56 -21.57
N GLY E 154 -28.64 6.78 -21.79
CA GLY E 154 -28.80 5.34 -21.86
C GLY E 154 -29.31 4.74 -20.56
N VAL E 155 -28.86 5.28 -19.42
CA VAL E 155 -29.33 4.79 -18.13
C VAL E 155 -30.77 5.19 -17.88
N HIS E 156 -31.13 6.42 -18.25
CA HIS E 156 -32.50 6.88 -18.01
C HIS E 156 -33.50 6.09 -18.84
N LEU E 157 -33.20 5.90 -20.14
CA LEU E 157 -34.10 5.16 -21.01
C LEU E 157 -34.14 3.67 -20.66
N ALA E 158 -33.12 3.16 -19.98
CA ALA E 158 -33.18 1.77 -19.54
C ALA E 158 -34.16 1.62 -18.38
N LEU E 159 -34.21 2.58 -17.48
CA LEU E 159 -35.12 2.52 -16.34
C LEU E 159 -36.50 3.08 -16.66
N GLU E 160 -36.62 3.91 -17.69
CA GLU E 160 -37.87 4.62 -17.95
C GLU E 160 -38.96 3.67 -18.43
N GLY E 161 -40.22 4.05 -18.14
CA GLY E 161 -41.38 3.30 -18.60
C GLY E 161 -41.22 1.80 -18.40
N ARG E 162 -41.33 1.05 -19.49
CA ARG E 162 -41.06 -0.38 -19.44
C ARG E 162 -39.54 -0.56 -19.54
N PRO E 163 -38.87 -1.05 -18.51
CA PRO E 163 -37.40 -1.08 -18.53
C PRO E 163 -36.89 -2.03 -19.59
N GLY E 164 -35.60 -1.88 -19.87
CA GLY E 164 -34.92 -2.72 -20.83
C GLY E 164 -33.49 -2.30 -21.03
N PRO E 165 -32.73 -3.10 -21.79
CA PRO E 165 -31.32 -2.77 -22.04
C PRO E 165 -31.15 -1.64 -23.03
N THR E 166 -30.03 -0.93 -22.89
CA THR E 166 -29.62 0.09 -23.84
C THR E 166 -28.18 -0.18 -24.24
N TRP E 167 -27.81 0.32 -25.41
CA TRP E 167 -26.52 0.00 -26.03
C TRP E 167 -25.83 1.29 -26.43
N ILE E 168 -24.74 1.63 -25.74
CA ILE E 168 -23.98 2.83 -26.00
C ILE E 168 -22.62 2.40 -26.53
N GLU E 169 -22.30 2.82 -27.75
CA GLU E 169 -21.06 2.46 -28.40
C GLU E 169 -20.12 3.66 -28.43
N ILE E 170 -18.92 3.50 -27.88
CA ILE E 170 -17.92 4.55 -27.84
C ILE E 170 -16.71 4.10 -28.63
N PRO E 171 -16.52 4.65 -29.84
CA PRO E 171 -15.32 4.28 -30.62
C PRO E 171 -14.03 4.50 -29.83
N MET E 172 -13.00 3.77 -30.24
CA MET E 172 -11.73 3.75 -29.52
C MET E 172 -11.15 5.15 -29.37
N ASP E 173 -11.00 5.88 -30.48
CA ASP E 173 -10.37 7.19 -30.44
C ASP E 173 -11.18 8.22 -29.65
N ILE E 174 -12.45 7.94 -29.38
CA ILE E 174 -13.23 8.83 -28.54
C ILE E 174 -12.89 8.62 -27.07
N GLN E 175 -12.52 7.41 -26.68
CA GLN E 175 -12.16 7.14 -25.29
C GLN E 175 -10.83 7.79 -24.93
N SER E 176 -9.86 7.74 -25.84
CA SER E 176 -8.53 8.27 -25.63
C SER E 176 -8.44 9.76 -25.90
N GLY E 177 -9.53 10.40 -26.32
CA GLY E 177 -9.49 11.83 -26.56
C GLY E 177 -9.48 12.63 -25.27
N ARG E 178 -9.09 13.90 -25.40
CA ARG E 178 -8.98 14.80 -24.26
C ARG E 178 -9.77 16.06 -24.59
N ILE E 179 -10.55 16.53 -23.61
CA ILE E 179 -11.38 17.72 -23.77
C ILE E 179 -11.44 18.46 -22.45
N ASP E 180 -11.95 19.67 -22.49
CA ASP E 180 -12.13 20.47 -21.28
C ASP E 180 -13.39 20.01 -20.57
N PRO E 181 -13.31 19.57 -19.31
CA PRO E 181 -14.52 19.07 -18.64
C PRO E 181 -15.69 20.03 -18.65
N ALA E 182 -15.44 21.33 -18.81
CA ALA E 182 -16.52 22.32 -18.84
C ALA E 182 -17.31 22.29 -20.14
N THR E 183 -16.86 21.56 -21.15
CA THR E 183 -17.57 21.46 -22.41
C THR E 183 -18.44 20.21 -22.50
N LEU E 184 -18.44 19.37 -21.46
CA LEU E 184 -19.29 18.19 -21.47
C LEU E 184 -20.76 18.59 -21.50
N GLU E 185 -21.51 17.98 -22.41
CA GLU E 185 -22.95 18.09 -22.40
C GLU E 185 -23.52 17.04 -21.45
N HIS E 186 -24.62 17.39 -20.80
CA HIS E 186 -25.28 16.49 -19.85
C HIS E 186 -26.75 16.37 -20.21
N TYR E 187 -27.24 15.14 -20.18
CA TYR E 187 -28.62 14.84 -20.50
C TYR E 187 -29.51 15.15 -19.31
N VAL E 188 -30.60 15.87 -19.55
CA VAL E 188 -31.59 16.17 -18.52
C VAL E 188 -32.85 15.39 -18.87
N ALA E 189 -33.32 14.57 -17.93
CA ALA E 189 -34.46 13.72 -18.18
C ALA E 189 -35.75 14.54 -18.15
N PRO E 190 -36.69 14.28 -19.05
CA PRO E 190 -37.99 14.94 -18.98
C PRO E 190 -38.73 14.49 -17.72
N PRO E 191 -39.68 15.30 -17.24
CA PRO E 191 -40.48 14.87 -16.09
C PRO E 191 -41.20 13.56 -16.35
N ALA E 192 -41.33 12.77 -15.29
CA ALA E 192 -42.02 11.49 -15.40
C ALA E 192 -43.48 11.73 -15.79
N PRO E 193 -44.02 10.97 -16.73
CA PRO E 193 -45.41 11.20 -17.14
C PRO E 193 -46.36 10.93 -15.98
N ASP E 194 -47.47 11.66 -15.96
CA ASP E 194 -48.52 11.48 -14.97
C ASP E 194 -49.59 10.59 -15.60
N TYR E 195 -49.61 9.32 -15.20
CA TYR E 195 -50.52 8.36 -15.81
C TYR E 195 -51.97 8.53 -15.37
N LEU E 196 -52.20 9.11 -14.19
CA LEU E 196 -53.56 9.29 -13.70
C LEU E 196 -54.21 10.47 -14.41
N THR E 197 -54.53 10.25 -15.67
CA THR E 197 -55.40 11.14 -16.39
C THR E 197 -56.83 10.91 -15.95
N PRO E 198 -57.73 11.87 -16.16
CA PRO E 198 -59.15 11.60 -15.90
C PRO E 198 -59.62 10.30 -16.52
N ALA E 199 -59.06 9.93 -17.68
CA ALA E 199 -59.46 8.68 -18.32
C ALA E 199 -58.99 7.47 -17.53
N VAL E 200 -57.71 7.47 -17.14
CA VAL E 200 -57.19 6.37 -16.35
C VAL E 200 -57.85 6.34 -14.97
N ALA E 201 -58.19 7.51 -14.43
CA ALA E 201 -58.93 7.55 -13.18
C ALA E 201 -60.29 6.88 -13.33
N ALA E 202 -60.94 7.05 -14.49
CA ALA E 202 -62.22 6.39 -14.73
C ALA E 202 -62.06 4.88 -14.86
N GLN E 203 -60.94 4.43 -15.41
CA GLN E 203 -60.68 2.99 -15.48
C GLN E 203 -60.53 2.39 -14.09
N VAL E 204 -59.79 3.05 -13.21
CA VAL E 204 -59.63 2.54 -11.85
C VAL E 204 -60.99 2.48 -11.16
N ASP E 205 -61.83 3.49 -11.37
CA ASP E 205 -63.18 3.46 -10.82
C ASP E 205 -63.96 2.26 -11.35
N SER E 206 -63.84 1.98 -12.65
CA SER E 206 -64.49 0.80 -13.22
C SER E 206 -63.93 -0.47 -12.58
N VAL E 207 -62.61 -0.55 -12.43
CA VAL E 207 -62.02 -1.70 -11.76
C VAL E 207 -62.56 -1.84 -10.35
N LEU E 208 -62.65 -0.73 -9.62
CA LEU E 208 -63.11 -0.80 -8.23
C LEU E 208 -64.53 -1.33 -8.16
N ALA E 209 -65.42 -0.86 -9.02
CA ALA E 209 -66.80 -1.33 -9.00
C ALA E 209 -66.88 -2.83 -9.27
N ALA E 210 -66.08 -3.32 -10.24
CA ALA E 210 -66.09 -4.74 -10.57
C ALA E 210 -65.55 -5.57 -9.42
N LEU E 211 -64.49 -5.10 -8.76
CA LEU E 211 -63.99 -5.79 -7.57
C LEU E 211 -65.03 -5.80 -6.47
N ALA E 212 -65.65 -4.64 -6.21
CA ALA E 212 -66.63 -4.55 -5.15
C ALA E 212 -67.78 -5.53 -5.36
N LYS E 213 -68.18 -5.75 -6.62
CA LYS E 213 -69.33 -6.57 -6.93
C LYS E 213 -68.97 -8.04 -7.15
N ALA E 214 -67.78 -8.33 -7.65
CA ALA E 214 -67.44 -9.69 -8.03
C ALA E 214 -67.56 -10.63 -6.84
N GLU E 215 -68.02 -11.85 -7.10
CA GLU E 215 -68.12 -12.89 -6.08
C GLU E 215 -66.93 -13.83 -6.08
N ARG E 216 -66.25 -13.98 -7.22
CA ARG E 216 -65.11 -14.89 -7.35
C ARG E 216 -63.97 -14.19 -8.07
N PRO E 217 -63.44 -13.13 -7.49
CA PRO E 217 -62.34 -12.39 -8.14
C PRO E 217 -61.02 -13.11 -8.01
N VAL E 218 -60.10 -12.78 -8.92
CA VAL E 218 -58.74 -13.32 -8.89
C VAL E 218 -57.77 -12.26 -9.41
N LEU E 219 -56.86 -11.82 -8.56
CA LEU E 219 -55.78 -10.92 -8.98
C LEU E 219 -54.63 -11.74 -9.54
N TRP E 220 -54.02 -11.24 -10.61
CA TRP E 220 -52.89 -11.90 -11.27
C TRP E 220 -51.72 -10.92 -11.27
N LEU E 221 -50.79 -11.10 -10.33
CA LEU E 221 -49.73 -10.14 -10.05
C LEU E 221 -48.44 -10.59 -10.73
N GLY E 222 -47.75 -9.63 -11.36
CA GLY E 222 -46.58 -9.91 -12.15
C GLY E 222 -45.41 -9.02 -11.77
N ASN E 223 -44.24 -9.38 -12.29
CA ASN E 223 -43.00 -8.67 -11.96
C ASN E 223 -43.06 -7.20 -12.32
N GLY E 224 -43.98 -6.79 -13.20
CA GLY E 224 -44.12 -5.37 -13.49
C GLY E 224 -44.36 -4.52 -12.26
N ILE E 225 -44.98 -5.10 -11.23
CA ILE E 225 -45.16 -4.40 -9.97
C ILE E 225 -43.81 -4.16 -9.30
N ARG E 226 -42.94 -5.18 -9.29
CA ARG E 226 -41.64 -5.00 -8.67
C ARG E 226 -40.80 -3.99 -9.44
N LEU E 227 -40.85 -4.04 -10.77
CA LEU E 227 -40.10 -3.08 -11.57
C LEU E 227 -40.59 -1.67 -11.29
N ALA E 228 -41.86 -1.50 -10.96
CA ALA E 228 -42.41 -0.19 -10.63
C ALA E 228 -42.19 0.20 -9.18
N GLY E 229 -41.67 -0.70 -8.35
CA GLY E 229 -41.47 -0.42 -6.95
C GLY E 229 -42.75 -0.33 -6.15
N GLY E 230 -43.68 -1.26 -6.36
CA GLY E 230 -44.95 -1.23 -5.67
C GLY E 230 -45.27 -2.53 -4.96
N GLU E 231 -44.27 -3.43 -4.88
CA GLU E 231 -44.48 -4.72 -4.24
C GLU E 231 -44.78 -4.58 -2.75
N ARG E 232 -44.51 -3.43 -2.15
CA ARG E 232 -44.82 -3.19 -0.74
C ARG E 232 -46.26 -2.77 -0.52
N LEU E 233 -47.00 -2.46 -1.58
CA LEU E 233 -48.41 -2.13 -1.45
C LEU E 233 -49.31 -3.35 -1.56
N LEU E 234 -48.74 -4.53 -1.85
CA LEU E 234 -49.55 -5.68 -2.20
C LEU E 234 -50.28 -6.25 -0.98
N LYS E 235 -49.59 -6.36 0.16
CA LYS E 235 -50.25 -6.84 1.37
C LYS E 235 -51.40 -5.93 1.78
N PRO E 236 -51.22 -4.62 1.95
CA PRO E 236 -52.38 -3.77 2.30
C PRO E 236 -53.48 -3.78 1.25
N LEU E 237 -53.14 -4.02 -0.02
CA LEU E 237 -54.18 -4.13 -1.05
C LEU E 237 -54.96 -5.43 -0.88
N LEU E 238 -54.26 -6.56 -0.74
CA LEU E 238 -54.96 -7.82 -0.57
C LEU E 238 -55.81 -7.83 0.69
N GLU E 239 -55.32 -7.19 1.76
CA GLU E 239 -56.12 -7.05 2.96
C GLU E 239 -57.43 -6.35 2.67
N LYS E 240 -57.38 -5.28 1.93
CA LYS E 240 -58.56 -4.52 1.61
C LYS E 240 -59.60 -5.22 0.74
N LEU E 241 -59.15 -5.99 -0.23
CA LEU E 241 -60.06 -6.62 -1.17
C LEU E 241 -60.61 -7.94 -0.69
N GLY E 242 -59.83 -8.69 0.08
CA GLY E 242 -60.27 -10.01 0.50
C GLY E 242 -60.37 -11.01 -0.63
N SER E 243 -59.73 -10.72 -1.78
CA SER E 243 -59.83 -11.57 -2.94
C SER E 243 -58.58 -12.43 -3.11
N PRO E 244 -58.74 -13.66 -3.60
CA PRO E 244 -57.55 -14.47 -3.94
C PRO E 244 -56.66 -13.76 -4.95
N ALA E 245 -55.40 -14.19 -4.97
CA ALA E 245 -54.42 -13.60 -5.88
C ALA E 245 -53.45 -14.69 -6.34
N LEU E 246 -53.17 -14.70 -7.64
CA LEU E 246 -52.14 -15.55 -8.21
C LEU E 246 -50.94 -14.69 -8.58
N VAL E 247 -49.78 -15.33 -8.65
CA VAL E 247 -48.54 -14.65 -9.02
C VAL E 247 -47.93 -15.36 -10.22
N SER E 248 -47.45 -14.58 -11.18
CA SER E 248 -46.73 -15.13 -12.30
C SER E 248 -45.43 -15.77 -11.83
N TRP E 249 -44.79 -16.52 -12.72
CA TRP E 249 -43.53 -17.15 -12.35
C TRP E 249 -42.47 -16.10 -11.99
N ALA E 250 -42.42 -14.99 -12.74
CA ALA E 250 -41.43 -13.96 -12.48
C ALA E 250 -41.75 -13.14 -11.24
N GLY E 251 -42.98 -13.20 -10.74
CA GLY E 251 -43.37 -12.41 -9.58
C GLY E 251 -43.67 -13.26 -8.36
N ILE E 252 -43.15 -14.49 -8.33
CA ILE E 252 -43.42 -15.38 -7.22
C ILE E 252 -43.00 -14.74 -5.90
N ASP E 253 -41.80 -14.15 -5.87
CA ASP E 253 -41.19 -13.72 -4.62
C ASP E 253 -41.68 -12.35 -4.14
N MET E 254 -42.78 -11.84 -4.70
CA MET E 254 -43.34 -10.56 -4.24
C MET E 254 -44.24 -10.73 -3.03
N LEU E 255 -44.81 -11.92 -2.84
CA LEU E 255 -45.68 -12.22 -1.71
C LEU E 255 -45.32 -13.59 -1.17
N ASP E 256 -45.37 -13.73 0.16
CA ASP E 256 -45.16 -15.03 0.77
C ASP E 256 -46.09 -16.07 0.17
N SER E 257 -45.51 -17.13 -0.40
CA SER E 257 -46.31 -18.19 -1.01
C SER E 257 -47.39 -18.73 -0.07
N SER E 258 -47.22 -18.57 1.24
CA SER E 258 -48.17 -19.05 2.22
C SER E 258 -49.10 -17.96 2.73
N HIS E 259 -49.13 -16.80 2.07
CA HIS E 259 -50.10 -15.77 2.43
C HIS E 259 -51.51 -16.37 2.32
N PRO E 260 -52.45 -15.96 3.17
CA PRO E 260 -53.79 -16.59 3.14
C PRO E 260 -54.56 -16.33 1.85
N LEU E 261 -54.16 -15.36 1.04
CA LEU E 261 -54.86 -15.02 -0.19
C LEU E 261 -54.05 -15.33 -1.45
N VAL E 262 -52.90 -15.97 -1.31
CA VAL E 262 -52.03 -16.27 -2.46
C VAL E 262 -52.12 -17.77 -2.70
N PHE E 263 -52.50 -18.14 -3.93
CA PHE E 263 -52.90 -19.50 -4.25
C PHE E 263 -52.09 -20.08 -5.40
N GLY E 264 -50.89 -19.59 -5.62
CA GLY E 264 -49.96 -20.22 -6.54
C GLY E 264 -49.87 -19.54 -7.89
N ARG E 265 -49.47 -20.33 -8.88
CA ARG E 265 -49.19 -19.86 -10.22
C ARG E 265 -49.93 -20.74 -11.23
N ALA E 266 -50.60 -20.11 -12.19
CA ALA E 266 -51.38 -20.80 -13.20
C ALA E 266 -50.71 -20.66 -14.57
N GLY E 267 -51.05 -21.58 -15.47
CA GLY E 267 -50.55 -21.54 -16.82
C GLY E 267 -50.41 -22.93 -17.40
N VAL E 268 -49.68 -22.98 -18.53
CA VAL E 268 -49.44 -24.24 -19.24
C VAL E 268 -48.74 -25.23 -18.32
N TYR E 269 -47.70 -24.77 -17.62
CA TYR E 269 -47.07 -25.54 -16.55
C TYR E 269 -47.57 -25.06 -15.19
N GLY E 270 -48.86 -24.77 -15.08
CA GLY E 270 -49.40 -24.26 -13.84
C GLY E 270 -49.68 -25.36 -12.84
N GLN E 271 -50.05 -24.94 -11.64
CA GLN E 271 -50.47 -25.85 -10.60
C GLN E 271 -51.96 -26.10 -10.71
N ARG E 272 -52.36 -27.38 -10.64
CA ARG E 272 -53.75 -27.74 -10.86
C ARG E 272 -54.70 -26.86 -10.05
N ALA E 273 -54.37 -26.61 -8.78
CA ALA E 273 -55.25 -25.80 -7.95
C ALA E 273 -55.31 -24.36 -8.44
N ALA E 274 -54.24 -23.86 -9.05
CA ALA E 274 -54.25 -22.47 -9.50
C ALA E 274 -55.02 -22.31 -10.80
N ASN E 275 -54.88 -23.27 -11.72
CA ASN E 275 -55.65 -23.20 -12.96
C ASN E 275 -57.14 -23.28 -12.69
N PHE E 276 -57.55 -24.13 -11.74
CA PHE E 276 -58.96 -24.21 -11.39
C PHE E 276 -59.46 -22.90 -10.79
N ILE E 277 -58.60 -22.20 -10.04
CA ILE E 277 -59.02 -20.92 -9.47
C ILE E 277 -59.11 -19.87 -10.58
N LEU E 278 -58.23 -19.95 -11.57
CA LEU E 278 -58.27 -18.98 -12.67
C LEU E 278 -59.45 -19.26 -13.59
N GLN E 279 -59.72 -20.53 -13.87
CA GLN E 279 -60.77 -20.89 -14.83
C GLN E 279 -62.18 -20.83 -14.24
N ASN E 280 -62.33 -20.70 -12.92
CA ASN E 280 -63.63 -20.60 -12.30
C ASN E 280 -63.89 -19.24 -11.69
N SER E 281 -63.09 -18.23 -12.03
CA SER E 281 -63.34 -16.90 -11.51
C SER E 281 -64.42 -16.21 -12.33
N ASP E 282 -64.96 -15.13 -11.75
CA ASP E 282 -65.87 -14.25 -12.47
C ASP E 282 -65.27 -12.88 -12.74
N TYR E 283 -64.08 -12.60 -12.21
CA TYR E 283 -63.38 -11.34 -12.49
C TYR E 283 -61.90 -11.56 -12.27
N VAL E 284 -61.09 -11.13 -13.24
CA VAL E 284 -59.64 -11.29 -13.20
C VAL E 284 -59.01 -9.94 -13.47
N LEU E 285 -58.22 -9.45 -12.52
CA LEU E 285 -57.51 -8.18 -12.63
C LEU E 285 -56.02 -8.49 -12.69
N ALA E 286 -55.44 -8.35 -13.88
CA ALA E 286 -54.02 -8.55 -14.08
C ALA E 286 -53.29 -7.23 -13.87
N ILE E 287 -52.30 -7.24 -12.97
CA ILE E 287 -51.50 -6.06 -12.65
C ILE E 287 -50.03 -6.44 -12.84
N GLY E 288 -49.35 -5.79 -13.77
CA GLY E 288 -47.94 -6.00 -13.94
C GLY E 288 -47.54 -7.37 -14.44
N THR E 289 -48.48 -8.15 -14.98
CA THR E 289 -48.16 -9.42 -15.62
C THR E 289 -48.46 -9.32 -17.10
N ARG E 290 -47.62 -9.99 -17.90
CA ARG E 290 -47.68 -9.90 -19.35
C ARG E 290 -48.74 -10.80 -19.96
N LEU E 291 -49.27 -11.76 -19.20
CA LEU E 291 -50.24 -12.71 -19.71
C LEU E 291 -49.70 -13.38 -20.99
N ALA E 292 -48.48 -13.89 -20.90
CA ALA E 292 -47.84 -14.52 -22.04
C ALA E 292 -48.49 -15.86 -22.35
N ILE E 293 -48.13 -16.41 -23.51
CA ILE E 293 -48.74 -17.68 -23.94
C ILE E 293 -48.62 -18.75 -22.87
N PRO E 294 -47.45 -19.01 -22.27
CA PRO E 294 -47.38 -20.03 -21.21
C PRO E 294 -48.25 -19.73 -20.00
N GLN E 295 -48.81 -18.52 -19.89
CA GLN E 295 -49.69 -18.19 -18.77
C GLN E 295 -51.16 -18.45 -19.09
N ILE E 296 -51.60 -18.11 -20.29
CA ILE E 296 -53.03 -18.11 -20.63
C ILE E 296 -53.42 -19.21 -21.58
N GLY E 297 -52.47 -19.95 -22.13
CA GLY E 297 -52.79 -21.00 -23.07
C GLY E 297 -52.82 -20.48 -24.49
N TYR E 298 -53.50 -21.24 -25.35
CA TYR E 298 -53.49 -21.02 -26.78
C TYR E 298 -54.83 -20.56 -27.33
N ASP E 299 -55.76 -20.14 -26.46
CA ASP E 299 -57.06 -19.67 -26.93
C ASP E 299 -57.63 -18.73 -25.88
N LEU E 300 -57.73 -17.44 -26.22
CA LEU E 300 -58.34 -16.48 -25.31
C LEU E 300 -59.78 -16.84 -24.99
N ASN E 301 -60.47 -17.50 -25.92
CA ASN E 301 -61.87 -17.84 -25.68
C ASN E 301 -62.02 -18.92 -24.63
N GLU E 302 -60.97 -19.68 -24.35
CA GLU E 302 -61.00 -20.70 -23.31
C GLU E 302 -60.49 -20.18 -21.98
N LEU E 303 -60.04 -18.94 -21.91
CA LEU E 303 -59.49 -18.37 -20.69
C LEU E 303 -60.62 -17.81 -19.82
N ALA E 304 -60.70 -18.31 -18.57
CA ALA E 304 -61.66 -17.83 -17.59
C ALA E 304 -63.00 -17.51 -18.23
N ARG E 305 -63.68 -18.55 -18.72
CA ARG E 305 -64.84 -18.35 -19.56
C ARG E 305 -66.02 -17.71 -18.83
N LEU E 306 -65.97 -17.62 -17.50
CA LEU E 306 -67.04 -17.01 -16.73
C LEU E 306 -66.66 -15.65 -16.18
N ALA E 307 -65.58 -15.02 -16.66
CA ALA E 307 -65.03 -13.86 -16.00
C ALA E 307 -64.70 -12.73 -16.96
N ARG E 308 -64.91 -11.51 -16.49
CA ARG E 308 -64.33 -10.32 -17.11
C ARG E 308 -62.86 -10.21 -16.71
N ILE E 309 -62.06 -9.67 -17.64
CA ILE E 309 -60.61 -9.59 -17.47
C ILE E 309 -60.15 -8.18 -17.76
N ASP E 310 -59.62 -7.51 -16.75
CA ASP E 310 -58.98 -6.21 -16.89
C ASP E 310 -57.47 -6.40 -16.81
N VAL E 311 -56.73 -5.54 -17.51
CA VAL E 311 -55.29 -5.68 -17.63
C VAL E 311 -54.64 -4.32 -17.36
N VAL E 312 -53.62 -4.32 -16.52
CA VAL E 312 -52.83 -3.13 -16.22
C VAL E 312 -51.40 -3.40 -16.67
N ASP E 313 -50.84 -2.47 -17.43
CA ASP E 313 -49.52 -2.68 -18.01
C ASP E 313 -49.03 -1.34 -18.55
N ILE E 314 -47.75 -1.06 -18.38
CA ILE E 314 -47.19 0.23 -18.79
C ILE E 314 -46.91 0.29 -20.27
N ASP E 315 -46.99 -0.83 -20.98
CA ASP E 315 -46.69 -0.90 -22.40
C ASP E 315 -48.00 -1.00 -23.15
N GLY E 316 -48.36 0.06 -23.88
CA GLY E 316 -49.63 0.07 -24.58
C GLY E 316 -49.85 -1.16 -25.44
N ASP E 317 -48.83 -1.56 -26.20
CA ASP E 317 -48.96 -2.72 -27.06
C ASP E 317 -49.28 -3.98 -26.26
N GLU E 318 -48.61 -4.18 -25.12
CA GLU E 318 -48.91 -5.34 -24.29
C GLU E 318 -50.30 -5.22 -23.67
N ALA E 319 -50.74 -4.01 -23.35
CA ALA E 319 -51.99 -3.83 -22.63
C ALA E 319 -53.22 -4.12 -23.48
N ILE E 320 -53.09 -4.06 -24.80
CA ILE E 320 -54.22 -4.27 -25.71
C ILE E 320 -54.07 -5.52 -26.55
N LYS E 321 -52.98 -6.27 -26.39
CA LYS E 321 -52.77 -7.43 -27.24
C LYS E 321 -53.84 -8.50 -27.09
N HIS E 322 -54.66 -8.45 -26.03
CA HIS E 322 -55.78 -9.35 -25.85
C HIS E 322 -57.09 -8.57 -25.81
N ALA E 323 -57.17 -7.51 -26.61
CA ALA E 323 -58.34 -6.63 -26.57
C ALA E 323 -59.63 -7.33 -26.99
N LYS E 324 -59.54 -8.42 -27.75
CA LYS E 324 -60.72 -9.18 -28.11
C LYS E 324 -61.35 -9.85 -26.90
N ARG E 325 -60.55 -10.14 -25.86
CA ARG E 325 -61.01 -10.85 -24.69
C ARG E 325 -61.14 -9.97 -23.45
N THR E 326 -60.27 -8.97 -23.30
CA THR E 326 -60.22 -8.15 -22.11
C THR E 326 -61.11 -6.93 -22.27
N GLN E 327 -61.51 -6.37 -21.14
CA GLN E 327 -62.39 -5.20 -21.12
C GLN E 327 -61.56 -3.93 -20.88
N GLU E 328 -61.20 -3.67 -19.64
CA GLU E 328 -60.44 -2.47 -19.32
C GLU E 328 -58.96 -2.74 -19.56
N ASN E 329 -58.39 -2.02 -20.53
CA ASN E 329 -56.97 -2.12 -20.87
C ASN E 329 -56.31 -0.83 -20.37
N ILE E 330 -55.77 -0.88 -19.15
CA ILE E 330 -55.25 0.30 -18.47
C ILE E 330 -53.75 0.39 -18.72
N VAL E 331 -53.33 1.47 -19.38
CA VAL E 331 -51.92 1.71 -19.66
C VAL E 331 -51.41 2.61 -18.53
N CYS E 332 -50.90 1.99 -17.47
CA CYS E 332 -50.52 2.72 -16.28
C CYS E 332 -49.40 1.99 -15.56
N ASP E 333 -48.51 2.76 -14.94
CA ASP E 333 -47.47 2.21 -14.09
C ASP E 333 -48.12 1.46 -12.92
N ALA E 334 -47.58 0.29 -12.62
CA ALA E 334 -48.24 -0.60 -11.68
C ALA E 334 -48.27 -0.02 -10.27
N ARG E 335 -47.25 0.74 -9.89
N ARG E 335 -47.24 0.73 -9.91
CA ARG E 335 -47.28 1.36 -8.56
CA ARG E 335 -47.20 1.39 -8.60
C ARG E 335 -48.31 2.48 -8.53
C ARG E 335 -48.25 2.49 -8.52
N VAL E 336 -48.31 3.35 -9.54
CA VAL E 336 -49.28 4.43 -9.57
C VAL E 336 -50.69 3.88 -9.57
N PHE E 337 -50.90 2.73 -10.24
CA PHE E 337 -52.24 2.16 -10.30
C PHE E 337 -52.66 1.62 -8.94
N ILE E 338 -51.78 0.86 -8.27
CA ILE E 338 -52.14 0.29 -6.99
C ILE E 338 -52.39 1.41 -5.98
N GLU E 339 -51.60 2.48 -6.04
CA GLU E 339 -51.80 3.60 -5.12
C GLU E 339 -53.15 4.27 -5.36
N ALA E 340 -53.51 4.49 -6.62
CA ALA E 340 -54.82 5.05 -6.92
C ALA E 340 -55.94 4.13 -6.46
N LEU E 341 -55.77 2.81 -6.65
CA LEU E 341 -56.79 1.87 -6.22
C LEU E 341 -56.92 1.83 -4.70
N LEU E 342 -55.80 1.99 -3.98
CA LEU E 342 -55.85 2.03 -2.53
C LEU E 342 -56.46 3.34 -2.02
N ALA E 343 -56.16 4.45 -2.70
CA ALA E 343 -56.73 5.72 -2.27
C ALA E 343 -58.24 5.70 -2.35
N ARG E 344 -58.78 5.06 -3.39
CA ARG E 344 -60.23 4.95 -3.53
C ARG E 344 -60.82 3.92 -2.57
N LEU E 345 -60.04 2.93 -2.14
CA LEU E 345 -60.50 1.98 -1.15
C LEU E 345 -60.50 2.57 0.25
N ASN E 346 -59.56 3.47 0.55
CA ASN E 346 -59.46 4.12 1.85
C ASN E 346 -60.31 5.37 1.97
N ALA E 347 -60.94 5.81 0.88
CA ALA E 347 -61.73 7.03 0.92
C ALA E 347 -62.94 6.86 1.84
N ALA E 348 -63.47 7.99 2.29
CA ALA E 348 -64.68 7.96 3.11
C ALA E 348 -65.88 7.48 2.30
N ASP E 349 -65.95 7.85 1.02
CA ASP E 349 -67.02 7.40 0.13
C ASP E 349 -66.68 6.12 -0.60
N ALA E 350 -65.93 5.22 0.04
CA ALA E 350 -65.53 3.99 -0.62
C ALA E 350 -66.73 3.06 -0.79
N PRO E 351 -66.90 2.45 -1.96
CA PRO E 351 -68.03 1.52 -2.14
C PRO E 351 -67.89 0.29 -1.27
N ALA E 352 -69.03 -0.32 -0.97
CA ALA E 352 -69.05 -1.51 -0.15
C ALA E 352 -68.52 -2.70 -0.95
N ILE E 353 -67.57 -3.43 -0.36
CA ILE E 353 -66.96 -4.58 -1.01
C ILE E 353 -67.73 -5.83 -0.60
N ALA E 354 -68.38 -6.46 -1.56
CA ALA E 354 -69.09 -7.71 -1.27
C ALA E 354 -68.13 -8.76 -0.74
N SER E 355 -68.66 -9.66 0.08
CA SER E 355 -67.82 -10.70 0.68
C SER E 355 -67.32 -11.65 -0.40
N LYS E 356 -66.09 -12.13 -0.20
CA LYS E 356 -65.51 -13.18 -1.03
C LYS E 356 -65.28 -14.47 -0.25
N ALA E 357 -65.79 -14.54 0.99
CA ALA E 357 -65.47 -15.66 1.86
C ALA E 357 -65.72 -17.01 1.19
N ASP E 358 -66.88 -17.16 0.56
CA ASP E 358 -67.23 -18.45 -0.06
C ASP E 358 -66.24 -18.81 -1.16
N TRP E 359 -65.86 -17.83 -1.97
CA TRP E 359 -64.84 -18.05 -3.00
C TRP E 359 -63.52 -18.45 -2.36
N VAL E 360 -63.03 -17.65 -1.39
CA VAL E 360 -61.78 -17.98 -0.72
C VAL E 360 -61.81 -19.40 -0.18
N ALA E 361 -62.95 -19.80 0.41
CA ALA E 361 -63.07 -21.15 0.94
C ALA E 361 -62.94 -22.19 -0.17
N LYS E 362 -63.46 -21.88 -1.37
CA LYS E 362 -63.37 -22.83 -2.48
C LYS E 362 -61.97 -22.87 -3.07
N CYS E 363 -61.21 -21.78 -2.97
CA CYS E 363 -59.82 -21.81 -3.40
C CYS E 363 -58.99 -22.70 -2.49
N ARG E 364 -59.17 -22.58 -1.17
CA ARG E 364 -58.44 -23.45 -0.25
C ARG E 364 -58.80 -24.91 -0.48
N ALA E 365 -60.07 -25.19 -0.76
CA ALA E 365 -60.47 -26.57 -1.05
C ALA E 365 -59.76 -27.09 -2.29
N TYR E 366 -59.56 -26.23 -3.29
CA TYR E 366 -58.81 -26.65 -4.48
C TYR E 366 -57.39 -27.04 -4.12
N GLU E 367 -56.74 -26.29 -3.24
CA GLU E 367 -55.40 -26.66 -2.82
C GLU E 367 -55.41 -27.97 -2.03
N GLU E 368 -56.38 -28.13 -1.14
CA GLU E 368 -56.51 -29.40 -0.42
C GLU E 368 -56.62 -30.56 -1.40
N GLN E 369 -57.44 -30.40 -2.45
CA GLN E 369 -57.71 -31.50 -3.37
C GLN E 369 -56.53 -31.78 -4.30
N PHE E 370 -55.78 -30.74 -4.68
CA PHE E 370 -54.69 -30.87 -5.65
C PHE E 370 -53.42 -30.24 -5.09
N PRO E 371 -52.73 -30.93 -4.19
CA PRO E 371 -51.47 -30.38 -3.65
C PRO E 371 -50.42 -30.26 -4.75
N TRP E 372 -49.49 -29.33 -4.52
CA TRP E 372 -48.47 -29.05 -5.53
C TRP E 372 -47.62 -30.29 -5.81
N VAL E 373 -47.25 -31.02 -4.75
CA VAL E 373 -46.51 -32.27 -4.89
C VAL E 373 -47.50 -33.39 -4.61
N GLY E 374 -47.83 -34.16 -5.64
CA GLY E 374 -48.88 -35.15 -5.52
C GLY E 374 -48.48 -36.54 -5.98
N ALA E 375 -49.46 -37.43 -6.06
CA ALA E 375 -49.19 -38.82 -6.43
C ALA E 375 -48.59 -38.91 -7.83
N GLU E 376 -48.85 -37.92 -8.69
CA GLU E 376 -48.22 -37.89 -10.00
C GLU E 376 -46.71 -37.71 -9.92
N HIS E 377 -46.19 -37.35 -8.75
CA HIS E 377 -44.77 -37.03 -8.57
C HIS E 377 -44.04 -38.10 -7.76
N ALA E 378 -44.48 -39.35 -7.87
CA ALA E 378 -43.85 -40.42 -7.11
C ALA E 378 -42.45 -40.70 -7.64
N ASP E 379 -41.62 -41.28 -6.78
CA ASP E 379 -40.23 -41.60 -7.12
C ASP E 379 -40.20 -42.67 -8.20
N PRO E 380 -39.79 -42.35 -9.44
CA PRO E 380 -39.90 -43.34 -10.51
C PRO E 380 -38.72 -44.30 -10.58
N GLU E 381 -38.99 -45.60 -10.42
CA GLU E 381 -38.00 -46.65 -10.66
C GLU E 381 -36.70 -46.38 -9.90
N GLY E 382 -36.82 -46.18 -8.60
CA GLY E 382 -35.65 -46.07 -7.74
C GLY E 382 -34.87 -44.78 -7.85
N PHE E 383 -35.32 -43.83 -8.67
CA PHE E 383 -34.73 -42.51 -8.68
C PHE E 383 -35.54 -41.58 -7.79
N ILE E 384 -34.93 -40.46 -7.44
CA ILE E 384 -35.65 -39.40 -6.75
C ILE E 384 -36.43 -38.60 -7.78
N ASN E 385 -37.65 -38.18 -7.42
CA ASN E 385 -38.46 -37.33 -8.27
C ASN E 385 -38.10 -35.87 -8.03
N SER E 386 -37.73 -35.15 -9.09
CA SER E 386 -37.26 -33.79 -8.94
C SER E 386 -38.28 -32.93 -8.20
N TYR E 387 -39.57 -33.16 -8.45
CA TYR E 387 -40.60 -32.39 -7.75
C TYR E 387 -40.51 -32.62 -6.25
N ARG E 388 -40.37 -33.87 -5.83
CA ARG E 388 -40.24 -34.15 -4.40
C ARG E 388 -38.91 -33.63 -3.86
N PHE E 389 -37.85 -33.69 -4.66
CA PHE E 389 -36.58 -33.12 -4.25
C PHE E 389 -36.71 -31.62 -3.97
N MET E 390 -37.39 -30.88 -4.85
CA MET E 390 -37.55 -29.45 -4.63
C MET E 390 -38.28 -29.18 -3.32
N GLU E 391 -39.31 -29.97 -3.01
CA GLU E 391 -40.03 -29.78 -1.76
C GLU E 391 -39.12 -29.99 -0.56
N ARG E 392 -38.28 -31.03 -0.62
CA ARG E 392 -37.31 -31.26 0.43
C ARG E 392 -36.29 -30.13 0.48
N LEU E 393 -35.64 -29.84 -0.64
CA LEU E 393 -34.69 -28.74 -0.69
C LEU E 393 -35.31 -27.45 -0.19
N ASN E 394 -36.61 -27.26 -0.42
CA ASN E 394 -37.28 -26.03 0.01
C ASN E 394 -37.09 -25.78 1.50
N GLY E 395 -37.14 -26.84 2.31
CA GLY E 395 -37.01 -26.68 3.75
C GLY E 395 -35.65 -26.20 4.20
N PHE E 396 -34.64 -26.26 3.34
CA PHE E 396 -33.29 -25.86 3.68
C PHE E 396 -32.97 -24.43 3.22
N PHE E 397 -33.98 -23.62 2.93
CA PHE E 397 -33.76 -22.25 2.52
C PHE E 397 -33.33 -21.40 3.71
N LYS E 398 -32.42 -20.47 3.48
CA LYS E 398 -32.05 -19.50 4.49
C LYS E 398 -33.01 -18.31 4.47
N ASP E 399 -33.06 -17.60 5.60
CA ASP E 399 -34.06 -16.55 5.77
C ASP E 399 -33.96 -15.45 4.72
N ASP E 400 -32.78 -15.28 4.10
CA ASP E 400 -32.59 -14.31 3.03
C ASP E 400 -32.18 -15.04 1.75
N GLN E 401 -32.61 -16.28 1.60
CA GLN E 401 -32.20 -17.10 0.46
C GLN E 401 -32.56 -16.43 -0.86
N VAL E 402 -31.64 -16.52 -1.80
CA VAL E 402 -31.86 -16.11 -3.19
C VAL E 402 -31.62 -17.32 -4.07
N VAL E 403 -32.61 -17.64 -4.90
CA VAL E 403 -32.56 -18.81 -5.77
C VAL E 403 -32.67 -18.33 -7.21
N VAL E 404 -31.78 -18.81 -8.06
CA VAL E 404 -31.84 -18.57 -9.50
C VAL E 404 -31.79 -19.92 -10.21
N THR E 405 -32.43 -20.01 -11.37
CA THR E 405 -32.56 -21.28 -12.07
C THR E 405 -32.18 -21.13 -13.54
N ASP E 406 -31.61 -22.19 -14.10
CA ASP E 406 -31.45 -22.32 -15.54
C ASP E 406 -32.79 -22.77 -16.12
N MET E 407 -32.78 -23.40 -17.29
CA MET E 407 -34.01 -23.92 -17.87
C MET E 407 -34.26 -25.34 -17.38
N GLY E 408 -34.96 -26.15 -18.17
CA GLY E 408 -35.09 -27.57 -17.89
C GLY E 408 -35.73 -27.85 -16.54
N THR E 409 -35.22 -28.91 -15.89
CA THR E 409 -35.84 -29.37 -14.64
C THR E 409 -35.81 -28.30 -13.57
N ALA E 410 -34.72 -27.52 -13.49
CA ALA E 410 -34.64 -26.46 -12.50
C ALA E 410 -35.77 -25.45 -12.70
N LEU E 411 -36.06 -25.10 -13.96
CA LEU E 411 -37.13 -24.15 -14.23
C LEU E 411 -38.49 -24.72 -13.86
N LEU E 412 -38.80 -25.91 -14.35
CA LEU E 412 -40.15 -26.45 -14.20
C LEU E 412 -40.40 -26.93 -12.78
N SER E 413 -39.60 -27.90 -12.30
CA SER E 413 -39.76 -28.37 -10.92
C SER E 413 -39.73 -27.21 -9.94
N GLY E 414 -38.89 -26.20 -10.21
CA GLY E 414 -38.71 -25.12 -9.26
C GLY E 414 -39.93 -24.22 -9.13
N HIS E 415 -40.41 -23.71 -10.27
CA HIS E 415 -41.52 -22.75 -10.24
C HIS E 415 -42.86 -23.41 -9.94
N GLN E 416 -42.94 -24.73 -10.06
CA GLN E 416 -44.16 -25.47 -9.76
C GLN E 416 -44.26 -25.93 -8.33
N VAL E 417 -43.16 -25.89 -7.56
CA VAL E 417 -43.13 -26.48 -6.23
C VAL E 417 -42.67 -25.47 -5.17
N LEU E 418 -41.64 -24.69 -5.49
CA LEU E 418 -40.94 -23.96 -4.46
C LEU E 418 -41.81 -22.87 -3.84
N ARG E 419 -41.65 -22.68 -2.53
CA ARG E 419 -42.34 -21.67 -1.76
C ARG E 419 -41.31 -20.68 -1.20
N PHE E 420 -41.71 -19.42 -1.11
CA PHE E 420 -40.81 -18.36 -0.70
C PHE E 420 -41.48 -17.46 0.32
N LYS E 421 -40.71 -17.02 1.31
CA LYS E 421 -41.18 -16.09 2.33
C LYS E 421 -40.66 -14.71 2.01
N GLU E 422 -41.29 -13.70 2.64
CA GLU E 422 -40.82 -12.34 2.49
C GLU E 422 -39.34 -12.26 2.84
N GLY E 423 -38.56 -11.68 1.93
CA GLY E 423 -37.12 -11.57 2.08
C GLY E 423 -36.34 -12.50 1.17
N GLN E 424 -36.96 -13.58 0.71
CA GLN E 424 -36.33 -14.49 -0.23
C GLN E 424 -36.68 -14.08 -1.65
N ARG E 425 -35.83 -14.51 -2.60
CA ARG E 425 -35.90 -14.02 -3.96
C ARG E 425 -35.75 -15.18 -4.95
N PHE E 426 -36.46 -15.08 -6.06
CA PHE E 426 -36.50 -16.12 -7.08
C PHE E 426 -36.34 -15.44 -8.44
N MET E 427 -35.36 -15.89 -9.22
CA MET E 427 -35.03 -15.23 -10.46
C MET E 427 -34.66 -16.23 -11.54
N THR E 428 -35.05 -15.92 -12.76
CA THR E 428 -34.62 -16.68 -13.94
C THR E 428 -34.95 -15.83 -15.17
N SER E 429 -34.67 -16.37 -16.35
CA SER E 429 -34.97 -15.71 -17.62
C SER E 429 -36.08 -16.49 -18.32
N THR E 430 -37.30 -15.97 -18.26
CA THR E 430 -38.45 -16.62 -18.88
C THR E 430 -38.84 -16.02 -20.21
N GLY E 431 -38.52 -14.74 -20.45
CA GLY E 431 -38.90 -14.11 -21.71
C GLY E 431 -38.25 -14.75 -22.91
N LEU E 432 -36.95 -15.05 -22.80
CA LEU E 432 -36.20 -15.73 -23.86
C LEU E 432 -35.96 -17.20 -23.54
N GLY E 433 -35.96 -17.58 -22.26
CA GLY E 433 -35.79 -18.95 -21.84
C GLY E 433 -34.52 -19.61 -22.36
N GLU E 434 -33.39 -18.92 -22.22
CA GLU E 434 -32.15 -19.39 -22.83
C GLU E 434 -31.40 -20.28 -21.86
N MET E 435 -30.81 -21.35 -22.41
CA MET E 435 -29.92 -22.19 -21.63
C MET E 435 -28.61 -21.45 -21.37
N GLY E 436 -28.02 -21.74 -20.22
CA GLY E 436 -26.81 -21.08 -19.80
C GLY E 436 -27.04 -19.84 -18.95
N TYR E 437 -28.25 -19.65 -18.43
CA TYR E 437 -28.57 -18.45 -17.67
C TYR E 437 -28.32 -18.61 -16.18
N GLY E 438 -28.25 -19.84 -15.69
CA GLY E 438 -28.17 -20.04 -14.24
C GLY E 438 -26.89 -19.50 -13.64
N LEU E 439 -25.75 -19.88 -14.21
CA LEU E 439 -24.47 -19.45 -13.66
C LEU E 439 -24.28 -17.94 -13.74
N PRO E 440 -24.35 -17.31 -14.91
CA PRO E 440 -24.24 -15.84 -14.94
C PRO E 440 -25.27 -15.14 -14.07
N ALA E 441 -26.40 -15.78 -13.81
CA ALA E 441 -27.38 -15.18 -12.91
C ALA E 441 -26.88 -15.20 -11.47
N ALA E 442 -26.27 -16.31 -11.06
CA ALA E 442 -25.69 -16.40 -9.72
C ALA E 442 -24.61 -15.34 -9.52
N LEU E 443 -23.78 -15.10 -10.54
CA LEU E 443 -22.76 -14.06 -10.44
C LEU E 443 -23.38 -12.70 -10.17
N GLY E 444 -24.50 -12.40 -10.83
CA GLY E 444 -25.09 -11.08 -10.68
C GLY E 444 -25.67 -10.86 -9.30
N VAL E 445 -26.36 -11.87 -8.77
CA VAL E 445 -26.90 -11.77 -7.41
C VAL E 445 -25.75 -11.67 -6.40
N SER E 446 -24.72 -12.50 -6.57
CA SER E 446 -23.65 -12.55 -5.59
C SER E 446 -22.95 -11.20 -5.47
N PHE E 447 -22.56 -10.61 -6.61
CA PHE E 447 -21.84 -9.34 -6.55
C PHE E 447 -22.74 -8.21 -6.08
N ALA E 448 -24.02 -8.24 -6.43
CA ALA E 448 -24.92 -7.19 -5.95
C ALA E 448 -25.01 -7.21 -4.43
N ASN E 449 -24.97 -8.40 -3.83
CA ASN E 449 -25.04 -8.55 -2.38
C ASN E 449 -23.66 -8.66 -1.72
N ASP E 450 -22.66 -7.98 -2.28
CA ASP E 450 -21.30 -7.96 -1.72
C ASP E 450 -20.76 -9.39 -1.58
N ARG E 451 -20.73 -10.08 -2.72
CA ARG E 451 -20.26 -11.46 -2.79
C ARG E 451 -21.09 -12.34 -1.85
N GLY E 452 -22.41 -12.20 -1.95
CA GLY E 452 -23.32 -12.93 -1.09
C GLY E 452 -23.64 -14.31 -1.61
N GLU E 453 -24.40 -15.04 -0.81
CA GLU E 453 -24.75 -16.41 -1.12
C GLU E 453 -25.90 -16.45 -2.12
N VAL E 454 -25.88 -17.50 -2.95
CA VAL E 454 -26.90 -17.71 -3.97
C VAL E 454 -27.03 -19.20 -4.21
N MET E 455 -28.27 -19.67 -4.39
CA MET E 455 -28.54 -21.03 -4.81
C MET E 455 -28.84 -21.03 -6.30
N CYS E 456 -28.19 -21.91 -7.03
CA CYS E 456 -28.32 -21.99 -8.49
C CYS E 456 -28.78 -23.39 -8.85
N LEU E 457 -30.08 -23.54 -9.09
CA LEU E 457 -30.65 -24.79 -9.57
C LEU E 457 -30.39 -24.87 -11.08
N ASN E 458 -29.48 -25.75 -11.48
CA ASN E 458 -29.03 -25.84 -12.86
C ASN E 458 -29.24 -27.26 -13.37
N CYS E 459 -28.71 -27.54 -14.56
CA CYS E 459 -28.99 -28.79 -15.25
C CYS E 459 -27.75 -29.22 -16.04
N ASP E 460 -27.70 -30.50 -16.37
CA ASP E 460 -26.52 -31.02 -17.05
C ASP E 460 -26.33 -30.38 -18.42
N GLY E 461 -27.43 -29.99 -19.08
CA GLY E 461 -27.33 -29.37 -20.38
C GLY E 461 -27.09 -27.87 -20.29
N GLY E 462 -27.89 -27.20 -19.44
CA GLY E 462 -27.73 -25.77 -19.29
C GLY E 462 -26.37 -25.37 -18.74
N MET E 463 -25.77 -26.26 -17.96
CA MET E 463 -24.44 -25.99 -17.41
C MET E 463 -23.40 -25.79 -18.52
N MET E 464 -23.63 -26.34 -19.71
CA MET E 464 -22.59 -26.34 -20.73
C MET E 464 -22.47 -25.01 -21.44
N MET E 465 -23.56 -24.24 -21.57
CA MET E 465 -23.50 -23.03 -22.36
C MET E 465 -22.49 -22.03 -21.78
N ASN E 466 -22.46 -21.91 -20.45
CA ASN E 466 -21.56 -20.97 -19.78
C ASN E 466 -20.71 -21.70 -18.75
N LEU E 467 -20.25 -22.89 -19.11
CA LEU E 467 -19.41 -23.68 -18.22
C LEU E 467 -18.22 -22.87 -17.71
N GLN E 468 -17.61 -22.07 -18.58
CA GLN E 468 -16.39 -21.35 -18.23
C GLN E 468 -16.57 -20.47 -16.99
N GLU E 469 -17.80 -20.05 -16.68
CA GLU E 469 -18.01 -19.13 -15.56
C GLU E 469 -17.82 -19.80 -14.21
N LEU E 470 -17.48 -21.08 -14.17
CA LEU E 470 -17.01 -21.66 -12.92
C LEU E 470 -15.70 -21.04 -12.49
N GLN E 471 -14.84 -20.68 -13.46
CA GLN E 471 -13.58 -20.04 -13.12
C GLN E 471 -13.81 -18.69 -12.46
N THR E 472 -14.75 -17.91 -12.99
CA THR E 472 -15.13 -16.65 -12.35
C THR E 472 -15.68 -16.88 -10.94
N MET E 473 -16.32 -18.02 -10.71
N MET E 473 -16.30 -18.03 -10.71
CA MET E 473 -16.85 -18.31 -9.38
CA MET E 473 -16.86 -18.33 -9.40
C MET E 473 -15.71 -18.62 -8.41
C MET E 473 -15.76 -18.68 -8.39
N VAL E 474 -14.77 -19.47 -8.83
CA VAL E 474 -13.68 -19.85 -7.94
C VAL E 474 -12.72 -18.69 -7.72
N HIS E 475 -12.44 -17.93 -8.78
CA HIS E 475 -11.50 -16.81 -8.67
C HIS E 475 -11.92 -15.83 -7.59
N HIS E 476 -13.22 -15.53 -7.50
CA HIS E 476 -13.75 -14.61 -6.50
C HIS E 476 -14.27 -15.32 -5.25
N ASN E 477 -14.19 -16.65 -5.21
CA ASN E 477 -14.63 -17.44 -4.07
C ASN E 477 -16.07 -17.11 -3.69
N LEU E 478 -16.95 -17.16 -4.67
CA LEU E 478 -18.35 -16.76 -4.46
C LEU E 478 -19.12 -17.90 -3.80
N PRO E 479 -19.86 -17.63 -2.72
CA PRO E 479 -20.65 -18.70 -2.08
C PRO E 479 -21.88 -19.08 -2.89
N ILE E 480 -21.68 -19.63 -4.08
CA ILE E 480 -22.75 -20.05 -4.96
C ILE E 480 -22.94 -21.55 -4.78
N LYS E 481 -24.16 -21.95 -4.43
CA LYS E 481 -24.49 -23.36 -4.22
C LYS E 481 -25.18 -23.86 -5.48
N LEU E 482 -24.45 -24.64 -6.27
CA LEU E 482 -24.84 -25.01 -7.64
C LEU E 482 -25.38 -26.43 -7.66
N PHE E 483 -26.70 -26.57 -7.70
CA PHE E 483 -27.35 -27.86 -7.88
C PHE E 483 -27.53 -28.15 -9.37
N ILE E 484 -27.13 -29.35 -9.79
CA ILE E 484 -27.16 -29.74 -11.19
C ILE E 484 -28.02 -31.00 -11.31
N PHE E 485 -29.07 -30.92 -12.12
CA PHE E 485 -29.95 -32.06 -12.35
C PHE E 485 -29.42 -32.87 -13.52
N ASN E 486 -29.00 -34.11 -13.24
CA ASN E 486 -28.53 -35.01 -14.28
C ASN E 486 -29.69 -35.89 -14.71
N ASN E 487 -29.98 -35.90 -16.03
CA ASN E 487 -31.05 -36.75 -16.56
C ASN E 487 -30.73 -37.23 -17.96
N ASP E 488 -29.44 -37.37 -18.29
CA ASP E 488 -28.99 -37.95 -19.56
C ASP E 488 -29.46 -37.08 -20.74
N GLY E 489 -29.07 -35.81 -20.71
CA GLY E 489 -29.30 -34.93 -21.84
C GLY E 489 -30.46 -33.96 -21.67
N TYR E 490 -31.16 -33.69 -22.77
CA TYR E 490 -32.20 -32.66 -22.80
C TYR E 490 -33.56 -33.29 -22.52
N LEU E 491 -33.85 -33.50 -21.24
CA LEU E 491 -35.11 -34.15 -20.87
C LEU E 491 -36.31 -33.38 -21.44
N MET E 492 -36.25 -32.05 -21.38
CA MET E 492 -37.38 -31.24 -21.84
C MET E 492 -37.65 -31.46 -23.32
N ILE E 493 -36.61 -31.67 -24.12
CA ILE E 493 -36.80 -31.96 -25.53
C ILE E 493 -37.18 -33.42 -25.73
N LYS E 494 -36.71 -34.32 -24.86
CA LYS E 494 -37.10 -35.73 -24.97
C LYS E 494 -38.61 -35.88 -25.03
N HIS E 495 -39.31 -35.22 -24.10
CA HIS E 495 -40.77 -35.28 -24.10
C HIS E 495 -41.36 -34.67 -25.36
N THR E 496 -40.75 -33.59 -25.86
CA THR E 496 -41.28 -32.93 -27.05
C THR E 496 -41.25 -33.85 -28.26
N GLN E 497 -40.09 -34.44 -28.55
CA GLN E 497 -39.99 -35.33 -29.70
C GLN E 497 -40.61 -36.69 -29.46
N LYS E 498 -40.90 -37.05 -28.20
CA LYS E 498 -41.61 -38.30 -27.94
C LYS E 498 -43.10 -38.15 -28.17
N SER E 499 -43.66 -36.98 -27.84
CA SER E 499 -45.06 -36.73 -28.12
C SER E 499 -45.33 -36.62 -29.62
N LEU E 500 -44.35 -36.11 -30.38
CA LEU E 500 -44.55 -35.86 -31.79
C LEU E 500 -44.34 -37.13 -32.62
N PHE E 501 -43.26 -37.88 -32.36
CA PHE E 501 -42.87 -38.99 -33.21
C PHE E 501 -42.91 -40.36 -32.55
N LYS E 502 -42.96 -40.43 -31.22
CA LYS E 502 -43.06 -41.70 -30.52
C LYS E 502 -42.04 -42.71 -31.06
N SER E 503 -40.79 -42.25 -31.21
CA SER E 503 -39.73 -43.09 -31.72
C SER E 503 -38.47 -42.82 -30.89
N ASP E 504 -37.31 -43.16 -31.46
CA ASP E 504 -36.06 -43.06 -30.72
C ASP E 504 -35.60 -41.61 -30.62
N TYR E 505 -35.00 -41.28 -29.48
CA TYR E 505 -34.54 -39.94 -29.23
C TYR E 505 -33.52 -39.51 -30.27
N VAL E 506 -33.52 -38.21 -30.60
CA VAL E 506 -32.64 -37.63 -31.61
C VAL E 506 -32.03 -36.38 -31.03
N GLY E 507 -30.70 -36.35 -30.96
CA GLY E 507 -29.99 -35.20 -30.39
C GLY E 507 -30.47 -34.77 -29.03
N THR E 508 -30.73 -35.72 -28.13
CA THR E 508 -31.19 -35.38 -26.79
C THR E 508 -30.59 -36.22 -25.66
N ASP E 509 -29.85 -37.29 -25.96
CA ASP E 509 -29.23 -38.12 -24.95
C ASP E 509 -27.92 -38.64 -25.50
N ARG E 510 -27.20 -39.42 -24.68
CA ARG E 510 -25.87 -39.88 -25.07
C ARG E 510 -25.93 -40.79 -26.29
N LYS E 511 -26.97 -41.63 -26.37
CA LYS E 511 -27.13 -42.47 -27.55
C LYS E 511 -27.30 -41.64 -28.81
N SER E 512 -28.03 -40.54 -28.72
CA SER E 512 -28.43 -39.74 -29.86
C SER E 512 -27.50 -38.57 -30.16
N GLY E 513 -26.47 -38.36 -29.34
CA GLY E 513 -25.40 -37.45 -29.71
C GLY E 513 -25.11 -36.34 -28.71
N VAL E 514 -25.66 -36.42 -27.51
CA VAL E 514 -25.54 -35.37 -26.51
C VAL E 514 -25.16 -36.01 -25.17
N SER E 515 -23.93 -35.77 -24.73
CA SER E 515 -23.46 -36.25 -23.44
C SER E 515 -22.90 -35.08 -22.63
N CYS E 516 -22.97 -35.21 -21.31
CA CYS E 516 -22.47 -34.22 -20.39
C CYS E 516 -21.37 -34.81 -19.51
N PRO E 517 -20.36 -34.03 -19.13
CA PRO E 517 -19.28 -34.56 -18.31
C PRO E 517 -19.74 -34.82 -16.88
N ASP E 518 -18.88 -35.52 -16.14
CA ASP E 518 -19.09 -35.72 -14.71
C ASP E 518 -18.82 -34.41 -13.99
N PHE E 519 -19.87 -33.77 -13.49
CA PHE E 519 -19.71 -32.46 -12.89
C PHE E 519 -19.07 -32.49 -11.51
N SER E 520 -19.00 -33.66 -10.88
CA SER E 520 -18.24 -33.78 -9.64
C SER E 520 -16.74 -33.90 -9.93
N ARG E 521 -16.38 -34.66 -10.97
CA ARG E 521 -14.98 -34.71 -11.39
C ARG E 521 -14.53 -33.34 -11.90
N LEU E 522 -15.42 -32.65 -12.62
CA LEU E 522 -15.11 -31.32 -13.11
C LEU E 522 -14.96 -30.32 -11.96
N ALA E 523 -15.74 -30.49 -10.89
CA ALA E 523 -15.64 -29.59 -9.75
C ALA E 523 -14.27 -29.70 -9.09
N ALA E 524 -13.80 -30.92 -8.86
CA ALA E 524 -12.49 -31.12 -8.26
C ALA E 524 -11.41 -30.43 -9.08
N ALA E 525 -11.52 -30.49 -10.42
CA ALA E 525 -10.54 -29.82 -11.27
C ALA E 525 -10.53 -28.31 -11.04
N PHE E 526 -11.68 -27.71 -10.74
CA PHE E 526 -11.77 -26.30 -10.42
C PHE E 526 -11.55 -26.01 -8.93
N ASP E 527 -11.25 -27.03 -8.13
CA ASP E 527 -11.08 -26.87 -6.68
C ASP E 527 -12.39 -26.45 -6.01
N ILE E 528 -13.49 -27.07 -6.43
CA ILE E 528 -14.82 -26.81 -5.87
C ILE E 528 -15.27 -28.07 -5.15
N PRO E 529 -15.63 -28.01 -3.87
CA PRO E 529 -16.17 -29.19 -3.21
C PRO E 529 -17.45 -29.68 -3.90
N ALA E 530 -17.55 -30.99 -4.08
CA ALA E 530 -18.64 -31.60 -4.83
C ALA E 530 -19.39 -32.60 -3.96
N TYR E 531 -20.67 -32.76 -4.26
CA TYR E 531 -21.52 -33.74 -3.59
C TYR E 531 -22.41 -34.38 -4.64
N GLN E 532 -23.04 -35.49 -4.25
CA GLN E 532 -24.01 -36.18 -5.09
C GLN E 532 -25.19 -36.58 -4.24
N ILE E 533 -26.39 -36.46 -4.81
CA ILE E 533 -27.62 -36.92 -4.18
C ILE E 533 -28.28 -37.89 -5.14
N ARG E 534 -28.37 -39.15 -4.73
CA ARG E 534 -29.01 -40.18 -5.54
C ARG E 534 -30.21 -40.79 -4.85
N GLY E 535 -30.18 -40.94 -3.52
CA GLY E 535 -31.29 -41.46 -2.77
C GLY E 535 -31.61 -40.57 -1.59
N TRP E 536 -32.71 -40.89 -0.91
CA TRP E 536 -33.19 -40.06 0.18
C TRP E 536 -32.36 -40.20 1.45
N ASP E 537 -31.62 -41.30 1.60
CA ASP E 537 -30.88 -41.55 2.83
C ASP E 537 -29.89 -40.43 3.13
N GLU E 538 -29.01 -40.13 2.17
CA GLU E 538 -27.98 -39.12 2.35
C GLU E 538 -28.46 -37.71 2.02
N CYS E 539 -29.74 -37.54 1.72
CA CYS E 539 -30.22 -36.25 1.20
C CYS E 539 -30.09 -35.16 2.26
N ASP E 540 -30.81 -35.30 3.38
CA ASP E 540 -30.84 -34.23 4.37
C ASP E 540 -29.45 -33.91 4.91
N ALA E 541 -28.56 -34.90 4.95
CA ALA E 541 -27.19 -34.62 5.40
C ALA E 541 -26.44 -33.83 4.36
N THR E 542 -26.53 -34.25 3.09
CA THR E 542 -25.84 -33.52 2.02
C THR E 542 -26.33 -32.08 1.93
N LEU E 543 -27.66 -31.88 1.97
CA LEU E 543 -28.20 -30.54 1.81
C LEU E 543 -27.71 -29.62 2.92
N ALA E 544 -27.66 -30.11 4.16
CA ALA E 544 -27.17 -29.27 5.25
C ALA E 544 -25.71 -28.89 5.05
N LYS E 545 -24.91 -29.79 4.47
CA LYS E 545 -23.50 -29.49 4.24
C LYS E 545 -23.32 -28.48 3.11
N VAL E 546 -24.11 -28.61 2.04
CA VAL E 546 -24.03 -27.65 0.95
C VAL E 546 -24.38 -26.26 1.44
N GLN E 547 -25.44 -26.15 2.26
CA GLN E 547 -25.85 -24.85 2.77
C GLN E 547 -24.84 -24.26 3.76
N ALA E 548 -24.05 -25.11 4.41
CA ALA E 548 -23.11 -24.62 5.43
C ALA E 548 -21.81 -24.11 4.84
N HIS E 549 -21.42 -24.57 3.66
CA HIS E 549 -20.16 -24.16 3.06
C HIS E 549 -20.06 -22.63 3.02
N THR E 550 -18.82 -22.14 3.06
CA THR E 550 -18.53 -20.72 2.95
C THR E 550 -18.20 -20.28 1.54
N GLY E 551 -17.92 -21.23 0.63
CA GLY E 551 -17.55 -20.92 -0.72
C GLY E 551 -18.39 -21.68 -1.74
N PRO E 552 -17.90 -21.77 -2.97
CA PRO E 552 -18.67 -22.44 -4.02
C PRO E 552 -18.78 -23.94 -3.77
N VAL E 553 -19.94 -24.50 -4.13
CA VAL E 553 -20.24 -25.91 -3.96
C VAL E 553 -21.02 -26.40 -5.16
N ILE E 554 -20.77 -27.64 -5.56
CA ILE E 554 -21.51 -28.33 -6.61
C ILE E 554 -22.18 -29.55 -6.01
N CYS E 555 -23.43 -29.80 -6.40
CA CYS E 555 -24.20 -30.92 -5.86
C CYS E 555 -25.06 -31.50 -7.00
N GLU E 556 -24.59 -32.62 -7.55
CA GLU E 556 -25.30 -33.31 -8.63
C GLU E 556 -26.52 -34.03 -8.07
N VAL E 557 -27.69 -33.73 -8.62
CA VAL E 557 -28.93 -34.41 -8.26
C VAL E 557 -29.28 -35.32 -9.43
N PHE E 558 -29.25 -36.62 -9.18
CA PHE E 558 -29.54 -37.60 -10.22
C PHE E 558 -31.03 -37.92 -10.22
N MET E 559 -31.64 -37.84 -11.40
CA MET E 559 -33.06 -38.12 -11.57
C MET E 559 -33.25 -39.07 -12.74
N HIS E 560 -34.45 -39.65 -12.82
CA HIS E 560 -34.75 -40.60 -13.88
C HIS E 560 -34.56 -39.95 -15.24
N PRO E 561 -33.82 -40.58 -16.16
CA PRO E 561 -33.55 -39.92 -17.46
C PRO E 561 -34.77 -39.74 -18.34
N GLN E 562 -35.97 -40.08 -17.86
CA GLN E 562 -37.18 -39.90 -18.64
C GLN E 562 -38.34 -39.45 -17.76
N GLN E 563 -38.05 -38.89 -16.59
CA GLN E 563 -39.10 -38.45 -15.68
C GLN E 563 -40.03 -37.49 -16.40
N LEU E 564 -41.31 -37.53 -16.03
CA LEU E 564 -42.28 -36.62 -16.59
C LEU E 564 -42.21 -35.26 -15.89
N PHE E 565 -42.51 -34.22 -16.66
CA PHE E 565 -42.81 -32.90 -16.11
C PHE E 565 -44.32 -32.73 -16.11
N SER E 566 -44.91 -32.62 -14.93
CA SER E 566 -46.34 -32.47 -14.79
C SER E 566 -46.62 -31.70 -13.51
N PRO E 567 -47.83 -31.13 -13.36
CA PRO E 567 -48.92 -31.04 -14.36
C PRO E 567 -48.52 -30.16 -15.53
N LYS E 568 -48.96 -30.54 -16.73
CA LYS E 568 -48.61 -29.81 -17.95
C LYS E 568 -49.81 -29.83 -18.89
N LEU E 569 -50.03 -28.71 -19.57
CA LEU E 569 -51.07 -28.63 -20.59
C LEU E 569 -50.50 -29.21 -21.87
N GLY E 570 -50.93 -30.42 -22.23
CA GLY E 570 -50.37 -31.13 -23.35
C GLY E 570 -51.46 -31.66 -24.28
N VAL E 571 -51.03 -32.04 -25.47
CA VAL E 571 -51.92 -32.58 -26.48
C VAL E 571 -52.29 -34.01 -26.11
N VAL E 572 -53.59 -34.32 -26.14
CA VAL E 572 -54.11 -35.63 -25.80
C VAL E 572 -54.82 -36.20 -27.02
N SER E 573 -54.58 -37.47 -27.29
CA SER E 573 -55.25 -38.16 -28.39
C SER E 573 -56.64 -38.59 -27.96
N ARG E 574 -57.66 -38.12 -28.67
CA ARG E 574 -59.06 -38.43 -28.33
C ARG E 574 -59.38 -39.91 -28.47
N THR E 578 -58.29 -38.68 -32.90
CA THR E 578 -57.89 -37.32 -33.25
C THR E 578 -57.19 -36.64 -32.07
N LEU E 579 -56.36 -35.65 -32.36
CA LEU E 579 -55.65 -34.91 -31.34
C LEU E 579 -56.47 -33.71 -30.90
N VAL E 580 -56.36 -33.38 -29.62
CA VAL E 580 -57.14 -32.30 -29.01
C VAL E 580 -56.23 -31.49 -28.09
N SER E 581 -56.38 -30.16 -28.15
CA SER E 581 -55.69 -29.26 -27.23
C SER E 581 -56.67 -28.88 -26.12
N PRO E 582 -56.64 -29.54 -24.97
CA PRO E 582 -57.67 -29.30 -23.96
C PRO E 582 -57.63 -27.87 -23.46
N PRO E 583 -58.71 -27.40 -22.82
CA PRO E 583 -58.68 -26.07 -22.21
C PRO E 583 -57.67 -26.00 -21.08
N LEU E 584 -57.47 -24.79 -20.57
CA LEU E 584 -56.38 -24.54 -19.64
C LEU E 584 -56.50 -25.37 -18.36
N GLU E 585 -57.73 -25.62 -17.90
CA GLU E 585 -57.93 -26.34 -16.64
C GLU E 585 -57.58 -27.82 -16.73
N ASP E 586 -57.64 -28.41 -17.93
CA ASP E 586 -57.52 -29.85 -18.08
C ASP E 586 -56.06 -30.21 -18.34
N LEU E 587 -55.28 -30.21 -17.25
CA LEU E 587 -53.86 -30.49 -17.33
C LEU E 587 -53.58 -31.99 -17.31
N SER E 588 -52.48 -32.39 -17.96
CA SER E 588 -52.06 -33.78 -18.06
C SER E 588 -51.05 -34.11 -16.96
N PRO E 589 -51.05 -35.34 -16.43
CA PRO E 589 -51.96 -36.47 -16.70
C PRO E 589 -53.40 -36.12 -16.34
N LEU E 590 -54.34 -36.41 -17.23
CA LEU E 590 -55.71 -35.97 -17.06
C LEU E 590 -56.33 -36.58 -15.81
N ILE E 591 -57.09 -35.78 -15.08
CA ILE E 591 -57.83 -36.27 -13.92
C ILE E 591 -59.10 -36.94 -14.45
N PRO E 592 -59.72 -37.83 -13.68
CA PRO E 592 -60.96 -38.46 -14.17
C PRO E 592 -62.00 -37.41 -14.52
N ARG E 593 -62.85 -37.76 -15.49
CA ARG E 593 -63.81 -36.80 -16.02
C ARG E 593 -64.82 -36.37 -14.97
N ASP E 594 -65.30 -37.29 -14.15
CA ASP E 594 -66.28 -36.93 -13.13
C ASP E 594 -65.68 -36.00 -12.08
N VAL E 595 -64.37 -36.13 -11.81
CA VAL E 595 -63.71 -35.21 -10.91
C VAL E 595 -63.65 -33.81 -11.52
N LEU E 596 -63.20 -33.73 -12.78
CA LEU E 596 -63.14 -32.45 -13.47
C LEU E 596 -64.51 -31.79 -13.54
N GLU E 597 -65.56 -32.61 -13.72
CA GLU E 597 -66.90 -32.04 -13.79
C GLU E 597 -67.28 -31.36 -12.48
N GLN E 598 -66.87 -31.94 -11.35
CA GLN E 598 -67.16 -31.33 -10.06
C GLN E 598 -66.29 -30.13 -9.78
N ALA E 599 -65.10 -30.07 -10.37
CA ALA E 599 -64.19 -28.96 -10.12
C ALA E 599 -64.56 -27.71 -10.91
N MET E 600 -65.24 -27.87 -12.04
CA MET E 600 -65.61 -26.74 -12.89
C MET E 600 -66.99 -26.24 -12.50
N ILE E 601 -67.05 -24.96 -12.11
CA ILE E 601 -68.31 -24.39 -11.63
C ILE E 601 -69.43 -24.63 -12.65
N GLY E 602 -69.14 -24.42 -13.92
CA GLY E 602 -70.13 -24.61 -14.96
C GLY E 602 -70.12 -25.95 -15.64
N GLY E 603 -69.35 -26.90 -15.15
CA GLY E 603 -69.20 -28.17 -15.87
C GLY E 603 -68.13 -28.08 -16.92
N MET E 604 -67.55 -29.24 -17.24
CA MET E 604 -66.34 -29.26 -18.06
C MET E 604 -66.61 -28.73 -19.46
N HIS E 605 -65.53 -28.31 -20.11
CA HIS E 605 -65.59 -27.80 -21.47
C HIS E 605 -65.88 -28.94 -22.45
N GLU E 606 -66.48 -28.57 -23.60
CA GLU E 606 -66.85 -29.58 -24.59
C GLU E 606 -65.64 -30.43 -24.98
N LYS E 607 -64.46 -29.82 -25.07
CA LYS E 607 -63.26 -30.57 -25.44
C LYS E 607 -62.93 -31.64 -24.41
N SER E 608 -63.22 -31.38 -23.13
CA SER E 608 -62.80 -32.27 -22.06
C SER E 608 -63.66 -33.52 -21.94
N LYS E 609 -64.86 -33.52 -22.53
CA LYS E 609 -65.80 -34.62 -22.32
C LYS E 609 -65.40 -35.88 -23.07
N THR E 610 -64.61 -35.77 -24.13
CA THR E 610 -64.27 -36.92 -24.97
C THR E 610 -62.88 -37.47 -24.69
N LEU E 611 -62.16 -36.91 -23.71
CA LEU E 611 -60.80 -37.34 -23.41
C LEU E 611 -60.79 -38.56 -22.48
N ASP F 4 -53.66 -39.59 -50.28
CA ASP F 4 -52.86 -38.56 -49.64
C ASP F 4 -51.42 -38.64 -50.14
N ASN F 5 -51.10 -37.82 -51.14
CA ASN F 5 -49.77 -37.79 -51.75
C ASN F 5 -48.96 -36.60 -51.27
N LYS F 6 -49.05 -36.27 -49.99
CA LYS F 6 -48.33 -35.14 -49.42
C LYS F 6 -47.17 -35.62 -48.55
N VAL F 7 -46.10 -34.84 -48.53
CA VAL F 7 -44.88 -35.15 -47.80
C VAL F 7 -44.58 -34.01 -46.85
N LYS F 8 -44.05 -34.36 -45.67
CA LYS F 8 -43.66 -33.35 -44.69
C LYS F 8 -42.58 -32.45 -45.26
N VAL F 9 -42.71 -31.14 -45.02
CA VAL F 9 -41.74 -30.20 -45.55
C VAL F 9 -40.34 -30.52 -45.01
N ALA F 10 -40.25 -30.79 -43.71
CA ALA F 10 -38.95 -31.12 -43.12
C ALA F 10 -38.26 -32.24 -43.88
N GLU F 11 -39.03 -33.26 -44.29
CA GLU F 11 -38.45 -34.35 -45.06
C GLU F 11 -38.02 -33.90 -46.45
N LEU F 12 -38.69 -32.92 -47.03
CA LEU F 12 -38.23 -32.36 -48.30
C LEU F 12 -36.98 -31.52 -48.11
N VAL F 13 -36.79 -30.95 -46.93
CA VAL F 13 -35.57 -30.21 -46.64
C VAL F 13 -34.39 -31.17 -46.47
N ALA F 14 -34.60 -32.27 -45.73
CA ALA F 14 -33.55 -33.27 -45.59
C ALA F 14 -33.11 -33.79 -46.95
N GLU F 15 -34.07 -34.02 -47.85
CA GLU F 15 -33.73 -34.45 -49.20
C GLU F 15 -32.92 -33.38 -49.93
N ALA F 16 -33.33 -32.11 -49.80
CA ALA F 16 -32.63 -31.05 -50.51
C ALA F 16 -31.20 -30.89 -50.02
N LEU F 17 -30.95 -31.16 -48.74
CA LEU F 17 -29.58 -31.12 -48.24
C LEU F 17 -28.72 -32.18 -48.95
N GLU F 18 -29.24 -33.40 -49.04
CA GLU F 18 -28.51 -34.45 -49.75
C GLU F 18 -28.24 -34.05 -51.19
N ASN F 19 -29.28 -33.56 -51.89
CA ASN F 19 -29.08 -33.14 -53.27
C ASN F 19 -28.04 -32.02 -53.38
N LEU F 20 -27.91 -31.21 -52.34
CA LEU F 20 -26.95 -30.12 -52.32
C LEU F 20 -25.57 -30.56 -51.85
N GLY F 21 -25.40 -31.83 -51.51
CA GLY F 21 -24.11 -32.34 -51.09
C GLY F 21 -23.71 -32.02 -49.66
N ILE F 22 -24.65 -31.57 -48.84
CA ILE F 22 -24.35 -31.20 -47.46
C ILE F 22 -24.40 -32.47 -46.62
N GLN F 23 -23.24 -32.88 -46.10
CA GLN F 23 -23.10 -34.12 -45.36
C GLN F 23 -22.96 -33.91 -43.85
N HIS F 24 -22.70 -32.70 -43.39
CA HIS F 24 -22.57 -32.41 -41.97
C HIS F 24 -23.39 -31.19 -41.60
N ALA F 25 -24.13 -31.29 -40.50
CA ALA F 25 -24.92 -30.18 -39.96
C ALA F 25 -24.62 -30.04 -38.47
N PHE F 26 -24.06 -28.89 -38.08
CA PHE F 26 -23.77 -28.59 -36.69
C PHE F 26 -24.90 -27.74 -36.10
N GLY F 27 -25.30 -28.05 -34.87
CA GLY F 27 -26.34 -27.27 -34.25
C GLY F 27 -26.77 -27.87 -32.91
N ILE F 28 -27.82 -27.29 -32.35
CA ILE F 28 -28.43 -27.75 -31.11
C ILE F 28 -29.93 -27.86 -31.32
N ILE F 29 -30.51 -28.95 -30.82
CA ILE F 29 -31.93 -29.18 -31.05
C ILE F 29 -32.76 -28.23 -30.21
N GLY F 30 -34.01 -28.06 -30.63
CA GLY F 30 -34.95 -27.23 -29.89
C GLY F 30 -36.32 -27.36 -30.52
N ALA F 31 -37.33 -26.89 -29.78
CA ALA F 31 -38.69 -26.92 -30.29
C ALA F 31 -38.79 -26.34 -31.70
N GLY F 32 -37.98 -25.32 -32.00
CA GLY F 32 -38.04 -24.64 -33.28
C GLY F 32 -37.38 -25.36 -34.44
N ASN F 33 -36.69 -26.47 -34.18
CA ASN F 33 -36.10 -27.24 -35.28
C ASN F 33 -36.17 -28.74 -35.02
N VAL F 34 -36.99 -29.19 -34.06
CA VAL F 34 -37.09 -30.62 -33.77
C VAL F 34 -37.58 -31.39 -34.98
N HIS F 35 -38.44 -30.79 -35.80
CA HIS F 35 -38.91 -31.47 -37.00
C HIS F 35 -37.79 -31.64 -38.02
N LEU F 36 -36.83 -30.72 -38.07
CA LEU F 36 -35.70 -30.86 -38.98
C LEU F 36 -34.71 -31.90 -38.47
N PHE F 37 -34.42 -31.90 -37.17
CA PHE F 37 -33.57 -32.94 -36.60
C PHE F 37 -34.10 -34.33 -36.95
N GLU F 38 -35.40 -34.55 -36.71
CA GLU F 38 -36.01 -35.83 -37.02
C GLU F 38 -35.82 -36.20 -38.48
N ALA F 39 -36.23 -35.30 -39.39
CA ALA F 39 -36.16 -35.63 -40.82
C ALA F 39 -34.74 -35.88 -41.26
N ILE F 40 -33.79 -35.08 -40.80
CA ILE F 40 -32.40 -35.26 -41.20
C ILE F 40 -31.85 -36.57 -40.62
N ALA F 41 -32.24 -36.91 -39.39
CA ALA F 41 -31.77 -38.15 -38.78
C ALA F 41 -32.35 -39.37 -39.46
N ARG F 42 -33.62 -39.30 -39.88
CA ARG F 42 -34.27 -40.45 -40.49
C ARG F 42 -33.79 -40.69 -41.91
N ARG F 43 -33.35 -39.65 -42.61
CA ARG F 43 -32.83 -39.85 -43.97
C ARG F 43 -31.42 -40.42 -43.96
N GLY F 44 -30.61 -40.06 -42.96
CA GLY F 44 -29.34 -40.69 -42.73
C GLY F 44 -28.22 -40.28 -43.64
N TYR F 45 -28.41 -39.25 -44.46
CA TYR F 45 -27.32 -38.79 -45.31
C TYR F 45 -26.45 -37.75 -44.61
N THR F 46 -27.08 -36.76 -44.00
CA THR F 46 -26.37 -35.65 -43.37
C THR F 46 -26.19 -35.95 -41.89
N GLU F 47 -24.94 -35.99 -41.44
CA GLU F 47 -24.64 -36.26 -40.05
C GLU F 47 -24.82 -35.01 -39.20
N ILE F 48 -25.61 -35.12 -38.15
CA ILE F 48 -25.86 -34.01 -37.23
C ILE F 48 -24.86 -34.10 -36.09
N VAL F 49 -23.97 -33.11 -36.00
CA VAL F 49 -23.04 -32.99 -34.89
C VAL F 49 -23.67 -32.07 -33.85
N CYS F 50 -23.90 -32.59 -32.65
CA CYS F 50 -24.49 -31.81 -31.57
C CYS F 50 -23.38 -31.10 -30.80
N VAL F 51 -23.35 -29.78 -30.88
CA VAL F 51 -22.42 -28.97 -30.10
C VAL F 51 -23.09 -28.57 -28.80
N HIS F 52 -22.37 -27.85 -27.94
CA HIS F 52 -22.90 -27.40 -26.66
C HIS F 52 -23.03 -25.89 -26.56
N HIS F 53 -22.74 -25.18 -27.64
CA HIS F 53 -23.06 -23.75 -27.74
C HIS F 53 -23.13 -23.41 -29.21
N GLU F 54 -24.27 -22.85 -29.64
CA GLU F 54 -24.50 -22.63 -31.07
C GLU F 54 -23.37 -21.83 -31.71
N GLN F 55 -22.70 -20.98 -30.95
CA GLN F 55 -21.53 -20.26 -31.47
C GLN F 55 -20.53 -21.21 -32.09
N ALA F 56 -20.34 -22.40 -31.50
CA ALA F 56 -19.39 -23.36 -32.04
C ALA F 56 -19.89 -23.96 -33.35
N ALA F 57 -21.21 -24.13 -33.49
CA ALA F 57 -21.77 -24.65 -34.74
C ALA F 57 -21.41 -23.73 -35.90
N CYS F 58 -21.62 -22.42 -35.72
CA CYS F 58 -21.40 -21.46 -36.80
C CYS F 58 -19.94 -21.18 -37.06
N MET F 59 -19.03 -21.64 -36.18
CA MET F 59 -17.60 -21.57 -36.45
C MET F 59 -17.08 -22.83 -37.13
N ALA F 60 -17.55 -24.01 -36.70
CA ALA F 60 -17.09 -25.27 -37.28
C ALA F 60 -17.37 -25.33 -38.78
N VAL F 61 -18.52 -24.80 -39.21
CA VAL F 61 -18.87 -24.88 -40.62
C VAL F 61 -17.86 -24.13 -41.48
N GLN F 62 -17.20 -23.12 -40.91
CA GLN F 62 -16.25 -22.34 -41.69
C GLN F 62 -15.05 -23.18 -42.10
N THR F 63 -14.28 -23.66 -41.12
CA THR F 63 -13.12 -24.48 -41.41
C THR F 63 -13.49 -25.82 -42.02
N TYR F 64 -14.74 -26.27 -41.83
CA TYR F 64 -15.21 -27.45 -42.54
C TYR F 64 -15.11 -27.25 -44.04
N TYR F 65 -15.64 -26.14 -44.55
CA TYR F 65 -15.58 -25.90 -45.99
C TYR F 65 -14.16 -25.62 -46.45
N ARG F 66 -13.39 -24.85 -45.68
CA ARG F 66 -12.03 -24.55 -46.07
C ARG F 66 -11.17 -25.81 -46.22
N THR F 67 -11.59 -26.92 -45.59
CA THR F 67 -10.80 -28.14 -45.65
C THR F 67 -10.82 -28.75 -47.05
N ASN F 68 -12.00 -29.11 -47.54
CA ASN F 68 -12.12 -29.86 -48.78
C ASN F 68 -12.99 -29.18 -49.84
N GLY F 69 -13.67 -28.09 -49.51
CA GLY F 69 -14.55 -27.42 -50.45
C GLY F 69 -16.01 -27.83 -50.36
N ARG F 70 -16.41 -28.53 -49.31
CA ARG F 70 -17.80 -28.93 -49.10
C ARG F 70 -18.45 -28.02 -48.06
N ILE F 71 -19.60 -27.46 -48.42
CA ILE F 71 -20.31 -26.54 -47.53
C ILE F 71 -20.98 -27.34 -46.43
N ALA F 72 -21.19 -26.69 -45.29
CA ALA F 72 -21.86 -27.29 -44.15
C ALA F 72 -22.95 -26.33 -43.66
N ALA F 73 -23.94 -26.89 -42.98
CA ALA F 73 -25.08 -26.12 -42.49
C ALA F 73 -25.05 -26.04 -40.98
N ALA F 74 -25.47 -24.90 -40.45
CA ALA F 74 -25.65 -24.72 -39.02
C ALA F 74 -27.13 -24.78 -38.70
N LEU F 75 -27.51 -25.66 -37.77
CA LEU F 75 -28.91 -25.96 -37.52
C LEU F 75 -29.30 -25.43 -36.14
N LEU F 76 -29.81 -24.20 -36.12
CA LEU F 76 -30.16 -23.50 -34.89
C LEU F 76 -31.66 -23.52 -34.65
N THR F 77 -32.05 -23.15 -33.44
CA THR F 77 -33.45 -23.14 -33.02
C THR F 77 -33.87 -21.71 -32.66
N THR F 78 -35.06 -21.61 -32.08
CA THR F 78 -35.68 -20.32 -31.81
C THR F 78 -35.00 -19.63 -30.63
N GLY F 79 -35.06 -18.31 -30.63
CA GLY F 79 -34.60 -17.54 -29.49
C GLY F 79 -33.09 -17.62 -29.32
N ALA F 80 -32.65 -18.03 -28.13
CA ALA F 80 -31.22 -18.07 -27.86
C ALA F 80 -30.48 -18.97 -28.82
N GLY F 81 -31.16 -19.99 -29.37
CA GLY F 81 -30.53 -20.85 -30.34
C GLY F 81 -29.99 -20.08 -31.55
N SER F 82 -30.63 -18.96 -31.89
CA SER F 82 -30.17 -18.17 -33.03
C SER F 82 -29.24 -17.04 -32.62
N THR F 83 -29.51 -16.40 -31.47
CA THR F 83 -28.65 -15.31 -31.03
C THR F 83 -27.28 -15.83 -30.60
N ASN F 84 -27.19 -17.09 -30.17
CA ASN F 84 -25.89 -17.63 -29.76
C ASN F 84 -24.94 -17.79 -30.93
N GLY F 85 -25.47 -18.01 -32.13
CA GLY F 85 -24.64 -18.23 -33.29
C GLY F 85 -24.17 -16.99 -34.02
N VAL F 86 -24.64 -15.81 -33.61
CA VAL F 86 -24.34 -14.60 -34.37
C VAL F 86 -22.84 -14.44 -34.55
N THR F 87 -22.07 -14.63 -33.48
CA THR F 87 -20.63 -14.42 -33.55
C THR F 87 -19.99 -15.28 -34.63
N GLY F 88 -20.46 -16.51 -34.80
CA GLY F 88 -19.92 -17.35 -35.87
C GLY F 88 -20.25 -16.79 -37.25
N VAL F 89 -21.45 -16.23 -37.40
CA VAL F 89 -21.85 -15.69 -38.70
C VAL F 89 -20.95 -14.53 -39.07
N VAL F 90 -20.62 -13.65 -38.12
CA VAL F 90 -19.82 -12.48 -38.43
C VAL F 90 -18.40 -12.88 -38.84
N SER F 91 -17.83 -13.88 -38.18
CA SER F 91 -16.47 -14.30 -38.55
C SER F 91 -16.44 -14.86 -39.96
N ALA F 92 -17.42 -15.69 -40.31
CA ALA F 92 -17.54 -16.15 -41.70
C ALA F 92 -17.69 -14.97 -42.64
N TRP F 93 -18.51 -13.98 -42.26
CA TRP F 93 -18.70 -12.81 -43.09
C TRP F 93 -17.40 -12.05 -43.32
N ALA F 94 -16.59 -11.88 -42.27
CA ALA F 94 -15.38 -11.07 -42.36
C ALA F 94 -14.23 -11.79 -43.05
N ASP F 95 -14.24 -13.12 -43.08
CA ASP F 95 -13.19 -13.90 -43.71
C ASP F 95 -13.58 -14.44 -45.09
N SER F 96 -14.81 -14.20 -45.53
CA SER F 96 -15.28 -14.60 -46.87
C SER F 96 -15.37 -16.13 -46.99
N ILE F 97 -15.95 -16.76 -45.98
CA ILE F 97 -16.05 -18.22 -45.91
C ILE F 97 -17.52 -18.60 -46.12
N PRO F 98 -17.84 -19.44 -47.09
CA PRO F 98 -19.24 -19.80 -47.35
C PRO F 98 -19.77 -20.80 -46.34
N CYS F 99 -21.08 -20.72 -46.11
CA CYS F 99 -21.79 -21.59 -45.18
C CYS F 99 -23.22 -21.08 -45.11
N ILE F 100 -24.15 -21.95 -44.71
CA ILE F 100 -25.55 -21.60 -44.59
C ILE F 100 -26.05 -21.95 -43.20
N VAL F 101 -26.87 -21.06 -42.64
CA VAL F 101 -27.50 -21.26 -41.34
C VAL F 101 -28.98 -21.54 -41.59
N ILE F 102 -29.50 -22.57 -40.94
CA ILE F 102 -30.90 -22.96 -41.03
C ILE F 102 -31.49 -22.82 -39.63
N ALA F 103 -32.25 -21.76 -39.41
CA ALA F 103 -32.73 -21.39 -38.08
C ALA F 103 -34.24 -21.57 -38.01
N GLY F 104 -34.71 -22.20 -36.94
CA GLY F 104 -36.13 -22.31 -36.69
C GLY F 104 -36.66 -21.04 -36.04
N ASN F 105 -37.97 -21.02 -35.81
CA ASN F 105 -38.59 -19.87 -35.16
C ASN F 105 -40.00 -20.27 -34.76
N GLU F 106 -40.69 -19.34 -34.09
CA GLU F 106 -42.08 -19.54 -33.66
C GLU F 106 -42.99 -19.77 -34.86
N ASN F 107 -44.28 -20.01 -34.59
N ASN F 107 -44.29 -20.02 -34.60
CA ASN F 107 -45.26 -20.18 -35.65
CA ASN F 107 -45.25 -20.20 -35.67
C ASN F 107 -45.27 -18.96 -36.57
C ASN F 107 -45.29 -18.96 -36.56
N SER F 108 -45.54 -19.20 -37.86
CA SER F 108 -45.47 -18.12 -38.84
C SER F 108 -46.50 -17.02 -38.59
N LYS F 109 -47.56 -17.29 -37.84
CA LYS F 109 -48.51 -16.23 -37.51
C LYS F 109 -47.92 -15.18 -36.58
N PHE F 110 -46.79 -15.50 -35.92
CA PHE F 110 -46.11 -14.53 -35.07
C PHE F 110 -44.92 -13.86 -35.75
N THR F 111 -44.39 -14.46 -36.81
CA THR F 111 -43.09 -14.04 -37.35
C THR F 111 -43.30 -13.00 -38.46
N PHE F 112 -43.49 -11.74 -38.05
CA PHE F 112 -43.47 -10.64 -39.00
C PHE F 112 -42.96 -9.36 -38.35
N PRO F 113 -42.19 -8.55 -39.08
CA PRO F 113 -41.60 -7.34 -38.46
C PRO F 113 -42.61 -6.35 -37.90
N GLU F 114 -43.84 -6.33 -38.39
CA GLU F 114 -44.83 -5.39 -37.88
C GLU F 114 -45.39 -5.80 -36.52
N ASN F 115 -44.94 -6.93 -35.98
CA ASN F 115 -45.42 -7.38 -34.68
C ASN F 115 -45.07 -6.32 -33.65
N PRO F 116 -46.06 -5.63 -33.07
CA PRO F 116 -45.75 -4.54 -32.12
C PRO F 116 -45.14 -5.02 -30.81
N LEU F 117 -45.14 -6.33 -30.54
CA LEU F 117 -44.62 -6.83 -29.27
C LEU F 117 -43.11 -7.00 -29.30
N ARG F 118 -42.49 -6.94 -28.12
CA ARG F 118 -41.04 -7.01 -28.02
C ARG F 118 -40.49 -8.32 -28.58
N MET F 119 -41.22 -9.42 -28.38
CA MET F 119 -40.82 -10.72 -28.87
C MET F 119 -41.98 -11.35 -29.64
N TRP F 120 -41.64 -12.36 -30.45
CA TRP F 120 -42.60 -13.08 -31.28
C TRP F 120 -43.01 -14.37 -30.60
N GLY F 121 -44.30 -14.64 -30.55
CA GLY F 121 -44.76 -15.89 -29.97
C GLY F 121 -44.24 -16.06 -28.55
N VAL F 122 -43.73 -17.25 -28.26
CA VAL F 122 -43.28 -17.54 -26.91
C VAL F 122 -41.93 -16.86 -26.66
N GLN F 123 -40.94 -17.11 -27.53
CA GLN F 123 -39.58 -16.68 -27.27
C GLN F 123 -38.85 -16.39 -28.58
N GLY F 124 -39.56 -15.88 -29.58
CA GLY F 124 -38.98 -15.64 -30.89
C GLY F 124 -38.66 -14.18 -31.18
N TYR F 125 -37.78 -13.96 -32.17
CA TYR F 125 -37.41 -12.61 -32.57
C TYR F 125 -37.10 -12.65 -34.06
N ASP F 126 -36.76 -11.49 -34.63
CA ASP F 126 -36.42 -11.40 -36.05
C ASP F 126 -34.94 -11.76 -36.24
N SER F 127 -34.67 -13.05 -36.46
CA SER F 127 -33.29 -13.49 -36.61
C SER F 127 -32.68 -13.05 -37.93
N CYS F 128 -33.50 -12.74 -38.94
CA CYS F 128 -32.94 -12.25 -40.20
C CYS F 128 -32.42 -10.82 -40.04
N GLN F 129 -33.19 -9.97 -39.37
CA GLN F 129 -32.76 -8.59 -39.17
C GLN F 129 -31.45 -8.52 -38.39
N MET F 130 -31.27 -9.40 -37.41
CA MET F 130 -30.09 -9.30 -36.55
C MET F 130 -28.80 -9.55 -37.33
N VAL F 131 -28.84 -10.41 -38.34
CA VAL F 131 -27.67 -10.68 -39.18
C VAL F 131 -27.78 -9.97 -40.53
N GLU F 132 -28.63 -8.94 -40.63
CA GLU F 132 -28.88 -8.28 -41.90
C GLU F 132 -27.62 -7.66 -42.48
N ARG F 133 -26.71 -7.18 -41.64
CA ARG F 133 -25.52 -6.48 -42.09
C ARG F 133 -24.25 -7.34 -41.99
N VAL F 134 -24.39 -8.62 -41.67
CA VAL F 134 -23.23 -9.49 -41.49
C VAL F 134 -23.47 -10.84 -42.17
N SER F 135 -24.28 -10.85 -43.22
CA SER F 135 -24.47 -12.03 -44.04
C SER F 135 -24.82 -11.59 -45.45
N LYS F 136 -24.74 -12.52 -46.39
CA LYS F 136 -24.94 -12.21 -47.80
C LYS F 136 -26.40 -12.30 -48.23
N TYR F 137 -27.23 -13.03 -47.49
CA TYR F 137 -28.62 -13.21 -47.86
C TYR F 137 -29.37 -13.73 -46.64
N GLN F 138 -30.54 -13.17 -46.38
CA GLN F 138 -31.41 -13.62 -45.30
C GLN F 138 -32.83 -13.74 -45.84
N MET F 139 -33.52 -14.82 -45.48
CA MET F 139 -34.87 -15.03 -45.95
C MET F 139 -35.64 -15.89 -44.97
N ARG F 140 -36.82 -15.41 -44.58
CA ARG F 140 -37.76 -16.18 -43.79
C ARG F 140 -38.75 -16.86 -44.73
N VAL F 141 -38.92 -18.17 -44.56
CA VAL F 141 -39.80 -18.98 -45.41
C VAL F 141 -41.20 -18.92 -44.81
N THR F 142 -42.12 -18.26 -45.52
CA THR F 142 -43.50 -18.14 -45.10
C THR F 142 -44.45 -19.01 -45.91
N LYS F 143 -44.01 -19.57 -47.04
CA LYS F 143 -44.80 -20.48 -47.85
C LYS F 143 -44.09 -21.81 -47.97
N MET F 144 -44.78 -22.89 -47.59
CA MET F 144 -44.15 -24.21 -47.56
C MET F 144 -43.52 -24.57 -48.90
N GLU F 145 -44.17 -24.19 -50.01
CA GLU F 145 -43.69 -24.58 -51.33
C GLU F 145 -42.32 -23.99 -51.64
N ARG F 146 -41.92 -22.92 -50.96
CA ARG F 146 -40.66 -22.25 -51.24
C ARG F 146 -39.58 -22.59 -50.22
N ALA F 147 -39.78 -23.62 -49.40
CA ALA F 147 -38.76 -23.98 -48.42
C ALA F 147 -37.46 -24.40 -49.09
N VAL F 148 -37.54 -25.38 -49.99
CA VAL F 148 -36.33 -25.84 -50.66
C VAL F 148 -35.79 -24.78 -51.61
N TYR F 149 -36.67 -23.98 -52.21
CA TYR F 149 -36.21 -22.90 -53.08
C TYR F 149 -35.20 -22.01 -52.36
N GLU F 150 -35.47 -21.69 -51.10
CA GLU F 150 -34.62 -20.74 -50.37
C GLU F 150 -33.34 -21.40 -49.85
N LEU F 151 -33.36 -22.71 -49.61
CA LEU F 151 -32.14 -23.41 -49.25
C LEU F 151 -31.19 -23.50 -50.44
N GLU F 152 -31.73 -23.69 -51.64
CA GLU F 152 -30.89 -23.75 -52.83
C GLU F 152 -30.38 -22.36 -53.20
N LYS F 153 -31.23 -21.35 -53.10
CA LYS F 153 -30.78 -19.98 -53.34
C LYS F 153 -29.76 -19.56 -52.28
N GLY F 154 -29.99 -19.94 -51.02
CA GLY F 154 -29.05 -19.59 -49.97
C GLY F 154 -27.69 -20.21 -50.17
N VAL F 155 -27.65 -21.50 -50.52
CA VAL F 155 -26.36 -22.16 -50.72
C VAL F 155 -25.62 -21.54 -51.90
N HIS F 156 -26.34 -21.18 -52.97
CA HIS F 156 -25.69 -20.61 -54.13
C HIS F 156 -25.15 -19.21 -53.82
N LEU F 157 -25.96 -18.37 -53.17
CA LEU F 157 -25.51 -17.03 -52.84
C LEU F 157 -24.33 -17.07 -51.88
N ALA F 158 -24.25 -18.11 -51.04
CA ALA F 158 -23.12 -18.24 -50.13
C ALA F 158 -21.82 -18.48 -50.89
N LEU F 159 -21.88 -19.20 -52.02
CA LEU F 159 -20.68 -19.61 -52.75
C LEU F 159 -20.31 -18.68 -53.90
N GLU F 160 -21.26 -17.91 -54.43
CA GLU F 160 -20.98 -17.05 -55.57
C GLU F 160 -20.13 -15.85 -55.15
N GLY F 161 -19.48 -15.25 -56.14
CA GLY F 161 -18.71 -14.04 -55.90
C GLY F 161 -17.81 -14.17 -54.69
N ARG F 162 -17.80 -13.14 -53.86
CA ARG F 162 -17.13 -13.20 -52.57
C ARG F 162 -17.96 -14.08 -51.64
N PRO F 163 -17.49 -15.26 -51.25
CA PRO F 163 -18.33 -16.15 -50.44
C PRO F 163 -18.64 -15.54 -49.08
N GLY F 164 -19.52 -16.23 -48.35
CA GLY F 164 -19.93 -15.79 -47.05
C GLY F 164 -21.11 -16.58 -46.52
N PRO F 165 -21.61 -16.21 -45.35
CA PRO F 165 -22.74 -16.93 -44.75
C PRO F 165 -24.09 -16.41 -45.26
N THR F 166 -25.08 -17.28 -45.16
CA THR F 166 -26.46 -16.94 -45.45
C THR F 166 -27.36 -17.50 -44.36
N TRP F 167 -28.50 -16.84 -44.15
CA TRP F 167 -29.40 -17.12 -43.03
C TRP F 167 -30.78 -17.42 -43.58
N ILE F 168 -31.20 -18.68 -43.50
CA ILE F 168 -32.52 -19.12 -43.94
C ILE F 168 -33.31 -19.54 -42.71
N GLU F 169 -34.36 -18.79 -42.39
CA GLU F 169 -35.18 -19.04 -41.22
C GLU F 169 -36.47 -19.73 -41.64
N ILE F 170 -36.86 -20.77 -40.89
CA ILE F 170 -38.04 -21.56 -41.23
C ILE F 170 -38.91 -21.73 -39.99
N PRO F 171 -40.07 -21.07 -39.91
CA PRO F 171 -40.94 -21.25 -38.73
C PRO F 171 -41.35 -22.70 -38.52
N MET F 172 -41.71 -23.00 -37.27
CA MET F 172 -42.14 -24.34 -36.89
C MET F 172 -43.18 -24.90 -37.85
N ASP F 173 -44.30 -24.21 -37.98
CA ASP F 173 -45.44 -24.76 -38.73
C ASP F 173 -45.09 -25.03 -40.19
N ILE F 174 -44.13 -24.29 -40.75
CA ILE F 174 -43.70 -24.57 -42.11
C ILE F 174 -42.96 -25.91 -42.16
N GLN F 175 -42.23 -26.26 -41.09
CA GLN F 175 -41.49 -27.52 -41.06
C GLN F 175 -42.43 -28.70 -40.95
N SER F 176 -43.40 -28.63 -40.04
CA SER F 176 -44.34 -29.72 -39.84
C SER F 176 -45.46 -29.73 -40.86
N GLY F 177 -45.46 -28.78 -41.80
CA GLY F 177 -46.48 -28.77 -42.83
C GLY F 177 -46.27 -29.87 -43.85
N ARG F 178 -47.32 -30.14 -44.62
CA ARG F 178 -47.32 -31.19 -45.62
C ARG F 178 -47.83 -30.61 -46.95
N ILE F 179 -47.14 -30.93 -48.04
CA ILE F 179 -47.51 -30.46 -49.37
C ILE F 179 -47.26 -31.58 -50.38
N ASP F 180 -47.75 -31.37 -51.59
CA ASP F 180 -47.48 -32.29 -52.69
C ASP F 180 -46.08 -32.02 -53.23
N PRO F 181 -45.17 -33.02 -53.21
CA PRO F 181 -43.79 -32.76 -53.65
C PRO F 181 -43.69 -32.14 -55.04
N ALA F 182 -44.74 -32.30 -55.85
CA ALA F 182 -44.73 -31.75 -57.19
C ALA F 182 -44.94 -30.23 -57.18
N THR F 183 -45.48 -29.68 -56.10
CA THR F 183 -45.64 -28.24 -55.96
C THR F 183 -44.38 -27.55 -55.47
N LEU F 184 -43.30 -28.29 -55.23
CA LEU F 184 -42.09 -27.69 -54.69
C LEU F 184 -41.41 -26.83 -55.73
N GLU F 185 -41.09 -25.60 -55.35
CA GLU F 185 -40.38 -24.69 -56.23
C GLU F 185 -38.88 -24.87 -56.05
N HIS F 186 -38.14 -24.65 -57.14
CA HIS F 186 -36.70 -24.84 -57.13
C HIS F 186 -36.02 -23.61 -57.74
N TYR F 187 -34.82 -23.32 -57.23
CA TYR F 187 -34.10 -22.11 -57.60
C TYR F 187 -33.15 -22.40 -58.77
N VAL F 188 -33.14 -21.50 -59.73
CA VAL F 188 -32.30 -21.58 -60.92
C VAL F 188 -31.23 -20.50 -60.81
N ALA F 189 -29.98 -20.91 -60.62
CA ALA F 189 -28.91 -19.94 -60.42
C ALA F 189 -28.67 -19.14 -61.69
N PRO F 190 -28.68 -17.81 -61.63
CA PRO F 190 -28.45 -17.01 -62.84
C PRO F 190 -27.15 -17.41 -63.52
N PRO F 191 -26.95 -16.98 -64.77
CA PRO F 191 -25.70 -17.31 -65.46
C PRO F 191 -24.50 -16.70 -64.77
N ALA F 192 -23.44 -17.50 -64.64
CA ALA F 192 -22.23 -17.02 -63.97
C ALA F 192 -21.67 -15.80 -64.70
N PRO F 193 -21.32 -14.73 -63.98
CA PRO F 193 -20.75 -13.56 -64.66
C PRO F 193 -19.47 -13.91 -65.40
N ASP F 194 -19.10 -13.02 -66.32
CA ASP F 194 -17.88 -13.15 -67.11
C ASP F 194 -16.97 -11.97 -66.75
N TYR F 195 -15.96 -12.23 -65.93
CA TYR F 195 -15.16 -11.14 -65.40
C TYR F 195 -14.22 -10.55 -66.44
N LEU F 196 -13.66 -11.39 -67.32
CA LEU F 196 -12.61 -10.96 -68.23
C LEU F 196 -13.24 -10.20 -69.40
N THR F 197 -13.69 -8.98 -69.10
CA THR F 197 -14.25 -8.08 -70.10
C THR F 197 -13.13 -7.36 -70.84
N PRO F 198 -13.46 -6.62 -71.90
CA PRO F 198 -12.42 -5.85 -72.59
C PRO F 198 -11.67 -4.87 -71.70
N ALA F 199 -12.35 -4.30 -70.70
CA ALA F 199 -11.67 -3.38 -69.78
C ALA F 199 -10.72 -4.15 -68.86
N VAL F 200 -11.22 -5.23 -68.27
CA VAL F 200 -10.38 -6.04 -67.38
C VAL F 200 -9.22 -6.65 -68.16
N ALA F 201 -9.49 -7.21 -69.33
CA ALA F 201 -8.44 -7.79 -70.15
C ALA F 201 -7.33 -6.77 -70.38
N ALA F 202 -7.70 -5.51 -70.63
CA ALA F 202 -6.69 -4.47 -70.83
C ALA F 202 -5.88 -4.24 -69.57
N GLN F 203 -6.50 -4.41 -68.40
CA GLN F 203 -5.75 -4.26 -67.15
C GLN F 203 -4.76 -5.42 -66.96
N VAL F 204 -5.17 -6.64 -67.33
CA VAL F 204 -4.23 -7.76 -67.31
C VAL F 204 -3.01 -7.42 -68.16
N ASP F 205 -3.24 -6.80 -69.31
CA ASP F 205 -2.12 -6.38 -70.16
C ASP F 205 -1.27 -5.32 -69.46
N SER F 206 -1.92 -4.41 -68.71
CA SER F 206 -1.17 -3.40 -67.98
C SER F 206 -0.33 -4.03 -66.88
N VAL F 207 -0.85 -5.09 -66.24
CA VAL F 207 -0.10 -5.77 -65.19
C VAL F 207 1.11 -6.50 -65.80
N LEU F 208 0.89 -7.22 -66.91
CA LEU F 208 2.00 -7.94 -67.53
C LEU F 208 3.07 -7.00 -68.03
N ALA F 209 2.70 -5.77 -68.42
CA ALA F 209 3.68 -4.79 -68.86
C ALA F 209 4.53 -4.31 -67.69
N ALA F 210 3.92 -4.10 -66.53
CA ALA F 210 4.67 -3.68 -65.36
C ALA F 210 5.52 -4.82 -64.80
N LEU F 211 5.05 -6.06 -64.92
CA LEU F 211 5.82 -7.19 -64.43
C LEU F 211 7.08 -7.41 -65.25
N ALA F 212 6.97 -7.32 -66.58
CA ALA F 212 8.14 -7.50 -67.43
C ALA F 212 9.14 -6.35 -67.26
N LYS F 213 8.65 -5.15 -66.94
CA LYS F 213 9.49 -3.98 -66.80
C LYS F 213 10.06 -3.80 -65.40
N ALA F 214 9.31 -4.15 -64.37
CA ALA F 214 9.75 -3.90 -63.00
C ALA F 214 11.02 -4.68 -62.70
N GLU F 215 11.95 -4.03 -62.00
CA GLU F 215 13.18 -4.69 -61.57
C GLU F 215 13.03 -5.31 -60.19
N ARG F 216 12.13 -4.78 -59.37
CA ARG F 216 11.93 -5.25 -57.99
C ARG F 216 10.43 -5.48 -57.75
N PRO F 217 9.86 -6.47 -58.43
CA PRO F 217 8.44 -6.78 -58.24
C PRO F 217 8.21 -7.65 -57.01
N VAL F 218 7.00 -7.55 -56.48
CA VAL F 218 6.58 -8.37 -55.34
C VAL F 218 5.10 -8.72 -55.50
N LEU F 219 4.79 -10.02 -55.47
CA LEU F 219 3.42 -10.49 -55.56
C LEU F 219 2.88 -10.79 -54.17
N TRP F 220 1.78 -10.15 -53.79
CA TRP F 220 1.13 -10.39 -52.51
C TRP F 220 -0.08 -11.28 -52.76
N LEU F 221 0.04 -12.55 -52.38
CA LEU F 221 -0.99 -13.55 -52.63
C LEU F 221 -1.88 -13.72 -51.40
N GLY F 222 -3.19 -13.79 -51.63
CA GLY F 222 -4.15 -13.83 -50.55
C GLY F 222 -5.10 -15.01 -50.69
N ASN F 223 -5.85 -15.26 -49.61
CA ASN F 223 -6.72 -16.42 -49.53
C ASN F 223 -7.82 -16.40 -50.58
N GLY F 224 -8.06 -15.24 -51.20
CA GLY F 224 -9.00 -15.19 -52.31
C GLY F 224 -8.64 -16.16 -53.42
N ILE F 225 -7.35 -16.46 -53.57
CA ILE F 225 -6.91 -17.39 -54.60
C ILE F 225 -7.42 -18.80 -54.30
N ARG F 226 -7.29 -19.24 -53.05
CA ARG F 226 -7.78 -20.57 -52.71
C ARG F 226 -9.30 -20.64 -52.75
N LEU F 227 -9.98 -19.55 -52.40
CA LEU F 227 -11.44 -19.51 -52.53
C LEU F 227 -11.87 -19.58 -53.99
N ALA F 228 -11.04 -19.07 -54.91
CA ALA F 228 -11.31 -19.15 -56.33
C ALA F 228 -10.90 -20.48 -56.93
N GLY F 229 -10.16 -21.31 -56.19
CA GLY F 229 -9.74 -22.61 -56.68
C GLY F 229 -8.51 -22.60 -57.55
N GLY F 230 -7.71 -21.53 -57.50
CA GLY F 230 -6.54 -21.43 -58.35
C GLY F 230 -5.23 -21.36 -57.59
N GLU F 231 -5.10 -22.14 -56.51
CA GLU F 231 -3.85 -22.15 -55.76
C GLU F 231 -2.76 -22.94 -56.47
N ARG F 232 -3.14 -23.93 -57.29
CA ARG F 232 -2.18 -24.73 -58.03
C ARG F 232 -1.49 -23.96 -59.14
N LEU F 233 -1.99 -22.78 -59.50
CA LEU F 233 -1.38 -21.95 -60.53
C LEU F 233 -0.28 -21.05 -60.00
N LEU F 234 0.05 -21.14 -58.70
CA LEU F 234 0.93 -20.15 -58.10
C LEU F 234 2.41 -20.47 -58.33
N LYS F 235 2.79 -21.74 -58.25
CA LYS F 235 4.19 -22.09 -58.53
C LYS F 235 4.56 -21.63 -59.90
N PRO F 236 3.86 -22.01 -60.97
CA PRO F 236 4.29 -21.62 -62.32
C PRO F 236 4.24 -20.13 -62.56
N LEU F 237 3.26 -19.43 -61.99
CA LEU F 237 3.15 -18.00 -62.20
C LEU F 237 4.40 -17.27 -61.73
N LEU F 238 4.86 -17.59 -60.51
CA LEU F 238 6.08 -16.98 -60.00
C LEU F 238 7.30 -17.44 -60.79
N GLU F 239 7.41 -18.75 -61.05
CA GLU F 239 8.56 -19.26 -61.78
C GLU F 239 8.65 -18.67 -63.18
N LYS F 240 7.51 -18.59 -63.89
CA LYS F 240 7.52 -17.97 -65.21
C LYS F 240 7.92 -16.50 -65.13
N LEU F 241 7.41 -15.78 -64.12
CA LEU F 241 7.75 -14.37 -63.96
C LEU F 241 9.12 -14.17 -63.33
N GLY F 242 9.56 -15.09 -62.47
CA GLY F 242 10.80 -14.89 -61.75
C GLY F 242 10.74 -13.72 -60.78
N SER F 243 9.61 -13.56 -60.09
CA SER F 243 9.39 -12.45 -59.18
C SER F 243 9.15 -12.96 -57.76
N PRO F 244 9.67 -12.26 -56.75
CA PRO F 244 9.35 -12.65 -55.37
C PRO F 244 7.88 -12.45 -55.05
N ALA F 245 7.38 -13.26 -54.12
CA ALA F 245 5.98 -13.24 -53.74
C ALA F 245 5.85 -13.39 -52.23
N LEU F 246 5.04 -12.52 -51.63
CA LEU F 246 4.67 -12.65 -50.23
C LEU F 246 3.28 -13.26 -50.15
N VAL F 247 2.99 -13.91 -49.01
CA VAL F 247 1.69 -14.51 -48.75
C VAL F 247 1.09 -13.83 -47.53
N SER F 248 -0.22 -13.67 -47.54
CA SER F 248 -0.92 -13.17 -46.37
C SER F 248 -1.05 -14.27 -45.33
N TRP F 249 -1.40 -13.86 -44.11
CA TRP F 249 -1.54 -14.83 -43.02
C TRP F 249 -2.57 -15.90 -43.37
N ALA F 250 -3.65 -15.52 -44.05
CA ALA F 250 -4.71 -16.48 -44.39
C ALA F 250 -4.30 -17.39 -45.53
N GLY F 251 -3.48 -16.90 -46.45
CA GLY F 251 -3.02 -17.70 -47.57
C GLY F 251 -1.60 -18.20 -47.41
N ILE F 252 -1.26 -18.64 -46.20
CA ILE F 252 0.08 -19.19 -45.96
C ILE F 252 0.21 -20.58 -46.56
N ASP F 253 -0.82 -21.41 -46.42
CA ASP F 253 -0.77 -22.79 -46.86
C ASP F 253 -1.00 -22.94 -48.36
N MET F 254 -1.01 -21.85 -49.13
CA MET F 254 -1.18 -21.96 -50.57
C MET F 254 0.11 -22.33 -51.28
N LEU F 255 1.25 -21.92 -50.72
CA LEU F 255 2.56 -22.22 -51.30
C LEU F 255 3.49 -22.73 -50.21
N ASP F 256 4.42 -23.58 -50.61
CA ASP F 256 5.46 -24.03 -49.69
C ASP F 256 6.31 -22.84 -49.27
N SER F 257 6.52 -22.71 -47.95
CA SER F 257 7.30 -21.59 -47.44
C SER F 257 8.77 -21.69 -47.84
N SER F 258 9.27 -22.92 -48.04
CA SER F 258 10.64 -23.12 -48.50
C SER F 258 10.80 -22.90 -50.00
N HIS F 259 9.71 -22.69 -50.73
CA HIS F 259 9.80 -22.34 -52.14
C HIS F 259 10.73 -21.15 -52.32
N PRO F 260 11.54 -21.10 -53.39
CA PRO F 260 12.60 -20.09 -53.44
C PRO F 260 12.11 -18.67 -53.71
N LEU F 261 10.97 -18.49 -54.40
CA LEU F 261 10.44 -17.17 -54.67
C LEU F 261 9.45 -16.68 -53.62
N VAL F 262 9.23 -17.44 -52.55
CA VAL F 262 8.37 -17.03 -51.45
C VAL F 262 9.24 -16.53 -50.30
N PHE F 263 8.91 -15.36 -49.76
CA PHE F 263 9.74 -14.68 -48.77
C PHE F 263 8.93 -14.25 -47.55
N GLY F 264 7.92 -15.03 -47.19
CA GLY F 264 7.25 -14.84 -45.92
C GLY F 264 6.04 -13.91 -45.93
N ARG F 265 5.77 -13.33 -44.76
CA ARG F 265 4.52 -12.61 -44.50
C ARG F 265 4.84 -11.24 -43.92
N ALA F 266 4.21 -10.21 -44.47
CA ALA F 266 4.45 -8.84 -44.04
C ALA F 266 3.21 -8.29 -43.34
N GLY F 267 3.39 -7.15 -42.68
CA GLY F 267 2.32 -6.48 -41.98
C GLY F 267 2.81 -5.91 -40.66
N VAL F 268 1.86 -5.51 -39.81
CA VAL F 268 2.22 -4.95 -38.51
C VAL F 268 2.86 -6.01 -37.62
N TYR F 269 2.46 -7.27 -37.77
CA TYR F 269 3.12 -8.40 -37.15
C TYR F 269 3.90 -9.21 -38.18
N GLY F 270 4.40 -8.54 -39.22
CA GLY F 270 5.12 -9.22 -40.26
C GLY F 270 6.54 -9.55 -39.88
N GLN F 271 7.19 -10.31 -40.75
CA GLN F 271 8.58 -10.69 -40.56
C GLN F 271 9.48 -9.57 -41.07
N ARG F 272 10.61 -9.36 -40.39
CA ARG F 272 11.49 -8.24 -40.71
C ARG F 272 11.99 -8.32 -42.14
N ALA F 273 12.27 -9.52 -42.64
CA ALA F 273 12.67 -9.67 -44.03
C ALA F 273 11.52 -9.31 -44.97
N ALA F 274 10.31 -9.76 -44.65
CA ALA F 274 9.17 -9.54 -45.52
C ALA F 274 8.89 -8.04 -45.68
N ASN F 275 8.90 -7.30 -44.57
CA ASN F 275 8.59 -5.86 -44.65
C ASN F 275 9.62 -5.12 -45.51
N PHE F 276 10.90 -5.46 -45.35
CA PHE F 276 11.93 -4.81 -46.16
C PHE F 276 11.73 -5.13 -47.64
N ILE F 277 11.39 -6.39 -47.95
CA ILE F 277 11.11 -6.75 -49.34
C ILE F 277 9.96 -5.91 -49.89
N LEU F 278 8.93 -5.70 -49.08
CA LEU F 278 7.76 -4.94 -49.54
C LEU F 278 8.06 -3.46 -49.65
N GLN F 279 8.71 -2.88 -48.64
CA GLN F 279 8.91 -1.44 -48.58
C GLN F 279 10.04 -0.94 -49.49
N ASN F 280 10.72 -1.83 -50.19
CA ASN F 280 11.77 -1.45 -51.13
C ASN F 280 11.43 -1.82 -52.57
N SER F 281 10.26 -2.40 -52.82
CA SER F 281 9.89 -2.81 -54.16
C SER F 281 9.55 -1.60 -55.03
N ASP F 282 9.51 -1.85 -56.34
CA ASP F 282 9.07 -0.85 -57.31
C ASP F 282 7.74 -1.21 -57.96
N TYR F 283 7.18 -2.37 -57.63
CA TYR F 283 5.87 -2.77 -58.15
C TYR F 283 5.34 -3.88 -57.27
N VAL F 284 4.09 -3.74 -56.83
CA VAL F 284 3.44 -4.71 -55.95
C VAL F 284 2.13 -5.12 -56.61
N LEU F 285 1.95 -6.43 -56.79
CA LEU F 285 0.75 -6.99 -57.43
C LEU F 285 0.00 -7.83 -56.39
N ALA F 286 -1.09 -7.28 -55.88
CA ALA F 286 -1.91 -7.97 -54.89
C ALA F 286 -2.97 -8.80 -55.59
N ILE F 287 -3.04 -10.09 -55.25
CA ILE F 287 -3.96 -11.03 -55.87
C ILE F 287 -4.67 -11.78 -54.75
N GLY F 288 -5.97 -11.54 -54.58
CA GLY F 288 -6.76 -12.28 -53.63
C GLY F 288 -6.55 -11.93 -52.18
N THR F 289 -5.72 -10.93 -51.88
CA THR F 289 -5.54 -10.47 -50.51
C THR F 289 -6.31 -9.17 -50.30
N ARG F 290 -6.84 -9.02 -49.08
CA ARG F 290 -7.69 -7.88 -48.78
C ARG F 290 -6.92 -6.60 -48.50
N LEU F 291 -5.61 -6.71 -48.23
CA LEU F 291 -4.80 -5.57 -47.82
C LEU F 291 -5.46 -4.87 -46.63
N ALA F 292 -5.74 -5.63 -45.60
CA ALA F 292 -6.34 -5.08 -44.40
C ALA F 292 -5.31 -4.24 -43.63
N ILE F 293 -5.80 -3.52 -42.62
CA ILE F 293 -4.93 -2.63 -41.87
C ILE F 293 -3.72 -3.38 -41.32
N PRO F 294 -3.85 -4.57 -40.75
CA PRO F 294 -2.66 -5.28 -40.22
C PRO F 294 -1.65 -5.67 -41.28
N GLN F 295 -1.97 -5.51 -42.56
CA GLN F 295 -1.06 -5.89 -43.64
C GLN F 295 -0.30 -4.70 -44.20
N ILE F 296 -0.89 -3.51 -44.20
CA ILE F 296 -0.32 -2.34 -44.85
C ILE F 296 0.03 -1.23 -43.89
N GLY F 297 -0.28 -1.38 -42.61
CA GLY F 297 -0.04 -0.31 -41.66
C GLY F 297 -1.23 0.62 -41.56
N TYR F 298 -0.94 1.85 -41.12
CA TYR F 298 -1.97 2.84 -40.87
C TYR F 298 -1.84 4.07 -41.77
N ASP F 299 -0.97 4.01 -42.78
CA ASP F 299 -0.75 5.14 -43.69
C ASP F 299 -0.41 4.59 -45.06
N LEU F 300 -1.28 4.84 -46.04
CA LEU F 300 -1.02 4.36 -47.39
C LEU F 300 0.21 5.04 -47.99
N ASN F 301 0.38 6.35 -47.72
CA ASN F 301 1.52 7.08 -48.26
C ASN F 301 2.85 6.55 -47.78
N GLU F 302 2.87 5.68 -46.77
CA GLU F 302 4.09 5.07 -46.26
C GLU F 302 4.30 3.65 -46.77
N LEU F 303 3.39 3.14 -47.61
CA LEU F 303 3.42 1.75 -48.05
C LEU F 303 4.16 1.65 -49.37
N ALA F 304 5.27 0.91 -49.37
CA ALA F 304 6.09 0.69 -50.56
C ALA F 304 6.28 1.99 -51.33
N ARG F 305 6.99 2.94 -50.72
CA ARG F 305 7.07 4.31 -51.24
C ARG F 305 7.82 4.42 -52.56
N LEU F 306 8.29 3.32 -53.14
CA LEU F 306 8.99 3.35 -54.41
C LEU F 306 8.27 2.58 -55.50
N ALA F 307 7.04 2.10 -55.23
CA ALA F 307 6.38 1.14 -56.10
C ALA F 307 5.01 1.63 -56.54
N ARG F 308 4.58 1.11 -57.69
CA ARG F 308 3.18 1.17 -58.11
C ARG F 308 2.48 -0.08 -57.58
N ILE F 309 1.24 0.09 -57.14
CA ILE F 309 0.51 -0.97 -56.44
C ILE F 309 -0.78 -1.24 -57.19
N ASP F 310 -0.90 -2.46 -57.73
CA ASP F 310 -2.12 -2.94 -58.36
C ASP F 310 -2.77 -3.98 -57.45
N VAL F 311 -4.10 -4.04 -57.50
CA VAL F 311 -4.87 -4.93 -56.64
C VAL F 311 -5.87 -5.70 -57.49
N VAL F 312 -6.01 -6.99 -57.20
CA VAL F 312 -7.01 -7.87 -57.83
C VAL F 312 -7.89 -8.42 -56.72
N ASP F 313 -9.20 -8.20 -56.85
CA ASP F 313 -10.15 -8.58 -55.81
C ASP F 313 -11.54 -8.71 -56.42
N ILE F 314 -12.22 -9.81 -56.13
CA ILE F 314 -13.55 -10.05 -56.71
C ILE F 314 -14.59 -9.09 -56.15
N ASP F 315 -14.30 -8.43 -55.04
CA ASP F 315 -15.21 -7.47 -54.42
C ASP F 315 -14.82 -6.08 -54.90
N GLY F 316 -15.74 -5.39 -55.57
CA GLY F 316 -15.44 -4.07 -56.09
C GLY F 316 -15.09 -3.08 -55.00
N ASP F 317 -15.80 -3.17 -53.86
CA ASP F 317 -15.51 -2.27 -52.75
C ASP F 317 -14.10 -2.51 -52.20
N GLU F 318 -13.75 -3.77 -51.96
CA GLU F 318 -12.42 -4.07 -51.44
C GLU F 318 -11.33 -3.70 -52.44
N ALA F 319 -11.61 -3.81 -53.74
CA ALA F 319 -10.59 -3.58 -54.75
C ALA F 319 -10.19 -2.11 -54.87
N ILE F 320 -11.08 -1.18 -54.50
CA ILE F 320 -10.83 0.24 -54.70
C ILE F 320 -10.69 1.00 -53.40
N LYS F 321 -10.73 0.33 -52.24
CA LYS F 321 -10.64 1.05 -50.99
C LYS F 321 -9.33 1.80 -50.86
N HIS F 322 -8.29 1.37 -51.57
CA HIS F 322 -6.99 2.03 -51.57
C HIS F 322 -6.73 2.79 -52.88
N ALA F 323 -7.80 3.31 -53.50
CA ALA F 323 -7.68 3.91 -54.82
C ALA F 323 -6.81 5.17 -54.82
N LYS F 324 -6.76 5.88 -53.69
CA LYS F 324 -5.89 7.06 -53.61
C LYS F 324 -4.43 6.71 -53.84
N ARG F 325 -4.05 5.45 -53.63
CA ARG F 325 -2.66 5.02 -53.71
C ARG F 325 -2.40 4.01 -54.81
N THR F 326 -3.33 3.07 -55.03
CA THR F 326 -3.14 2.05 -56.05
C THR F 326 -3.44 2.62 -57.44
N GLN F 327 -2.99 1.88 -58.47
CA GLN F 327 -3.21 2.29 -59.85
C GLN F 327 -4.23 1.39 -60.53
N GLU F 328 -3.92 0.11 -60.77
CA GLU F 328 -4.84 -0.79 -61.44
C GLU F 328 -5.65 -1.55 -60.39
N ASN F 329 -6.93 -1.19 -60.28
CA ASN F 329 -7.88 -1.86 -59.39
C ASN F 329 -8.71 -2.81 -60.25
N ILE F 330 -8.40 -4.09 -60.18
CA ILE F 330 -8.94 -5.11 -61.08
C ILE F 330 -10.00 -5.91 -60.33
N VAL F 331 -11.27 -5.70 -60.69
CA VAL F 331 -12.38 -6.44 -60.10
C VAL F 331 -12.54 -7.72 -60.92
N CYS F 332 -12.04 -8.83 -60.39
CA CYS F 332 -12.05 -10.07 -61.14
C CYS F 332 -11.76 -11.23 -60.21
N ASP F 333 -12.33 -12.38 -60.51
CA ASP F 333 -12.02 -13.59 -59.76
C ASP F 333 -10.53 -13.88 -59.86
N ALA F 334 -9.97 -14.40 -58.77
CA ALA F 334 -8.52 -14.61 -58.72
C ALA F 334 -8.08 -15.63 -59.77
N ARG F 335 -8.72 -16.78 -59.81
CA ARG F 335 -8.31 -17.82 -60.75
C ARG F 335 -8.45 -17.34 -62.19
N VAL F 336 -9.52 -16.61 -62.50
CA VAL F 336 -9.70 -16.10 -63.86
C VAL F 336 -8.61 -15.09 -64.20
N PHE F 337 -8.14 -14.32 -63.22
CA PHE F 337 -7.08 -13.34 -63.48
C PHE F 337 -5.73 -14.02 -63.67
N ILE F 338 -5.46 -15.09 -62.90
CA ILE F 338 -4.19 -15.77 -63.02
C ILE F 338 -4.11 -16.53 -64.35
N GLU F 339 -5.19 -17.19 -64.75
CA GLU F 339 -5.20 -17.88 -66.04
C GLU F 339 -5.04 -16.88 -67.18
N ALA F 340 -5.68 -15.72 -67.08
CA ALA F 340 -5.56 -14.70 -68.11
C ALA F 340 -4.15 -14.12 -68.18
N LEU F 341 -3.46 -14.02 -67.04
CA LEU F 341 -2.08 -13.53 -67.04
C LEU F 341 -1.11 -14.60 -67.52
N LEU F 342 -1.38 -15.87 -67.19
CA LEU F 342 -0.55 -16.96 -67.70
C LEU F 342 -0.69 -17.11 -69.21
N ALA F 343 -1.90 -16.90 -69.73
CA ALA F 343 -2.12 -17.03 -71.17
C ALA F 343 -1.42 -15.91 -71.94
N ARG F 344 -1.37 -14.71 -71.36
CA ARG F 344 -0.67 -13.60 -72.00
C ARG F 344 0.84 -13.70 -71.86
N LEU F 345 1.34 -14.53 -70.96
CA LEU F 345 2.77 -14.83 -70.92
C LEU F 345 3.19 -15.72 -72.08
N ASN F 346 2.26 -16.49 -72.65
CA ASN F 346 2.54 -17.35 -73.79
C ASN F 346 1.97 -16.79 -75.09
N ALA F 347 1.45 -15.57 -75.07
CA ALA F 347 0.91 -14.96 -76.27
C ALA F 347 2.01 -14.73 -77.30
N ALA F 348 1.59 -14.52 -78.55
CA ALA F 348 2.54 -14.26 -79.61
C ALA F 348 3.32 -12.98 -79.35
N ASP F 349 2.65 -11.93 -78.87
CA ASP F 349 3.26 -10.64 -78.59
C ASP F 349 3.59 -10.45 -77.11
N ALA F 350 3.93 -11.54 -76.43
CA ALA F 350 4.27 -11.45 -75.01
C ALA F 350 5.55 -10.66 -74.82
N PRO F 351 5.58 -9.66 -73.95
CA PRO F 351 6.81 -8.87 -73.79
C PRO F 351 7.91 -9.66 -73.11
N ALA F 352 9.14 -9.24 -73.35
CA ALA F 352 10.29 -9.89 -72.74
C ALA F 352 10.36 -9.55 -71.26
N ILE F 353 10.42 -10.57 -70.41
CA ILE F 353 10.45 -10.37 -68.97
C ILE F 353 11.88 -10.00 -68.58
N ALA F 354 12.08 -8.78 -68.10
CA ALA F 354 13.38 -8.36 -67.61
C ALA F 354 13.78 -9.19 -66.39
N SER F 355 15.09 -9.34 -66.20
CA SER F 355 15.59 -10.20 -65.14
C SER F 355 15.43 -9.54 -63.77
N LYS F 356 15.08 -10.34 -62.76
CA LYS F 356 14.99 -9.89 -61.38
C LYS F 356 16.02 -10.58 -60.49
N ALA F 357 17.07 -11.15 -61.09
CA ALA F 357 18.03 -11.94 -60.30
C ALA F 357 18.68 -11.10 -59.20
N ASP F 358 18.95 -9.82 -59.47
CA ASP F 358 19.53 -8.96 -58.46
C ASP F 358 18.54 -8.69 -57.33
N TRP F 359 17.26 -8.57 -57.66
CA TRP F 359 16.24 -8.38 -56.63
C TRP F 359 16.03 -9.65 -55.82
N VAL F 360 15.96 -10.80 -56.50
CA VAL F 360 15.83 -12.08 -55.79
C VAL F 360 17.02 -12.32 -54.89
N ALA F 361 18.21 -11.92 -55.33
CA ALA F 361 19.40 -12.06 -54.49
C ALA F 361 19.33 -11.13 -53.27
N LYS F 362 18.78 -9.94 -53.46
CA LYS F 362 18.63 -9.00 -52.33
C LYS F 362 17.52 -9.40 -51.39
N CYS F 363 16.53 -10.18 -51.86
CA CYS F 363 15.51 -10.71 -50.95
C CYS F 363 16.09 -11.81 -50.06
N ARG F 364 16.87 -12.72 -50.64
CA ARG F 364 17.50 -13.77 -49.83
C ARG F 364 18.52 -13.20 -48.85
N ALA F 365 19.14 -12.07 -49.20
CA ALA F 365 20.06 -11.41 -48.26
C ALA F 365 19.31 -10.78 -47.10
N TYR F 366 18.06 -10.35 -47.34
CA TYR F 366 17.21 -9.88 -46.25
C TYR F 366 16.86 -11.03 -45.30
N GLU F 367 16.61 -12.23 -45.85
CA GLU F 367 16.28 -13.37 -45.00
C GLU F 367 17.50 -13.86 -44.22
N GLU F 368 18.68 -13.82 -44.85
CA GLU F 368 19.90 -14.14 -44.11
C GLU F 368 20.16 -13.12 -43.02
N GLN F 369 19.93 -11.85 -43.30
CA GLN F 369 20.19 -10.79 -42.32
C GLN F 369 19.13 -10.74 -41.23
N PHE F 370 17.90 -11.15 -41.54
CA PHE F 370 16.79 -11.13 -40.57
C PHE F 370 16.05 -12.46 -40.61
N PRO F 371 16.53 -13.47 -39.89
CA PRO F 371 15.79 -14.73 -39.80
C PRO F 371 14.50 -14.54 -39.01
N TRP F 372 13.56 -15.47 -39.22
CA TRP F 372 12.26 -15.35 -38.58
C TRP F 372 12.37 -15.48 -37.07
N VAL F 373 13.17 -16.43 -36.60
CA VAL F 373 13.44 -16.62 -35.18
C VAL F 373 14.89 -16.19 -34.93
N GLY F 374 15.05 -15.03 -34.31
CA GLY F 374 16.38 -14.48 -34.09
C GLY F 374 16.75 -14.28 -32.63
N ALA F 375 17.65 -13.33 -32.38
CA ALA F 375 18.10 -13.08 -31.00
C ALA F 375 17.00 -12.44 -30.16
N GLU F 376 16.09 -11.69 -30.79
CA GLU F 376 14.97 -11.09 -30.07
C GLU F 376 14.01 -12.13 -29.51
N HIS F 377 14.12 -13.39 -29.93
CA HIS F 377 13.25 -14.48 -29.47
C HIS F 377 14.02 -15.45 -28.57
N ALA F 378 14.92 -14.93 -27.74
CA ALA F 378 15.63 -15.75 -26.78
C ALA F 378 14.70 -16.14 -25.62
N ASP F 379 15.03 -17.24 -24.96
CA ASP F 379 14.26 -17.73 -23.83
C ASP F 379 14.30 -16.71 -22.69
N PRO F 380 13.17 -16.36 -22.14
CA PRO F 380 13.54 -15.50 -21.04
C PRO F 380 13.45 -16.18 -19.68
N GLU F 381 14.40 -15.98 -18.79
CA GLU F 381 14.27 -16.43 -17.40
C GLU F 381 13.76 -17.83 -17.10
N GLY F 382 14.29 -18.86 -17.71
CA GLY F 382 13.80 -20.18 -17.39
C GLY F 382 12.51 -20.55 -18.07
N PHE F 383 12.24 -19.93 -19.20
CA PHE F 383 11.02 -20.21 -19.91
C PHE F 383 11.23 -20.48 -21.34
N ILE F 384 10.29 -21.21 -21.91
CA ILE F 384 10.23 -21.52 -23.33
C ILE F 384 9.73 -20.30 -24.09
N ASN F 385 10.49 -19.87 -25.10
CA ASN F 385 10.04 -18.81 -25.98
C ASN F 385 9.07 -19.38 -27.01
N SER F 386 7.89 -18.77 -27.12
CA SER F 386 6.85 -19.33 -27.99
C SER F 386 7.33 -19.40 -29.44
N TYR F 387 8.11 -18.41 -29.88
CA TYR F 387 8.62 -18.43 -31.26
C TYR F 387 9.59 -19.59 -31.46
N ARG F 388 10.49 -19.82 -30.51
CA ARG F 388 11.38 -20.97 -30.60
C ARG F 388 10.59 -22.28 -30.54
N PHE F 389 9.53 -22.31 -29.73
CA PHE F 389 8.73 -23.52 -29.62
C PHE F 389 7.98 -23.82 -30.92
N MET F 390 7.48 -22.78 -31.60
CA MET F 390 6.83 -22.98 -32.89
C MET F 390 7.81 -23.53 -33.91
N GLU F 391 9.06 -23.05 -33.88
CA GLU F 391 10.09 -23.59 -34.76
C GLU F 391 10.37 -25.05 -34.43
N ARG F 392 10.37 -25.41 -33.14
CA ARG F 392 10.58 -26.80 -32.77
C ARG F 392 9.35 -27.64 -33.07
N LEU F 393 8.17 -27.12 -32.77
CA LEU F 393 6.94 -27.81 -33.12
C LEU F 393 6.84 -28.04 -34.63
N ASN F 394 7.38 -27.12 -35.43
CA ASN F 394 7.24 -27.22 -36.87
C ASN F 394 7.84 -28.50 -37.41
N GLY F 395 8.88 -29.03 -36.76
CA GLY F 395 9.51 -30.25 -37.21
C GLY F 395 8.71 -31.51 -36.98
N PHE F 396 7.63 -31.42 -36.20
CA PHE F 396 6.79 -32.58 -35.90
C PHE F 396 5.49 -32.59 -36.69
N PHE F 397 5.34 -31.71 -37.68
CA PHE F 397 4.18 -31.75 -38.54
C PHE F 397 4.15 -33.03 -39.35
N LYS F 398 2.97 -33.60 -39.53
CA LYS F 398 2.79 -34.73 -40.42
C LYS F 398 2.65 -34.24 -41.86
N ASP F 399 2.69 -35.19 -42.80
CA ASP F 399 2.65 -34.83 -44.21
C ASP F 399 1.35 -34.12 -44.56
N ASP F 400 0.24 -34.58 -43.99
CA ASP F 400 -1.08 -34.02 -44.24
C ASP F 400 -1.56 -33.16 -43.07
N GLN F 401 -0.63 -32.47 -42.43
CA GLN F 401 -0.95 -31.75 -41.20
C GLN F 401 -1.95 -30.62 -41.48
N VAL F 402 -2.87 -30.43 -40.55
CA VAL F 402 -3.79 -29.29 -40.57
C VAL F 402 -3.69 -28.61 -39.22
N VAL F 403 -3.37 -27.31 -39.24
CA VAL F 403 -3.15 -26.53 -38.02
C VAL F 403 -4.20 -25.44 -37.96
N VAL F 404 -4.94 -25.40 -36.85
CA VAL F 404 -5.85 -24.30 -36.54
C VAL F 404 -5.38 -23.64 -35.26
N THR F 405 -5.59 -22.33 -35.16
CA THR F 405 -5.13 -21.57 -34.01
C THR F 405 -6.28 -20.70 -33.49
N ASP F 406 -6.17 -20.35 -32.21
CA ASP F 406 -7.02 -19.33 -31.60
C ASP F 406 -6.31 -18.00 -31.76
N MET F 407 -6.59 -17.04 -30.89
CA MET F 407 -5.94 -15.73 -30.99
C MET F 407 -4.65 -15.73 -30.19
N GLY F 408 -4.24 -14.56 -29.69
CA GLY F 408 -3.11 -14.50 -28.76
C GLY F 408 -1.85 -15.13 -29.32
N THR F 409 -1.18 -15.91 -28.46
CA THR F 409 0.14 -16.43 -28.78
C THR F 409 0.10 -17.39 -29.96
N ALA F 410 -0.88 -18.31 -29.99
CA ALA F 410 -0.98 -19.24 -31.11
C ALA F 410 -1.10 -18.50 -32.44
N LEU F 411 -1.88 -17.42 -32.46
CA LEU F 411 -2.02 -16.65 -33.69
C LEU F 411 -0.69 -15.99 -34.07
N LEU F 412 -0.14 -15.18 -33.16
CA LEU F 412 1.01 -14.35 -33.50
C LEU F 412 2.27 -15.18 -33.72
N SER F 413 2.52 -16.15 -32.84
CA SER F 413 3.74 -16.95 -32.98
C SER F 413 3.62 -17.98 -34.10
N GLY F 414 2.40 -18.45 -34.38
CA GLY F 414 2.23 -19.39 -35.48
C GLY F 414 2.42 -18.75 -36.83
N HIS F 415 1.75 -17.63 -37.08
CA HIS F 415 1.83 -16.99 -38.38
C HIS F 415 3.14 -16.24 -38.60
N GLN F 416 3.99 -16.15 -37.59
CA GLN F 416 5.28 -15.49 -37.74
C GLN F 416 6.44 -16.47 -37.81
N VAL F 417 6.18 -17.78 -37.70
CA VAL F 417 7.25 -18.75 -37.62
C VAL F 417 6.93 -19.96 -38.48
N LEU F 418 5.74 -20.53 -38.29
CA LEU F 418 5.43 -21.84 -38.88
C LEU F 418 5.61 -21.82 -40.40
N ARG F 419 6.18 -22.91 -40.91
CA ARG F 419 6.37 -23.12 -42.34
C ARG F 419 5.56 -24.33 -42.77
N PHE F 420 4.98 -24.25 -43.97
CA PHE F 420 4.14 -25.30 -44.49
C PHE F 420 4.57 -25.66 -45.91
N LYS F 421 4.24 -26.90 -46.29
CA LYS F 421 4.48 -27.41 -47.63
C LYS F 421 3.17 -27.93 -48.20
N GLU F 422 3.19 -28.27 -49.49
CA GLU F 422 1.99 -28.79 -50.13
C GLU F 422 1.48 -30.02 -49.37
N GLY F 423 0.17 -30.06 -49.13
CA GLY F 423 -0.45 -31.12 -48.36
C GLY F 423 -0.83 -30.73 -46.94
N GLN F 424 -0.33 -29.60 -46.45
CA GLN F 424 -0.61 -29.12 -45.11
C GLN F 424 -1.45 -27.85 -45.18
N ARG F 425 -2.24 -27.61 -44.13
CA ARG F 425 -3.17 -26.50 -44.09
C ARG F 425 -3.01 -25.70 -42.80
N PHE F 426 -3.38 -24.43 -42.88
CA PHE F 426 -3.27 -23.49 -41.77
C PHE F 426 -4.50 -22.61 -41.80
N MET F 427 -5.32 -22.65 -40.75
CA MET F 427 -6.59 -21.94 -40.71
C MET F 427 -6.78 -21.21 -39.39
N THR F 428 -7.49 -20.09 -39.43
CA THR F 428 -7.84 -19.33 -38.25
C THR F 428 -8.76 -18.19 -38.68
N SER F 429 -9.34 -17.51 -37.70
CA SER F 429 -10.25 -16.39 -37.94
C SER F 429 -9.49 -15.09 -37.74
N THR F 430 -9.13 -14.43 -38.84
CA THR F 430 -8.40 -13.18 -38.77
C THR F 430 -9.27 -11.96 -39.05
N GLY F 431 -10.34 -12.11 -39.82
CA GLY F 431 -11.19 -10.97 -40.12
C GLY F 431 -11.85 -10.40 -38.90
N LEU F 432 -12.44 -11.27 -38.07
CA LEU F 432 -13.04 -10.88 -36.79
C LEU F 432 -12.10 -11.07 -35.63
N GLY F 433 -11.28 -12.11 -35.66
CA GLY F 433 -10.26 -12.32 -34.64
C GLY F 433 -10.85 -12.56 -33.27
N GLU F 434 -11.80 -13.49 -33.18
CA GLU F 434 -12.51 -13.74 -31.94
C GLU F 434 -11.82 -14.84 -31.15
N MET F 435 -11.77 -14.66 -29.83
CA MET F 435 -11.26 -15.71 -28.95
C MET F 435 -12.27 -16.85 -28.91
N GLY F 436 -11.74 -18.06 -28.76
CA GLY F 436 -12.58 -19.25 -28.76
C GLY F 436 -12.78 -19.86 -30.12
N TYR F 437 -12.08 -19.38 -31.14
CA TYR F 437 -12.23 -19.94 -32.48
C TYR F 437 -11.50 -21.28 -32.61
N GLY F 438 -10.43 -21.49 -31.83
CA GLY F 438 -9.61 -22.68 -31.97
C GLY F 438 -10.37 -23.99 -31.91
N LEU F 439 -11.09 -24.24 -30.82
CA LEU F 439 -11.73 -25.53 -30.65
C LEU F 439 -12.80 -25.80 -31.70
N PRO F 440 -13.79 -24.93 -31.92
CA PRO F 440 -14.75 -25.21 -32.99
C PRO F 440 -14.07 -25.40 -34.33
N ALA F 441 -13.02 -24.63 -34.62
CA ALA F 441 -12.29 -24.80 -35.87
C ALA F 441 -11.76 -26.21 -36.01
N ALA F 442 -11.29 -26.79 -34.90
CA ALA F 442 -10.80 -28.16 -34.93
C ALA F 442 -11.93 -29.15 -35.16
N LEU F 443 -13.14 -28.85 -34.68
CA LEU F 443 -14.28 -29.72 -34.94
C LEU F 443 -14.65 -29.72 -36.41
N GLY F 444 -14.62 -28.54 -37.04
CA GLY F 444 -14.96 -28.47 -38.45
C GLY F 444 -13.98 -29.21 -39.33
N VAL F 445 -12.68 -29.11 -39.00
CA VAL F 445 -11.67 -29.79 -39.80
C VAL F 445 -11.73 -31.30 -39.56
N SER F 446 -11.98 -31.70 -38.32
CA SER F 446 -12.01 -33.13 -38.01
C SER F 446 -13.14 -33.81 -38.77
N PHE F 447 -14.33 -33.22 -38.75
CA PHE F 447 -15.47 -33.84 -39.42
C PHE F 447 -15.42 -33.71 -40.93
N ALA F 448 -14.75 -32.68 -41.44
CA ALA F 448 -14.62 -32.55 -42.89
C ALA F 448 -13.73 -33.64 -43.47
N ASN F 449 -12.78 -34.14 -42.69
CA ASN F 449 -11.91 -35.24 -43.09
C ASN F 449 -12.35 -36.57 -42.50
N ASP F 450 -13.60 -36.66 -42.04
CA ASP F 450 -14.16 -37.88 -41.47
C ASP F 450 -13.38 -38.32 -40.24
N ARG F 451 -13.54 -37.53 -39.17
CA ARG F 451 -12.86 -37.74 -37.90
C ARG F 451 -11.33 -37.59 -38.06
N GLY F 452 -10.90 -36.76 -39.00
CA GLY F 452 -9.49 -36.58 -39.27
C GLY F 452 -8.75 -35.88 -38.13
N GLU F 453 -7.43 -35.95 -38.21
CA GLU F 453 -6.58 -35.39 -37.18
C GLU F 453 -6.35 -33.90 -37.42
N VAL F 454 -6.33 -33.14 -36.33
CA VAL F 454 -6.12 -31.70 -36.38
C VAL F 454 -5.24 -31.28 -35.20
N MET F 455 -4.34 -30.34 -35.46
CA MET F 455 -3.53 -29.73 -34.42
C MET F 455 -4.13 -28.37 -34.09
N CYS F 456 -4.47 -28.15 -32.82
CA CYS F 456 -5.14 -26.94 -32.38
C CYS F 456 -4.22 -26.17 -31.46
N LEU F 457 -3.68 -25.06 -31.94
CA LEU F 457 -2.83 -24.18 -31.14
C LEU F 457 -3.73 -23.15 -30.45
N ASN F 458 -3.93 -23.31 -29.15
CA ASN F 458 -4.86 -22.50 -28.40
C ASN F 458 -4.15 -21.80 -27.24
N CYS F 459 -4.92 -21.01 -26.50
CA CYS F 459 -4.39 -20.22 -25.40
C CYS F 459 -5.22 -20.46 -24.16
N ASP F 460 -4.67 -20.07 -23.01
CA ASP F 460 -5.44 -20.20 -21.77
C ASP F 460 -6.65 -19.27 -21.76
N GLY F 461 -6.52 -18.08 -22.35
CA GLY F 461 -7.65 -17.16 -22.38
C GLY F 461 -8.72 -17.59 -23.37
N GLY F 462 -8.30 -17.88 -24.60
CA GLY F 462 -9.27 -18.26 -25.62
C GLY F 462 -9.98 -19.56 -25.32
N MET F 463 -9.29 -20.50 -24.67
CA MET F 463 -9.90 -21.79 -24.36
C MET F 463 -11.20 -21.65 -23.58
N MET F 464 -11.40 -20.55 -22.87
CA MET F 464 -12.55 -20.43 -22.00
C MET F 464 -13.83 -20.07 -22.75
N MET F 465 -13.73 -19.34 -23.86
CA MET F 465 -14.94 -18.91 -24.57
C MET F 465 -15.80 -20.10 -24.97
N ASN F 466 -15.19 -21.10 -25.60
CA ASN F 466 -15.88 -22.32 -26.01
C ASN F 466 -15.29 -23.54 -25.30
N LEU F 467 -15.05 -23.41 -24.00
CA LEU F 467 -14.53 -24.52 -23.21
C LEU F 467 -15.44 -25.74 -23.29
N GLN F 468 -16.75 -25.53 -23.43
CA GLN F 468 -17.69 -26.64 -23.38
C GLN F 468 -17.47 -27.62 -24.53
N GLU F 469 -16.82 -27.20 -25.60
CA GLU F 469 -16.64 -28.07 -26.76
C GLU F 469 -15.63 -29.19 -26.50
N LEU F 470 -14.90 -29.15 -25.38
CA LEU F 470 -14.10 -30.31 -25.01
C LEU F 470 -14.96 -31.56 -24.89
N GLN F 471 -16.21 -31.40 -24.44
CA GLN F 471 -17.10 -32.54 -24.33
C GLN F 471 -17.51 -33.07 -25.70
N THR F 472 -17.71 -32.17 -26.66
CA THR F 472 -17.98 -32.60 -28.04
C THR F 472 -16.78 -33.33 -28.63
N MET F 473 -15.57 -32.90 -28.26
CA MET F 473 -14.36 -33.57 -28.71
C MET F 473 -14.26 -34.98 -28.15
N VAL F 474 -14.61 -35.16 -26.87
CA VAL F 474 -14.52 -36.47 -26.24
C VAL F 474 -15.63 -37.40 -26.73
N HIS F 475 -16.84 -36.86 -26.88
CA HIS F 475 -17.97 -37.68 -27.31
C HIS F 475 -17.68 -38.36 -28.65
N HIS F 476 -17.01 -37.67 -29.55
CA HIS F 476 -16.67 -38.21 -30.86
C HIS F 476 -15.22 -38.68 -30.96
N ASN F 477 -14.46 -38.64 -29.87
CA ASN F 477 -13.10 -39.19 -29.83
C ASN F 477 -12.23 -38.60 -30.94
N LEU F 478 -12.41 -37.32 -31.20
CA LEU F 478 -11.75 -36.71 -32.34
C LEU F 478 -10.24 -36.61 -32.08
N PRO F 479 -9.40 -36.99 -33.05
CA PRO F 479 -7.96 -36.81 -32.89
C PRO F 479 -7.55 -35.34 -32.96
N ILE F 480 -7.89 -34.57 -31.93
CA ILE F 480 -7.55 -33.16 -31.86
C ILE F 480 -6.40 -32.99 -30.88
N LYS F 481 -5.26 -32.55 -31.39
CA LYS F 481 -4.06 -32.34 -30.57
C LYS F 481 -4.08 -30.89 -30.11
N LEU F 482 -4.56 -30.68 -28.89
CA LEU F 482 -4.87 -29.34 -28.38
C LEU F 482 -3.72 -28.84 -27.51
N PHE F 483 -2.93 -27.91 -28.05
CA PHE F 483 -1.90 -27.23 -27.29
C PHE F 483 -2.46 -25.95 -26.68
N ILE F 484 -2.08 -25.66 -25.45
CA ILE F 484 -2.58 -24.49 -24.72
C ILE F 484 -1.39 -23.73 -24.16
N PHE F 485 -1.21 -22.50 -24.61
CA PHE F 485 -0.12 -21.64 -24.13
C PHE F 485 -0.57 -20.93 -22.86
N ASN F 486 -0.04 -21.36 -21.72
CA ASN F 486 -0.33 -20.72 -20.45
C ASN F 486 0.64 -19.57 -20.21
N ASN F 487 0.09 -18.39 -19.90
CA ASN F 487 0.91 -17.21 -19.64
C ASN F 487 0.23 -16.25 -18.68
N ASP F 488 -0.59 -16.76 -17.76
CA ASP F 488 -1.18 -15.95 -16.70
C ASP F 488 -2.09 -14.86 -17.27
N GLY F 489 -3.03 -15.27 -18.11
CA GLY F 489 -4.06 -14.37 -18.59
C GLY F 489 -3.91 -13.92 -20.03
N TYR F 490 -4.20 -12.64 -20.29
CA TYR F 490 -4.27 -12.09 -21.64
C TYR F 490 -2.96 -11.38 -21.96
N LEU F 491 -1.96 -12.16 -22.38
CA LEU F 491 -0.64 -11.58 -22.65
C LEU F 491 -0.73 -10.52 -23.73
N MET F 492 -1.58 -10.74 -24.74
CA MET F 492 -1.65 -9.80 -25.85
C MET F 492 -2.13 -8.43 -25.37
N ILE F 493 -3.09 -8.41 -24.44
CA ILE F 493 -3.60 -7.14 -23.95
C ILE F 493 -2.63 -6.52 -22.95
N LYS F 494 -1.87 -7.34 -22.22
CA LYS F 494 -0.83 -6.82 -21.35
C LYS F 494 0.04 -5.81 -22.09
N HIS F 495 0.60 -6.22 -23.22
CA HIS F 495 1.45 -5.32 -23.99
C HIS F 495 0.70 -4.07 -24.43
N THR F 496 -0.58 -4.21 -24.76
CA THR F 496 -1.35 -3.05 -25.21
C THR F 496 -1.48 -2.02 -24.11
N GLN F 497 -1.98 -2.43 -22.94
CA GLN F 497 -2.18 -1.46 -21.87
C GLN F 497 -0.85 -0.98 -21.30
N LYS F 498 0.16 -1.86 -21.22
CA LYS F 498 1.46 -1.44 -20.73
C LYS F 498 2.05 -0.33 -21.60
N SER F 499 1.90 -0.46 -22.92
CA SER F 499 2.43 0.55 -23.83
C SER F 499 1.68 1.87 -23.71
N LEU F 500 0.40 1.81 -23.36
CA LEU F 500 -0.41 3.02 -23.28
C LEU F 500 -0.27 3.72 -21.93
N PHE F 501 -0.23 2.97 -20.84
CA PHE F 501 -0.33 3.55 -19.51
C PHE F 501 0.87 3.31 -18.61
N LYS F 502 1.71 2.31 -18.92
CA LYS F 502 2.96 2.10 -18.20
C LYS F 502 2.73 2.01 -16.70
N SER F 503 1.70 1.26 -16.31
CA SER F 503 1.36 1.08 -14.90
C SER F 503 1.05 -0.39 -14.69
N ASP F 504 0.39 -0.70 -13.57
CA ASP F 504 0.01 -2.06 -13.27
C ASP F 504 -1.03 -2.56 -14.27
N TYR F 505 -1.08 -3.88 -14.44
CA TYR F 505 -2.04 -4.51 -15.32
C TYR F 505 -3.46 -4.32 -14.78
N VAL F 506 -4.43 -4.39 -15.70
CA VAL F 506 -5.85 -4.28 -15.39
C VAL F 506 -6.59 -5.37 -16.15
N GLY F 507 -7.29 -6.24 -15.43
CA GLY F 507 -8.13 -7.24 -16.06
C GLY F 507 -7.43 -8.07 -17.12
N THR F 508 -6.17 -8.43 -16.89
CA THR F 508 -5.42 -9.24 -17.85
C THR F 508 -4.61 -10.36 -17.21
N ASP F 509 -4.47 -10.43 -15.88
CA ASP F 509 -3.77 -11.53 -15.23
C ASP F 509 -4.46 -11.84 -13.90
N ARG F 510 -3.98 -12.90 -13.24
CA ARG F 510 -4.64 -13.35 -12.02
C ARG F 510 -4.68 -12.25 -10.97
N LYS F 511 -3.62 -11.47 -10.85
CA LYS F 511 -3.61 -10.40 -9.86
C LYS F 511 -4.65 -9.33 -10.19
N SER F 512 -4.93 -9.11 -11.48
CA SER F 512 -5.82 -8.03 -11.90
C SER F 512 -7.20 -8.54 -12.35
N GLY F 513 -7.57 -9.77 -12.01
CA GLY F 513 -8.95 -10.22 -12.09
C GLY F 513 -9.25 -11.33 -13.09
N VAL F 514 -8.28 -11.86 -13.82
CA VAL F 514 -8.51 -12.85 -14.86
C VAL F 514 -7.62 -14.04 -14.58
N SER F 515 -8.22 -15.17 -14.23
CA SER F 515 -7.49 -16.40 -13.96
C SER F 515 -8.08 -17.52 -14.79
N CYS F 516 -7.23 -18.48 -15.15
CA CYS F 516 -7.62 -19.66 -15.88
C CYS F 516 -7.38 -20.90 -15.03
N PRO F 517 -8.04 -22.01 -15.35
CA PRO F 517 -7.83 -23.24 -14.58
C PRO F 517 -6.64 -24.03 -15.07
N ASP F 518 -6.39 -25.16 -14.40
CA ASP F 518 -5.31 -26.09 -14.75
C ASP F 518 -5.87 -27.02 -15.81
N PHE F 519 -5.48 -26.80 -17.06
CA PHE F 519 -6.08 -27.53 -18.18
C PHE F 519 -5.68 -29.00 -18.20
N SER F 520 -4.60 -29.37 -17.52
CA SER F 520 -4.27 -30.79 -17.39
C SER F 520 -5.15 -31.48 -16.36
N ARG F 521 -5.65 -30.73 -15.37
CA ARG F 521 -6.62 -31.29 -14.43
C ARG F 521 -8.03 -31.33 -15.02
N LEU F 522 -8.36 -30.39 -15.91
CA LEU F 522 -9.62 -30.46 -16.62
C LEU F 522 -9.60 -31.60 -17.63
N ALA F 523 -8.49 -31.74 -18.38
CA ALA F 523 -8.36 -32.85 -19.29
C ALA F 523 -8.68 -34.17 -18.59
N ALA F 524 -8.18 -34.34 -17.37
CA ALA F 524 -8.43 -35.56 -16.63
C ALA F 524 -9.91 -35.69 -16.26
N ALA F 525 -10.59 -34.57 -16.05
CA ALA F 525 -12.02 -34.62 -15.74
C ALA F 525 -12.86 -34.99 -16.96
N PHE F 526 -12.35 -34.72 -18.16
CA PHE F 526 -13.01 -35.10 -19.40
C PHE F 526 -12.51 -36.42 -19.97
N ASP F 527 -11.57 -37.08 -19.30
CA ASP F 527 -10.96 -38.32 -19.79
C ASP F 527 -10.11 -38.05 -21.04
N ILE F 528 -9.27 -37.03 -20.96
CA ILE F 528 -8.38 -36.64 -22.05
C ILE F 528 -6.95 -36.77 -21.56
N PRO F 529 -6.07 -37.48 -22.26
CA PRO F 529 -4.67 -37.50 -21.85
C PRO F 529 -4.06 -36.10 -21.90
N ALA F 530 -3.30 -35.76 -20.87
CA ALA F 530 -2.71 -34.43 -20.76
C ALA F 530 -1.21 -34.52 -20.48
N TYR F 531 -0.47 -33.64 -21.14
CA TYR F 531 0.96 -33.49 -20.95
C TYR F 531 1.27 -32.05 -20.60
N GLN F 532 2.51 -31.81 -20.18
N GLN F 532 2.52 -31.81 -20.18
CA GLN F 532 2.98 -30.47 -19.84
CA GLN F 532 2.97 -30.47 -19.84
C GLN F 532 4.40 -30.29 -20.35
C GLN F 532 4.39 -30.29 -20.36
N ILE F 533 4.64 -29.17 -21.02
CA ILE F 533 5.95 -28.82 -21.55
C ILE F 533 6.38 -27.54 -20.87
N ARG F 534 7.16 -27.65 -19.80
CA ARG F 534 7.65 -26.50 -19.07
C ARG F 534 9.06 -26.08 -19.49
N GLY F 535 9.84 -27.02 -20.02
CA GLY F 535 11.22 -26.73 -20.42
C GLY F 535 11.63 -27.61 -21.57
N TRP F 536 12.74 -27.22 -22.21
CA TRP F 536 13.25 -27.95 -23.36
C TRP F 536 13.64 -29.38 -23.03
N ASP F 537 13.69 -29.75 -21.76
CA ASP F 537 14.12 -31.10 -21.37
C ASP F 537 13.18 -32.15 -21.96
N GLU F 538 11.89 -32.04 -21.66
CA GLU F 538 10.90 -33.01 -22.08
C GLU F 538 10.17 -32.61 -23.36
N CYS F 539 10.75 -31.68 -24.13
CA CYS F 539 10.03 -31.10 -25.26
C CYS F 539 9.86 -32.11 -26.39
N ASP F 540 10.96 -32.60 -26.94
CA ASP F 540 10.90 -33.48 -28.11
C ASP F 540 10.23 -34.81 -27.80
N ALA F 541 10.42 -35.33 -26.57
CA ALA F 541 9.77 -36.59 -26.21
C ALA F 541 8.26 -36.41 -26.11
N THR F 542 7.81 -35.25 -25.61
CA THR F 542 6.39 -34.99 -25.48
C THR F 542 5.74 -34.81 -26.85
N LEU F 543 6.24 -33.85 -27.63
CA LEU F 543 5.69 -33.61 -28.97
C LEU F 543 5.57 -34.90 -29.76
N ALA F 544 6.53 -35.81 -29.59
CA ALA F 544 6.48 -37.07 -30.31
C ALA F 544 5.31 -37.93 -29.83
N LYS F 545 5.00 -37.88 -28.54
CA LYS F 545 3.89 -38.66 -27.99
C LYS F 545 2.55 -38.05 -28.33
N VAL F 546 2.48 -36.72 -28.46
CA VAL F 546 1.22 -36.08 -28.82
C VAL F 546 0.85 -36.38 -30.27
N GLN F 547 1.84 -36.26 -31.18
CA GLN F 547 1.57 -36.56 -32.58
C GLN F 547 1.22 -38.03 -32.78
N ALA F 548 1.68 -38.91 -31.90
CA ALA F 548 1.45 -40.34 -32.02
C ALA F 548 0.11 -40.77 -31.44
N HIS F 549 -0.56 -39.91 -30.68
CA HIS F 549 -1.87 -40.25 -30.15
C HIS F 549 -2.87 -40.41 -31.28
N THR F 550 -3.80 -41.34 -31.09
CA THR F 550 -4.87 -41.56 -32.06
C THR F 550 -6.14 -40.79 -31.68
N GLY F 551 -6.33 -40.52 -30.39
CA GLY F 551 -7.50 -39.81 -29.93
C GLY F 551 -7.18 -38.41 -29.47
N PRO F 552 -8.10 -37.78 -28.74
CA PRO F 552 -7.86 -36.41 -28.26
C PRO F 552 -6.79 -36.39 -27.20
N VAL F 553 -6.03 -35.29 -27.19
CA VAL F 553 -4.92 -35.12 -26.25
C VAL F 553 -4.69 -33.62 -26.04
N ILE F 554 -4.41 -33.27 -24.80
CA ILE F 554 -4.12 -31.88 -24.40
C ILE F 554 -2.66 -31.79 -24.01
N CYS F 555 -2.02 -30.67 -24.35
CA CYS F 555 -0.62 -30.44 -24.02
C CYS F 555 -0.45 -28.98 -23.63
N GLU F 556 -0.17 -28.75 -22.35
CA GLU F 556 0.04 -27.39 -21.85
C GLU F 556 1.47 -26.94 -22.09
N VAL F 557 1.62 -25.80 -22.73
CA VAL F 557 2.93 -25.18 -22.98
C VAL F 557 3.01 -23.94 -22.13
N PHE F 558 4.00 -23.90 -21.24
CA PHE F 558 4.17 -22.79 -20.32
C PHE F 558 5.23 -21.86 -20.87
N MET F 559 4.94 -20.56 -20.82
CA MET F 559 5.83 -19.52 -21.30
C MET F 559 5.89 -18.41 -20.26
N HIS F 560 6.71 -17.41 -20.51
CA HIS F 560 6.87 -16.31 -19.56
C HIS F 560 5.61 -15.44 -19.57
N PRO F 561 5.06 -15.09 -18.40
CA PRO F 561 3.80 -14.34 -18.39
C PRO F 561 3.92 -12.93 -18.93
N GLN F 562 5.12 -12.56 -19.36
CA GLN F 562 5.33 -11.25 -19.94
C GLN F 562 6.19 -11.30 -21.21
N GLN F 563 6.25 -12.44 -21.88
CA GLN F 563 7.06 -12.55 -23.09
C GLN F 563 6.62 -11.53 -24.13
N LEU F 564 7.61 -10.90 -24.76
CA LEU F 564 7.31 -9.91 -25.78
C LEU F 564 6.75 -10.57 -27.03
N PHE F 565 5.92 -9.83 -27.76
CA PHE F 565 5.42 -10.24 -29.06
C PHE F 565 6.13 -9.39 -30.11
N SER F 566 7.12 -9.97 -30.78
CA SER F 566 7.87 -9.28 -31.81
C SER F 566 8.27 -10.29 -32.88
N PRO F 567 8.57 -9.82 -34.09
CA PRO F 567 8.56 -8.42 -34.57
C PRO F 567 7.16 -7.82 -34.57
N LYS F 568 7.06 -6.52 -34.33
CA LYS F 568 5.76 -5.84 -34.28
C LYS F 568 5.98 -4.37 -34.60
N LEU F 569 5.06 -3.80 -35.39
CA LEU F 569 5.12 -2.37 -35.66
C LEU F 569 4.69 -1.61 -34.41
N GLY F 570 5.50 -1.70 -33.36
CA GLY F 570 5.13 -1.05 -32.11
C GLY F 570 4.94 0.45 -32.30
N VAL F 571 3.92 0.98 -31.62
CA VAL F 571 3.67 2.41 -31.61
C VAL F 571 4.92 3.18 -31.20
N SER F 581 4.39 6.11 -34.24
CA SER F 581 3.96 5.12 -35.22
C SER F 581 4.89 5.14 -36.43
N PRO F 582 6.02 4.45 -36.32
CA PRO F 582 7.00 4.47 -37.42
C PRO F 582 6.40 3.90 -38.69
N PRO F 583 7.06 4.10 -39.83
CA PRO F 583 6.65 3.42 -41.06
C PRO F 583 6.70 1.91 -40.90
N LEU F 584 6.16 1.22 -41.92
CA LEU F 584 5.90 -0.21 -41.81
C LEU F 584 7.19 -1.02 -41.72
N GLU F 585 8.30 -0.53 -42.30
CA GLU F 585 9.52 -1.31 -42.32
C GLU F 585 10.27 -1.29 -40.99
N ASP F 586 10.00 -0.30 -40.13
CA ASP F 586 10.77 -0.09 -38.91
C ASP F 586 10.06 -0.78 -37.74
N LEU F 587 10.20 -2.09 -37.70
CA LEU F 587 9.53 -2.90 -36.69
C LEU F 587 10.28 -2.85 -35.35
N SER F 588 9.51 -2.98 -34.25
CA SER F 588 10.10 -3.02 -32.92
C SER F 588 10.34 -4.46 -32.48
N PRO F 589 11.39 -4.73 -31.68
CA PRO F 589 12.41 -3.79 -31.18
C PRO F 589 13.26 -3.20 -32.32
N LEU F 590 13.40 -1.88 -32.35
CA LEU F 590 14.02 -1.22 -33.49
C LEU F 590 15.46 -1.69 -33.68
N ILE F 591 15.86 -1.76 -34.94
CA ILE F 591 17.23 -2.13 -35.30
C ILE F 591 18.08 -0.87 -35.32
N PRO F 592 19.40 -0.96 -35.14
CA PRO F 592 20.23 0.27 -35.12
C PRO F 592 20.03 1.09 -36.39
N ARG F 593 20.05 2.41 -36.23
CA ARG F 593 19.70 3.30 -37.33
C ARG F 593 20.62 3.10 -38.53
N ASP F 594 21.90 2.82 -38.30
CA ASP F 594 22.83 2.64 -39.41
C ASP F 594 22.48 1.40 -40.23
N VAL F 595 21.94 0.35 -39.60
CA VAL F 595 21.57 -0.85 -40.35
C VAL F 595 20.30 -0.59 -41.14
N LEU F 596 19.38 0.23 -40.60
CA LEU F 596 18.17 0.57 -41.33
C LEU F 596 18.46 1.44 -42.55
N GLU F 597 19.48 2.31 -42.46
CA GLU F 597 19.85 3.13 -43.60
C GLU F 597 20.35 2.26 -44.75
N GLN F 598 21.12 1.22 -44.44
CA GLN F 598 21.64 0.33 -45.48
C GLN F 598 20.61 -0.68 -45.95
N ALA F 599 19.54 -0.89 -45.21
CA ALA F 599 18.47 -1.79 -45.63
C ALA F 599 17.41 -1.10 -46.48
N MET F 600 17.35 0.24 -46.43
CA MET F 600 16.41 1.01 -47.23
C MET F 600 17.12 1.57 -48.46
N ILE F 601 16.51 1.37 -49.63
CA ILE F 601 17.14 1.78 -50.89
C ILE F 601 17.40 3.29 -50.88
N GLY F 602 16.33 4.09 -50.80
CA GLY F 602 16.48 5.54 -50.82
C GLY F 602 16.73 6.15 -49.46
N GLY F 603 17.32 5.39 -48.54
CA GLY F 603 17.53 5.85 -47.18
C GLY F 603 16.32 5.59 -46.30
N MET F 604 16.51 5.81 -45.00
CA MET F 604 15.43 5.60 -44.05
C MET F 604 14.40 6.73 -44.14
N HIS F 605 13.22 6.47 -43.60
CA HIS F 605 12.15 7.46 -43.59
C HIS F 605 12.44 8.54 -42.55
N GLU F 606 11.88 9.74 -42.79
CA GLU F 606 12.13 10.86 -41.88
C GLU F 606 11.62 10.58 -40.47
N LYS F 607 10.52 9.85 -40.34
CA LYS F 607 10.02 9.47 -39.02
C LYS F 607 11.05 8.67 -38.24
N SER F 608 11.79 7.80 -38.93
CA SER F 608 12.71 6.87 -38.28
C SER F 608 14.01 7.52 -37.82
N LYS F 609 14.26 8.78 -38.17
CA LYS F 609 15.52 9.41 -37.78
C LYS F 609 15.56 9.70 -36.29
N THR F 610 14.45 10.15 -35.72
CA THR F 610 14.36 10.42 -34.29
C THR F 610 14.40 9.12 -33.49
#